data_3R6V
#
_entry.id   3R6V
#
_cell.length_a   75.853
_cell.length_b   118.960
_cell.length_c   141.414
_cell.angle_alpha   89.930
_cell.angle_beta   89.930
_cell.angle_gamma   76.420
#
_symmetry.space_group_name_H-M   'P 1'
#
loop_
_entity.id
_entity.type
_entity.pdbx_description
1 polymer Aspartase
2 non-polymer 'CALCIUM ION'
3 non-polymer 'ASPARTIC ACID'
4 water water
#
_entity_poly.entity_id   1
_entity_poly.type   'polypeptide(L)'
_entity_poly.pdbx_seq_one_letter_code
;MNTDVRIEKDFLGEKEIPKDAYYGVQTIRATENFPITGYRIHPELIKSLGIVKKSAALANMEVGLLDKEVGQYIVKAADE
VIEGKWNDQFIVDPIQGGAGTSINMNANEVIANRALELMGEEKGNYSKISPNSHVNMSQSTNDAFPTATHIAVLSLLNQL
IETTKYMQQEFMKKADEFAGVIKMGRTHLQDAVPILLGQEFEAYARVIARDIERIANTRNNLYDINMGATAVGTGLNADP
EYISIVTEHLAKFSGHPLRSAQHLVDATQNTDCYTEVSSALKVCMINMSKIANDLRLMASGPRAGLSEIVLPARQPGSSI
MPGKVNPVMPEVMNQVAFQVFGNDLTITSASEAGQFELNVMEPVLFFNLIQSISIMTNVFKSFTENCLKGIKANEERMKE
YVEKSIGIITAINPHVGYETAAKLAREAYLTGESIRELCIKYGVLTEEQLNEILNPYEMIHPGIAGRK
;
_entity_poly.pdbx_strand_id   A,B,C,D,E,F,G,H
#
# COMPACT_ATOMS: atom_id res chain seq x y z
N VAL A 5 -25.17 -32.90 -38.97
CA VAL A 5 -24.45 -32.08 -39.98
C VAL A 5 -24.73 -32.52 -41.45
N ARG A 6 -24.76 -31.54 -42.36
CA ARG A 6 -25.20 -31.72 -43.76
C ARG A 6 -24.09 -31.25 -44.71
N ILE A 7 -24.13 -31.67 -45.99
CA ILE A 7 -23.09 -31.27 -46.95
C ILE A 7 -23.62 -30.41 -48.10
N GLU A 8 -23.12 -29.19 -48.20
CA GLU A 8 -23.31 -28.41 -49.42
C GLU A 8 -21.95 -28.13 -50.05
N LYS A 9 -21.91 -28.20 -51.39
CA LYS A 9 -20.66 -27.96 -52.12
C LYS A 9 -20.71 -26.70 -52.97
N ASP A 10 -19.53 -26.11 -53.15
CA ASP A 10 -19.35 -24.75 -53.63
C ASP A 10 -18.27 -24.74 -54.67
N PHE A 11 -18.19 -23.66 -55.43
CA PHE A 11 -17.13 -23.48 -56.41
C PHE A 11 -15.76 -23.36 -55.71
N LEU A 12 -15.78 -23.27 -54.38
CA LEU A 12 -14.57 -23.30 -53.56
C LEU A 12 -14.38 -24.62 -52.79
N GLY A 13 -15.34 -25.53 -52.95
CA GLY A 13 -15.28 -26.84 -52.29
C GLY A 13 -16.48 -27.15 -51.39
N GLU A 14 -16.24 -27.94 -50.35
CA GLU A 14 -17.31 -28.41 -49.47
C GLU A 14 -17.35 -27.67 -48.15
N LYS A 15 -18.55 -27.23 -47.76
CA LYS A 15 -18.76 -26.75 -46.41
C LYS A 15 -19.90 -27.49 -45.72
N GLU A 16 -19.67 -27.88 -44.46
CA GLU A 16 -20.69 -28.54 -43.66
C GLU A 16 -21.58 -27.50 -42.95
N ILE A 17 -22.87 -27.54 -43.25
CA ILE A 17 -23.85 -26.68 -42.60
C ILE A 17 -24.54 -27.47 -41.52
N PRO A 18 -24.51 -26.96 -40.26
CA PRO A 18 -25.25 -27.60 -39.16
C PRO A 18 -26.70 -27.88 -39.55
N LYS A 19 -27.23 -29.02 -39.11
CA LYS A 19 -28.55 -29.45 -39.55
C LYS A 19 -29.63 -28.50 -39.08
N ASP A 20 -29.46 -27.92 -37.89
CA ASP A 20 -30.38 -26.90 -37.36
C ASP A 20 -30.48 -25.63 -38.21
N ALA A 21 -29.57 -25.45 -39.16
CA ALA A 21 -29.42 -24.17 -39.86
C ALA A 21 -30.18 -24.10 -41.19
N TYR A 22 -30.63 -22.89 -41.52
CA TYR A 22 -31.45 -22.66 -42.69
C TYR A 22 -30.72 -21.92 -43.81
N TYR A 23 -29.62 -21.26 -43.47
CA TYR A 23 -28.72 -20.71 -44.47
C TYR A 23 -27.97 -21.85 -45.17
N GLY A 24 -27.36 -21.55 -46.32
CA GLY A 24 -26.59 -22.53 -47.06
C GLY A 24 -25.16 -22.07 -47.30
N VAL A 25 -24.47 -22.70 -48.23
CA VAL A 25 -23.06 -22.42 -48.43
C VAL A 25 -22.77 -20.95 -48.81
N GLN A 26 -23.65 -20.34 -49.60
CA GLN A 26 -23.43 -18.97 -50.06
C GLN A 26 -23.23 -18.01 -48.88
N THR A 27 -24.12 -18.13 -47.90
CA THR A 27 -24.11 -17.33 -46.69
C THR A 27 -22.82 -17.60 -45.89
N ILE A 28 -22.44 -18.87 -45.76
CA ILE A 28 -21.19 -19.20 -45.06
C ILE A 28 -20.01 -18.50 -45.70
N ARG A 29 -19.87 -18.59 -47.02
CA ARG A 29 -18.77 -17.95 -47.75
C ARG A 29 -18.70 -16.43 -47.48
N ALA A 30 -19.87 -15.80 -47.40
CA ALA A 30 -19.98 -14.42 -46.96
C ALA A 30 -19.26 -14.17 -45.63
N THR A 31 -19.50 -15.07 -44.68
CA THR A 31 -18.91 -15.02 -43.36
C THR A 31 -17.39 -14.99 -43.44
N GLU A 32 -16.83 -15.91 -44.23
CA GLU A 32 -15.39 -16.04 -44.40
C GLU A 32 -14.80 -14.86 -45.13
N ASN A 33 -15.51 -14.39 -46.16
CA ASN A 33 -15.11 -13.19 -46.88
C ASN A 33 -15.13 -11.92 -46.01
N PHE A 34 -16.16 -11.74 -45.19
CA PHE A 34 -16.34 -10.44 -44.52
C PHE A 34 -16.53 -10.51 -42.99
N PRO A 35 -15.54 -11.07 -42.27
CA PRO A 35 -15.62 -11.08 -40.81
C PRO A 35 -15.17 -9.73 -40.25
N ILE A 36 -15.95 -8.68 -40.50
CA ILE A 36 -15.49 -7.32 -40.24
C ILE A 36 -15.83 -6.80 -38.85
N THR A 37 -17.10 -6.82 -38.49
CA THR A 37 -17.58 -6.13 -37.29
C THR A 37 -18.13 -7.09 -36.25
N GLY A 38 -18.52 -8.28 -36.70
CA GLY A 38 -19.27 -9.21 -35.86
C GLY A 38 -20.74 -8.83 -35.61
N TYR A 39 -21.21 -7.76 -36.24
CA TYR A 39 -22.60 -7.34 -36.07
C TYR A 39 -23.51 -8.09 -37.04
N ARG A 40 -24.81 -7.96 -36.86
CA ARG A 40 -25.77 -8.57 -37.79
C ARG A 40 -26.83 -7.58 -38.26
N ILE A 41 -27.44 -7.84 -39.43
CA ILE A 41 -28.40 -6.89 -39.98
C ILE A 41 -29.61 -6.66 -39.04
N HIS A 42 -30.08 -5.43 -39.00
CA HIS A 42 -31.20 -5.04 -38.16
C HIS A 42 -32.43 -5.95 -38.37
N PRO A 43 -33.13 -6.33 -37.27
CA PRO A 43 -34.35 -7.16 -37.38
C PRO A 43 -35.43 -6.55 -38.29
N GLU A 44 -35.47 -5.23 -38.37
CA GLU A 44 -36.38 -4.57 -39.30
C GLU A 44 -35.97 -4.81 -40.76
N LEU A 45 -34.66 -4.95 -41.01
CA LEU A 45 -34.24 -5.26 -42.36
C LEU A 45 -34.62 -6.69 -42.71
N ILE A 46 -34.49 -7.57 -41.73
CA ILE A 46 -34.87 -8.97 -41.94
C ILE A 46 -36.33 -9.06 -42.34
N LYS A 47 -37.22 -8.47 -41.54
CA LYS A 47 -38.66 -8.39 -41.85
C LYS A 47 -38.87 -7.91 -43.28
N SER A 48 -38.26 -6.76 -43.61
CA SER A 48 -38.42 -6.16 -44.94
C SER A 48 -37.95 -7.09 -46.05
N LEU A 49 -36.81 -7.75 -45.86
CA LEU A 49 -36.37 -8.77 -46.80
C LEU A 49 -37.48 -9.81 -47.00
N GLY A 50 -38.11 -10.20 -45.90
CA GLY A 50 -39.19 -11.16 -45.95
C GLY A 50 -40.34 -10.63 -46.81
N ILE A 51 -40.68 -9.37 -46.60
CA ILE A 51 -41.80 -8.74 -47.30
C ILE A 51 -41.57 -8.76 -48.81
N VAL A 52 -40.37 -8.33 -49.18
CA VAL A 52 -39.87 -8.37 -50.56
C VAL A 52 -39.97 -9.79 -51.17
N LYS A 53 -39.48 -10.78 -50.43
CA LYS A 53 -39.53 -12.16 -50.91
C LYS A 53 -40.96 -12.71 -51.02
N LYS A 54 -41.87 -12.24 -50.17
CA LYS A 54 -43.27 -12.74 -50.18
C LYS A 54 -44.03 -12.09 -51.32
N SER A 55 -43.82 -10.79 -51.50
CA SER A 55 -44.43 -10.04 -52.57
C SER A 55 -44.03 -10.59 -53.95
N ALA A 56 -42.75 -10.95 -54.06
CA ALA A 56 -42.18 -11.49 -55.29
C ALA A 56 -42.80 -12.84 -55.68
N ALA A 57 -42.85 -13.77 -54.73
CA ALA A 57 -43.49 -15.06 -54.93
C ALA A 57 -44.92 -14.90 -55.43
N LEU A 58 -45.69 -14.04 -54.75
CA LEU A 58 -47.10 -13.86 -55.07
C LEU A 58 -47.31 -13.30 -56.48
N ALA A 59 -46.41 -12.42 -56.91
CA ALA A 59 -46.51 -11.87 -58.26
C ALA A 59 -46.15 -12.94 -59.29
N ASN A 60 -45.03 -13.63 -59.08
CA ASN A 60 -44.59 -14.69 -59.98
C ASN A 60 -45.61 -15.83 -60.14
N MET A 61 -46.41 -16.09 -59.11
CA MET A 61 -47.48 -17.08 -59.22
C MET A 61 -48.65 -16.56 -60.06
N GLU A 62 -49.05 -15.31 -59.82
CA GLU A 62 -50.14 -14.69 -60.56
C GLU A 62 -49.87 -14.64 -62.06
N VAL A 63 -48.63 -14.30 -62.42
CA VAL A 63 -48.21 -14.17 -63.80
C VAL A 63 -47.68 -15.50 -64.39
N GLY A 64 -47.81 -16.59 -63.63
CA GLY A 64 -47.49 -17.94 -64.11
C GLY A 64 -46.02 -18.23 -64.36
N LEU A 65 -45.15 -17.48 -63.69
CA LEU A 65 -43.70 -17.74 -63.72
C LEU A 65 -43.28 -18.71 -62.61
N LEU A 66 -43.91 -18.59 -61.44
CA LEU A 66 -43.63 -19.50 -60.33
C LEU A 66 -44.73 -20.56 -60.20
N ASP A 67 -44.31 -21.83 -60.26
CA ASP A 67 -45.19 -22.95 -59.99
C ASP A 67 -46.00 -22.75 -58.71
N LYS A 68 -47.32 -22.89 -58.80
CA LYS A 68 -48.20 -22.59 -57.67
C LYS A 68 -48.04 -23.52 -56.48
N GLU A 69 -47.59 -24.75 -56.73
CA GLU A 69 -47.42 -25.73 -55.65
C GLU A 69 -46.18 -25.44 -54.79
N VAL A 70 -45.11 -24.97 -55.41
CA VAL A 70 -43.90 -24.60 -54.68
C VAL A 70 -44.05 -23.21 -54.05
N GLY A 71 -44.63 -22.26 -54.81
CA GLY A 71 -44.74 -20.88 -54.37
C GLY A 71 -45.55 -20.69 -53.10
N GLN A 72 -46.47 -21.61 -52.87
CA GLN A 72 -47.36 -21.60 -51.73
C GLN A 72 -46.57 -21.75 -50.41
N TYR A 73 -45.57 -22.61 -50.45
CA TYR A 73 -44.68 -22.83 -49.32
C TYR A 73 -43.63 -21.72 -49.20
N ILE A 74 -43.16 -21.22 -50.34
CA ILE A 74 -42.29 -20.06 -50.32
C ILE A 74 -42.95 -18.90 -49.58
N VAL A 75 -44.19 -18.58 -49.93
CA VAL A 75 -44.91 -17.51 -49.28
C VAL A 75 -45.03 -17.78 -47.77
N LYS A 76 -45.41 -19.00 -47.43
CA LYS A 76 -45.59 -19.41 -46.05
C LYS A 76 -44.29 -19.18 -45.26
N ALA A 77 -43.17 -19.64 -45.81
CA ALA A 77 -41.83 -19.45 -45.21
C ALA A 77 -41.43 -17.97 -45.08
N ALA A 78 -41.72 -17.19 -46.11
CA ALA A 78 -41.41 -15.77 -46.09
C ALA A 78 -42.17 -15.10 -44.95
N ASP A 79 -43.42 -15.52 -44.74
CA ASP A 79 -44.27 -14.94 -43.70
C ASP A 79 -43.70 -15.11 -42.30
N GLU A 80 -42.99 -16.23 -42.07
CA GLU A 80 -42.33 -16.49 -40.79
C GLU A 80 -41.16 -15.53 -40.56
N VAL A 81 -40.41 -15.27 -41.63
CA VAL A 81 -39.35 -14.26 -41.64
C VAL A 81 -39.90 -12.87 -41.26
N ILE A 82 -41.01 -12.46 -41.88
CA ILE A 82 -41.68 -11.20 -41.56
C ILE A 82 -42.07 -11.16 -40.09
N GLU A 83 -42.44 -12.32 -39.56
CA GLU A 83 -42.95 -12.44 -38.20
C GLU A 83 -41.85 -12.50 -37.13
N GLY A 84 -40.58 -12.52 -37.59
CA GLY A 84 -39.42 -12.54 -36.69
C GLY A 84 -38.97 -13.92 -36.23
N LYS A 85 -39.51 -14.97 -36.84
CA LYS A 85 -39.24 -16.34 -36.42
C LYS A 85 -37.83 -16.82 -36.73
N TRP A 86 -37.14 -16.15 -37.65
CA TRP A 86 -35.89 -16.70 -38.13
C TRP A 86 -34.73 -15.70 -38.12
N ASN A 87 -34.80 -14.73 -37.21
CA ASN A 87 -33.78 -13.69 -37.09
C ASN A 87 -32.34 -14.24 -36.94
N ASP A 88 -32.18 -15.30 -36.16
CA ASP A 88 -30.85 -15.83 -35.85
C ASP A 88 -30.17 -16.50 -37.03
N GLN A 89 -30.89 -16.66 -38.14
CA GLN A 89 -30.37 -17.32 -39.33
C GLN A 89 -29.67 -16.34 -40.27
N PHE A 90 -29.82 -15.05 -39.97
CA PHE A 90 -29.22 -13.97 -40.77
C PHE A 90 -27.87 -13.52 -40.17
N ILE A 91 -26.78 -14.06 -40.72
CA ILE A 91 -25.47 -14.07 -40.04
C ILE A 91 -24.38 -13.27 -40.76
N VAL A 92 -24.67 -12.76 -41.96
CA VAL A 92 -23.68 -11.99 -42.70
C VAL A 92 -23.48 -10.62 -42.07
N ASP A 93 -22.35 -10.01 -42.37
CA ASP A 93 -21.91 -8.76 -41.78
C ASP A 93 -22.50 -7.57 -42.52
N PRO A 94 -23.06 -6.59 -41.79
CA PRO A 94 -23.64 -5.44 -42.47
C PRO A 94 -22.59 -4.69 -43.29
N ILE A 95 -21.34 -4.70 -42.84
CA ILE A 95 -20.25 -4.19 -43.67
C ILE A 95 -19.72 -5.34 -44.54
N GLN A 96 -20.06 -5.30 -45.82
CA GLN A 96 -19.76 -6.40 -46.73
C GLN A 96 -19.55 -5.87 -48.15
N GLY A 97 -18.75 -6.60 -48.93
CA GLY A 97 -18.65 -6.37 -50.36
C GLY A 97 -19.77 -7.12 -51.05
N GLY A 98 -19.80 -7.01 -52.37
CA GLY A 98 -20.84 -7.70 -53.15
C GLY A 98 -22.13 -6.93 -53.22
N ALA A 99 -22.11 -5.66 -52.79
CA ALA A 99 -23.23 -4.73 -52.94
C ALA A 99 -24.55 -5.20 -52.29
N GLY A 100 -24.46 -6.01 -51.25
CA GLY A 100 -25.66 -6.53 -50.61
C GLY A 100 -26.05 -7.92 -51.08
N THR A 101 -25.29 -8.47 -52.03
CA THR A 101 -25.60 -9.77 -52.61
C THR A 101 -25.76 -10.85 -51.54
N SER A 102 -24.86 -10.85 -50.56
CA SER A 102 -24.89 -11.82 -49.46
C SER A 102 -26.15 -11.69 -48.65
N ILE A 103 -26.57 -10.44 -48.42
CA ILE A 103 -27.82 -10.14 -47.74
C ILE A 103 -28.99 -10.78 -48.50
N ASN A 104 -29.03 -10.56 -49.80
CA ASN A 104 -30.11 -11.07 -50.62
C ASN A 104 -30.14 -12.59 -50.54
N MET A 105 -28.98 -13.21 -50.72
CA MET A 105 -28.86 -14.66 -50.71
C MET A 105 -29.18 -15.27 -49.36
N ASN A 106 -28.77 -14.60 -48.29
CA ASN A 106 -29.13 -15.03 -46.94
C ASN A 106 -30.65 -15.15 -46.76
N ALA A 107 -31.39 -14.15 -47.24
CA ALA A 107 -32.87 -14.23 -47.27
C ALA A 107 -33.32 -15.37 -48.18
N ASN A 108 -32.72 -15.48 -49.36
CA ASN A 108 -33.09 -16.52 -50.33
C ASN A 108 -32.88 -17.94 -49.79
N GLU A 109 -31.74 -18.19 -49.15
CA GLU A 109 -31.39 -19.53 -48.66
C GLU A 109 -32.30 -19.96 -47.53
N VAL A 110 -32.46 -19.06 -46.56
CA VAL A 110 -33.29 -19.31 -45.38
C VAL A 110 -34.71 -19.66 -45.82
N ILE A 111 -35.31 -18.81 -46.65
CA ILE A 111 -36.67 -19.02 -47.14
C ILE A 111 -36.81 -20.30 -48.01
N ALA A 112 -35.80 -20.60 -48.84
CA ALA A 112 -35.80 -21.85 -49.61
C ALA A 112 -35.85 -23.08 -48.69
N ASN A 113 -34.90 -23.15 -47.76
CA ASN A 113 -34.78 -24.29 -46.85
C ASN A 113 -35.95 -24.46 -45.91
N ARG A 114 -36.52 -23.35 -45.43
CA ARG A 114 -37.72 -23.44 -44.60
C ARG A 114 -38.95 -23.93 -45.40
N ALA A 115 -39.07 -23.46 -46.64
CA ALA A 115 -40.14 -23.92 -47.53
C ALA A 115 -40.05 -25.42 -47.79
N LEU A 116 -38.83 -25.91 -48.06
CA LEU A 116 -38.60 -27.33 -48.28
C LEU A 116 -39.01 -28.17 -47.05
N GLU A 117 -38.53 -27.76 -45.88
CA GLU A 117 -38.92 -28.39 -44.64
C GLU A 117 -40.44 -28.41 -44.51
N LEU A 118 -41.08 -27.31 -44.89
CA LEU A 118 -42.54 -27.21 -44.83
C LEU A 118 -43.27 -28.16 -45.80
N MET A 119 -42.66 -28.50 -46.93
CA MET A 119 -43.31 -29.43 -47.87
C MET A 119 -42.75 -30.85 -47.76
N GLY A 120 -42.15 -31.12 -46.61
CA GLY A 120 -41.63 -32.44 -46.28
C GLY A 120 -40.40 -32.90 -47.01
N GLU A 121 -39.75 -31.99 -47.75
CA GLU A 121 -38.51 -32.35 -48.47
C GLU A 121 -37.27 -32.14 -47.59
N GLU A 122 -36.10 -32.52 -48.11
CA GLU A 122 -34.82 -32.39 -47.43
C GLU A 122 -34.30 -30.97 -47.57
N LYS A 123 -33.80 -30.40 -46.48
CA LYS A 123 -33.11 -29.12 -46.56
C LYS A 123 -31.87 -29.29 -47.44
N GLY A 124 -31.67 -28.33 -48.34
CA GLY A 124 -30.51 -28.34 -49.22
C GLY A 124 -30.83 -28.87 -50.60
N ASN A 125 -32.03 -29.40 -50.77
CA ASN A 125 -32.46 -29.95 -52.06
C ASN A 125 -32.96 -28.84 -52.99
N TYR A 126 -32.01 -28.10 -53.56
CA TYR A 126 -32.30 -26.94 -54.41
C TYR A 126 -32.72 -27.31 -55.85
N SER A 127 -32.82 -28.60 -56.13
CA SER A 127 -33.49 -29.09 -57.34
C SER A 127 -34.97 -28.75 -57.25
N LYS A 128 -35.54 -28.90 -56.04
CA LYS A 128 -36.96 -28.78 -55.80
C LYS A 128 -37.38 -27.33 -55.51
N ILE A 129 -36.64 -26.68 -54.62
CA ILE A 129 -36.83 -25.24 -54.36
C ILE A 129 -35.46 -24.57 -54.34
N SER A 130 -35.19 -23.76 -55.34
CA SER A 130 -33.89 -23.13 -55.50
C SER A 130 -33.91 -21.68 -55.00
N PRO A 131 -32.90 -21.30 -54.18
CA PRO A 131 -32.75 -19.91 -53.72
C PRO A 131 -32.64 -18.89 -54.87
N ASN A 132 -31.90 -19.24 -55.93
CA ASN A 132 -31.79 -18.35 -57.09
C ASN A 132 -32.98 -18.47 -58.07
N SER A 133 -33.35 -19.70 -58.43
CA SER A 133 -34.35 -19.96 -59.46
C SER A 133 -35.77 -19.65 -59.01
N HIS A 134 -36.06 -19.87 -57.73
CA HIS A 134 -37.40 -19.64 -57.20
C HIS A 134 -37.52 -18.42 -56.29
N VAL A 135 -36.79 -18.47 -55.17
CA VAL A 135 -36.92 -17.44 -54.13
C VAL A 135 -36.53 -16.09 -54.71
N ASN A 136 -35.56 -16.10 -55.63
CA ASN A 136 -35.05 -14.89 -56.29
C ASN A 136 -35.54 -14.69 -57.73
N MET A 137 -36.56 -15.45 -58.12
CA MET A 137 -37.14 -15.35 -59.46
C MET A 137 -37.58 -13.92 -59.80
N SER A 138 -37.16 -13.45 -60.98
CA SER A 138 -37.50 -12.10 -61.48
C SER A 138 -36.81 -10.99 -60.68
N GLN A 139 -35.91 -11.38 -59.78
CA GLN A 139 -35.18 -10.42 -58.95
C GLN A 139 -33.68 -10.38 -59.24
N SER A 140 -33.08 -9.26 -58.84
CA SER A 140 -31.65 -9.01 -58.86
C SER A 140 -31.26 -8.68 -57.42
N THR A 141 -29.98 -8.73 -57.10
CA THR A 141 -29.54 -8.11 -55.86
C THR A 141 -29.95 -6.62 -55.90
N ASN A 142 -29.87 -6.02 -57.08
CA ASN A 142 -29.94 -4.57 -57.25
C ASN A 142 -31.35 -3.97 -57.22
N ASP A 143 -32.36 -4.82 -57.13
CA ASP A 143 -33.68 -4.34 -56.78
C ASP A 143 -34.18 -4.83 -55.43
N ALA A 144 -34.11 -6.14 -55.18
CA ALA A 144 -34.57 -6.69 -53.91
C ALA A 144 -33.91 -6.01 -52.73
N PHE A 145 -32.58 -5.91 -52.77
CA PHE A 145 -31.79 -5.34 -51.68
C PHE A 145 -32.11 -3.86 -51.36
N PRO A 146 -32.04 -2.96 -52.37
CA PRO A 146 -32.47 -1.59 -52.03
C PRO A 146 -33.96 -1.49 -51.66
N THR A 147 -34.82 -2.33 -52.24
CA THR A 147 -36.27 -2.24 -51.97
C THR A 147 -36.59 -2.55 -50.50
N ALA A 148 -36.02 -3.63 -49.99
CA ALA A 148 -36.18 -3.95 -48.57
C ALA A 148 -35.59 -2.85 -47.69
N THR A 149 -34.47 -2.27 -48.12
CA THR A 149 -33.88 -1.16 -47.38
C THR A 149 -34.83 0.05 -47.30
N HIS A 150 -35.37 0.46 -48.45
CA HIS A 150 -36.37 1.55 -48.48
C HIS A 150 -37.48 1.26 -47.49
N ILE A 151 -38.08 0.07 -47.60
CA ILE A 151 -39.15 -0.35 -46.67
C ILE A 151 -38.69 -0.29 -45.22
N ALA A 152 -37.48 -0.77 -44.92
CA ALA A 152 -37.06 -0.86 -43.53
C ALA A 152 -36.76 0.51 -42.95
N VAL A 153 -36.02 1.33 -43.69
CA VAL A 153 -35.72 2.69 -43.27
C VAL A 153 -37.01 3.44 -42.97
N LEU A 154 -37.97 3.36 -43.89
CA LEU A 154 -39.29 3.98 -43.72
C LEU A 154 -39.99 3.60 -42.43
N SER A 155 -40.00 2.31 -42.10
CA SER A 155 -40.63 1.82 -40.88
C SER A 155 -39.93 2.37 -39.65
N LEU A 156 -38.60 2.36 -39.67
CA LEU A 156 -37.81 2.91 -38.58
C LEU A 156 -38.01 4.42 -38.45
N LEU A 157 -38.07 5.11 -39.59
CA LEU A 157 -38.35 6.55 -39.61
C LEU A 157 -39.66 6.90 -38.88
N ASN A 158 -40.74 6.19 -39.21
CA ASN A 158 -42.03 6.40 -38.57
C ASN A 158 -42.00 6.22 -37.05
N GLN A 159 -41.21 5.27 -36.59
CA GLN A 159 -41.03 5.06 -35.15
C GLN A 159 -40.24 6.24 -34.55
N LEU A 160 -39.15 6.65 -35.19
CA LEU A 160 -38.42 7.87 -34.79
C LEU A 160 -39.36 9.09 -34.70
N ILE A 161 -40.22 9.26 -35.70
CA ILE A 161 -41.09 10.41 -35.77
C ILE A 161 -42.04 10.45 -34.55
N GLU A 162 -42.60 9.30 -34.20
CA GLU A 162 -43.51 9.23 -33.07
C GLU A 162 -42.77 9.53 -31.78
N THR A 163 -41.56 9.01 -31.63
CA THR A 163 -40.74 9.20 -30.43
C THR A 163 -40.36 10.68 -30.30
N THR A 164 -40.01 11.31 -31.42
CA THR A 164 -39.59 12.70 -31.41
C THR A 164 -40.76 13.65 -31.18
N LYS A 165 -41.93 13.32 -31.74
CA LYS A 165 -43.13 14.09 -31.47
C LYS A 165 -43.44 14.10 -29.97
N TYR A 166 -43.43 12.91 -29.37
CA TYR A 166 -43.61 12.77 -27.92
C TYR A 166 -42.60 13.64 -27.14
N MET A 167 -41.31 13.51 -27.46
CA MET A 167 -40.26 14.31 -26.83
C MET A 167 -40.55 15.79 -26.96
N GLN A 168 -40.93 16.21 -28.17
CA GLN A 168 -41.23 17.61 -28.44
C GLN A 168 -42.39 18.07 -27.56
N GLN A 169 -43.39 17.23 -27.38
CA GLN A 169 -44.53 17.63 -26.58
C GLN A 169 -44.12 17.78 -25.11
N GLU A 170 -43.17 16.96 -24.66
CA GLU A 170 -42.69 17.05 -23.27
C GLU A 170 -41.85 18.30 -23.03
N PHE A 171 -41.22 18.81 -24.08
CA PHE A 171 -40.49 20.09 -24.03
C PHE A 171 -41.46 21.24 -23.90
N MET A 172 -42.49 21.21 -24.75
CA MET A 172 -43.52 22.24 -24.74
C MET A 172 -44.29 22.27 -23.42
N LYS A 173 -44.43 21.11 -22.75
CA LYS A 173 -44.99 21.05 -21.40
C LYS A 173 -44.09 21.79 -20.42
N LYS A 174 -42.79 21.62 -20.56
CA LYS A 174 -41.85 22.26 -19.64
C LYS A 174 -41.79 23.76 -19.87
N ALA A 175 -42.10 24.18 -21.09
CA ALA A 175 -42.12 25.58 -21.46
C ALA A 175 -43.28 26.26 -20.76
N ASP A 176 -44.42 25.59 -20.76
CA ASP A 176 -45.59 26.10 -20.05
C ASP A 176 -45.29 26.06 -18.56
N GLU A 177 -44.70 24.97 -18.09
CA GLU A 177 -44.35 24.86 -16.67
C GLU A 177 -43.45 26.00 -16.19
N PHE A 178 -42.55 26.46 -17.04
CA PHE A 178 -41.62 27.50 -16.63
C PHE A 178 -41.97 28.86 -17.23
N ALA A 179 -43.24 29.00 -17.65
CA ALA A 179 -43.73 30.20 -18.33
C ALA A 179 -43.45 31.49 -17.58
N GLY A 180 -43.55 31.46 -16.24
CA GLY A 180 -43.35 32.65 -15.43
C GLY A 180 -42.03 32.73 -14.67
N VAL A 181 -41.10 31.84 -14.99
CA VAL A 181 -39.81 31.80 -14.31
C VAL A 181 -38.82 32.78 -14.96
N ILE A 182 -38.52 33.89 -14.28
CA ILE A 182 -37.56 34.89 -14.77
C ILE A 182 -36.10 34.50 -14.44
N LYS A 183 -35.20 34.85 -15.34
CA LYS A 183 -33.77 34.50 -15.27
C LYS A 183 -33.00 35.46 -16.15
N MET A 184 -31.68 35.42 -16.07
CA MET A 184 -30.83 36.30 -16.85
C MET A 184 -30.41 35.61 -18.15
N GLY A 185 -30.63 36.28 -19.27
CA GLY A 185 -30.17 35.80 -20.57
C GLY A 185 -28.69 35.99 -20.75
N ARG A 186 -28.08 35.18 -21.60
CA ARG A 186 -26.63 35.21 -21.78
C ARG A 186 -26.32 35.11 -23.25
N THR A 187 -25.53 36.05 -23.73
CA THR A 187 -24.99 35.98 -25.07
C THR A 187 -23.48 36.06 -24.91
N HIS A 188 -22.73 35.25 -25.65
CA HIS A 188 -21.28 35.16 -25.46
C HIS A 188 -20.91 34.60 -24.09
N LEU A 189 -21.90 34.04 -23.41
CA LEU A 189 -21.80 33.60 -22.01
C LEU A 189 -21.68 34.79 -21.05
N GLN A 190 -21.95 35.98 -21.60
CA GLN A 190 -21.86 37.25 -20.87
C GLN A 190 -23.29 37.70 -20.54
N ASP A 191 -23.52 38.18 -19.32
CA ASP A 191 -24.85 38.63 -18.87
C ASP A 191 -25.46 39.64 -19.85
N ALA A 192 -26.71 39.41 -20.23
CA ALA A 192 -27.39 40.29 -21.19
C ALA A 192 -28.60 41.01 -20.55
N VAL A 193 -29.80 40.63 -20.97
CA VAL A 193 -31.03 41.18 -20.41
C VAL A 193 -31.89 40.01 -19.92
N PRO A 194 -32.95 40.29 -19.13
CA PRO A 194 -33.71 39.15 -18.59
C PRO A 194 -34.48 38.35 -19.63
N ILE A 195 -34.70 37.08 -19.32
CA ILE A 195 -35.44 36.17 -20.17
C ILE A 195 -36.20 35.15 -19.28
N LEU A 196 -37.19 34.46 -19.85
CA LEU A 196 -37.97 33.48 -19.09
C LEU A 196 -37.49 32.06 -19.40
N LEU A 197 -37.29 31.25 -18.35
CA LEU A 197 -36.84 29.88 -18.58
C LEU A 197 -37.76 29.18 -19.58
N GLY A 198 -39.05 29.48 -19.50
CA GLY A 198 -40.06 28.90 -20.39
C GLY A 198 -39.85 29.27 -21.84
N GLN A 199 -39.24 30.43 -22.08
CA GLN A 199 -38.96 30.93 -23.40
C GLN A 199 -37.83 30.12 -24.08
N GLU A 200 -36.77 29.83 -23.32
CA GLU A 200 -35.70 28.96 -23.79
C GLU A 200 -36.23 27.56 -24.11
N PHE A 201 -37.08 27.04 -23.22
CA PHE A 201 -37.69 25.75 -23.46
C PHE A 201 -38.70 25.76 -24.59
N GLU A 202 -39.27 26.93 -24.92
CA GLU A 202 -40.10 26.99 -26.11
C GLU A 202 -39.19 26.95 -27.32
N ALA A 203 -38.07 27.70 -27.26
CA ALA A 203 -37.07 27.65 -28.31
C ALA A 203 -36.72 26.20 -28.65
N TYR A 204 -36.59 25.37 -27.62
CA TYR A 204 -36.24 23.96 -27.81
C TYR A 204 -37.38 23.23 -28.50
N ALA A 205 -38.58 23.28 -27.91
CA ALA A 205 -39.75 22.67 -28.51
C ALA A 205 -39.85 22.99 -30.01
N ARG A 206 -39.70 24.27 -30.36
CA ARG A 206 -39.89 24.74 -31.73
C ARG A 206 -38.83 24.24 -32.71
N VAL A 207 -37.57 24.20 -32.29
CA VAL A 207 -36.52 23.73 -33.16
C VAL A 207 -36.70 22.24 -33.44
N ILE A 208 -37.12 21.50 -32.42
CA ILE A 208 -37.44 20.08 -32.57
C ILE A 208 -38.64 19.89 -33.51
N ALA A 209 -39.64 20.77 -33.40
CA ALA A 209 -40.80 20.70 -34.30
C ALA A 209 -40.37 20.81 -35.76
N ARG A 210 -39.34 21.62 -36.00
CA ARG A 210 -38.81 21.86 -37.33
C ARG A 210 -38.00 20.65 -37.81
N ASP A 211 -37.38 19.95 -36.86
CA ASP A 211 -36.65 18.73 -37.13
C ASP A 211 -37.58 17.58 -37.52
N ILE A 212 -38.71 17.47 -36.82
CA ILE A 212 -39.76 16.50 -37.15
C ILE A 212 -40.23 16.73 -38.58
N GLU A 213 -40.50 17.99 -38.92
CA GLU A 213 -40.96 18.36 -40.25
C GLU A 213 -39.92 17.95 -41.29
N ARG A 214 -38.66 18.37 -41.10
CA ARG A 214 -37.56 18.01 -42.01
C ARG A 214 -37.44 16.49 -42.15
N ILE A 215 -37.51 15.76 -41.04
CA ILE A 215 -37.33 14.31 -41.09
C ILE A 215 -38.47 13.62 -41.87
N ALA A 216 -39.70 13.97 -41.52
CA ALA A 216 -40.86 13.40 -42.17
C ALA A 216 -40.87 13.64 -43.69
N ASN A 217 -40.49 14.84 -44.11
CA ASN A 217 -40.40 15.18 -45.53
C ASN A 217 -39.37 14.38 -46.36
N THR A 218 -38.43 13.72 -45.70
CA THR A 218 -37.45 12.89 -46.41
C THR A 218 -38.00 11.51 -46.74
N ARG A 219 -39.20 11.20 -46.26
CA ARG A 219 -39.83 9.92 -46.57
C ARG A 219 -40.31 9.87 -48.01
N ASN A 220 -40.76 11.00 -48.55
CA ASN A 220 -41.41 10.97 -49.85
C ASN A 220 -40.51 10.36 -50.94
N ASN A 221 -39.25 10.73 -50.96
CA ASN A 221 -38.33 10.21 -51.96
C ASN A 221 -38.05 8.71 -51.81
N LEU A 222 -38.23 8.18 -50.60
CA LEU A 222 -38.02 6.74 -50.37
C LEU A 222 -39.18 5.87 -50.87
N TYR A 223 -40.38 6.44 -50.91
CA TYR A 223 -41.55 5.78 -51.46
C TYR A 223 -41.37 5.26 -52.89
N ASP A 224 -40.49 5.90 -53.65
CA ASP A 224 -40.16 5.44 -54.99
C ASP A 224 -39.19 4.26 -54.93
N ILE A 225 -39.67 3.09 -55.34
CA ILE A 225 -38.84 1.89 -55.35
C ILE A 225 -38.47 1.47 -56.79
N ASN A 226 -37.45 0.62 -56.92
CA ASN A 226 -36.98 0.17 -58.24
C ASN A 226 -37.31 -1.30 -58.52
N MET A 227 -38.21 -1.87 -57.74
CA MET A 227 -38.59 -3.26 -57.93
C MET A 227 -38.96 -3.53 -59.38
N GLY A 228 -38.24 -4.45 -60.01
CA GLY A 228 -38.46 -4.76 -61.43
C GLY A 228 -37.34 -4.26 -62.30
N ALA A 229 -36.36 -3.62 -61.69
CA ALA A 229 -35.25 -2.99 -62.39
C ALA A 229 -34.37 -4.01 -63.06
N THR A 230 -34.29 -5.19 -62.45
CA THR A 230 -33.25 -6.19 -62.73
C THR A 230 -31.83 -5.62 -62.44
N ALA A 231 -30.85 -5.89 -63.30
CA ALA A 231 -29.47 -5.66 -62.90
C ALA A 231 -29.16 -4.18 -62.86
N VAL A 232 -29.31 -3.54 -63.99
CA VAL A 232 -29.21 -2.09 -64.10
C VAL A 232 -30.68 -1.66 -64.10
N GLY A 233 -31.01 -0.44 -64.50
CA GLY A 233 -32.44 -0.11 -64.47
C GLY A 233 -33.36 -0.63 -65.59
N THR A 234 -32.82 -1.39 -66.55
CA THR A 234 -33.55 -1.66 -67.79
C THR A 234 -34.72 -2.64 -67.70
N GLY A 235 -34.74 -3.51 -66.70
CA GLY A 235 -35.82 -4.49 -66.55
C GLY A 235 -35.90 -5.53 -67.67
N LEU A 236 -34.75 -5.89 -68.22
CA LEU A 236 -34.67 -6.83 -69.35
C LEU A 236 -35.40 -8.13 -69.06
N ASN A 237 -36.42 -8.42 -69.87
CA ASN A 237 -37.17 -9.66 -69.78
C ASN A 237 -38.26 -9.70 -68.69
N ALA A 238 -38.29 -8.68 -67.85
CA ALA A 238 -39.30 -8.61 -66.80
C ALA A 238 -40.68 -8.46 -67.40
N ASP A 239 -41.68 -9.04 -66.75
CA ASP A 239 -43.07 -8.82 -67.16
C ASP A 239 -43.55 -7.48 -66.56
N PRO A 240 -44.02 -6.54 -67.41
CA PRO A 240 -44.65 -5.31 -66.91
C PRO A 240 -45.75 -5.58 -65.87
N GLU A 241 -46.43 -6.73 -66.02
CA GLU A 241 -47.43 -7.13 -65.04
C GLU A 241 -46.83 -7.60 -63.71
N TYR A 242 -45.73 -8.36 -63.79
CA TYR A 242 -45.00 -8.68 -62.58
C TYR A 242 -44.61 -7.40 -61.80
N ILE A 243 -44.11 -6.39 -62.52
CA ILE A 243 -43.70 -5.11 -61.90
C ILE A 243 -44.90 -4.45 -61.23
N SER A 244 -45.95 -4.24 -62.01
CA SER A 244 -47.19 -3.65 -61.54
C SER A 244 -47.73 -4.35 -60.28
N ILE A 245 -47.77 -5.68 -60.29
CA ILE A 245 -48.29 -6.46 -59.18
C ILE A 245 -47.37 -6.47 -57.96
N VAL A 246 -46.06 -6.60 -58.16
CA VAL A 246 -45.15 -6.65 -57.02
C VAL A 246 -45.11 -5.34 -56.25
N THR A 247 -45.18 -4.22 -56.97
CA THR A 247 -45.24 -2.90 -56.34
C THR A 247 -46.49 -2.76 -55.44
N GLU A 248 -47.63 -3.21 -55.96
CA GLU A 248 -48.90 -3.19 -55.24
C GLU A 248 -48.72 -4.00 -53.94
N HIS A 249 -48.26 -5.24 -54.07
CA HIS A 249 -48.03 -6.12 -52.93
C HIS A 249 -47.04 -5.53 -51.91
N LEU A 250 -46.00 -4.88 -52.40
CA LEU A 250 -44.99 -4.29 -51.50
C LEU A 250 -45.59 -3.20 -50.62
N ALA A 251 -46.54 -2.45 -51.15
CA ALA A 251 -47.14 -1.32 -50.43
C ALA A 251 -48.15 -1.82 -49.42
N LYS A 252 -48.95 -2.79 -49.86
CA LYS A 252 -49.96 -3.43 -49.04
C LYS A 252 -49.33 -4.04 -47.79
N PHE A 253 -48.32 -4.90 -47.98
CA PHE A 253 -47.73 -5.66 -46.89
C PHE A 253 -46.77 -4.84 -46.03
N SER A 254 -46.16 -3.82 -46.61
CA SER A 254 -45.25 -2.94 -45.85
C SER A 254 -45.98 -1.82 -45.11
N GLY A 255 -47.23 -1.56 -45.51
CA GLY A 255 -48.03 -0.48 -44.94
C GLY A 255 -47.61 0.92 -45.38
N HIS A 256 -46.65 1.00 -46.31
CA HIS A 256 -46.19 2.29 -46.88
C HIS A 256 -46.82 2.54 -48.27
N PRO A 257 -47.11 3.80 -48.59
CA PRO A 257 -47.65 4.11 -49.93
C PRO A 257 -46.55 4.09 -51.00
N LEU A 258 -46.07 2.90 -51.35
CA LEU A 258 -44.95 2.76 -52.28
C LEU A 258 -45.34 3.02 -53.73
N ARG A 259 -44.39 3.49 -54.52
CA ARG A 259 -44.64 3.82 -55.90
C ARG A 259 -43.53 3.25 -56.78
N SER A 260 -43.89 2.74 -57.95
CA SER A 260 -42.86 2.30 -58.87
C SER A 260 -42.20 3.56 -59.41
N ALA A 261 -40.89 3.68 -59.23
CA ALA A 261 -40.16 4.87 -59.65
C ALA A 261 -40.37 5.09 -61.14
N GLN A 262 -40.31 6.35 -61.56
CA GLN A 262 -40.72 6.68 -62.92
C GLN A 262 -39.64 6.34 -63.97
N HIS A 263 -38.40 6.23 -63.50
CA HIS A 263 -37.26 5.89 -64.33
C HIS A 263 -36.42 4.94 -63.49
N LEU A 264 -36.42 3.67 -63.90
CA LEU A 264 -35.79 2.58 -63.14
C LEU A 264 -34.25 2.66 -63.12
N VAL A 265 -33.65 3.17 -64.19
CA VAL A 265 -32.21 3.35 -64.22
C VAL A 265 -31.83 4.38 -63.14
N ASP A 266 -32.56 5.50 -63.11
CA ASP A 266 -32.36 6.54 -62.10
C ASP A 266 -32.45 5.94 -60.70
N ALA A 267 -33.52 5.19 -60.43
CA ALA A 267 -33.72 4.59 -59.11
C ALA A 267 -32.68 3.54 -58.73
N THR A 268 -32.12 2.85 -59.73
CA THR A 268 -31.13 1.79 -59.49
C THR A 268 -29.71 2.31 -59.15
N GLN A 269 -29.34 3.46 -59.72
CA GLN A 269 -27.95 3.93 -59.59
C GLN A 269 -27.73 5.13 -58.67
N ASN A 270 -28.78 5.93 -58.47
CA ASN A 270 -28.66 7.07 -57.58
C ASN A 270 -29.00 6.68 -56.16
N THR A 271 -28.40 7.42 -55.22
CA THR A 271 -28.56 7.11 -53.81
C THR A 271 -28.82 8.38 -53.03
N ASP A 272 -29.38 9.39 -53.68
CA ASP A 272 -29.65 10.67 -53.05
C ASP A 272 -30.70 10.59 -51.92
N CYS A 273 -31.65 9.67 -52.05
CA CYS A 273 -32.70 9.51 -51.05
C CYS A 273 -32.17 9.13 -49.68
N TYR A 274 -31.01 8.50 -49.62
CA TYR A 274 -30.46 8.13 -48.31
C TYR A 274 -29.65 9.27 -47.68
N THR A 275 -28.91 9.98 -48.51
CA THR A 275 -28.16 11.13 -48.03
C THR A 275 -29.13 12.21 -47.52
N GLU A 276 -30.23 12.41 -48.25
CA GLU A 276 -31.30 13.31 -47.85
C GLU A 276 -31.82 13.00 -46.43
N VAL A 277 -32.05 11.71 -46.15
CA VAL A 277 -32.49 11.27 -44.83
C VAL A 277 -31.41 11.51 -43.78
N SER A 278 -30.17 11.16 -44.09
CA SER A 278 -29.05 11.30 -43.16
C SER A 278 -28.80 12.77 -42.79
N SER A 279 -28.84 13.65 -43.80
CA SER A 279 -28.79 15.10 -43.61
C SER A 279 -29.80 15.58 -42.59
N ALA A 280 -31.06 15.18 -42.75
CA ALA A 280 -32.11 15.63 -41.84
C ALA A 280 -31.86 15.08 -40.43
N LEU A 281 -31.29 13.89 -40.34
CA LEU A 281 -30.99 13.31 -39.03
C LEU A 281 -29.89 14.13 -38.36
N LYS A 282 -28.84 14.44 -39.14
CA LYS A 282 -27.70 15.21 -38.68
C LYS A 282 -28.11 16.57 -38.16
N VAL A 283 -28.96 17.27 -38.93
CA VAL A 283 -29.43 18.59 -38.50
C VAL A 283 -30.13 18.51 -37.15
N CYS A 284 -31.02 17.53 -37.00
CA CYS A 284 -31.71 17.28 -35.75
C CYS A 284 -30.74 17.10 -34.60
N MET A 285 -29.70 16.29 -34.80
CA MET A 285 -28.77 16.04 -33.70
C MET A 285 -27.91 17.25 -33.36
N ILE A 286 -27.61 18.10 -34.35
CA ILE A 286 -26.95 19.37 -34.07
C ILE A 286 -27.76 20.13 -33.01
N ASN A 287 -29.05 20.31 -33.29
CA ASN A 287 -29.93 21.04 -32.41
C ASN A 287 -30.01 20.37 -31.05
N MET A 288 -30.23 19.06 -31.05
CA MET A 288 -30.29 18.29 -29.81
C MET A 288 -29.03 18.50 -28.98
N SER A 289 -27.87 18.40 -29.63
CA SER A 289 -26.58 18.56 -28.96
C SER A 289 -26.44 19.91 -28.25
N LYS A 290 -26.88 20.97 -28.95
CA LYS A 290 -26.85 22.35 -28.45
C LYS A 290 -27.74 22.44 -27.23
N ILE A 291 -28.91 21.80 -27.30
CA ILE A 291 -29.86 21.79 -26.19
C ILE A 291 -29.27 21.05 -25.00
N ALA A 292 -28.68 19.89 -25.26
CA ALA A 292 -28.06 19.13 -24.18
C ALA A 292 -26.93 19.94 -23.55
N ASN A 293 -26.12 20.60 -24.40
CA ASN A 293 -25.04 21.48 -23.92
C ASN A 293 -25.57 22.53 -22.94
N ASP A 294 -26.66 23.19 -23.32
CA ASP A 294 -27.33 24.12 -22.41
C ASP A 294 -27.79 23.48 -21.11
N LEU A 295 -28.50 22.37 -21.20
CA LEU A 295 -28.99 21.64 -20.04
C LEU A 295 -27.88 21.41 -19.03
N ARG A 296 -26.72 21.01 -19.53
CA ARG A 296 -25.59 20.69 -18.68
C ARG A 296 -24.99 21.93 -18.01
N LEU A 297 -25.04 23.06 -18.71
CA LEU A 297 -24.59 24.33 -18.15
C LEU A 297 -25.54 24.84 -17.10
N MET A 298 -26.84 24.62 -17.30
CA MET A 298 -27.84 25.11 -16.36
C MET A 298 -27.82 24.31 -15.08
N ALA A 299 -27.42 23.03 -15.18
CA ALA A 299 -27.38 22.13 -14.03
C ALA A 299 -26.05 22.19 -13.27
N SER A 300 -25.09 22.94 -13.81
CA SER A 300 -23.74 23.04 -13.20
C SER A 300 -23.75 23.63 -11.79
N GLY A 301 -22.93 23.04 -10.91
CA GLY A 301 -22.77 23.53 -9.55
C GLY A 301 -22.45 22.38 -8.61
N PRO A 302 -23.07 22.36 -7.41
CA PRO A 302 -24.14 23.26 -6.95
C PRO A 302 -23.69 24.60 -6.35
N ARG A 303 -22.38 24.80 -6.18
CA ARG A 303 -21.85 26.04 -5.61
C ARG A 303 -20.99 26.90 -6.56
N ALA A 304 -20.21 26.25 -7.42
CA ALA A 304 -19.34 26.95 -8.36
C ALA A 304 -19.86 26.94 -9.80
N GLY A 305 -21.18 26.78 -9.95
CA GLY A 305 -21.79 26.71 -11.27
C GLY A 305 -23.00 27.61 -11.39
N LEU A 306 -23.74 27.48 -12.50
CA LEU A 306 -24.93 28.28 -12.77
C LEU A 306 -26.15 27.90 -11.92
N SER A 307 -26.22 26.62 -11.54
CA SER A 307 -27.32 26.02 -10.77
C SER A 307 -28.72 26.56 -10.98
N GLU A 308 -29.12 26.71 -12.24
CA GLU A 308 -30.44 27.22 -12.62
C GLU A 308 -31.51 26.12 -12.59
N ILE A 309 -31.20 24.95 -13.15
CA ILE A 309 -32.16 23.85 -13.19
C ILE A 309 -31.64 22.59 -12.48
N VAL A 310 -32.57 21.72 -12.08
CA VAL A 310 -32.23 20.42 -11.49
C VAL A 310 -32.68 19.28 -12.43
N LEU A 311 -31.75 18.37 -12.73
CA LEU A 311 -32.06 17.17 -13.50
C LEU A 311 -32.20 15.96 -12.56
N PRO A 312 -33.17 15.07 -12.81
CA PRO A 312 -33.27 13.86 -11.99
C PRO A 312 -31.93 13.14 -11.86
N ALA A 313 -31.60 12.68 -10.65
CA ALA A 313 -30.34 11.96 -10.43
C ALA A 313 -30.47 10.58 -11.05
N ARG A 314 -29.51 10.21 -11.90
CA ARG A 314 -29.56 8.92 -12.56
C ARG A 314 -28.32 8.07 -12.25
N GLN A 315 -27.34 8.69 -11.61
CA GLN A 315 -26.20 7.99 -11.02
C GLN A 315 -26.40 7.80 -9.54
N PRO A 316 -25.93 6.67 -8.99
CA PRO A 316 -25.70 6.71 -7.54
C PRO A 316 -24.60 7.76 -7.28
N GLY A 317 -24.86 8.71 -6.39
CA GLY A 317 -23.89 9.79 -6.12
C GLY A 317 -22.77 9.34 -5.20
N SER A 318 -22.12 10.28 -4.53
CA SER A 318 -21.20 9.90 -3.47
C SER A 318 -21.74 10.34 -2.09
N SER A 319 -21.56 9.47 -1.08
CA SER A 319 -21.97 9.76 0.31
C SER A 319 -21.04 10.78 1.00
N ILE A 320 -19.80 10.87 0.52
CA ILE A 320 -18.85 11.92 0.90
C ILE A 320 -19.10 13.24 0.13
N MET A 321 -19.63 13.15 -1.10
CA MET A 321 -19.85 14.32 -1.97
C MET A 321 -21.33 14.58 -2.35
N PRO A 322 -22.11 15.10 -1.40
CA PRO A 322 -23.48 15.53 -1.67
C PRO A 322 -23.52 16.75 -2.60
N GLY A 323 -24.61 16.86 -3.34
CA GLY A 323 -24.78 17.95 -4.27
C GLY A 323 -24.21 17.71 -5.66
N LYS A 324 -23.29 16.76 -5.76
CA LYS A 324 -22.71 16.42 -7.06
C LYS A 324 -23.64 15.46 -7.80
N VAL A 325 -24.33 15.99 -8.79
CA VAL A 325 -25.26 15.19 -9.57
C VAL A 325 -24.96 15.41 -11.05
N ASN A 326 -24.26 14.44 -11.64
CA ASN A 326 -23.77 14.57 -13.00
C ASN A 326 -24.88 14.47 -14.02
N PRO A 327 -24.87 15.34 -15.04
CA PRO A 327 -25.94 15.34 -16.04
C PRO A 327 -25.79 14.20 -17.08
N VAL A 328 -25.84 12.96 -16.61
CA VAL A 328 -25.55 11.82 -17.47
C VAL A 328 -26.50 11.68 -18.66
N MET A 329 -27.75 12.13 -18.50
CA MET A 329 -28.71 11.97 -19.58
C MET A 329 -28.41 12.86 -20.79
N PRO A 330 -28.27 14.18 -20.60
CA PRO A 330 -27.79 15.02 -21.72
C PRO A 330 -26.43 14.58 -22.29
N GLU A 331 -25.54 14.13 -21.40
CA GLU A 331 -24.26 13.62 -21.85
C GLU A 331 -24.42 12.56 -22.94
N VAL A 332 -25.32 11.60 -22.74
CA VAL A 332 -25.47 10.55 -23.74
C VAL A 332 -26.09 11.07 -25.04
N MET A 333 -27.02 12.01 -24.93
CA MET A 333 -27.49 12.75 -26.10
C MET A 333 -26.32 13.33 -26.93
N ASN A 334 -25.37 14.00 -26.28
CA ASN A 334 -24.21 14.59 -26.98
C ASN A 334 -23.42 13.54 -27.79
N GLN A 335 -23.19 12.39 -27.15
CA GLN A 335 -22.42 11.32 -27.78
C GLN A 335 -23.17 10.69 -28.96
N VAL A 336 -24.48 10.57 -28.84
CA VAL A 336 -25.29 10.14 -29.98
C VAL A 336 -25.20 11.14 -31.14
N ALA A 337 -25.31 12.43 -30.82
CA ALA A 337 -25.12 13.48 -31.81
C ALA A 337 -23.78 13.32 -32.54
N PHE A 338 -22.71 13.11 -31.78
CA PHE A 338 -21.39 12.94 -32.35
C PHE A 338 -21.31 11.72 -33.25
N GLN A 339 -21.96 10.63 -32.86
CA GLN A 339 -22.08 9.45 -33.73
C GLN A 339 -22.80 9.78 -35.02
N VAL A 340 -23.92 10.48 -34.93
CA VAL A 340 -24.72 10.76 -36.09
C VAL A 340 -23.90 11.57 -37.09
N PHE A 341 -23.15 12.57 -36.59
CA PHE A 341 -22.27 13.39 -37.43
C PHE A 341 -21.32 12.51 -38.22
N GLY A 342 -20.66 11.60 -37.50
CA GLY A 342 -19.73 10.64 -38.10
C GLY A 342 -20.42 9.71 -39.08
N ASN A 343 -21.54 9.15 -38.64
CA ASN A 343 -22.37 8.34 -39.51
C ASN A 343 -22.64 9.05 -40.82
N ASP A 344 -22.90 10.35 -40.74
CA ASP A 344 -23.24 11.14 -41.93
C ASP A 344 -22.07 11.28 -42.91
N LEU A 345 -20.86 11.44 -42.40
CA LEU A 345 -19.65 11.51 -43.25
C LEU A 345 -19.51 10.20 -44.02
N THR A 346 -19.60 9.10 -43.29
CA THR A 346 -19.55 7.76 -43.86
C THR A 346 -20.60 7.59 -44.96
N ILE A 347 -21.84 8.00 -44.67
CA ILE A 347 -22.91 7.98 -45.65
C ILE A 347 -22.60 8.81 -46.90
N THR A 348 -22.03 10.01 -46.70
CA THR A 348 -21.60 10.90 -47.80
C THR A 348 -20.54 10.28 -48.71
N SER A 349 -19.47 9.75 -48.09
CA SER A 349 -18.34 9.16 -48.81
C SER A 349 -18.78 7.95 -49.59
N ALA A 350 -19.70 7.17 -49.01
CA ALA A 350 -20.23 5.98 -49.63
C ALA A 350 -21.13 6.37 -50.79
N SER A 351 -21.95 7.39 -50.58
CA SER A 351 -22.79 7.88 -51.66
C SER A 351 -21.99 8.41 -52.85
N GLU A 352 -20.91 9.19 -52.61
CA GLU A 352 -20.12 9.74 -53.73
C GLU A 352 -19.36 8.64 -54.48
N ALA A 353 -19.25 7.47 -53.87
CA ALA A 353 -18.48 6.38 -54.44
C ALA A 353 -19.19 5.62 -55.54
N GLY A 354 -20.44 5.97 -55.83
CA GLY A 354 -21.20 5.29 -56.89
C GLY A 354 -20.50 5.28 -58.23
N GLN A 355 -20.77 4.27 -59.05
CA GLN A 355 -20.14 4.16 -60.39
C GLN A 355 -21.09 3.54 -61.42
N PHE A 356 -21.40 4.31 -62.47
CA PHE A 356 -22.30 3.84 -63.53
C PHE A 356 -23.58 3.31 -62.88
N GLU A 357 -23.90 2.04 -63.12
CA GLU A 357 -25.26 1.55 -62.90
C GLU A 357 -25.54 1.11 -61.45
N LEU A 358 -24.49 0.96 -60.65
CA LEU A 358 -24.67 0.50 -59.26
C LEU A 358 -23.73 1.20 -58.28
N ASN A 359 -24.28 1.59 -57.14
CA ASN A 359 -23.42 2.04 -56.07
C ASN A 359 -23.22 0.88 -55.13
N VAL A 360 -22.04 0.29 -55.20
CA VAL A 360 -21.74 -0.95 -54.48
C VAL A 360 -21.38 -0.71 -53.01
N MET A 361 -21.34 0.57 -52.60
CA MET A 361 -20.91 0.92 -51.25
C MET A 361 -22.10 1.02 -50.29
N GLU A 362 -23.29 0.72 -50.82
CA GLU A 362 -24.54 0.66 -50.06
C GLU A 362 -24.55 -0.13 -48.74
N PRO A 363 -23.81 -1.27 -48.66
CA PRO A 363 -23.90 -1.99 -47.37
C PRO A 363 -23.42 -1.16 -46.18
N VAL A 364 -22.37 -0.38 -46.34
CA VAL A 364 -21.92 0.47 -45.24
C VAL A 364 -22.85 1.66 -45.06
N LEU A 365 -23.43 2.13 -46.16
CA LEU A 365 -24.29 3.31 -46.15
C LEU A 365 -25.50 3.01 -45.31
N PHE A 366 -26.17 1.91 -45.67
CA PHE A 366 -27.40 1.46 -45.02
C PHE A 366 -27.21 1.16 -43.55
N PHE A 367 -26.12 0.47 -43.21
CA PHE A 367 -25.81 0.15 -41.81
C PHE A 367 -25.71 1.42 -40.98
N ASN A 368 -25.09 2.45 -41.53
CA ASN A 368 -24.94 3.71 -40.82
C ASN A 368 -26.25 4.50 -40.74
N LEU A 369 -27.03 4.41 -41.82
CA LEU A 369 -28.31 5.08 -41.87
C LEU A 369 -29.16 4.50 -40.77
N ILE A 370 -29.25 3.17 -40.76
CA ILE A 370 -30.09 2.44 -39.82
C ILE A 370 -29.60 2.71 -38.41
N GLN A 371 -28.28 2.71 -38.22
CA GLN A 371 -27.75 3.01 -36.91
C GLN A 371 -28.26 4.36 -36.41
N SER A 372 -28.07 5.39 -37.24
CA SER A 372 -28.52 6.74 -36.91
C SER A 372 -29.96 6.80 -36.40
N ILE A 373 -30.88 6.22 -37.14
CA ILE A 373 -32.30 6.27 -36.82
C ILE A 373 -32.54 5.58 -35.49
N SER A 374 -32.00 4.38 -35.40
CA SER A 374 -32.16 3.54 -34.25
C SER A 374 -31.63 4.20 -32.96
N ILE A 375 -30.43 4.79 -33.05
CA ILE A 375 -29.81 5.35 -31.84
C ILE A 375 -30.48 6.65 -31.38
N MET A 376 -31.08 7.40 -32.31
CA MET A 376 -31.78 8.61 -31.94
C MET A 376 -33.11 8.26 -31.28
N THR A 377 -33.84 7.32 -31.89
CA THR A 377 -35.03 6.73 -31.25
C THR A 377 -34.74 6.32 -29.81
N ASN A 378 -33.61 5.67 -29.57
CA ASN A 378 -33.31 5.21 -28.22
C ASN A 378 -32.92 6.29 -27.21
N VAL A 379 -32.03 7.23 -27.56
CA VAL A 379 -31.77 8.36 -26.63
C VAL A 379 -32.98 9.25 -26.44
N PHE A 380 -33.73 9.50 -27.52
CA PHE A 380 -34.90 10.36 -27.42
C PHE A 380 -35.85 9.79 -26.34
N LYS A 381 -36.15 8.50 -26.44
CA LYS A 381 -36.96 7.80 -25.45
C LYS A 381 -36.37 7.86 -24.03
N SER A 382 -35.11 7.46 -23.88
CA SER A 382 -34.49 7.39 -22.55
C SER A 382 -34.30 8.76 -21.93
N PHE A 383 -33.86 9.72 -22.73
CA PHE A 383 -33.72 11.11 -22.29
C PHE A 383 -35.07 11.68 -21.83
N THR A 384 -36.13 11.37 -22.57
CA THR A 384 -37.46 11.87 -22.26
C THR A 384 -37.97 11.31 -20.92
N GLU A 385 -37.89 9.99 -20.76
CA GLU A 385 -38.45 9.33 -19.59
C GLU A 385 -37.55 9.44 -18.36
N ASN A 386 -36.27 9.72 -18.56
CA ASN A 386 -35.32 9.72 -17.45
C ASN A 386 -34.70 11.07 -17.13
N CYS A 387 -35.08 12.10 -17.89
CA CYS A 387 -34.55 13.42 -17.64
C CYS A 387 -35.58 14.51 -17.86
N LEU A 388 -36.05 14.61 -19.10
CA LEU A 388 -36.84 15.75 -19.53
C LEU A 388 -38.05 16.01 -18.64
N LYS A 389 -38.84 14.97 -18.41
CA LYS A 389 -40.09 15.08 -17.69
C LYS A 389 -39.93 15.57 -16.27
N GLY A 390 -38.77 15.31 -15.67
CA GLY A 390 -38.55 15.56 -14.26
C GLY A 390 -37.76 16.81 -13.91
N ILE A 391 -37.33 17.55 -14.94
CA ILE A 391 -36.54 18.75 -14.73
C ILE A 391 -37.28 19.76 -13.82
N LYS A 392 -36.60 20.23 -12.78
CA LYS A 392 -37.13 21.25 -11.89
C LYS A 392 -36.30 22.52 -12.01
N ALA A 393 -36.87 23.64 -11.62
CA ALA A 393 -36.19 24.92 -11.69
C ALA A 393 -35.81 25.41 -10.30
N ASN A 394 -34.69 26.10 -10.20
CA ASN A 394 -34.28 26.77 -8.97
C ASN A 394 -34.67 28.25 -9.10
N GLU A 395 -35.90 28.56 -8.71
CA GLU A 395 -36.49 29.88 -8.96
C GLU A 395 -35.80 31.02 -8.21
N GLU A 396 -35.36 30.77 -6.99
CA GLU A 396 -34.79 31.85 -6.17
C GLU A 396 -33.43 32.29 -6.69
N ARG A 397 -32.55 31.30 -6.90
CA ARG A 397 -31.24 31.50 -7.52
C ARG A 397 -31.35 32.31 -8.83
N MET A 398 -32.31 31.95 -9.68
CA MET A 398 -32.53 32.66 -10.92
C MET A 398 -33.08 34.08 -10.69
N LYS A 399 -34.09 34.22 -9.85
CA LYS A 399 -34.65 35.56 -9.54
C LYS A 399 -33.55 36.45 -8.95
N GLU A 400 -32.73 35.86 -8.09
CA GLU A 400 -31.58 36.52 -7.47
C GLU A 400 -30.58 37.04 -8.52
N TYR A 401 -30.38 36.31 -9.61
CA TYR A 401 -29.47 36.75 -10.68
C TYR A 401 -29.98 38.03 -11.33
N VAL A 402 -31.29 38.10 -11.54
CA VAL A 402 -31.90 39.28 -12.16
C VAL A 402 -31.71 40.50 -11.28
N GLU A 403 -32.15 40.42 -10.02
CA GLU A 403 -32.08 41.54 -9.09
C GLU A 403 -30.67 42.14 -8.93
N LYS A 404 -29.66 41.27 -8.93
CA LYS A 404 -28.27 41.70 -8.70
C LYS A 404 -27.49 41.92 -9.99
N SER A 405 -28.18 42.18 -11.10
CA SER A 405 -27.52 42.33 -12.39
C SER A 405 -27.57 43.76 -12.91
N ILE A 406 -26.60 44.10 -13.77
CA ILE A 406 -26.59 45.39 -14.47
C ILE A 406 -27.65 45.39 -15.58
N GLY A 407 -27.80 44.27 -16.27
CA GLY A 407 -28.74 44.12 -17.41
C GLY A 407 -30.15 44.63 -17.16
N ILE A 408 -30.57 44.53 -15.90
CA ILE A 408 -31.85 45.06 -15.42
C ILE A 408 -32.05 46.53 -15.79
N ILE A 409 -30.96 47.22 -16.15
CA ILE A 409 -30.99 48.67 -16.38
C ILE A 409 -31.58 49.09 -17.73
N THR A 410 -31.43 48.25 -18.76
CA THR A 410 -32.03 48.56 -20.07
C THR A 410 -33.58 48.45 -19.99
N ALA A 411 -34.10 47.87 -18.90
CA ALA A 411 -35.54 47.70 -18.68
C ALA A 411 -36.20 48.92 -18.00
N ILE A 412 -35.49 49.53 -17.06
CA ILE A 412 -35.88 50.81 -16.47
C ILE A 412 -34.98 51.89 -17.08
N ASN A 413 -35.03 52.04 -18.40
CA ASN A 413 -34.12 52.92 -19.14
C ASN A 413 -34.81 54.19 -19.69
N PRO A 414 -36.07 54.07 -20.17
CA PRO A 414 -36.81 55.29 -20.46
C PRO A 414 -37.96 55.56 -19.47
N HIS A 415 -37.73 55.22 -18.19
CA HIS A 415 -38.63 55.60 -17.10
C HIS A 415 -37.97 56.64 -16.19
N VAL A 416 -36.64 56.61 -16.18
CA VAL A 416 -35.80 57.59 -15.47
C VAL A 416 -35.11 58.55 -16.46
N GLY A 417 -35.24 58.25 -17.75
CA GLY A 417 -34.51 58.96 -18.81
C GLY A 417 -33.05 58.53 -18.82
N TYR A 418 -32.31 58.91 -19.86
CA TYR A 418 -30.88 58.58 -19.94
C TYR A 418 -30.02 59.46 -19.03
N GLU A 419 -30.66 60.39 -18.29
CA GLU A 419 -29.95 61.30 -17.39
C GLU A 419 -29.28 60.53 -16.24
N THR A 420 -29.98 60.38 -15.10
CA THR A 420 -29.48 59.53 -14.03
C THR A 420 -29.84 58.06 -14.29
N ALA A 421 -29.40 57.56 -15.45
CA ALA A 421 -29.45 56.14 -15.80
C ALA A 421 -28.02 55.59 -15.94
N ALA A 422 -27.11 56.42 -16.43
CA ALA A 422 -25.68 56.12 -16.48
C ALA A 422 -25.00 56.42 -15.14
N LYS A 423 -25.64 57.27 -14.34
CA LYS A 423 -25.29 57.48 -12.92
C LYS A 423 -25.66 56.23 -12.13
N LEU A 424 -26.75 55.58 -12.55
CA LEU A 424 -27.26 54.36 -11.96
C LEU A 424 -26.57 53.10 -12.47
N ALA A 425 -25.82 53.24 -13.58
CA ALA A 425 -25.10 52.11 -14.18
C ALA A 425 -23.58 52.12 -13.91
N ARG A 426 -22.98 53.32 -13.88
CA ARG A 426 -21.55 53.47 -13.61
C ARG A 426 -21.25 53.44 -12.10
N GLU A 427 -22.30 53.52 -11.28
CA GLU A 427 -22.21 53.35 -9.83
C GLU A 427 -22.57 51.92 -9.40
N ALA A 428 -23.51 51.30 -10.11
CA ALA A 428 -23.91 49.91 -9.83
C ALA A 428 -22.81 48.90 -10.12
N TYR A 429 -21.89 49.26 -11.02
CA TYR A 429 -20.68 48.48 -11.26
C TYR A 429 -19.62 48.80 -10.19
N LEU A 430 -19.62 50.04 -9.72
CA LEU A 430 -18.68 50.50 -8.68
C LEU A 430 -19.02 49.94 -7.28
N THR A 431 -20.25 50.19 -6.81
CA THR A 431 -20.67 49.80 -5.46
C THR A 431 -20.88 48.30 -5.26
N GLY A 432 -21.26 47.60 -6.34
CA GLY A 432 -21.62 46.19 -6.24
C GLY A 432 -22.96 46.01 -5.57
N GLU A 433 -23.87 46.95 -5.85
CA GLU A 433 -25.20 46.98 -5.23
C GLU A 433 -26.28 46.88 -6.31
N SER A 434 -27.48 46.46 -5.93
CA SER A 434 -28.59 46.30 -6.87
C SER A 434 -29.13 47.65 -7.34
N ILE A 435 -29.87 47.62 -8.44
CA ILE A 435 -30.43 48.85 -9.04
C ILE A 435 -31.83 49.16 -8.49
N ARG A 436 -32.48 48.18 -7.87
CA ARG A 436 -33.75 48.40 -7.17
C ARG A 436 -33.54 49.28 -5.92
N GLU A 437 -32.41 49.08 -5.24
CA GLU A 437 -32.06 49.84 -4.04
C GLU A 437 -31.48 51.24 -4.36
N LEU A 438 -30.95 51.40 -5.58
CA LEU A 438 -30.46 52.70 -6.05
C LEU A 438 -31.55 53.57 -6.68
N CYS A 439 -32.79 53.08 -6.63
CA CYS A 439 -33.95 53.83 -7.14
C CYS A 439 -34.88 54.34 -6.03
N ILE A 440 -34.94 53.60 -4.91
CA ILE A 440 -35.77 54.01 -3.76
C ILE A 440 -35.07 55.07 -2.87
N LYS A 441 -33.75 55.25 -3.04
CA LYS A 441 -32.99 56.24 -2.28
C LYS A 441 -32.63 57.52 -3.07
N TYR A 442 -32.37 57.37 -4.37
CA TYR A 442 -32.16 58.52 -5.27
C TYR A 442 -33.45 59.32 -5.50
N GLY A 443 -34.55 58.59 -5.73
CA GLY A 443 -35.89 59.19 -5.84
C GLY A 443 -36.42 59.42 -7.25
N VAL A 444 -35.80 58.77 -8.24
CA VAL A 444 -36.19 58.92 -9.65
C VAL A 444 -37.43 58.11 -10.02
N LEU A 445 -37.55 56.93 -9.41
CA LEU A 445 -38.78 56.12 -9.41
C LEU A 445 -38.92 55.44 -8.05
N THR A 446 -40.09 55.58 -7.43
CA THR A 446 -40.33 55.00 -6.10
C THR A 446 -40.94 53.60 -6.21
N GLU A 447 -40.98 52.88 -5.09
CA GLU A 447 -41.44 51.49 -4.99
C GLU A 447 -42.54 51.08 -5.98
N GLU A 448 -43.52 51.97 -6.18
CA GLU A 448 -44.71 51.65 -6.98
C GLU A 448 -44.47 51.54 -8.49
N GLN A 449 -43.52 52.32 -9.02
CA GLN A 449 -43.16 52.25 -10.43
C GLN A 449 -42.17 51.12 -10.75
N LEU A 450 -41.29 50.82 -9.80
CA LEU A 450 -40.37 49.68 -9.88
C LEU A 450 -41.10 48.34 -9.78
N ASN A 451 -42.31 48.38 -9.24
CA ASN A 451 -43.14 47.20 -9.00
C ASN A 451 -43.58 46.49 -10.29
N GLU A 452 -43.80 47.26 -11.35
CA GLU A 452 -44.32 46.71 -12.62
C GLU A 452 -43.36 46.76 -13.81
N ILE A 453 -42.32 47.59 -13.72
CA ILE A 453 -41.29 47.65 -14.75
C ILE A 453 -40.45 46.37 -14.73
N LEU A 454 -40.20 45.88 -13.51
CA LEU A 454 -39.47 44.62 -13.32
C LEU A 454 -40.40 43.42 -13.15
N ASN A 455 -41.50 43.43 -13.89
CA ASN A 455 -42.42 42.30 -13.95
C ASN A 455 -41.86 41.22 -14.87
N PRO A 456 -41.85 39.95 -14.40
CA PRO A 456 -41.43 38.81 -15.20
C PRO A 456 -42.13 38.66 -16.56
N TYR A 457 -43.08 39.54 -16.86
CA TYR A 457 -43.72 39.55 -18.18
C TYR A 457 -43.49 40.86 -18.93
N GLU A 458 -43.19 41.93 -18.18
CA GLU A 458 -43.01 43.25 -18.77
C GLU A 458 -41.70 43.44 -19.52
N MET A 459 -40.61 42.95 -18.94
CA MET A 459 -39.27 43.17 -19.50
C MET A 459 -38.82 42.06 -20.46
N ILE A 460 -39.71 41.15 -20.80
CA ILE A 460 -39.36 40.03 -21.66
C ILE A 460 -40.27 39.91 -22.88
N HIS A 461 -41.06 40.97 -23.11
CA HIS A 461 -41.93 41.08 -24.28
C HIS A 461 -41.96 42.52 -24.81
N PRO A 462 -42.00 42.69 -26.15
CA PRO A 462 -41.81 44.01 -26.76
C PRO A 462 -42.83 45.05 -26.32
N VAL B 5 -5.41 61.93 -42.67
CA VAL B 5 -5.63 61.24 -41.35
C VAL B 5 -6.62 61.99 -40.42
N ARG B 6 -7.29 61.24 -39.54
CA ARG B 6 -8.38 61.76 -38.68
C ARG B 6 -8.37 60.99 -37.34
N ILE B 7 -9.15 61.42 -36.36
CA ILE B 7 -9.13 60.79 -35.03
C ILE B 7 -10.53 60.46 -34.52
N GLU B 8 -10.76 59.20 -34.13
CA GLU B 8 -12.07 58.77 -33.64
C GLU B 8 -12.06 58.17 -32.23
N LYS B 9 -13.26 57.86 -31.74
CA LYS B 9 -13.51 57.56 -30.31
C LYS B 9 -14.59 56.48 -30.10
N ASP B 10 -14.37 55.59 -29.14
CA ASP B 10 -15.42 54.69 -28.60
C ASP B 10 -15.21 54.41 -27.10
N PHE B 11 -15.94 53.43 -26.56
CA PHE B 11 -15.93 53.12 -25.10
C PHE B 11 -14.58 52.61 -24.53
N LEU B 12 -13.62 52.36 -25.42
CA LEU B 12 -12.33 51.76 -25.04
C LEU B 12 -11.15 52.70 -25.35
N GLY B 13 -11.35 53.66 -26.25
CA GLY B 13 -10.30 54.63 -26.57
C GLY B 13 -10.34 55.21 -27.95
N GLU B 14 -9.21 55.77 -28.37
CA GLU B 14 -9.07 56.48 -29.65
C GLU B 14 -8.29 55.68 -30.68
N LYS B 15 -8.62 55.87 -31.96
CA LYS B 15 -7.82 55.38 -33.09
C LYS B 15 -7.65 56.46 -34.19
N GLU B 16 -6.53 56.41 -34.91
CA GLU B 16 -6.34 57.20 -36.15
C GLU B 16 -7.02 56.46 -37.31
N ILE B 17 -7.62 57.19 -38.24
CA ILE B 17 -8.36 56.63 -39.40
C ILE B 17 -8.13 57.51 -40.64
N PRO B 18 -7.80 56.90 -41.80
CA PRO B 18 -7.59 57.69 -43.03
C PRO B 18 -8.77 58.60 -43.41
N LYS B 19 -8.48 59.78 -43.96
CA LYS B 19 -9.52 60.79 -44.24
C LYS B 19 -10.47 60.41 -45.38
N ASP B 20 -9.98 59.61 -46.32
CA ASP B 20 -10.78 59.17 -47.47
C ASP B 20 -11.67 57.95 -47.16
N ALA B 21 -11.45 57.36 -45.99
CA ALA B 21 -12.16 56.16 -45.54
C ALA B 21 -13.54 56.47 -44.95
N TYR B 22 -14.49 55.58 -45.19
CA TYR B 22 -15.85 55.76 -44.69
C TYR B 22 -16.13 54.92 -43.45
N TYR B 23 -15.27 53.95 -43.17
CA TYR B 23 -15.34 53.14 -41.95
C TYR B 23 -14.79 53.92 -40.75
N GLY B 24 -14.83 53.34 -39.57
CA GLY B 24 -14.41 54.04 -38.36
C GLY B 24 -13.58 53.28 -37.35
N VAL B 25 -13.63 53.75 -36.11
CA VAL B 25 -12.80 53.24 -35.01
C VAL B 25 -13.12 51.76 -34.74
N GLN B 26 -14.41 51.43 -34.75
CA GLN B 26 -14.86 50.08 -34.41
C GLN B 26 -14.52 49.09 -35.50
N THR B 27 -14.57 49.53 -36.75
CA THR B 27 -14.16 48.69 -37.86
C THR B 27 -12.66 48.48 -37.81
N ILE B 28 -11.91 49.57 -37.71
CA ILE B 28 -10.46 49.47 -37.72
C ILE B 28 -9.95 48.58 -36.56
N ARG B 29 -10.69 48.54 -35.45
CA ARG B 29 -10.33 47.69 -34.29
C ARG B 29 -10.42 46.22 -34.66
N ALA B 30 -11.52 45.87 -35.31
CA ALA B 30 -11.77 44.52 -35.82
C ALA B 30 -10.67 44.05 -36.79
N THR B 31 -10.13 44.98 -37.58
CA THR B 31 -9.08 44.64 -38.53
C THR B 31 -7.79 44.30 -37.80
N GLU B 32 -7.64 44.84 -36.59
CA GLU B 32 -6.47 44.56 -35.76
C GLU B 32 -6.66 43.25 -35.04
N ASN B 33 -7.85 43.07 -34.47
CA ASN B 33 -8.22 41.84 -33.78
C ASN B 33 -8.25 40.59 -34.66
N PHE B 34 -8.76 40.69 -35.88
CA PHE B 34 -8.95 39.50 -36.73
C PHE B 34 -8.28 39.55 -38.11
N PRO B 35 -6.93 39.60 -38.16
CA PRO B 35 -6.29 39.54 -39.47
C PRO B 35 -6.12 38.07 -39.88
N ILE B 36 -7.25 37.39 -40.13
CA ILE B 36 -7.26 35.93 -40.23
C ILE B 36 -7.10 35.33 -41.63
N THR B 37 -7.97 35.71 -42.56
CA THR B 37 -7.97 35.14 -43.90
C THR B 37 -7.50 36.15 -44.92
N GLY B 38 -7.79 37.42 -44.66
CA GLY B 38 -7.51 38.48 -45.62
C GLY B 38 -8.58 38.55 -46.70
N TYR B 39 -9.70 37.86 -46.48
CA TYR B 39 -10.85 37.93 -47.36
C TYR B 39 -11.80 39.01 -46.90
N ARG B 40 -12.77 39.34 -47.74
CA ARG B 40 -13.78 40.31 -47.36
C ARG B 40 -15.15 39.71 -47.62
N ILE B 41 -16.11 40.11 -46.79
CA ILE B 41 -17.47 39.59 -46.90
C ILE B 41 -18.03 39.76 -48.32
N HIS B 42 -18.94 38.87 -48.69
CA HIS B 42 -19.52 38.82 -50.03
C HIS B 42 -20.35 40.07 -50.39
N PRO B 43 -20.11 40.63 -51.59
CA PRO B 43 -20.89 41.72 -52.14
C PRO B 43 -22.37 41.68 -51.76
N GLU B 44 -22.97 40.49 -51.84
CA GLU B 44 -24.40 40.33 -51.63
C GLU B 44 -24.78 40.53 -50.15
N LEU B 45 -23.85 40.26 -49.25
CA LEU B 45 -24.09 40.53 -47.84
C LEU B 45 -23.98 42.02 -47.59
N ILE B 46 -23.07 42.68 -48.29
CA ILE B 46 -22.92 44.14 -48.21
C ILE B 46 -24.23 44.79 -48.70
N LYS B 47 -24.70 44.33 -49.86
CA LYS B 47 -25.98 44.77 -50.40
C LYS B 47 -27.07 44.62 -49.36
N SER B 48 -27.13 43.44 -48.74
CA SER B 48 -28.20 43.11 -47.79
C SER B 48 -28.18 43.93 -46.50
N LEU B 49 -26.98 44.18 -45.98
CA LEU B 49 -26.84 45.02 -44.81
C LEU B 49 -27.47 46.38 -45.12
N GLY B 50 -27.22 46.88 -46.33
CA GLY B 50 -27.79 48.14 -46.80
C GLY B 50 -29.30 48.10 -46.77
N ILE B 51 -29.87 46.96 -47.17
CA ILE B 51 -31.33 46.79 -47.12
C ILE B 51 -31.81 46.87 -45.66
N VAL B 52 -31.09 46.21 -44.76
CA VAL B 52 -31.40 46.26 -43.32
C VAL B 52 -31.33 47.71 -42.82
N LYS B 53 -30.24 48.39 -43.13
CA LYS B 53 -30.05 49.76 -42.66
C LYS B 53 -31.09 50.73 -43.23
N LYS B 54 -31.38 50.62 -44.53
CA LYS B 54 -32.43 51.44 -45.16
C LYS B 54 -33.84 51.18 -44.62
N SER B 55 -34.17 49.91 -44.37
CA SER B 55 -35.49 49.56 -43.88
C SER B 55 -35.71 50.06 -42.46
N ALA B 56 -34.71 49.85 -41.60
CA ALA B 56 -34.80 50.27 -40.21
C ALA B 56 -34.93 51.80 -40.08
N ALA B 57 -34.15 52.53 -40.88
CA ALA B 57 -34.21 53.98 -40.88
C ALA B 57 -35.62 54.45 -41.24
N LEU B 58 -36.18 53.86 -42.30
CA LEU B 58 -37.52 54.22 -42.77
C LEU B 58 -38.56 53.91 -41.71
N ALA B 59 -38.38 52.77 -41.03
CA ALA B 59 -39.28 52.36 -39.95
C ALA B 59 -39.15 53.24 -38.72
N ASN B 60 -37.93 53.64 -38.38
CA ASN B 60 -37.70 54.56 -37.27
C ASN B 60 -38.29 55.97 -37.48
N MET B 61 -38.24 56.47 -38.71
CA MET B 61 -38.89 57.75 -39.04
C MET B 61 -40.40 57.66 -38.88
N GLU B 62 -41.02 56.65 -39.49
CA GLU B 62 -42.49 56.51 -39.45
C GLU B 62 -43.04 56.34 -38.01
N VAL B 63 -42.21 55.86 -37.10
CA VAL B 63 -42.62 55.66 -35.71
C VAL B 63 -42.36 56.93 -34.87
N GLY B 64 -41.64 57.89 -35.44
CA GLY B 64 -41.24 59.11 -34.76
C GLY B 64 -40.13 58.90 -33.76
N LEU B 65 -39.18 58.01 -34.10
CA LEU B 65 -38.02 57.71 -33.26
C LEU B 65 -36.73 58.31 -33.82
N LEU B 66 -36.68 58.47 -35.14
CA LEU B 66 -35.51 59.02 -35.79
C LEU B 66 -35.85 60.34 -36.47
N ASP B 67 -35.05 61.35 -36.18
CA ASP B 67 -35.18 62.67 -36.78
C ASP B 67 -35.23 62.54 -38.31
N LYS B 68 -36.22 63.21 -38.91
CA LYS B 68 -36.47 63.07 -40.36
C LYS B 68 -35.42 63.77 -41.23
N GLU B 69 -34.84 64.84 -40.69
CA GLU B 69 -33.75 65.56 -41.34
C GLU B 69 -32.56 64.60 -41.56
N VAL B 70 -32.09 63.98 -40.47
CA VAL B 70 -30.94 63.05 -40.48
C VAL B 70 -31.28 61.72 -41.15
N GLY B 71 -32.49 61.22 -40.87
CA GLY B 71 -32.96 59.96 -41.41
C GLY B 71 -33.02 59.94 -42.93
N GLN B 72 -33.39 61.07 -43.52
CA GLN B 72 -33.47 61.18 -44.98
C GLN B 72 -32.12 60.84 -45.63
N TYR B 73 -31.03 61.26 -44.97
CA TYR B 73 -29.68 61.08 -45.51
C TYR B 73 -29.12 59.68 -45.30
N ILE B 74 -29.45 59.09 -44.16
CA ILE B 74 -29.09 57.70 -43.89
C ILE B 74 -29.63 56.79 -44.99
N VAL B 75 -30.89 57.00 -45.37
CA VAL B 75 -31.54 56.25 -46.45
C VAL B 75 -30.76 56.40 -47.76
N LYS B 76 -30.43 57.63 -48.12
CA LYS B 76 -29.72 57.87 -49.37
C LYS B 76 -28.35 57.23 -49.38
N ALA B 77 -27.67 57.28 -48.24
CA ALA B 77 -26.39 56.62 -48.03
C ALA B 77 -26.55 55.09 -48.10
N ALA B 78 -27.66 54.60 -47.56
CA ALA B 78 -27.94 53.17 -47.56
C ALA B 78 -28.20 52.64 -48.97
N ASP B 79 -28.83 53.46 -49.82
CA ASP B 79 -29.13 53.06 -51.20
C ASP B 79 -27.87 52.86 -52.04
N GLU B 80 -26.85 53.66 -51.73
CA GLU B 80 -25.58 53.62 -52.45
C GLU B 80 -24.82 52.35 -52.07
N VAL B 81 -25.04 51.90 -50.83
CA VAL B 81 -24.49 50.63 -50.37
C VAL B 81 -25.21 49.53 -51.14
N ILE B 82 -26.52 49.69 -51.31
CA ILE B 82 -27.34 48.72 -52.02
C ILE B 82 -26.89 48.60 -53.49
N GLU B 83 -26.54 49.73 -54.09
CA GLU B 83 -26.07 49.74 -55.47
C GLU B 83 -24.59 49.31 -55.60
N GLY B 84 -23.91 49.11 -54.48
CA GLY B 84 -22.53 48.64 -54.45
C GLY B 84 -21.44 49.68 -54.73
N LYS B 85 -21.71 50.93 -54.38
CA LYS B 85 -20.74 52.01 -54.56
C LYS B 85 -19.64 51.94 -53.53
N TRP B 86 -19.89 51.28 -52.40
CA TRP B 86 -18.99 51.35 -51.24
C TRP B 86 -18.47 50.01 -50.71
N ASN B 87 -18.46 48.97 -51.55
CA ASN B 87 -17.94 47.64 -51.17
C ASN B 87 -16.50 47.65 -50.66
N ASP B 88 -15.64 48.43 -51.32
CA ASP B 88 -14.25 48.65 -50.91
C ASP B 88 -14.11 49.04 -49.44
N GLN B 89 -15.20 49.51 -48.85
CA GLN B 89 -15.18 50.04 -47.48
C GLN B 89 -15.48 49.01 -46.38
N PHE B 90 -15.93 47.82 -46.79
CA PHE B 90 -16.20 46.74 -45.84
C PHE B 90 -14.97 45.84 -45.79
N ILE B 91 -14.18 45.99 -44.73
CA ILE B 91 -12.81 45.46 -44.64
C ILE B 91 -12.59 44.40 -43.55
N VAL B 92 -13.60 44.16 -42.73
CA VAL B 92 -13.52 43.17 -41.64
C VAL B 92 -13.46 41.74 -42.18
N ASP B 93 -12.66 40.89 -41.54
CA ASP B 93 -12.54 39.49 -41.95
C ASP B 93 -13.86 38.75 -41.74
N PRO B 94 -14.28 37.88 -42.71
CA PRO B 94 -15.50 37.11 -42.50
C PRO B 94 -15.39 36.15 -41.32
N ILE B 95 -14.18 35.66 -41.04
CA ILE B 95 -13.91 34.87 -39.84
C ILE B 95 -13.46 35.80 -38.74
N GLN B 96 -14.36 36.04 -37.79
CA GLN B 96 -14.17 37.08 -36.77
C GLN B 96 -14.92 36.77 -35.47
N GLY B 97 -14.31 37.11 -34.34
CA GLY B 97 -15.01 37.07 -33.06
C GLY B 97 -16.06 38.18 -32.96
N GLY B 98 -16.88 38.12 -31.93
CA GLY B 98 -17.85 39.18 -31.69
C GLY B 98 -19.18 38.94 -32.37
N ALA B 99 -19.33 37.76 -32.96
CA ALA B 99 -20.61 37.31 -33.49
C ALA B 99 -21.26 38.22 -34.55
N GLY B 100 -20.43 38.93 -35.32
CA GLY B 100 -20.91 39.82 -36.36
C GLY B 100 -21.00 41.29 -35.96
N THR B 101 -20.68 41.60 -34.70
CA THR B 101 -20.74 42.98 -34.23
C THR B 101 -19.91 43.87 -35.14
N SER B 102 -18.75 43.38 -35.53
CA SER B 102 -17.86 44.09 -36.40
C SER B 102 -18.44 44.35 -37.79
N ILE B 103 -19.07 43.32 -38.37
CA ILE B 103 -19.73 43.45 -39.66
C ILE B 103 -20.88 44.44 -39.56
N ASN B 104 -21.61 44.39 -38.46
CA ASN B 104 -22.71 45.32 -38.20
C ASN B 104 -22.22 46.76 -38.05
N MET B 105 -21.18 46.95 -37.22
CA MET B 105 -20.58 48.27 -37.00
C MET B 105 -19.88 48.81 -38.24
N ASN B 106 -19.32 47.91 -39.04
CA ASN B 106 -18.72 48.27 -40.33
C ASN B 106 -19.73 48.99 -41.23
N ALA B 107 -20.94 48.40 -41.32
CA ALA B 107 -22.04 48.99 -42.05
C ALA B 107 -22.54 50.26 -41.35
N ASN B 108 -22.75 50.20 -40.04
CA ASN B 108 -23.19 51.36 -39.27
C ASN B 108 -22.30 52.59 -39.45
N GLU B 109 -20.98 52.37 -39.47
CA GLU B 109 -20.03 53.47 -39.60
C GLU B 109 -19.96 53.99 -41.03
N VAL B 110 -19.88 53.08 -42.01
CA VAL B 110 -19.83 53.49 -43.40
C VAL B 110 -21.08 54.31 -43.75
N ILE B 111 -22.21 53.92 -43.21
CA ILE B 111 -23.45 54.58 -43.54
C ILE B 111 -23.57 55.95 -42.85
N ALA B 112 -23.20 56.02 -41.57
CA ALA B 112 -23.14 57.28 -40.85
C ALA B 112 -22.19 58.27 -41.51
N ASN B 113 -20.97 57.83 -41.81
CA ASN B 113 -19.99 58.75 -42.37
C ASN B 113 -20.35 59.32 -43.75
N ARG B 114 -20.87 58.47 -44.62
CA ARG B 114 -21.37 58.91 -45.92
C ARG B 114 -22.60 59.82 -45.74
N ALA B 115 -23.42 59.53 -44.73
CA ALA B 115 -24.62 60.31 -44.45
C ALA B 115 -24.27 61.71 -44.01
N LEU B 116 -23.19 61.83 -43.23
CA LEU B 116 -22.65 63.11 -42.82
C LEU B 116 -22.15 63.88 -44.04
N GLU B 117 -21.30 63.23 -44.84
CA GLU B 117 -20.80 63.86 -46.04
C GLU B 117 -21.96 64.50 -46.85
N LEU B 118 -22.95 63.69 -47.19
CA LEU B 118 -24.13 64.12 -47.95
C LEU B 118 -24.82 65.36 -47.39
N MET B 119 -24.87 65.49 -46.06
CA MET B 119 -25.41 66.73 -45.50
C MET B 119 -24.35 67.79 -45.11
N GLY B 120 -23.19 67.73 -45.75
CA GLY B 120 -22.15 68.75 -45.59
C GLY B 120 -21.46 68.82 -44.24
N GLU B 121 -21.58 67.76 -43.45
CA GLU B 121 -20.89 67.63 -42.18
C GLU B 121 -19.60 66.81 -42.32
N GLU B 122 -18.74 66.90 -41.31
CA GLU B 122 -17.43 66.25 -41.34
C GLU B 122 -17.54 64.75 -41.02
N LYS B 123 -16.67 63.95 -41.64
CA LYS B 123 -16.59 62.53 -41.31
C LYS B 123 -16.06 62.33 -39.87
N GLY B 124 -16.70 61.42 -39.14
CA GLY B 124 -16.32 61.11 -37.77
C GLY B 124 -17.10 61.91 -36.75
N ASN B 125 -17.88 62.87 -37.23
CA ASN B 125 -18.64 63.76 -36.36
C ASN B 125 -19.91 63.07 -35.89
N TYR B 126 -19.76 62.23 -34.87
CA TYR B 126 -20.85 61.35 -34.43
C TYR B 126 -21.87 62.06 -33.54
N SER B 127 -21.48 63.23 -33.03
CA SER B 127 -22.41 64.13 -32.33
C SER B 127 -23.61 64.47 -33.20
N LYS B 128 -23.41 64.38 -34.52
CA LYS B 128 -24.45 64.73 -35.48
C LYS B 128 -25.17 63.56 -36.13
N ILE B 129 -24.43 62.51 -36.53
CA ILE B 129 -25.01 61.22 -36.95
C ILE B 129 -24.24 60.03 -36.35
N SER B 130 -24.84 59.39 -35.34
CA SER B 130 -24.18 58.29 -34.65
C SER B 130 -24.41 56.91 -35.30
N PRO B 131 -23.32 56.16 -35.56
CA PRO B 131 -23.44 54.78 -36.00
C PRO B 131 -24.20 53.90 -35.02
N ASN B 132 -24.08 54.17 -33.72
CA ASN B 132 -24.83 53.42 -32.69
C ASN B 132 -26.22 53.99 -32.42
N SER B 133 -26.33 55.31 -32.24
CA SER B 133 -27.57 55.93 -31.80
C SER B 133 -28.58 56.15 -32.91
N HIS B 134 -28.09 56.42 -34.12
CA HIS B 134 -28.97 56.74 -35.25
C HIS B 134 -29.12 55.57 -36.23
N VAL B 135 -28.01 55.16 -36.84
CA VAL B 135 -28.00 54.12 -37.86
C VAL B 135 -28.41 52.76 -37.33
N ASN B 136 -28.03 52.48 -36.09
CA ASN B 136 -28.32 51.19 -35.44
C ASN B 136 -29.44 51.32 -34.41
N MET B 137 -30.24 52.38 -34.53
CA MET B 137 -31.35 52.62 -33.62
C MET B 137 -32.38 51.50 -33.71
N SER B 138 -32.91 51.10 -32.56
CA SER B 138 -33.99 50.11 -32.45
C SER B 138 -33.58 48.68 -32.84
N GLN B 139 -32.32 48.50 -33.19
CA GLN B 139 -31.84 47.21 -33.64
C GLN B 139 -30.56 46.79 -32.91
N SER B 140 -30.31 45.48 -32.92
CA SER B 140 -29.14 44.90 -32.29
C SER B 140 -28.27 44.32 -33.38
N THR B 141 -27.08 43.82 -33.02
CA THR B 141 -26.32 42.97 -33.92
C THR B 141 -27.09 41.68 -34.14
N ASN B 142 -27.74 41.22 -33.08
CA ASN B 142 -28.34 39.88 -33.03
C ASN B 142 -29.66 39.73 -33.79
N ASP B 143 -30.12 40.81 -34.42
CA ASP B 143 -31.17 40.72 -35.43
C ASP B 143 -30.75 41.29 -36.79
N ALA B 144 -29.98 42.37 -36.78
CA ALA B 144 -29.60 43.06 -38.00
C ALA B 144 -28.67 42.21 -38.84
N PHE B 145 -27.69 41.60 -38.18
CA PHE B 145 -26.70 40.74 -38.82
C PHE B 145 -27.30 39.44 -39.39
N PRO B 146 -27.99 38.61 -38.56
CA PRO B 146 -28.61 37.45 -39.17
C PRO B 146 -29.73 37.77 -40.17
N THR B 147 -30.37 38.94 -40.05
CA THR B 147 -31.43 39.29 -41.01
C THR B 147 -30.83 39.62 -42.38
N ALA B 148 -29.67 40.28 -42.38
CA ALA B 148 -28.99 40.59 -43.61
C ALA B 148 -28.48 39.30 -44.24
N THR B 149 -28.13 38.33 -43.40
CA THR B 149 -27.66 37.05 -43.89
C THR B 149 -28.78 36.25 -44.56
N HIS B 150 -29.94 36.14 -43.90
CA HIS B 150 -31.08 35.41 -44.45
C HIS B 150 -31.35 35.99 -45.84
N ILE B 151 -31.47 37.31 -45.92
CA ILE B 151 -31.75 38.00 -47.17
C ILE B 151 -30.68 37.70 -48.23
N ALA B 152 -29.41 37.85 -47.85
CA ALA B 152 -28.29 37.57 -48.77
C ALA B 152 -28.29 36.11 -49.24
N VAL B 153 -28.46 35.18 -48.32
CA VAL B 153 -28.49 33.76 -48.63
C VAL B 153 -29.62 33.43 -49.59
N LEU B 154 -30.78 34.05 -49.38
CA LEU B 154 -31.95 33.84 -50.24
C LEU B 154 -31.73 34.29 -51.68
N SER B 155 -31.04 35.41 -51.84
CA SER B 155 -30.75 35.97 -53.16
C SER B 155 -29.72 35.16 -53.92
N LEU B 156 -28.73 34.63 -53.19
CA LEU B 156 -27.73 33.75 -53.79
C LEU B 156 -28.32 32.38 -54.12
N LEU B 157 -29.24 31.94 -53.24
CA LEU B 157 -29.88 30.64 -53.38
C LEU B 157 -30.77 30.66 -54.62
N ASN B 158 -31.55 31.73 -54.79
CA ASN B 158 -32.38 31.91 -55.99
C ASN B 158 -31.54 31.89 -57.27
N GLN B 159 -30.39 32.56 -57.26
CA GLN B 159 -29.47 32.52 -58.39
C GLN B 159 -28.96 31.10 -58.67
N LEU B 160 -28.52 30.40 -57.62
CA LEU B 160 -28.07 29.02 -57.78
C LEU B 160 -29.14 28.14 -58.44
N ILE B 161 -30.34 28.13 -57.87
CA ILE B 161 -31.48 27.36 -58.37
C ILE B 161 -31.66 27.60 -59.86
N GLU B 162 -31.55 28.87 -60.26
CA GLU B 162 -31.72 29.29 -61.65
C GLU B 162 -30.67 28.65 -62.53
N THR B 163 -29.42 28.69 -62.08
CA THR B 163 -28.29 28.15 -62.84
C THR B 163 -28.36 26.61 -62.86
N THR B 164 -28.78 26.04 -61.74
CA THR B 164 -28.93 24.60 -61.63
C THR B 164 -30.04 24.13 -62.56
N LYS B 165 -31.16 24.86 -62.60
CA LYS B 165 -32.22 24.56 -63.54
C LYS B 165 -31.69 24.49 -64.97
N TYR B 166 -30.96 25.52 -65.39
CA TYR B 166 -30.38 25.59 -66.73
C TYR B 166 -29.51 24.39 -67.05
N MET B 167 -28.67 24.00 -66.10
CA MET B 167 -27.81 22.82 -66.20
C MET B 167 -28.61 21.54 -66.42
N GLN B 168 -29.60 21.33 -65.57
CA GLN B 168 -30.45 20.15 -65.59
C GLN B 168 -31.04 19.94 -66.99
N GLN B 169 -31.56 21.03 -67.57
CA GLN B 169 -32.16 21.02 -68.89
C GLN B 169 -31.14 20.73 -69.98
N GLU B 170 -29.90 21.15 -69.80
CA GLU B 170 -28.83 20.78 -70.75
C GLU B 170 -28.55 19.28 -70.68
N PHE B 171 -28.59 18.71 -69.47
CA PHE B 171 -28.48 17.27 -69.30
C PHE B 171 -29.59 16.51 -69.99
N MET B 172 -30.82 17.02 -69.85
CA MET B 172 -32.02 16.49 -70.52
C MET B 172 -31.91 16.51 -72.04
N LYS B 173 -31.34 17.58 -72.60
CA LYS B 173 -31.08 17.65 -74.04
C LYS B 173 -30.14 16.53 -74.48
N LYS B 174 -29.06 16.36 -73.72
CA LYS B 174 -28.09 15.28 -73.96
C LYS B 174 -28.73 13.89 -73.89
N ALA B 175 -29.57 13.67 -72.89
CA ALA B 175 -30.30 12.41 -72.78
C ALA B 175 -31.07 12.11 -74.09
N ASP B 176 -31.81 13.11 -74.58
CA ASP B 176 -32.49 13.03 -75.89
C ASP B 176 -31.52 12.80 -77.03
N GLU B 177 -30.44 13.58 -77.09
CA GLU B 177 -29.44 13.42 -78.14
C GLU B 177 -28.81 12.03 -78.16
N PHE B 178 -28.79 11.39 -76.99
CA PHE B 178 -28.19 10.06 -76.85
C PHE B 178 -29.24 8.96 -76.62
N ALA B 179 -30.52 9.27 -76.88
CA ALA B 179 -31.60 8.35 -76.49
C ALA B 179 -31.44 6.95 -77.09
N GLY B 180 -30.92 6.86 -78.31
CA GLY B 180 -30.79 5.57 -79.00
C GLY B 180 -29.36 5.05 -79.14
N VAL B 181 -28.46 5.56 -78.31
CA VAL B 181 -27.05 5.23 -78.39
C VAL B 181 -26.71 4.08 -77.44
N ILE B 182 -26.60 2.87 -77.98
CA ILE B 182 -26.43 1.68 -77.16
C ILE B 182 -25.00 1.51 -76.63
N LYS B 183 -24.89 1.05 -75.39
CA LYS B 183 -23.61 0.74 -74.75
C LYS B 183 -23.80 -0.39 -73.73
N MET B 184 -22.70 -0.80 -73.10
CA MET B 184 -22.75 -1.79 -72.03
C MET B 184 -22.90 -1.13 -70.69
N GLY B 185 -23.87 -1.60 -69.92
CA GLY B 185 -23.98 -1.19 -68.51
C GLY B 185 -22.96 -1.93 -67.66
N ARG B 186 -22.48 -1.28 -66.60
CA ARG B 186 -21.52 -1.91 -65.73
C ARG B 186 -22.00 -1.89 -64.28
N THR B 187 -21.85 -3.01 -63.60
CA THR B 187 -22.08 -3.06 -62.16
C THR B 187 -20.80 -3.62 -61.51
N HIS B 188 -20.32 -2.97 -60.45
CA HIS B 188 -19.03 -3.29 -59.84
C HIS B 188 -17.84 -2.97 -60.78
N LEU B 189 -18.13 -2.22 -61.84
CA LEU B 189 -17.20 -1.99 -62.97
C LEU B 189 -17.00 -3.23 -63.84
N GLN B 190 -17.71 -4.31 -63.53
CA GLN B 190 -17.77 -5.50 -64.39
C GLN B 190 -18.85 -5.31 -65.47
N ASP B 191 -18.61 -5.81 -66.68
CA ASP B 191 -19.63 -5.83 -67.73
C ASP B 191 -20.92 -6.44 -67.20
N ALA B 192 -22.04 -5.78 -67.46
CA ALA B 192 -23.35 -6.32 -67.10
C ALA B 192 -24.19 -6.53 -68.38
N VAL B 193 -25.29 -5.79 -68.50
CA VAL B 193 -26.21 -5.88 -69.65
C VAL B 193 -26.33 -4.54 -70.39
N PRO B 194 -26.87 -4.54 -71.63
CA PRO B 194 -26.93 -3.27 -72.34
C PRO B 194 -27.74 -2.18 -71.66
N ILE B 195 -27.31 -0.94 -71.85
CA ILE B 195 -28.03 0.22 -71.38
C ILE B 195 -27.94 1.30 -72.48
N LEU B 196 -28.88 2.23 -72.53
CA LEU B 196 -28.75 3.37 -73.44
C LEU B 196 -27.95 4.46 -72.75
N LEU B 197 -27.06 5.11 -73.50
CA LEU B 197 -26.29 6.20 -72.95
C LEU B 197 -27.22 7.28 -72.41
N GLY B 198 -28.31 7.52 -73.13
CA GLY B 198 -29.28 8.54 -72.74
C GLY B 198 -30.07 8.18 -71.50
N GLN B 199 -30.21 6.89 -71.23
CA GLN B 199 -30.83 6.43 -70.00
C GLN B 199 -29.95 6.81 -68.82
N GLU B 200 -28.62 6.74 -69.01
CA GLU B 200 -27.66 7.23 -68.00
C GLU B 200 -27.78 8.73 -67.85
N PHE B 201 -27.69 9.49 -68.94
CA PHE B 201 -27.84 10.93 -68.85
C PHE B 201 -29.17 11.35 -68.24
N GLU B 202 -30.25 10.62 -68.54
CA GLU B 202 -31.55 10.98 -67.96
C GLU B 202 -31.50 10.79 -66.46
N ALA B 203 -30.91 9.68 -66.01
CA ALA B 203 -30.64 9.45 -64.60
C ALA B 203 -29.82 10.59 -63.95
N TYR B 204 -28.98 11.26 -64.74
CA TYR B 204 -28.24 12.40 -64.22
C TYR B 204 -29.18 13.59 -64.08
N ALA B 205 -30.03 13.79 -65.09
CA ALA B 205 -30.97 14.89 -65.08
C ALA B 205 -31.97 14.80 -63.93
N ARG B 206 -32.35 13.58 -63.56
CA ARG B 206 -33.45 13.39 -62.61
C ARG B 206 -32.99 13.56 -61.17
N VAL B 207 -31.73 13.18 -60.91
CA VAL B 207 -31.15 13.39 -59.58
C VAL B 207 -30.89 14.88 -59.33
N ILE B 208 -30.47 15.60 -60.37
CA ILE B 208 -30.34 17.06 -60.27
C ILE B 208 -31.69 17.73 -60.01
N ALA B 209 -32.76 17.19 -60.61
CA ALA B 209 -34.07 17.80 -60.46
C ALA B 209 -34.53 17.66 -59.01
N ARG B 210 -34.19 16.53 -58.39
CA ARG B 210 -34.47 16.32 -56.97
C ARG B 210 -33.60 17.25 -56.10
N ASP B 211 -32.40 17.54 -56.60
CA ASP B 211 -31.50 18.45 -55.91
C ASP B 211 -32.10 19.84 -55.94
N ILE B 212 -32.67 20.21 -57.07
CA ILE B 212 -33.30 21.51 -57.19
C ILE B 212 -34.42 21.63 -56.17
N GLU B 213 -35.26 20.61 -56.07
CA GLU B 213 -36.37 20.61 -55.17
C GLU B 213 -35.91 20.79 -53.71
N ARG B 214 -34.93 20.01 -53.30
CA ARG B 214 -34.37 20.10 -51.94
C ARG B 214 -33.87 21.50 -51.61
N ILE B 215 -33.00 22.01 -52.47
CA ILE B 215 -32.38 23.31 -52.28
C ILE B 215 -33.45 24.41 -52.18
N ALA B 216 -34.38 24.37 -53.12
CA ALA B 216 -35.47 25.31 -53.16
C ALA B 216 -36.33 25.22 -51.89
N ASN B 217 -36.57 24.00 -51.40
CA ASN B 217 -37.36 23.83 -50.17
C ASN B 217 -36.70 24.40 -48.92
N THR B 218 -35.37 24.60 -48.94
CA THR B 218 -34.66 25.13 -47.75
C THR B 218 -34.92 26.63 -47.54
N ARG B 219 -35.52 27.27 -48.54
CA ARG B 219 -35.79 28.69 -48.48
C ARG B 219 -36.87 29.05 -47.46
N ASN B 220 -37.84 28.15 -47.28
CA ASN B 220 -39.00 28.48 -46.47
C ASN B 220 -38.61 28.94 -45.07
N ASN B 221 -37.80 28.14 -44.38
CA ASN B 221 -37.32 28.52 -43.05
C ASN B 221 -36.49 29.80 -42.99
N LEU B 222 -35.80 30.15 -44.08
CA LEU B 222 -35.05 31.39 -44.13
C LEU B 222 -35.93 32.62 -44.26
N TYR B 223 -37.20 32.45 -44.63
CA TYR B 223 -38.13 33.58 -44.78
C TYR B 223 -38.53 34.20 -43.45
N ASP B 224 -38.45 33.39 -42.38
CA ASP B 224 -38.73 33.82 -41.03
C ASP B 224 -37.53 34.53 -40.49
N ILE B 225 -37.67 35.83 -40.29
CA ILE B 225 -36.57 36.67 -39.81
C ILE B 225 -36.83 37.11 -38.38
N ASN B 226 -35.82 37.60 -37.69
CA ASN B 226 -35.97 37.96 -36.28
C ASN B 226 -35.91 39.47 -35.98
N MET B 227 -36.02 40.29 -37.03
CA MET B 227 -35.95 41.73 -36.87
C MET B 227 -36.89 42.25 -35.79
N GLY B 228 -36.33 42.94 -34.80
CA GLY B 228 -37.09 43.45 -33.66
C GLY B 228 -36.80 42.65 -32.38
N ALA B 229 -35.83 41.76 -32.45
CA ALA B 229 -35.52 40.86 -31.35
C ALA B 229 -34.66 41.52 -30.26
N THR B 230 -34.13 42.71 -30.54
CA THR B 230 -33.07 43.28 -29.73
C THR B 230 -32.02 42.18 -29.43
N ALA B 231 -31.48 42.15 -28.22
CA ALA B 231 -30.29 41.34 -27.94
C ALA B 231 -30.54 39.84 -27.82
N VAL B 232 -31.77 39.45 -27.49
CA VAL B 232 -32.04 38.11 -27.01
C VAL B 232 -33.34 37.52 -27.58
N GLY B 233 -34.10 38.35 -28.27
CA GLY B 233 -35.37 37.93 -28.85
C GLY B 233 -36.59 38.39 -28.07
N THR B 234 -36.36 39.06 -26.95
CA THR B 234 -37.46 39.56 -26.13
C THR B 234 -38.03 40.89 -26.65
N GLY B 235 -37.37 41.47 -27.64
CA GLY B 235 -37.77 42.80 -28.12
C GLY B 235 -37.86 43.84 -27.02
N LEU B 236 -36.89 43.84 -26.11
CA LEU B 236 -36.88 44.75 -24.97
C LEU B 236 -36.82 46.22 -25.42
N ASN B 237 -37.89 46.96 -25.09
CA ASN B 237 -38.13 48.36 -25.51
C ASN B 237 -38.62 48.52 -26.95
N ALA B 238 -38.20 47.60 -27.84
CA ALA B 238 -38.61 47.60 -29.25
C ALA B 238 -40.13 47.74 -29.37
N ASP B 239 -40.57 48.58 -30.32
CA ASP B 239 -41.98 48.93 -30.45
C ASP B 239 -42.68 48.07 -31.53
N PRO B 240 -43.80 47.41 -31.17
CA PRO B 240 -44.55 46.54 -32.09
C PRO B 240 -44.87 47.17 -33.46
N GLU B 241 -45.15 48.47 -33.49
CA GLU B 241 -45.31 49.18 -34.75
C GLU B 241 -44.05 49.15 -35.63
N TYR B 242 -42.89 49.34 -35.01
CA TYR B 242 -41.60 49.32 -35.73
C TYR B 242 -41.31 47.96 -36.38
N ILE B 243 -41.49 46.90 -35.59
CA ILE B 243 -41.25 45.52 -36.05
C ILE B 243 -42.11 45.23 -37.28
N SER B 244 -43.39 45.55 -37.18
CA SER B 244 -44.33 45.34 -38.25
C SER B 244 -43.93 46.11 -39.53
N ILE B 245 -43.51 47.37 -39.38
CA ILE B 245 -43.14 48.21 -40.53
C ILE B 245 -41.82 47.76 -41.14
N VAL B 246 -40.81 47.54 -40.29
CA VAL B 246 -39.50 47.15 -40.80
C VAL B 246 -39.56 45.80 -41.54
N THR B 247 -40.32 44.84 -40.98
CA THR B 247 -40.53 43.54 -41.65
C THR B 247 -41.11 43.76 -43.04
N GLU B 248 -42.09 44.66 -43.14
CA GLU B 248 -42.69 44.97 -44.42
C GLU B 248 -41.73 45.61 -45.43
N HIS B 249 -40.85 46.51 -44.97
CA HIS B 249 -39.85 47.11 -45.88
C HIS B 249 -38.84 46.07 -46.38
N LEU B 250 -38.39 45.20 -45.48
CA LEU B 250 -37.37 44.21 -45.80
C LEU B 250 -37.78 43.29 -46.94
N ALA B 251 -39.05 42.85 -46.91
CA ALA B 251 -39.63 42.02 -47.96
C ALA B 251 -39.73 42.73 -49.31
N LYS B 252 -40.14 44.00 -49.30
CA LYS B 252 -40.31 44.77 -50.53
C LYS B 252 -38.97 45.02 -51.21
N PHE B 253 -37.99 45.49 -50.44
CA PHE B 253 -36.69 45.79 -51.01
C PHE B 253 -35.85 44.55 -51.27
N SER B 254 -36.07 43.49 -50.50
CA SER B 254 -35.35 42.24 -50.73
C SER B 254 -35.93 41.41 -51.90
N GLY B 255 -37.24 41.46 -52.08
CA GLY B 255 -37.89 40.72 -53.16
C GLY B 255 -38.29 39.32 -52.71
N HIS B 256 -38.06 39.03 -51.44
CA HIS B 256 -38.39 37.74 -50.87
C HIS B 256 -39.64 37.86 -49.98
N PRO B 257 -40.43 36.79 -49.87
CA PRO B 257 -41.63 36.83 -49.03
C PRO B 257 -41.34 36.65 -47.54
N LEU B 258 -40.65 37.63 -46.95
CA LEU B 258 -40.19 37.53 -45.57
C LEU B 258 -41.32 37.65 -44.53
N ARG B 259 -41.13 36.97 -43.39
CA ARG B 259 -42.12 36.96 -42.30
C ARG B 259 -41.43 37.21 -40.96
N SER B 260 -42.09 37.91 -40.06
CA SER B 260 -41.58 38.05 -38.70
C SER B 260 -41.73 36.68 -38.04
N ALA B 261 -40.71 36.18 -37.36
CA ALA B 261 -40.80 34.87 -36.71
C ALA B 261 -41.87 34.87 -35.63
N GLN B 262 -42.46 33.72 -35.35
CA GLN B 262 -43.52 33.63 -34.35
C GLN B 262 -42.97 33.67 -32.93
N HIS B 263 -41.77 33.14 -32.74
CA HIS B 263 -41.11 33.14 -31.45
C HIS B 263 -39.72 33.73 -31.64
N LEU B 264 -39.56 34.99 -31.24
CA LEU B 264 -38.33 35.71 -31.55
C LEU B 264 -37.15 35.18 -30.77
N VAL B 265 -37.40 34.62 -29.59
CA VAL B 265 -36.31 33.97 -28.87
C VAL B 265 -35.78 32.78 -29.70
N ASP B 266 -36.68 31.90 -30.16
CA ASP B 266 -36.32 30.76 -31.01
C ASP B 266 -35.47 31.20 -32.20
N ALA B 267 -35.94 32.21 -32.93
CA ALA B 267 -35.26 32.68 -34.15
C ALA B 267 -33.92 33.34 -33.86
N THR B 268 -33.74 33.80 -32.62
CA THR B 268 -32.53 34.50 -32.27
C THR B 268 -31.42 33.51 -31.88
N GLN B 269 -31.78 32.40 -31.25
CA GLN B 269 -30.76 31.50 -30.70
C GLN B 269 -30.58 30.20 -31.47
N ASN B 270 -31.54 29.86 -32.33
CA ASN B 270 -31.43 28.64 -33.14
C ASN B 270 -30.83 28.84 -34.54
N THR B 271 -30.09 27.84 -35.01
CA THR B 271 -29.35 27.98 -36.27
C THR B 271 -29.65 26.90 -37.31
N ASP B 272 -30.72 26.13 -37.06
CA ASP B 272 -31.10 24.99 -37.91
C ASP B 272 -31.35 25.37 -39.37
N CYS B 273 -31.79 26.60 -39.61
CA CYS B 273 -32.15 26.98 -40.96
C CYS B 273 -30.92 27.08 -41.86
N TYR B 274 -29.74 27.32 -41.27
CA TYR B 274 -28.52 27.37 -42.09
C TYR B 274 -27.92 25.99 -42.40
N THR B 275 -27.97 25.09 -41.44
CA THR B 275 -27.49 23.73 -41.65
C THR B 275 -28.41 22.98 -42.61
N GLU B 276 -29.72 23.28 -42.51
CA GLU B 276 -30.69 22.77 -43.47
C GLU B 276 -30.22 23.09 -44.88
N VAL B 277 -29.82 24.34 -45.12
CA VAL B 277 -29.37 24.77 -46.44
C VAL B 277 -28.10 24.03 -46.82
N SER B 278 -27.09 24.13 -45.96
CA SER B 278 -25.81 23.45 -46.16
C SER B 278 -26.01 22.00 -46.58
N SER B 279 -26.83 21.26 -45.82
CA SER B 279 -27.14 19.85 -46.08
C SER B 279 -27.66 19.62 -47.50
N ALA B 280 -28.60 20.45 -47.93
CA ALA B 280 -29.13 20.36 -49.29
C ALA B 280 -28.02 20.63 -50.31
N LEU B 281 -27.11 21.54 -49.98
CA LEU B 281 -26.01 21.83 -50.89
C LEU B 281 -25.06 20.64 -50.97
N LYS B 282 -24.88 19.94 -49.85
CA LYS B 282 -23.96 18.82 -49.78
C LYS B 282 -24.48 17.63 -50.58
N VAL B 283 -25.75 17.30 -50.39
CA VAL B 283 -26.37 16.18 -51.08
C VAL B 283 -26.23 16.36 -52.58
N CYS B 284 -26.44 17.59 -53.02
CA CYS B 284 -26.32 17.95 -54.43
C CYS B 284 -24.93 17.66 -54.96
N MET B 285 -23.90 18.18 -54.31
CA MET B 285 -22.53 17.97 -54.76
C MET B 285 -22.11 16.50 -54.66
N ILE B 286 -22.69 15.75 -53.70
CA ILE B 286 -22.51 14.29 -53.75
C ILE B 286 -22.92 13.75 -55.12
N ASN B 287 -24.13 14.06 -55.56
CA ASN B 287 -24.59 13.62 -56.87
C ASN B 287 -23.73 14.15 -58.01
N MET B 288 -23.49 15.47 -58.01
CA MET B 288 -22.61 16.10 -59.00
C MET B 288 -21.21 15.46 -59.11
N SER B 289 -20.62 15.11 -57.96
CA SER B 289 -19.30 14.46 -57.93
C SER B 289 -19.31 13.10 -58.62
N LYS B 290 -20.34 12.32 -58.31
CA LYS B 290 -20.52 10.99 -58.90
C LYS B 290 -20.65 11.13 -60.40
N ILE B 291 -21.50 12.04 -60.86
CA ILE B 291 -21.68 12.24 -62.30
C ILE B 291 -20.34 12.59 -62.98
N ALA B 292 -19.59 13.49 -62.34
CA ALA B 292 -18.26 13.86 -62.78
C ALA B 292 -17.35 12.63 -62.85
N ASN B 293 -17.38 11.80 -61.81
CA ASN B 293 -16.59 10.57 -61.79
C ASN B 293 -16.91 9.65 -62.96
N ASP B 294 -18.21 9.50 -63.24
CA ASP B 294 -18.65 8.70 -64.40
C ASP B 294 -18.18 9.33 -65.70
N LEU B 295 -18.25 10.66 -65.79
CA LEU B 295 -17.82 11.38 -66.99
C LEU B 295 -16.35 11.17 -67.28
N ARG B 296 -15.52 11.22 -66.24
CA ARG B 296 -14.08 11.10 -66.43
C ARG B 296 -13.67 9.68 -66.85
N LEU B 297 -14.42 8.68 -66.37
CA LEU B 297 -14.28 7.29 -66.82
C LEU B 297 -14.74 7.16 -68.27
N MET B 298 -15.94 7.66 -68.56
CA MET B 298 -16.47 7.63 -69.93
C MET B 298 -15.53 8.28 -70.95
N ALA B 299 -14.82 9.32 -70.51
CA ALA B 299 -13.88 10.04 -71.35
C ALA B 299 -12.50 9.36 -71.44
N SER B 300 -12.22 8.44 -70.49
CA SER B 300 -10.91 7.75 -70.44
C SER B 300 -10.48 7.18 -71.78
N GLY B 301 -9.17 7.12 -72.00
CA GLY B 301 -8.62 6.67 -73.26
C GLY B 301 -7.45 7.51 -73.70
N PRO B 302 -7.23 7.61 -75.03
CA PRO B 302 -8.15 7.17 -76.08
C PRO B 302 -8.00 5.71 -76.51
N ARG B 303 -6.92 5.05 -76.12
CA ARG B 303 -6.72 3.66 -76.54
C ARG B 303 -6.71 2.62 -75.43
N ALA B 304 -6.53 3.07 -74.19
CA ALA B 304 -6.48 2.16 -73.04
C ALA B 304 -7.51 2.55 -71.95
N GLY B 305 -8.60 3.20 -72.37
CA GLY B 305 -9.64 3.63 -71.45
C GLY B 305 -10.96 3.05 -71.90
N LEU B 306 -12.04 3.77 -71.63
CA LEU B 306 -13.36 3.28 -72.01
C LEU B 306 -13.87 3.93 -73.30
N SER B 307 -13.36 5.13 -73.59
CA SER B 307 -13.69 5.86 -74.82
C SER B 307 -15.15 5.76 -75.21
N GLU B 308 -16.04 6.07 -74.26
CA GLU B 308 -17.47 6.08 -74.54
C GLU B 308 -17.93 7.45 -75.04
N ILE B 309 -17.31 8.51 -74.52
CA ILE B 309 -17.69 9.89 -74.88
C ILE B 309 -16.47 10.81 -75.09
N VAL B 310 -16.72 11.94 -75.75
CA VAL B 310 -15.69 12.94 -76.04
C VAL B 310 -16.10 14.27 -75.39
N LEU B 311 -15.20 14.85 -74.62
CA LEU B 311 -15.44 16.17 -74.00
C LEU B 311 -14.78 17.31 -74.77
N PRO B 312 -15.44 18.48 -74.83
CA PRO B 312 -14.77 19.59 -75.49
C PRO B 312 -13.42 19.85 -74.83
N ALA B 313 -12.37 19.90 -75.64
CA ALA B 313 -11.03 20.20 -75.17
C ALA B 313 -11.01 21.59 -74.58
N ARG B 314 -10.47 21.72 -73.37
CA ARG B 314 -10.40 23.02 -72.68
C ARG B 314 -8.99 23.33 -72.19
N GLN B 315 -8.02 22.68 -72.81
CA GLN B 315 -6.66 22.64 -72.32
C GLN B 315 -5.80 22.35 -73.54
N PRO B 316 -4.76 23.17 -73.77
CA PRO B 316 -3.95 22.84 -74.94
C PRO B 316 -3.08 21.63 -74.64
N GLY B 317 -3.19 20.59 -75.46
CA GLY B 317 -2.32 19.42 -75.36
C GLY B 317 -1.10 19.58 -76.26
N SER B 318 -0.02 18.88 -75.94
CA SER B 318 1.19 18.91 -76.78
C SER B 318 0.97 18.15 -78.08
N SER B 319 1.73 18.52 -79.12
CA SER B 319 1.69 17.83 -80.42
C SER B 319 2.32 16.43 -80.34
N ILE B 320 3.05 16.18 -79.25
CA ILE B 320 3.62 14.85 -78.95
C ILE B 320 2.54 13.87 -78.41
N MET B 321 1.54 14.40 -77.71
CA MET B 321 0.43 13.59 -77.21
C MET B 321 -0.91 14.06 -77.79
N PRO B 322 -1.11 13.87 -79.11
CA PRO B 322 -2.44 14.14 -79.63
C PRO B 322 -3.38 13.06 -79.12
N GLY B 323 -4.64 13.40 -78.95
CA GLY B 323 -5.63 12.44 -78.44
C GLY B 323 -5.72 12.32 -76.93
N LYS B 324 -4.72 12.83 -76.21
CA LYS B 324 -4.77 12.96 -74.74
C LYS B 324 -5.48 14.28 -74.38
N VAL B 325 -6.66 14.15 -73.76
CA VAL B 325 -7.59 15.26 -73.56
C VAL B 325 -8.14 15.23 -72.14
N ASN B 326 -7.40 15.81 -71.22
CA ASN B 326 -7.77 15.77 -69.80
C ASN B 326 -9.10 16.44 -69.47
N PRO B 327 -10.01 15.72 -68.79
CA PRO B 327 -11.35 16.20 -68.42
C PRO B 327 -11.32 17.26 -67.29
N VAL B 328 -10.74 18.40 -67.60
CA VAL B 328 -10.53 19.45 -66.63
C VAL B 328 -11.84 19.99 -66.03
N MET B 329 -12.93 19.95 -66.81
CA MET B 329 -14.20 20.48 -66.33
C MET B 329 -14.87 19.60 -65.27
N PRO B 330 -15.03 18.29 -65.53
CA PRO B 330 -15.55 17.43 -64.48
C PRO B 330 -14.63 17.40 -63.24
N GLU B 331 -13.32 17.48 -63.46
CA GLU B 331 -12.35 17.51 -62.37
C GLU B 331 -12.59 18.66 -61.40
N VAL B 332 -12.94 19.83 -61.93
CA VAL B 332 -13.16 20.96 -61.04
C VAL B 332 -14.51 20.78 -60.29
N MET B 333 -15.47 20.16 -60.95
CA MET B 333 -16.73 19.85 -60.30
C MET B 333 -16.44 18.99 -59.07
N ASN B 334 -15.53 18.02 -59.21
CA ASN B 334 -15.20 17.09 -58.12
C ASN B 334 -14.57 17.84 -56.97
N GLN B 335 -13.72 18.80 -57.30
CA GLN B 335 -13.00 19.52 -56.27
C GLN B 335 -13.94 20.48 -55.58
N VAL B 336 -14.89 21.03 -56.32
CA VAL B 336 -15.92 21.86 -55.69
C VAL B 336 -16.78 21.01 -54.75
N ALA B 337 -17.11 19.79 -55.17
CA ALA B 337 -17.78 18.83 -54.30
C ALA B 337 -17.01 18.61 -52.99
N PHE B 338 -15.69 18.44 -53.07
CA PHE B 338 -14.93 18.22 -51.83
C PHE B 338 -14.92 19.46 -50.96
N GLN B 339 -14.83 20.63 -51.59
CA GLN B 339 -14.89 21.89 -50.87
C GLN B 339 -16.19 22.00 -50.08
N VAL B 340 -17.31 21.75 -50.77
CA VAL B 340 -18.64 21.83 -50.14
C VAL B 340 -18.77 20.83 -48.97
N PHE B 341 -18.29 19.61 -49.14
CA PHE B 341 -18.27 18.64 -48.04
C PHE B 341 -17.59 19.22 -46.78
N GLY B 342 -16.40 19.79 -46.97
CA GLY B 342 -15.65 20.43 -45.89
C GLY B 342 -16.41 21.58 -45.26
N ASN B 343 -16.90 22.50 -46.09
CA ASN B 343 -17.74 23.58 -45.62
C ASN B 343 -18.93 23.12 -44.77
N ASP B 344 -19.59 22.03 -45.17
CA ASP B 344 -20.70 21.49 -44.38
C ASP B 344 -20.26 21.04 -42.96
N LEU B 345 -19.06 20.48 -42.84
CA LEU B 345 -18.57 20.08 -41.52
C LEU B 345 -18.30 21.33 -40.68
N THR B 346 -17.54 22.30 -41.23
CA THR B 346 -17.36 23.60 -40.55
C THR B 346 -18.71 24.12 -40.06
N ILE B 347 -19.70 24.10 -40.94
CA ILE B 347 -21.05 24.52 -40.63
C ILE B 347 -21.70 23.69 -39.51
N THR B 348 -21.63 22.36 -39.58
CA THR B 348 -22.12 21.53 -38.49
C THR B 348 -21.46 21.90 -37.16
N SER B 349 -20.15 22.07 -37.17
CA SER B 349 -19.40 22.36 -35.96
C SER B 349 -19.78 23.73 -35.39
N ALA B 350 -19.94 24.72 -36.24
CA ALA B 350 -20.26 26.08 -35.79
C ALA B 350 -21.68 26.16 -35.24
N SER B 351 -22.60 25.47 -35.89
CA SER B 351 -23.98 25.50 -35.45
C SER B 351 -24.13 24.82 -34.11
N GLU B 352 -23.32 23.78 -33.87
CA GLU B 352 -23.43 22.99 -32.65
C GLU B 352 -22.99 23.79 -31.41
N ALA B 353 -22.04 24.70 -31.61
CA ALA B 353 -21.43 25.47 -30.53
C ALA B 353 -22.26 26.66 -29.96
N GLY B 354 -23.53 26.76 -30.36
CA GLY B 354 -24.43 27.78 -29.83
C GLY B 354 -24.56 27.66 -28.32
N GLN B 355 -24.69 28.78 -27.63
CA GLN B 355 -24.85 28.71 -26.18
C GLN B 355 -25.91 29.69 -25.73
N PHE B 356 -26.91 29.18 -25.02
CA PHE B 356 -27.97 30.03 -24.53
C PHE B 356 -28.57 30.88 -25.65
N GLU B 357 -28.52 32.20 -25.52
CA GLU B 357 -29.41 33.06 -26.30
C GLU B 357 -28.83 33.45 -27.66
N LEU B 358 -27.54 33.15 -27.87
CA LEU B 358 -26.84 33.48 -29.11
C LEU B 358 -25.84 32.40 -29.51
N ASN B 359 -25.75 32.12 -30.81
CA ASN B 359 -24.65 31.33 -31.34
C ASN B 359 -23.62 32.28 -31.89
N VAL B 360 -22.49 32.43 -31.18
CA VAL B 360 -21.48 33.41 -31.57
C VAL B 360 -20.55 32.92 -32.70
N MET B 361 -20.81 31.74 -33.24
CA MET B 361 -19.93 31.17 -34.26
C MET B 361 -20.47 31.38 -35.68
N GLU B 362 -21.52 32.20 -35.79
CA GLU B 362 -22.18 32.46 -37.06
C GLU B 362 -21.25 32.98 -38.17
N PRO B 363 -20.26 33.85 -37.83
CA PRO B 363 -19.41 34.38 -38.92
C PRO B 363 -18.70 33.34 -39.77
N VAL B 364 -18.03 32.37 -39.15
CA VAL B 364 -17.35 31.30 -39.93
C VAL B 364 -18.36 30.44 -40.68
N LEU B 365 -19.50 30.23 -40.04
CA LEU B 365 -20.62 29.49 -40.58
C LEU B 365 -21.12 30.16 -41.86
N PHE B 366 -21.50 31.44 -41.70
CA PHE B 366 -22.12 32.21 -42.76
C PHE B 366 -21.17 32.31 -43.94
N PHE B 367 -19.88 32.50 -43.62
CA PHE B 367 -18.83 32.56 -44.65
C PHE B 367 -18.77 31.28 -45.47
N ASN B 368 -18.98 30.12 -44.83
CA ASN B 368 -18.90 28.84 -45.53
C ASN B 368 -20.15 28.55 -46.29
N LEU B 369 -21.27 29.06 -45.79
CA LEU B 369 -22.56 28.85 -46.45
C LEU B 369 -22.63 29.69 -47.75
N ILE B 370 -22.28 30.97 -47.65
CA ILE B 370 -22.14 31.83 -48.84
C ILE B 370 -21.06 31.28 -49.79
N GLN B 371 -19.94 30.78 -49.26
CA GLN B 371 -18.94 30.19 -50.14
C GLN B 371 -19.48 28.98 -50.92
N SER B 372 -20.18 28.07 -50.23
CA SER B 372 -20.76 26.92 -50.91
C SER B 372 -21.71 27.30 -52.04
N ILE B 373 -22.61 28.26 -51.81
CA ILE B 373 -23.63 28.60 -52.80
C ILE B 373 -22.95 29.19 -54.03
N SER B 374 -22.13 30.20 -53.76
CA SER B 374 -21.39 30.91 -54.77
C SER B 374 -20.55 30.00 -55.66
N ILE B 375 -19.77 29.12 -55.06
CA ILE B 375 -18.85 28.29 -55.86
C ILE B 375 -19.58 27.21 -56.61
N MET B 376 -20.76 26.82 -56.13
CA MET B 376 -21.60 25.91 -56.89
C MET B 376 -22.21 26.62 -58.08
N THR B 377 -22.75 27.83 -57.89
CA THR B 377 -23.26 28.63 -58.99
C THR B 377 -22.20 28.72 -60.07
N ASN B 378 -20.98 29.06 -59.65
CA ASN B 378 -19.91 29.32 -60.57
C ASN B 378 -19.47 28.10 -61.37
N VAL B 379 -19.28 26.94 -60.73
CA VAL B 379 -18.87 25.74 -61.49
C VAL B 379 -19.98 25.23 -62.36
N PHE B 380 -21.21 25.29 -61.86
CA PHE B 380 -22.33 24.79 -62.62
C PHE B 380 -22.35 25.53 -63.95
N LYS B 381 -22.33 26.86 -63.89
CA LYS B 381 -22.35 27.69 -65.09
C LYS B 381 -21.21 27.33 -66.04
N SER B 382 -20.00 27.24 -65.51
CA SER B 382 -18.82 27.03 -66.33
C SER B 382 -18.86 25.64 -66.94
N PHE B 383 -19.12 24.65 -66.10
CA PHE B 383 -19.21 23.27 -66.53
C PHE B 383 -20.20 23.10 -67.69
N THR B 384 -21.41 23.63 -67.56
CA THR B 384 -22.38 23.44 -68.65
C THR B 384 -21.88 24.13 -69.91
N GLU B 385 -21.38 25.35 -69.76
CA GLU B 385 -20.94 26.14 -70.88
C GLU B 385 -19.67 25.61 -71.57
N ASN B 386 -18.75 25.08 -70.78
CA ASN B 386 -17.45 24.66 -71.31
C ASN B 386 -17.26 23.15 -71.36
N CYS B 387 -18.34 22.39 -71.20
CA CYS B 387 -18.26 20.94 -71.25
C CYS B 387 -19.57 20.25 -71.60
N LEU B 388 -20.62 20.52 -70.84
CA LEU B 388 -21.85 19.74 -70.95
C LEU B 388 -22.49 19.88 -72.32
N LYS B 389 -22.64 21.11 -72.80
CA LYS B 389 -23.28 21.37 -74.09
C LYS B 389 -22.59 20.67 -75.28
N GLY B 390 -21.27 20.52 -75.22
CA GLY B 390 -20.50 19.96 -76.33
C GLY B 390 -20.14 18.47 -76.33
N ILE B 391 -20.61 17.70 -75.34
CA ILE B 391 -20.28 16.26 -75.21
C ILE B 391 -20.79 15.48 -76.41
N LYS B 392 -19.92 14.69 -77.02
CA LYS B 392 -20.30 13.83 -78.14
C LYS B 392 -20.17 12.36 -77.78
N ALA B 393 -20.97 11.50 -78.41
CA ALA B 393 -20.93 10.06 -78.16
C ALA B 393 -20.09 9.28 -79.17
N ASN B 394 -19.21 8.41 -78.69
CA ASN B 394 -18.55 7.46 -79.58
C ASN B 394 -19.47 6.30 -79.89
N GLU B 395 -20.39 6.50 -80.82
CA GLU B 395 -21.41 5.51 -81.14
C GLU B 395 -20.81 4.18 -81.58
N GLU B 396 -19.88 4.24 -82.54
CA GLU B 396 -19.22 3.07 -83.10
C GLU B 396 -18.53 2.20 -82.05
N ARG B 397 -17.66 2.83 -81.26
CA ARG B 397 -16.89 2.14 -80.24
C ARG B 397 -17.77 1.45 -79.18
N MET B 398 -18.91 2.07 -78.87
CA MET B 398 -19.86 1.53 -77.89
C MET B 398 -20.70 0.39 -78.44
N LYS B 399 -21.08 0.49 -79.71
CA LYS B 399 -21.77 -0.59 -80.41
C LYS B 399 -20.87 -1.82 -80.41
N GLU B 400 -19.61 -1.61 -80.77
CA GLU B 400 -18.62 -2.69 -80.78
C GLU B 400 -18.53 -3.36 -79.41
N TYR B 401 -18.51 -2.56 -78.33
CA TYR B 401 -18.51 -3.09 -76.95
C TYR B 401 -19.71 -4.00 -76.69
N VAL B 402 -20.86 -3.62 -77.24
CA VAL B 402 -22.09 -4.40 -77.08
C VAL B 402 -22.01 -5.75 -77.80
N GLU B 403 -21.57 -5.72 -79.06
CA GLU B 403 -21.47 -6.94 -79.88
C GLU B 403 -20.48 -7.95 -79.33
N LYS B 404 -19.39 -7.46 -78.73
CA LYS B 404 -18.32 -8.32 -78.18
C LYS B 404 -18.53 -8.68 -76.71
N SER B 405 -19.71 -8.36 -76.18
CA SER B 405 -20.00 -8.59 -74.77
C SER B 405 -20.58 -9.97 -74.50
N ILE B 406 -20.52 -10.38 -73.24
CA ILE B 406 -21.14 -11.63 -72.83
C ILE B 406 -22.61 -11.38 -72.46
N GLY B 407 -22.89 -10.18 -71.96
CA GLY B 407 -24.21 -9.83 -71.45
C GLY B 407 -25.37 -9.84 -72.44
N ILE B 408 -25.08 -9.83 -73.74
CA ILE B 408 -26.17 -9.90 -74.71
C ILE B 408 -26.88 -11.25 -74.66
N ILE B 409 -26.21 -12.26 -74.11
CA ILE B 409 -26.80 -13.59 -73.91
C ILE B 409 -28.06 -13.56 -73.01
N THR B 410 -28.19 -12.51 -72.21
CA THR B 410 -29.38 -12.34 -71.38
C THR B 410 -30.62 -12.07 -72.24
N ALA B 411 -30.45 -11.33 -73.33
CA ALA B 411 -31.53 -11.11 -74.29
C ALA B 411 -31.81 -12.40 -75.07
N ILE B 412 -30.74 -13.01 -75.57
CA ILE B 412 -30.83 -14.22 -76.38
C ILE B 412 -31.45 -15.41 -75.62
N ASN B 413 -31.18 -15.48 -74.31
CA ASN B 413 -31.60 -16.60 -73.44
C ASN B 413 -33.02 -17.17 -73.68
N PRO B 414 -34.09 -16.40 -73.40
CA PRO B 414 -35.46 -16.91 -73.60
C PRO B 414 -35.75 -17.53 -74.98
N HIS B 415 -35.07 -17.07 -76.03
CA HIS B 415 -35.29 -17.59 -77.39
C HIS B 415 -34.55 -18.90 -77.66
N VAL B 416 -33.89 -19.44 -76.64
CA VAL B 416 -32.87 -20.44 -76.85
C VAL B 416 -32.86 -21.52 -75.75
N GLY B 417 -33.40 -21.20 -74.58
CA GLY B 417 -33.39 -22.12 -73.45
C GLY B 417 -32.12 -21.99 -72.63
N TYR B 418 -32.23 -22.20 -71.32
CA TYR B 418 -31.13 -21.89 -70.40
C TYR B 418 -29.80 -22.51 -70.79
N GLU B 419 -29.80 -23.83 -71.00
CA GLU B 419 -28.57 -24.58 -71.16
C GLU B 419 -27.79 -24.32 -72.46
N THR B 420 -28.48 -24.11 -73.56
CA THR B 420 -27.79 -23.72 -74.80
C THR B 420 -27.18 -22.33 -74.67
N ALA B 421 -27.91 -21.42 -74.03
CA ALA B 421 -27.42 -20.05 -73.80
C ALA B 421 -26.17 -20.04 -72.93
N ALA B 422 -26.21 -20.82 -71.85
CA ALA B 422 -25.06 -20.95 -70.96
C ALA B 422 -23.83 -21.41 -71.74
N LYS B 423 -23.96 -22.51 -72.48
CA LYS B 423 -22.86 -23.07 -73.26
C LYS B 423 -22.25 -22.05 -74.22
N LEU B 424 -23.10 -21.35 -74.97
CA LEU B 424 -22.66 -20.28 -75.84
C LEU B 424 -21.88 -19.22 -75.08
N ALA B 425 -22.45 -18.73 -73.97
CA ALA B 425 -21.80 -17.72 -73.14
C ALA B 425 -20.40 -18.09 -72.67
N ARG B 426 -20.26 -19.32 -72.16
CA ARG B 426 -18.99 -19.84 -71.68
C ARG B 426 -17.98 -19.96 -72.83
N GLU B 427 -18.44 -20.49 -73.97
CA GLU B 427 -17.58 -20.67 -75.13
C GLU B 427 -17.14 -19.32 -75.71
N ALA B 428 -18.06 -18.37 -75.77
CA ALA B 428 -17.73 -17.00 -76.19
C ALA B 428 -16.69 -16.36 -75.26
N TYR B 429 -16.87 -16.54 -73.95
CA TYR B 429 -15.94 -15.96 -72.98
C TYR B 429 -14.53 -16.52 -73.20
N LEU B 430 -14.41 -17.84 -73.14
CA LEU B 430 -13.12 -18.53 -73.23
C LEU B 430 -12.44 -18.44 -74.59
N THR B 431 -13.21 -18.41 -75.69
CA THR B 431 -12.59 -18.37 -77.02
C THR B 431 -12.32 -16.96 -77.52
N GLY B 432 -12.93 -15.97 -76.88
CA GLY B 432 -12.86 -14.58 -77.33
C GLY B 432 -13.62 -14.32 -78.62
N GLU B 433 -14.61 -15.14 -78.91
CA GLU B 433 -15.46 -14.96 -80.09
C GLU B 433 -16.80 -14.34 -79.73
N SER B 434 -17.40 -13.64 -80.68
CA SER B 434 -18.67 -12.94 -80.46
C SER B 434 -19.79 -13.94 -80.31
N ILE B 435 -20.75 -13.64 -79.43
CA ILE B 435 -21.92 -14.48 -79.25
C ILE B 435 -22.68 -14.66 -80.56
N ARG B 436 -22.79 -13.58 -81.32
CA ARG B 436 -23.41 -13.58 -82.65
C ARG B 436 -22.87 -14.67 -83.59
N GLU B 437 -21.53 -14.75 -83.70
CA GLU B 437 -20.88 -15.74 -84.57
C GLU B 437 -21.19 -17.16 -84.14
N LEU B 438 -21.07 -17.42 -82.84
CA LEU B 438 -21.34 -18.74 -82.29
C LEU B 438 -22.79 -19.17 -82.52
N CYS B 439 -23.71 -18.21 -82.44
CA CYS B 439 -25.12 -18.48 -82.74
C CYS B 439 -25.31 -19.04 -84.16
N ILE B 440 -24.71 -18.39 -85.16
CA ILE B 440 -24.82 -18.88 -86.55
C ILE B 440 -23.98 -20.14 -86.78
N LYS B 441 -22.71 -20.11 -86.37
CA LYS B 441 -21.79 -21.23 -86.55
C LYS B 441 -22.39 -22.56 -86.07
N TYR B 442 -23.17 -22.49 -84.99
CA TYR B 442 -23.86 -23.67 -84.48
C TYR B 442 -25.32 -23.74 -84.92
N GLY B 443 -25.79 -22.68 -85.59
CA GLY B 443 -27.15 -22.60 -86.13
C GLY B 443 -28.31 -22.57 -85.14
N VAL B 444 -28.15 -21.85 -84.03
CA VAL B 444 -29.21 -21.76 -83.02
C VAL B 444 -30.14 -20.55 -83.28
N LEU B 445 -29.65 -19.58 -84.03
CA LEU B 445 -30.43 -18.45 -84.53
C LEU B 445 -29.78 -17.96 -85.83
N THR B 446 -30.57 -17.36 -86.72
CA THR B 446 -30.04 -16.88 -87.99
C THR B 446 -29.58 -15.43 -87.87
N GLU B 447 -28.96 -14.90 -88.92
CA GLU B 447 -28.54 -13.49 -88.93
C GLU B 447 -29.75 -12.55 -88.67
N GLU B 448 -30.89 -12.86 -89.28
CA GLU B 448 -32.09 -11.99 -89.19
C GLU B 448 -32.78 -12.13 -87.84
N GLN B 449 -32.79 -13.34 -87.29
CA GLN B 449 -33.37 -13.60 -85.98
C GLN B 449 -32.65 -12.79 -84.90
N LEU B 450 -31.32 -12.73 -85.00
CA LEU B 450 -30.50 -12.01 -84.02
C LEU B 450 -30.69 -10.49 -84.09
N ASN B 451 -30.85 -9.97 -85.30
CA ASN B 451 -31.12 -8.54 -85.45
C ASN B 451 -32.47 -8.13 -84.84
N GLU B 452 -33.43 -9.06 -84.83
CA GLU B 452 -34.70 -8.82 -84.14
C GLU B 452 -34.50 -8.81 -82.63
N ILE B 453 -33.86 -9.86 -82.11
CA ILE B 453 -33.67 -10.04 -80.68
C ILE B 453 -32.78 -8.96 -80.05
N LEU B 454 -31.72 -8.57 -80.77
CA LEU B 454 -30.76 -7.59 -80.26
C LEU B 454 -31.12 -6.15 -80.61
N ASN B 455 -32.41 -5.84 -80.55
CA ASN B 455 -32.91 -4.51 -80.84
C ASN B 455 -32.60 -3.55 -79.69
N PRO B 456 -31.84 -2.46 -79.98
CA PRO B 456 -31.40 -1.51 -78.95
C PRO B 456 -32.47 -1.09 -77.94
N TYR B 457 -33.68 -0.81 -78.42
CA TYR B 457 -34.79 -0.42 -77.54
C TYR B 457 -35.38 -1.57 -76.69
N GLU B 458 -35.67 -2.71 -77.33
CA GLU B 458 -36.31 -3.86 -76.64
C GLU B 458 -35.41 -4.53 -75.59
N MET B 459 -34.12 -4.22 -75.66
CA MET B 459 -33.12 -4.74 -74.72
C MET B 459 -32.96 -3.89 -73.45
N ILE B 460 -33.40 -2.65 -73.51
CA ILE B 460 -33.12 -1.71 -72.45
C ILE B 460 -34.42 -1.22 -71.79
N HIS B 461 -35.48 -1.98 -72.03
CA HIS B 461 -36.80 -1.69 -71.50
C HIS B 461 -37.55 -2.98 -71.14
N PRO B 462 -38.44 -2.94 -70.14
CA PRO B 462 -39.16 -4.12 -69.69
C PRO B 462 -40.09 -4.70 -70.76
N GLY B 463 -40.41 -5.99 -70.65
CA GLY B 463 -41.32 -6.64 -71.59
C GLY B 463 -41.01 -8.11 -71.80
N ILE B 464 -42.06 -8.93 -71.82
CA ILE B 464 -41.95 -10.38 -72.07
C ILE B 464 -41.30 -10.62 -73.44
N ALA B 465 -40.46 -11.64 -73.50
CA ALA B 465 -39.68 -11.98 -74.70
C ALA B 465 -40.51 -12.03 -76.01
N GLY B 466 -41.42 -12.99 -76.13
CA GLY B 466 -42.23 -13.18 -77.36
C GLY B 466 -42.97 -11.92 -77.82
N VAL C 5 -2.37 47.12 -76.12
CA VAL C 5 -2.76 45.68 -76.14
C VAL C 5 -1.78 44.83 -76.97
N ARG C 6 -2.08 43.54 -77.07
CA ARG C 6 -1.25 42.55 -77.77
C ARG C 6 -2.14 41.35 -78.08
N ILE C 7 -1.80 40.59 -79.12
CA ILE C 7 -2.56 39.37 -79.45
C ILE C 7 -1.72 38.10 -79.35
N GLU C 8 -2.36 37.03 -78.90
CA GLU C 8 -1.76 35.69 -78.91
C GLU C 8 -2.79 34.69 -79.41
N LYS C 9 -2.34 33.76 -80.24
CA LYS C 9 -3.20 32.72 -80.80
C LYS C 9 -3.11 31.44 -79.98
N ASP C 10 -4.27 30.83 -79.75
CA ASP C 10 -4.40 29.58 -79.04
C ASP C 10 -5.22 28.63 -79.91
N PHE C 11 -5.28 27.36 -79.55
CA PHE C 11 -6.11 26.38 -80.27
C PHE C 11 -7.61 26.73 -80.20
N LEU C 12 -7.99 27.66 -79.31
CA LEU C 12 -9.38 28.07 -79.06
C LEU C 12 -9.76 29.42 -79.70
N GLY C 13 -8.80 30.00 -80.43
CA GLY C 13 -8.96 31.33 -81.02
C GLY C 13 -7.83 32.24 -80.60
N GLU C 14 -8.08 33.54 -80.65
CA GLU C 14 -7.09 34.52 -80.20
C GLU C 14 -7.58 35.35 -79.02
N LYS C 15 -6.62 35.90 -78.27
CA LYS C 15 -6.95 36.73 -77.12
C LYS C 15 -6.21 38.04 -77.13
N GLU C 16 -6.98 39.10 -76.88
CA GLU C 16 -6.45 40.42 -76.65
C GLU C 16 -5.92 40.48 -75.21
N ILE C 17 -4.60 40.68 -75.08
CA ILE C 17 -3.94 40.73 -73.78
C ILE C 17 -3.34 42.12 -73.55
N PRO C 18 -3.57 42.72 -72.36
CA PRO C 18 -2.93 44.00 -72.02
C PRO C 18 -1.40 43.95 -72.17
N LYS C 19 -0.81 45.04 -72.64
CA LYS C 19 0.65 45.12 -72.81
C LYS C 19 1.38 44.90 -71.49
N ASP C 20 0.88 45.56 -70.44
CA ASP C 20 1.43 45.47 -69.07
C ASP C 20 1.40 44.08 -68.44
N ALA C 21 0.68 43.14 -69.06
CA ALA C 21 0.57 41.77 -68.55
C ALA C 21 1.79 40.91 -68.87
N TYR C 22 2.09 40.00 -67.96
CA TYR C 22 3.17 39.04 -68.13
C TYR C 22 2.65 37.61 -68.30
N TYR C 23 1.35 37.42 -68.10
CA TYR C 23 0.70 36.15 -68.41
C TYR C 23 0.32 36.12 -69.89
N GLY C 24 -0.02 34.93 -70.39
CA GLY C 24 -0.38 34.72 -71.78
C GLY C 24 -1.70 33.98 -71.91
N VAL C 25 -1.95 33.42 -73.09
CA VAL C 25 -3.25 32.80 -73.40
C VAL C 25 -3.67 31.67 -72.46
N GLN C 26 -2.70 30.80 -72.14
CA GLN C 26 -2.94 29.68 -71.24
C GLN C 26 -3.54 30.13 -69.91
N THR C 27 -2.96 31.18 -69.34
CA THR C 27 -3.42 31.69 -68.06
C THR C 27 -4.82 32.27 -68.18
N ILE C 28 -5.04 33.06 -69.24
CA ILE C 28 -6.37 33.63 -69.49
C ILE C 28 -7.42 32.54 -69.68
N ARG C 29 -7.09 31.50 -70.43
CA ARG C 29 -7.99 30.37 -70.62
C ARG C 29 -8.39 29.72 -69.31
N ALA C 30 -7.42 29.50 -68.43
CA ALA C 30 -7.68 28.98 -67.09
C ALA C 30 -8.63 29.89 -66.29
N THR C 31 -8.51 31.18 -66.50
CA THR C 31 -9.43 32.17 -65.97
C THR C 31 -10.88 31.95 -66.45
N GLU C 32 -11.03 31.55 -67.71
CA GLU C 32 -12.35 31.36 -68.33
C GLU C 32 -12.96 30.06 -67.88
N ASN C 33 -12.11 29.03 -67.78
CA ASN C 33 -12.50 27.68 -67.34
C ASN C 33 -12.91 27.67 -65.86
N PHE C 34 -12.11 28.31 -65.01
CA PHE C 34 -12.27 28.12 -63.57
C PHE C 34 -12.51 29.40 -62.78
N PRO C 35 -13.58 30.16 -63.12
CA PRO C 35 -13.88 31.34 -62.32
C PRO C 35 -14.61 30.95 -61.03
N ILE C 36 -13.92 30.23 -60.16
CA ILE C 36 -14.58 29.47 -59.09
C ILE C 36 -14.73 30.21 -57.76
N THR C 37 -13.61 30.60 -57.16
CA THR C 37 -13.61 31.27 -55.84
C THR C 37 -13.33 32.75 -55.95
N GLY C 38 -12.64 33.15 -57.01
CA GLY C 38 -12.16 34.52 -57.12
C GLY C 38 -10.93 34.81 -56.29
N TYR C 39 -10.23 33.77 -55.81
CA TYR C 39 -8.99 33.94 -55.03
C TYR C 39 -7.74 33.68 -55.89
N ARG C 40 -6.58 34.03 -55.35
CA ARG C 40 -5.30 33.83 -56.04
C ARG C 40 -4.48 32.94 -55.14
N ILE C 41 -3.43 32.33 -55.70
CA ILE C 41 -2.58 31.43 -54.92
C ILE C 41 -1.81 32.22 -53.86
N HIS C 42 -1.66 31.63 -52.68
CA HIS C 42 -0.92 32.23 -51.58
C HIS C 42 0.50 32.58 -52.01
N PRO C 43 0.96 33.81 -51.67
CA PRO C 43 2.28 34.31 -52.12
C PRO C 43 3.45 33.37 -51.85
N GLU C 44 3.35 32.52 -50.81
CA GLU C 44 4.42 31.57 -50.51
C GLU C 44 4.53 30.49 -51.59
N LEU C 45 3.40 30.20 -52.25
CA LEU C 45 3.42 29.30 -53.39
C LEU C 45 4.08 29.97 -54.58
N ILE C 46 3.80 31.26 -54.75
CA ILE C 46 4.37 32.03 -55.87
C ILE C 46 5.88 32.03 -55.75
N LYS C 47 6.38 32.40 -54.57
CA LYS C 47 7.81 32.42 -54.27
C LYS C 47 8.44 31.05 -54.47
N SER C 48 7.71 30.01 -54.07
CA SER C 48 8.18 28.65 -54.25
C SER C 48 8.29 28.27 -55.71
N LEU C 49 7.33 28.72 -56.52
CA LEU C 49 7.31 28.42 -57.94
C LEU C 49 8.51 29.05 -58.62
N GLY C 50 8.77 30.31 -58.25
CA GLY C 50 10.00 31.01 -58.63
C GLY C 50 11.24 30.18 -58.33
N ILE C 51 11.35 29.68 -57.10
CA ILE C 51 12.50 28.83 -56.71
C ILE C 51 12.67 27.63 -57.64
N VAL C 52 11.58 26.92 -57.88
CA VAL C 52 11.62 25.74 -58.75
C VAL C 52 12.13 26.13 -60.14
N LYS C 53 11.56 27.19 -60.71
CA LYS C 53 11.91 27.59 -62.06
C LYS C 53 13.35 28.13 -62.19
N LYS C 54 13.81 28.80 -61.13
CA LYS C 54 15.20 29.20 -61.02
C LYS C 54 16.11 27.98 -60.90
N SER C 55 15.70 26.99 -60.13
CA SER C 55 16.52 25.79 -59.93
C SER C 55 16.64 24.93 -61.19
N ALA C 56 15.54 24.83 -61.92
CA ALA C 56 15.48 24.05 -63.15
C ALA C 56 16.30 24.69 -64.28
N ALA C 57 16.08 25.98 -64.52
CA ALA C 57 16.87 26.75 -65.49
C ALA C 57 18.37 26.61 -65.22
N LEU C 58 18.77 26.81 -63.96
CA LEU C 58 20.16 26.66 -63.53
C LEU C 58 20.71 25.27 -63.83
N ALA C 59 20.02 24.25 -63.34
CA ALA C 59 20.45 22.87 -63.55
C ALA C 59 20.52 22.53 -65.04
N ASN C 60 19.54 23.05 -65.80
CA ASN C 60 19.47 22.81 -67.24
C ASN C 60 20.67 23.37 -68.02
N MET C 61 21.05 24.61 -67.70
CA MET C 61 22.27 25.23 -68.25
C MET C 61 23.51 24.38 -67.96
N GLU C 62 23.68 23.97 -66.70
CA GLU C 62 24.86 23.18 -66.32
C GLU C 62 25.09 21.94 -67.20
N VAL C 63 24.02 21.22 -67.54
CA VAL C 63 24.15 20.05 -68.42
C VAL C 63 23.90 20.38 -69.91
N GLY C 64 23.87 21.67 -70.23
CA GLY C 64 23.91 22.14 -71.61
C GLY C 64 22.66 21.92 -72.45
N LEU C 65 21.53 21.66 -71.78
CA LEU C 65 20.26 21.47 -72.47
C LEU C 65 19.50 22.78 -72.68
N LEU C 66 19.74 23.74 -71.80
CA LEU C 66 19.24 25.10 -71.95
C LEU C 66 20.39 26.03 -72.30
N ASP C 67 20.17 26.85 -73.32
CA ASP C 67 21.17 27.79 -73.81
C ASP C 67 21.57 28.80 -72.73
N LYS C 68 22.88 28.91 -72.49
CA LYS C 68 23.43 29.79 -71.43
C LYS C 68 23.01 31.25 -71.54
N GLU C 69 22.80 31.71 -72.77
CA GLU C 69 22.44 33.12 -73.06
C GLU C 69 21.03 33.50 -72.56
N VAL C 70 20.05 32.63 -72.80
CA VAL C 70 18.65 32.90 -72.45
C VAL C 70 18.30 32.43 -71.01
N GLY C 71 18.96 31.36 -70.56
CA GLY C 71 18.83 30.88 -69.19
C GLY C 71 19.13 31.89 -68.09
N GLN C 72 20.05 32.82 -68.36
CA GLN C 72 20.44 33.86 -67.38
C GLN C 72 19.33 34.86 -67.12
N TYR C 73 18.51 35.10 -68.14
CA TYR C 73 17.39 36.03 -68.03
C TYR C 73 16.19 35.37 -67.40
N ILE C 74 16.08 34.06 -67.59
CA ILE C 74 15.10 33.24 -66.90
C ILE C 74 15.41 33.22 -65.39
N VAL C 75 16.68 32.98 -65.05
CA VAL C 75 17.15 33.06 -63.66
C VAL C 75 16.85 34.44 -63.04
N LYS C 76 17.31 35.51 -63.69
CA LYS C 76 17.07 36.88 -63.20
C LYS C 76 15.59 37.16 -62.98
N ALA C 77 14.75 36.65 -63.88
CA ALA C 77 13.30 36.83 -63.82
C ALA C 77 12.68 36.01 -62.71
N ALA C 78 13.20 34.80 -62.51
CA ALA C 78 12.77 33.94 -61.41
C ALA C 78 13.05 34.64 -60.08
N ASP C 79 14.22 35.25 -59.96
CA ASP C 79 14.60 35.93 -58.73
C ASP C 79 13.57 37.01 -58.35
N GLU C 80 13.10 37.75 -59.35
CA GLU C 80 12.11 38.80 -59.15
C GLU C 80 10.80 38.18 -58.65
N VAL C 81 10.46 37.02 -59.20
CA VAL C 81 9.29 36.25 -58.76
C VAL C 81 9.48 35.83 -57.30
N ILE C 82 10.66 35.30 -56.99
CA ILE C 82 11.01 34.91 -55.61
C ILE C 82 10.88 36.09 -54.65
N GLU C 83 11.21 37.29 -55.12
CA GLU C 83 11.10 38.49 -54.30
C GLU C 83 9.66 38.96 -54.11
N GLY C 84 8.74 38.34 -54.84
CA GLY C 84 7.33 38.71 -54.78
C GLY C 84 7.04 39.99 -55.57
N LYS C 85 7.82 40.22 -56.62
CA LYS C 85 7.64 41.43 -57.43
C LYS C 85 6.53 41.26 -58.46
N TRP C 86 6.08 40.02 -58.67
CA TRP C 86 5.06 39.76 -59.68
C TRP C 86 3.85 38.96 -59.18
N ASN C 87 3.43 39.22 -57.94
CA ASN C 87 2.29 38.49 -57.36
C ASN C 87 0.99 38.74 -58.11
N ASP C 88 0.77 39.99 -58.51
CA ASP C 88 -0.45 40.41 -59.22
C ASP C 88 -0.64 39.71 -60.55
N GLN C 89 0.43 39.10 -61.05
CA GLN C 89 0.42 38.44 -62.35
C GLN C 89 -0.13 37.01 -62.27
N PHE C 90 -0.20 36.50 -61.04
CA PHE C 90 -0.70 35.15 -60.79
C PHE C 90 -2.20 35.19 -60.53
N ILE C 91 -2.97 34.90 -61.58
CA ILE C 91 -4.42 35.15 -61.57
C ILE C 91 -5.33 33.90 -61.55
N VAL C 92 -4.74 32.72 -61.69
CA VAL C 92 -5.54 31.49 -61.72
C VAL C 92 -6.10 31.07 -60.35
N ASP C 93 -7.31 30.50 -60.37
CA ASP C 93 -8.00 30.04 -59.17
C ASP C 93 -7.26 28.88 -58.53
N PRO C 94 -7.13 28.90 -57.18
CA PRO C 94 -6.54 27.76 -56.48
C PRO C 94 -7.42 26.52 -56.61
N ILE C 95 -8.72 26.72 -56.84
CA ILE C 95 -9.61 25.61 -57.15
C ILE C 95 -9.80 25.52 -58.68
N GLN C 96 -9.04 24.62 -59.29
CA GLN C 96 -8.94 24.50 -60.73
C GLN C 96 -8.78 23.03 -61.17
N GLY C 97 -9.37 22.70 -62.32
CA GLY C 97 -9.06 21.45 -63.00
C GLY C 97 -7.67 21.45 -63.64
N GLY C 98 -7.34 20.36 -64.32
CA GLY C 98 -6.04 20.22 -64.99
C GLY C 98 -4.88 19.94 -64.05
N ALA C 99 -5.18 19.58 -62.80
CA ALA C 99 -4.20 19.09 -61.82
C ALA C 99 -2.96 19.99 -61.63
N GLY C 100 -3.20 21.30 -61.57
CA GLY C 100 -2.15 22.29 -61.33
C GLY C 100 -1.42 22.79 -62.56
N THR C 101 -1.80 22.33 -63.74
CA THR C 101 -1.13 22.75 -64.99
C THR C 101 -1.19 24.27 -65.19
N SER C 102 -2.35 24.84 -64.91
CA SER C 102 -2.55 26.28 -65.06
C SER C 102 -1.68 27.08 -64.10
N ILE C 103 -1.44 26.53 -62.91
CA ILE C 103 -0.60 27.18 -61.90
C ILE C 103 0.86 27.17 -62.37
N ASN C 104 1.32 26.00 -62.79
CA ASN C 104 2.63 25.82 -63.41
C ASN C 104 2.82 26.71 -64.65
N MET C 105 1.86 26.66 -65.57
CA MET C 105 1.88 27.48 -66.78
C MET C 105 1.83 28.97 -66.50
N ASN C 106 1.10 29.38 -65.45
CA ASN C 106 1.05 30.78 -65.03
C ASN C 106 2.45 31.27 -64.65
N ALA C 107 3.23 30.41 -63.99
CA ALA C 107 4.59 30.72 -63.62
C ALA C 107 5.45 30.76 -64.88
N ASN C 108 5.28 29.76 -65.74
CA ASN C 108 6.06 29.66 -66.97
C ASN C 108 5.92 30.90 -67.87
N GLU C 109 4.71 31.42 -67.98
CA GLU C 109 4.45 32.55 -68.85
C GLU C 109 5.00 33.86 -68.27
N VAL C 110 4.74 34.10 -66.99
CA VAL C 110 5.23 35.29 -66.30
C VAL C 110 6.77 35.31 -66.26
N ILE C 111 7.38 34.15 -66.11
CA ILE C 111 8.84 34.06 -66.13
C ILE C 111 9.42 34.29 -67.55
N ALA C 112 8.83 33.65 -68.56
CA ALA C 112 9.27 33.85 -69.92
C ALA C 112 9.13 35.31 -70.34
N ASN C 113 7.98 35.91 -70.05
CA ASN C 113 7.69 37.29 -70.44
C ASN C 113 8.55 38.39 -69.78
N ARG C 114 8.99 38.15 -68.54
CA ARG C 114 9.89 39.09 -67.89
C ARG C 114 11.31 38.87 -68.41
N ALA C 115 11.67 37.61 -68.61
CA ALA C 115 12.96 37.26 -69.19
C ALA C 115 13.14 37.92 -70.55
N LEU C 116 12.09 37.84 -71.38
CA LEU C 116 12.08 38.51 -72.67
C LEU C 116 12.24 40.02 -72.55
N GLU C 117 11.51 40.62 -71.61
CA GLU C 117 11.59 42.08 -71.42
C GLU C 117 13.00 42.51 -71.02
N LEU C 118 13.67 41.70 -70.19
CA LEU C 118 14.97 42.04 -69.64
C LEU C 118 16.10 41.96 -70.67
N MET C 119 15.91 41.17 -71.73
CA MET C 119 16.86 41.15 -72.85
C MET C 119 16.37 41.93 -74.08
N GLY C 120 15.64 43.02 -73.81
CA GLY C 120 15.21 43.94 -74.86
C GLY C 120 14.23 43.41 -75.89
N GLU C 121 13.90 42.13 -75.77
CA GLU C 121 12.89 41.50 -76.61
C GLU C 121 11.47 41.84 -76.16
N GLU C 122 10.48 41.44 -76.94
CA GLU C 122 9.09 41.75 -76.63
C GLU C 122 8.32 40.58 -76.00
N LYS C 123 7.51 40.89 -74.98
CA LYS C 123 6.62 39.89 -74.37
C LYS C 123 5.76 39.24 -75.43
N GLY C 124 5.65 37.91 -75.39
CA GLY C 124 4.85 37.18 -76.38
C GLY C 124 5.69 36.67 -77.53
N ASN C 125 6.99 36.90 -77.47
CA ASN C 125 7.92 36.48 -78.51
C ASN C 125 8.47 35.08 -78.21
N TYR C 126 7.58 34.08 -78.18
CA TYR C 126 7.92 32.75 -77.63
C TYR C 126 8.92 31.93 -78.44
N SER C 127 9.17 32.32 -79.68
CA SER C 127 10.22 31.70 -80.49
C SER C 127 11.60 31.94 -79.88
N LYS C 128 11.73 33.05 -79.14
CA LYS C 128 12.97 33.43 -78.45
C LYS C 128 13.11 32.87 -77.03
N ILE C 129 12.07 33.07 -76.20
CA ILE C 129 11.98 32.43 -74.88
C ILE C 129 10.58 31.85 -74.74
N SER C 130 10.52 30.53 -74.59
CA SER C 130 9.25 29.78 -74.56
C SER C 130 8.89 29.35 -73.15
N PRO C 131 7.66 29.70 -72.69
CA PRO C 131 7.17 29.25 -71.40
C PRO C 131 7.16 27.74 -71.32
N ASN C 132 6.93 27.10 -72.46
CA ASN C 132 6.90 25.64 -72.53
C ASN C 132 8.24 24.99 -72.78
N SER C 133 9.03 25.60 -73.66
CA SER C 133 10.20 24.92 -74.18
C SER C 133 11.46 25.19 -73.37
N HIS C 134 11.55 26.37 -72.78
CA HIS C 134 12.72 26.77 -72.01
C HIS C 134 12.43 26.85 -70.51
N VAL C 135 11.46 27.67 -70.14
CA VAL C 135 11.10 27.88 -68.73
C VAL C 135 10.58 26.59 -68.08
N ASN C 136 9.95 25.73 -68.87
CA ASN C 136 9.40 24.46 -68.39
C ASN C 136 10.22 23.22 -68.78
N MET C 137 11.41 23.44 -69.35
CA MET C 137 12.29 22.36 -69.82
C MET C 137 12.71 21.35 -68.73
N SER C 138 12.62 20.06 -69.07
CA SER C 138 13.07 18.93 -68.24
C SER C 138 12.03 18.52 -67.20
N GLN C 139 10.96 19.29 -67.14
CA GLN C 139 9.99 19.17 -66.07
C GLN C 139 8.55 19.07 -66.58
N SER C 140 7.71 18.48 -65.75
CA SER C 140 6.31 18.22 -66.06
C SER C 140 5.46 18.99 -65.05
N THR C 141 4.15 19.08 -65.30
CA THR C 141 3.25 19.61 -64.29
C THR C 141 3.40 18.77 -63.03
N ASN C 142 3.51 17.47 -63.21
CA ASN C 142 3.46 16.51 -62.11
C ASN C 142 4.72 16.42 -61.25
N ASP C 143 5.76 17.22 -61.56
CA ASP C 143 6.87 17.37 -60.62
C ASP C 143 7.07 18.83 -60.16
N ALA C 144 6.91 19.78 -61.09
CA ALA C 144 7.10 21.19 -60.79
C ALA C 144 6.11 21.70 -59.76
N PHE C 145 4.84 21.33 -59.96
CA PHE C 145 3.72 21.71 -59.07
C PHE C 145 3.81 21.14 -57.63
N PRO C 146 3.94 19.81 -57.48
CA PRO C 146 4.09 19.25 -56.13
C PRO C 146 5.34 19.77 -55.43
N THR C 147 6.47 19.80 -56.13
CA THR C 147 7.73 20.27 -55.55
C THR C 147 7.58 21.68 -54.97
N ALA C 148 7.03 22.59 -55.77
CA ALA C 148 6.70 23.94 -55.30
C ALA C 148 5.83 23.91 -54.05
N THR C 149 4.84 23.03 -54.03
CA THR C 149 3.94 22.89 -52.89
C THR C 149 4.67 22.41 -51.63
N HIS C 150 5.58 21.43 -51.76
CA HIS C 150 6.33 20.94 -50.59
C HIS C 150 7.13 22.12 -50.00
N ILE C 151 7.86 22.85 -50.86
CA ILE C 151 8.62 24.03 -50.46
C ILE C 151 7.71 25.05 -49.76
N ALA C 152 6.59 25.37 -50.39
CA ALA C 152 5.66 26.36 -49.84
C ALA C 152 5.10 25.92 -48.48
N VAL C 153 4.62 24.66 -48.41
CA VAL C 153 4.06 24.12 -47.17
C VAL C 153 5.10 24.04 -46.06
N LEU C 154 6.28 23.51 -46.38
CA LEU C 154 7.38 23.49 -45.43
C LEU C 154 7.68 24.89 -44.85
N SER C 155 7.87 25.88 -45.73
CA SER C 155 8.16 27.26 -45.30
C SER C 155 7.09 27.79 -44.38
N LEU C 156 5.83 27.55 -44.76
CA LEU C 156 4.67 27.97 -43.97
C LEU C 156 4.59 27.25 -42.62
N LEU C 157 4.92 25.97 -42.61
CA LEU C 157 4.90 25.21 -41.38
C LEU C 157 5.93 25.71 -40.38
N ASN C 158 7.14 26.00 -40.85
CA ASN C 158 8.22 26.47 -39.97
C ASN C 158 7.81 27.71 -39.21
N GLN C 159 7.14 28.61 -39.94
CA GLN C 159 6.50 29.78 -39.39
C GLN C 159 5.51 29.43 -38.30
N LEU C 160 4.53 28.59 -38.64
CA LEU C 160 3.54 28.15 -37.68
C LEU C 160 4.21 27.65 -36.40
N ILE C 161 5.22 26.81 -36.55
CA ILE C 161 5.93 26.25 -35.41
C ILE C 161 6.53 27.35 -34.54
N GLU C 162 7.19 28.33 -35.16
CA GLU C 162 7.75 29.45 -34.38
C GLU C 162 6.69 30.20 -33.59
N THR C 163 5.54 30.43 -34.22
CA THR C 163 4.45 31.16 -33.59
C THR C 163 3.72 30.31 -32.56
N THR C 164 3.60 29.01 -32.82
CA THR C 164 3.00 28.11 -31.85
C THR C 164 3.91 27.95 -30.61
N LYS C 165 5.22 27.95 -30.85
CA LYS C 165 6.23 27.92 -29.79
C LYS C 165 6.14 29.14 -28.89
N TYR C 166 5.99 30.31 -29.50
CA TYR C 166 5.84 31.55 -28.76
C TYR C 166 4.55 31.57 -27.93
N MET C 167 3.46 31.05 -28.50
CA MET C 167 2.18 30.93 -27.81
C MET C 167 2.25 29.92 -26.64
N GLN C 168 2.90 28.79 -26.87
CA GLN C 168 3.10 27.77 -25.84
C GLN C 168 3.92 28.31 -24.66
N GLN C 169 4.97 29.09 -24.97
CA GLN C 169 5.80 29.75 -23.95
C GLN C 169 5.00 30.74 -23.12
N GLU C 170 4.08 31.44 -23.79
CA GLU C 170 3.27 32.43 -23.14
C GLU C 170 2.19 31.78 -22.28
N PHE C 171 1.71 30.60 -22.69
CA PHE C 171 0.82 29.76 -21.86
C PHE C 171 1.53 29.27 -20.59
N MET C 172 2.82 28.94 -20.73
CA MET C 172 3.66 28.54 -19.59
C MET C 172 3.87 29.66 -18.57
N LYS C 173 3.93 30.90 -19.03
CA LYS C 173 4.17 32.03 -18.14
C LYS C 173 2.97 32.32 -17.26
N LYS C 174 1.78 32.09 -17.81
CA LYS C 174 0.55 32.24 -17.07
C LYS C 174 0.38 31.16 -16.00
N ALA C 175 0.84 29.96 -16.28
CA ALA C 175 0.86 28.89 -15.28
C ALA C 175 1.69 29.29 -14.06
N ASP C 176 2.85 29.92 -14.31
CA ASP C 176 3.69 30.45 -13.25
C ASP C 176 2.98 31.58 -12.52
N GLU C 177 2.35 32.47 -13.28
CA GLU C 177 1.68 33.61 -12.68
C GLU C 177 0.53 33.14 -11.79
N PHE C 178 -0.10 32.05 -12.19
CA PHE C 178 -1.27 31.52 -11.50
C PHE C 178 -0.97 30.30 -10.63
N ALA C 179 0.32 29.97 -10.50
CA ALA C 179 0.79 28.82 -9.71
C ALA C 179 0.15 28.65 -8.32
N GLY C 180 -0.13 29.78 -7.65
CA GLY C 180 -0.69 29.74 -6.29
C GLY C 180 -2.17 30.04 -6.17
N VAL C 181 -2.81 30.32 -7.31
CA VAL C 181 -4.22 30.71 -7.35
C VAL C 181 -5.17 29.53 -7.21
N ILE C 182 -5.84 29.42 -6.07
CA ILE C 182 -6.70 28.26 -5.79
C ILE C 182 -8.15 28.43 -6.29
N LYS C 183 -8.70 27.37 -6.89
CA LYS C 183 -10.09 27.37 -7.40
C LYS C 183 -10.75 26.00 -7.29
N MET C 184 -12.03 25.95 -7.63
CA MET C 184 -12.72 24.66 -7.68
C MET C 184 -12.50 24.01 -9.03
N GLY C 185 -12.00 22.79 -9.00
CA GLY C 185 -12.00 21.96 -10.20
C GLY C 185 -13.42 21.52 -10.47
N ARG C 186 -13.72 21.27 -11.75
CA ARG C 186 -15.06 20.85 -12.14
C ARG C 186 -14.98 19.61 -13.03
N THR C 187 -15.88 18.65 -12.79
CA THR C 187 -16.05 17.48 -13.70
C THR C 187 -17.52 17.22 -13.99
N HIS C 188 -17.83 17.01 -15.27
CA HIS C 188 -19.21 17.02 -15.74
C HIS C 188 -19.83 18.44 -15.62
N LEU C 189 -18.97 19.46 -15.43
CA LEU C 189 -19.40 20.84 -15.06
C LEU C 189 -19.98 20.94 -13.64
N GLN C 190 -19.82 19.87 -12.89
CA GLN C 190 -20.32 19.78 -11.54
C GLN C 190 -19.09 19.98 -10.65
N ASP C 191 -19.17 20.87 -9.65
CA ASP C 191 -18.06 21.08 -8.68
C ASP C 191 -17.35 19.78 -8.28
N ALA C 192 -16.03 19.78 -8.24
CA ALA C 192 -15.31 18.58 -7.81
C ALA C 192 -14.52 18.83 -6.54
N VAL C 193 -13.20 18.90 -6.71
CA VAL C 193 -12.28 19.14 -5.61
C VAL C 193 -11.35 20.24 -6.05
N PRO C 194 -10.65 20.87 -5.10
CA PRO C 194 -9.72 21.96 -5.42
C PRO C 194 -8.75 21.64 -6.54
N ILE C 195 -8.54 22.63 -7.40
CA ILE C 195 -7.46 22.62 -8.35
C ILE C 195 -6.80 24.01 -8.34
N LEU C 196 -5.57 24.09 -8.83
CA LEU C 196 -4.93 25.38 -9.05
C LEU C 196 -5.16 25.87 -10.48
N LEU C 197 -5.48 27.15 -10.63
CA LEU C 197 -5.57 27.76 -11.95
C LEU C 197 -4.30 27.51 -12.78
N GLY C 198 -3.15 27.51 -12.12
CA GLY C 198 -1.85 27.26 -12.80
C GLY C 198 -1.69 25.86 -13.34
N GLN C 199 -2.32 24.90 -12.67
CA GLN C 199 -2.41 23.53 -13.18
C GLN C 199 -3.27 23.41 -14.43
N GLU C 200 -4.37 24.17 -14.50
CA GLU C 200 -5.15 24.22 -15.75
C GLU C 200 -4.35 24.85 -16.88
N PHE C 201 -3.56 25.88 -16.57
CA PHE C 201 -2.81 26.54 -17.62
C PHE C 201 -1.56 25.78 -18.02
N GLU C 202 -0.97 25.03 -17.08
CA GLU C 202 0.12 24.12 -17.44
C GLU C 202 -0.43 22.99 -18.32
N ALA C 203 -1.62 22.50 -17.98
CA ALA C 203 -2.32 21.53 -18.83
C ALA C 203 -2.50 22.04 -20.27
N TYR C 204 -2.76 23.35 -20.42
CA TYR C 204 -2.87 23.93 -21.76
C TYR C 204 -1.50 24.00 -22.43
N ALA C 205 -0.50 24.38 -21.66
CA ALA C 205 0.86 24.51 -22.18
C ALA C 205 1.41 23.17 -22.67
N ARG C 206 1.06 22.08 -21.97
CA ARG C 206 1.62 20.77 -22.30
C ARG C 206 0.99 20.13 -23.53
N VAL C 207 -0.33 20.27 -23.66
CA VAL C 207 -0.99 19.75 -24.86
C VAL C 207 -0.45 20.48 -26.10
N ILE C 208 -0.20 21.77 -25.98
CA ILE C 208 0.37 22.53 -27.09
C ILE C 208 1.82 22.13 -27.45
N ALA C 209 2.66 21.92 -26.43
CA ALA C 209 4.01 21.41 -26.65
C ALA C 209 3.96 20.12 -27.47
N ARG C 210 2.96 19.29 -27.16
CA ARG C 210 2.71 18.03 -27.84
C ARG C 210 2.24 18.28 -29.31
N ASP C 211 1.35 19.26 -29.48
CA ASP C 211 0.95 19.70 -30.81
C ASP C 211 2.14 20.15 -31.64
N ILE C 212 3.04 20.95 -31.03
CA ILE C 212 4.26 21.40 -31.67
C ILE C 212 5.10 20.22 -32.17
N GLU C 213 5.18 19.16 -31.37
CA GLU C 213 5.93 17.95 -31.72
C GLU C 213 5.34 17.25 -32.95
N ARG C 214 4.04 16.97 -32.92
CA ARG C 214 3.37 16.30 -34.05
C ARG C 214 3.45 17.09 -35.35
N ILE C 215 3.24 18.40 -35.28
CA ILE C 215 3.33 19.25 -36.47
C ILE C 215 4.75 19.25 -37.08
N ALA C 216 5.77 19.38 -36.24
CA ALA C 216 7.16 19.34 -36.69
C ALA C 216 7.55 18.03 -37.36
N ASN C 217 7.07 16.91 -36.80
CA ASN C 217 7.35 15.58 -37.35
C ASN C 217 6.78 15.38 -38.76
N THR C 218 5.77 16.15 -39.12
CA THR C 218 5.14 15.97 -40.43
C THR C 218 5.98 16.56 -41.56
N ARG C 219 7.00 17.31 -41.21
CA ARG C 219 7.85 17.92 -42.21
C ARG C 219 8.72 16.88 -42.91
N ASN C 220 9.02 15.78 -42.23
CA ASN C 220 9.96 14.81 -42.77
C ASN C 220 9.54 14.26 -44.12
N ASN C 221 8.30 13.76 -44.21
CA ASN C 221 7.79 13.23 -45.45
C ASN C 221 7.63 14.26 -46.56
N LEU C 222 7.44 15.51 -46.18
CA LEU C 222 7.46 16.62 -47.15
C LEU C 222 8.85 16.85 -47.77
N TYR C 223 9.91 16.47 -47.06
CA TYR C 223 11.28 16.70 -47.55
C TYR C 223 11.62 15.87 -48.79
N ASP C 224 11.00 14.71 -48.95
CA ASP C 224 11.19 13.91 -50.16
C ASP C 224 10.48 14.52 -51.36
N ILE C 225 11.24 14.82 -52.42
CA ILE C 225 10.67 15.50 -53.58
C ILE C 225 10.77 14.66 -54.86
N ASN C 226 9.93 14.97 -55.85
CA ASN C 226 9.84 14.15 -57.06
C ASN C 226 10.38 14.81 -58.35
N MET C 227 11.18 15.86 -58.18
CA MET C 227 11.79 16.55 -59.30
C MET C 227 12.56 15.56 -60.15
N GLY C 228 12.25 15.55 -61.46
CA GLY C 228 12.86 14.59 -62.39
C GLY C 228 11.99 13.36 -62.68
N ALA C 229 10.72 13.41 -62.28
CA ALA C 229 9.84 12.26 -62.42
C ALA C 229 9.26 12.13 -63.82
N THR C 230 9.24 13.25 -64.55
CA THR C 230 8.49 13.39 -65.80
C THR C 230 7.04 12.97 -65.58
N ALA C 231 6.31 12.63 -66.63
CA ALA C 231 4.84 12.51 -66.53
C ALA C 231 4.30 11.64 -65.39
N VAL C 232 4.96 10.51 -65.15
CA VAL C 232 4.35 9.43 -64.41
C VAL C 232 5.24 8.88 -63.27
N GLY C 233 6.45 9.42 -63.13
CA GLY C 233 7.39 8.94 -62.12
C GLY C 233 8.49 8.01 -62.62
N THR C 234 8.48 7.69 -63.92
CA THR C 234 9.50 6.78 -64.48
C THR C 234 10.80 7.47 -64.89
N GLY C 235 10.76 8.79 -65.02
CA GLY C 235 11.92 9.59 -65.39
C GLY C 235 12.42 9.29 -66.79
N LEU C 236 11.49 9.12 -67.70
CA LEU C 236 11.78 8.75 -69.08
C LEU C 236 12.42 9.91 -69.82
N ASN C 237 13.67 9.70 -70.23
CA ASN C 237 14.50 10.74 -70.87
C ASN C 237 14.90 11.89 -69.94
N ALA C 238 14.76 11.69 -68.64
CA ALA C 238 15.38 12.59 -67.68
C ALA C 238 16.86 12.23 -67.55
N ASP C 239 17.70 13.24 -67.33
CA ASP C 239 19.14 13.06 -67.08
C ASP C 239 19.37 12.99 -65.56
N PRO C 240 19.90 11.84 -65.05
CA PRO C 240 20.14 11.71 -63.61
C PRO C 240 20.93 12.87 -63.01
N GLU C 241 21.71 13.54 -63.85
CA GLU C 241 22.55 14.66 -63.41
C GLU C 241 21.70 15.90 -63.22
N TYR C 242 20.79 16.19 -64.14
CA TYR C 242 19.79 17.25 -63.94
C TYR C 242 19.08 17.07 -62.60
N ILE C 243 18.68 15.84 -62.31
CA ILE C 243 17.98 15.50 -61.07
C ILE C 243 18.81 15.91 -59.86
N SER C 244 20.00 15.34 -59.73
CA SER C 244 20.80 15.55 -58.53
C SER C 244 21.24 17.00 -58.38
N ILE C 245 21.37 17.71 -59.50
CA ILE C 245 21.74 19.13 -59.50
C ILE C 245 20.56 20.01 -59.13
N VAL C 246 19.37 19.68 -59.65
CA VAL C 246 18.20 20.54 -59.37
C VAL C 246 17.74 20.39 -57.92
N THR C 247 17.89 19.20 -57.35
CA THR C 247 17.57 18.98 -55.94
C THR C 247 18.56 19.72 -55.01
N GLU C 248 19.84 19.68 -55.36
CA GLU C 248 20.87 20.37 -54.59
C GLU C 248 20.55 21.88 -54.51
N HIS C 249 20.17 22.46 -55.66
CA HIS C 249 19.74 23.86 -55.72
C HIS C 249 18.50 24.13 -54.88
N LEU C 250 17.44 23.36 -55.13
CA LEU C 250 16.15 23.50 -54.46
C LEU C 250 16.28 23.50 -52.94
N ALA C 251 17.13 22.62 -52.43
CA ALA C 251 17.45 22.56 -51.01
C ALA C 251 18.09 23.88 -50.52
N LYS C 252 19.10 24.35 -51.25
CA LYS C 252 19.84 25.58 -50.88
C LYS C 252 18.93 26.78 -50.87
N PHE C 253 18.30 27.04 -52.00
CA PHE C 253 17.47 28.22 -52.15
C PHE C 253 16.29 28.23 -51.18
N SER C 254 15.62 27.08 -51.04
CA SER C 254 14.46 26.98 -50.15
C SER C 254 14.86 26.96 -48.69
N GLY C 255 16.07 26.46 -48.42
CA GLY C 255 16.58 26.38 -47.06
C GLY C 255 15.98 25.22 -46.30
N HIS C 256 15.46 24.24 -47.03
CA HIS C 256 14.97 23.00 -46.43
C HIS C 256 15.86 21.85 -46.88
N PRO C 257 16.08 20.85 -46.01
CA PRO C 257 16.95 19.74 -46.41
C PRO C 257 16.18 18.75 -47.28
N LEU C 258 15.81 19.20 -48.49
CA LEU C 258 15.10 18.40 -49.47
C LEU C 258 15.92 17.19 -49.88
N ARG C 259 15.25 16.07 -50.16
CA ARG C 259 15.89 14.85 -50.62
C ARG C 259 15.13 14.41 -51.85
N SER C 260 15.80 13.71 -52.76
CA SER C 260 15.11 13.17 -53.92
C SER C 260 14.47 11.83 -53.54
N ALA C 261 13.14 11.75 -53.61
CA ALA C 261 12.43 10.53 -53.24
C ALA C 261 13.07 9.30 -53.89
N GLN C 262 13.14 8.20 -53.13
CA GLN C 262 13.80 6.95 -53.56
C GLN C 262 13.06 6.25 -54.71
N HIS C 263 11.74 6.38 -54.75
CA HIS C 263 10.91 5.77 -55.77
C HIS C 263 10.01 6.89 -56.26
N LEU C 264 10.20 7.30 -57.51
CA LEU C 264 9.52 8.49 -58.01
C LEU C 264 8.06 8.24 -58.47
N VAL C 265 7.72 6.99 -58.77
CA VAL C 265 6.33 6.64 -59.06
C VAL C 265 5.51 6.83 -57.76
N ASP C 266 6.05 6.32 -56.66
CA ASP C 266 5.49 6.50 -55.33
C ASP C 266 5.27 7.98 -55.03
N ALA C 267 6.31 8.79 -55.23
CA ALA C 267 6.24 10.21 -54.89
C ALA C 267 5.33 10.97 -55.85
N THR C 268 5.09 10.39 -57.03
CA THR C 268 4.23 11.06 -58.04
C THR C 268 2.72 10.75 -57.91
N GLN C 269 2.38 9.57 -57.39
CA GLN C 269 0.98 9.15 -57.34
C GLN C 269 0.34 9.20 -55.95
N ASN C 270 1.18 9.28 -54.91
CA ASN C 270 0.70 9.26 -53.52
C ASN C 270 0.66 10.63 -52.87
N THR C 271 -0.33 10.82 -52.01
CA THR C 271 -0.56 12.11 -51.40
C THR C 271 -0.66 12.04 -49.89
N ASP C 272 -0.17 10.94 -49.30
CA ASP C 272 -0.26 10.73 -47.86
C ASP C 272 0.46 11.80 -47.06
N CYS C 273 1.60 12.28 -47.57
CA CYS C 273 2.38 13.31 -46.88
C CYS C 273 1.54 14.53 -46.56
N TYR C 274 0.60 14.86 -47.43
CA TYR C 274 -0.24 16.04 -47.25
C TYR C 274 -1.34 15.84 -46.20
N THR C 275 -1.91 14.64 -46.19
CA THR C 275 -2.96 14.30 -45.24
C THR C 275 -2.36 14.17 -43.84
N GLU C 276 -1.08 13.78 -43.80
CA GLU C 276 -0.33 13.74 -42.55
C GLU C 276 -0.31 15.12 -41.89
N VAL C 277 0.06 16.15 -42.63
CA VAL C 277 0.08 17.51 -42.10
C VAL C 277 -1.30 17.96 -41.58
N SER C 278 -2.31 17.87 -42.44
CA SER C 278 -3.67 18.27 -42.11
C SER C 278 -4.14 17.62 -40.80
N SER C 279 -3.93 16.31 -40.67
CA SER C 279 -4.26 15.56 -39.46
C SER C 279 -3.62 16.16 -38.19
N ALA C 280 -2.32 16.43 -38.25
CA ALA C 280 -1.62 17.07 -37.14
C ALA C 280 -2.20 18.46 -36.82
N LEU C 281 -2.54 19.22 -37.87
CA LEU C 281 -3.14 20.55 -37.69
C LEU C 281 -4.56 20.45 -37.12
N LYS C 282 -5.26 19.35 -37.39
CA LYS C 282 -6.63 19.15 -36.92
C LYS C 282 -6.58 18.89 -35.43
N VAL C 283 -5.75 17.91 -35.05
CA VAL C 283 -5.54 17.54 -33.65
C VAL C 283 -5.20 18.77 -32.83
N CYS C 284 -4.34 19.63 -33.38
CA CYS C 284 -3.96 20.88 -32.71
C CYS C 284 -5.19 21.76 -32.48
N MET C 285 -5.98 22.02 -33.52
CA MET C 285 -7.17 22.86 -33.37
C MET C 285 -8.20 22.29 -32.42
N ILE C 286 -8.39 20.96 -32.44
CA ILE C 286 -9.24 20.31 -31.46
C ILE C 286 -8.87 20.81 -30.06
N ASN C 287 -7.59 20.70 -29.72
CA ASN C 287 -7.10 21.10 -28.40
C ASN C 287 -7.26 22.60 -28.13
N MET C 288 -6.95 23.42 -29.13
CA MET C 288 -7.11 24.89 -29.05
C MET C 288 -8.57 25.29 -28.81
N SER C 289 -9.48 24.74 -29.61
CA SER C 289 -10.91 24.93 -29.45
C SER C 289 -11.41 24.68 -28.02
N LYS C 290 -11.07 23.49 -27.50
CA LYS C 290 -11.38 23.13 -26.10
C LYS C 290 -10.83 24.16 -25.10
N ILE C 291 -9.56 24.52 -25.25
CA ILE C 291 -8.97 25.55 -24.41
C ILE C 291 -9.75 26.86 -24.52
N ALA C 292 -10.04 27.28 -25.74
CA ALA C 292 -10.86 28.46 -25.94
C ALA C 292 -12.24 28.34 -25.27
N ASN C 293 -12.83 27.14 -25.31
CA ASN C 293 -14.12 26.88 -24.65
C ASN C 293 -14.05 27.08 -23.13
N ASP C 294 -12.95 26.65 -22.52
CA ASP C 294 -12.72 26.89 -21.10
C ASP C 294 -12.59 28.39 -20.77
N LEU C 295 -11.85 29.12 -21.61
CA LEU C 295 -11.57 30.54 -21.34
C LEU C 295 -12.83 31.37 -21.38
N ARG C 296 -13.73 31.03 -22.30
CA ARG C 296 -15.02 31.69 -22.42
C ARG C 296 -15.94 31.35 -21.23
N LEU C 297 -15.78 30.15 -20.68
CA LEU C 297 -16.52 29.76 -19.50
C LEU C 297 -16.00 30.45 -18.24
N MET C 298 -14.68 30.56 -18.13
CA MET C 298 -14.03 31.19 -16.98
C MET C 298 -14.28 32.70 -16.98
N ALA C 299 -14.54 33.26 -18.16
CA ALA C 299 -14.76 34.71 -18.28
C ALA C 299 -16.22 35.08 -18.23
N SER C 300 -17.10 34.06 -18.22
CA SER C 300 -18.55 34.30 -18.18
C SER C 300 -18.93 35.18 -16.98
N GLY C 301 -19.93 36.02 -17.18
CA GLY C 301 -20.36 36.95 -16.13
C GLY C 301 -20.86 38.22 -16.76
N PRO C 302 -20.65 39.37 -16.08
CA PRO C 302 -19.88 39.54 -14.84
C PRO C 302 -20.54 38.99 -13.58
N ARG C 303 -21.85 38.73 -13.62
CA ARG C 303 -22.57 38.37 -12.40
C ARG C 303 -23.33 37.04 -12.41
N ALA C 304 -23.80 36.61 -13.58
CA ALA C 304 -24.53 35.33 -13.70
C ALA C 304 -23.72 34.22 -14.38
N GLY C 305 -22.40 34.32 -14.27
CA GLY C 305 -21.48 33.30 -14.78
C GLY C 305 -20.50 32.85 -13.71
N LEU C 306 -19.33 32.42 -14.17
CA LEU C 306 -18.31 31.88 -13.29
C LEU C 306 -17.29 32.95 -12.86
N SER C 307 -17.04 33.91 -13.74
CA SER C 307 -16.15 35.04 -13.45
C SER C 307 -14.86 34.69 -12.72
N GLU C 308 -14.16 33.69 -13.25
CA GLU C 308 -12.84 33.28 -12.75
C GLU C 308 -11.70 34.13 -13.30
N ILE C 309 -11.77 34.51 -14.57
CA ILE C 309 -10.69 35.29 -15.21
C ILE C 309 -11.22 36.50 -15.93
N VAL C 310 -10.33 37.47 -16.14
CA VAL C 310 -10.64 38.67 -16.91
C VAL C 310 -9.78 38.67 -18.18
N LEU C 311 -10.45 38.75 -19.31
CA LEU C 311 -9.78 38.88 -20.59
C LEU C 311 -9.64 40.36 -20.96
N PRO C 312 -8.51 40.73 -21.59
CA PRO C 312 -8.36 42.09 -22.09
C PRO C 312 -9.48 42.43 -23.07
N ALA C 313 -10.24 43.48 -22.75
CA ALA C 313 -11.29 44.01 -23.61
C ALA C 313 -10.73 44.46 -24.96
N ARG C 314 -11.23 43.86 -26.03
CA ARG C 314 -10.63 44.06 -27.34
C ARG C 314 -11.50 44.81 -28.35
N GLN C 315 -12.74 45.06 -27.97
CA GLN C 315 -13.62 45.92 -28.75
C GLN C 315 -14.94 46.03 -28.03
N PRO C 316 -15.67 47.14 -28.24
CA PRO C 316 -17.02 47.17 -27.66
C PRO C 316 -17.79 45.89 -28.04
N GLY C 317 -18.39 45.25 -27.04
CA GLY C 317 -19.10 43.98 -27.25
C GLY C 317 -20.51 44.11 -27.80
N SER C 318 -21.24 45.10 -27.31
CA SER C 318 -22.65 45.28 -27.71
C SER C 318 -22.92 46.63 -28.35
N SER C 319 -23.71 46.60 -29.43
CA SER C 319 -24.09 47.79 -30.18
C SER C 319 -25.30 48.52 -29.56
N ILE C 320 -26.02 47.83 -28.67
CA ILE C 320 -27.07 48.46 -27.84
C ILE C 320 -26.87 48.39 -26.30
N MET C 321 -25.76 47.80 -25.85
CA MET C 321 -25.36 47.83 -24.44
C MET C 321 -23.86 48.20 -24.29
N PRO C 322 -23.58 49.51 -24.09
CA PRO C 322 -22.21 50.05 -24.01
C PRO C 322 -21.24 49.32 -23.05
N GLY C 323 -21.77 48.61 -22.06
CA GLY C 323 -20.98 47.92 -21.04
C GLY C 323 -20.19 46.67 -21.44
N LYS C 324 -20.89 45.53 -21.50
CA LYS C 324 -20.29 44.16 -21.42
C LYS C 324 -19.21 43.77 -22.46
N VAL C 325 -18.18 43.07 -21.98
CA VAL C 325 -17.05 42.64 -22.84
C VAL C 325 -17.03 41.14 -23.13
N ASN C 326 -17.28 40.83 -24.40
CA ASN C 326 -17.32 39.46 -24.85
C ASN C 326 -15.91 38.92 -25.11
N PRO C 327 -15.73 37.61 -24.95
CA PRO C 327 -14.44 36.98 -25.17
C PRO C 327 -14.19 36.72 -26.66
N VAL C 328 -13.96 37.80 -27.40
CA VAL C 328 -13.92 37.75 -28.86
C VAL C 328 -12.68 37.02 -29.39
N MET C 329 -11.56 37.19 -28.70
CA MET C 329 -10.32 36.51 -29.07
C MET C 329 -10.39 35.00 -28.96
N PRO C 330 -10.90 34.47 -27.83
CA PRO C 330 -11.12 33.01 -27.82
C PRO C 330 -12.19 32.57 -28.82
N GLU C 331 -13.18 33.42 -29.07
CA GLU C 331 -14.25 33.09 -30.02
C GLU C 331 -13.69 32.84 -31.41
N VAL C 332 -12.82 33.72 -31.87
CA VAL C 332 -12.24 33.56 -33.21
C VAL C 332 -11.33 32.32 -33.32
N MET C 333 -10.69 31.93 -32.21
CA MET C 333 -9.95 30.67 -32.16
C MET C 333 -10.87 29.49 -32.46
N ASN C 334 -12.05 29.48 -31.85
CA ASN C 334 -13.01 28.43 -32.08
C ASN C 334 -13.37 28.36 -33.54
N GLN C 335 -13.56 29.51 -34.16
CA GLN C 335 -14.01 29.56 -35.54
C GLN C 335 -12.93 29.07 -36.49
N VAL C 336 -11.67 29.35 -36.16
CA VAL C 336 -10.55 28.84 -36.94
C VAL C 336 -10.50 27.33 -36.82
N ALA C 337 -10.71 26.82 -35.62
CA ALA C 337 -10.80 25.38 -35.40
C ALA C 337 -11.81 24.72 -36.34
N PHE C 338 -13.04 25.22 -36.32
CA PHE C 338 -14.09 24.66 -37.19
C PHE C 338 -13.71 24.75 -38.66
N GLN C 339 -13.02 25.83 -39.04
CA GLN C 339 -12.44 25.95 -40.38
C GLN C 339 -11.51 24.81 -40.68
N VAL C 340 -10.53 24.64 -39.80
CA VAL C 340 -9.51 23.62 -40.00
C VAL C 340 -10.13 22.22 -40.06
N PHE C 341 -11.11 21.95 -39.20
CA PHE C 341 -11.85 20.71 -39.29
C PHE C 341 -12.42 20.51 -40.69
N GLY C 342 -13.14 21.50 -41.20
CA GLY C 342 -13.78 21.42 -42.51
C GLY C 342 -12.76 21.21 -43.60
N ASN C 343 -11.68 21.98 -43.55
CA ASN C 343 -10.55 21.80 -44.46
C ASN C 343 -9.99 20.39 -44.43
N ASP C 344 -9.93 19.79 -43.25
CA ASP C 344 -9.37 18.46 -43.15
C ASP C 344 -10.21 17.45 -43.93
N LEU C 345 -11.54 17.58 -43.87
CA LEU C 345 -12.40 16.70 -44.62
C LEU C 345 -12.21 16.85 -46.14
N THR C 346 -12.09 18.11 -46.59
CA THR C 346 -11.92 18.41 -48.01
C THR C 346 -10.63 17.78 -48.50
N ILE C 347 -9.59 17.85 -47.67
CA ILE C 347 -8.31 17.24 -47.94
C ILE C 347 -8.44 15.69 -47.90
N THR C 348 -9.17 15.16 -46.93
CA THR C 348 -9.37 13.71 -46.87
C THR C 348 -10.03 13.20 -48.15
N SER C 349 -11.08 13.89 -48.61
CA SER C 349 -11.83 13.52 -49.80
C SER C 349 -10.97 13.60 -51.05
N ALA C 350 -10.21 14.68 -51.14
CA ALA C 350 -9.35 14.95 -52.29
C ALA C 350 -8.24 13.91 -52.40
N SER C 351 -7.64 13.55 -51.27
CA SER C 351 -6.59 12.57 -51.31
C SER C 351 -7.11 11.21 -51.76
N GLU C 352 -8.28 10.77 -51.27
CA GLU C 352 -8.78 9.42 -51.64
C GLU C 352 -9.18 9.33 -53.11
N ALA C 353 -9.36 10.48 -53.75
CA ALA C 353 -9.84 10.53 -55.14
C ALA C 353 -8.73 10.33 -56.18
N GLY C 354 -7.54 9.96 -55.71
CA GLY C 354 -6.40 9.73 -56.59
C GLY C 354 -6.62 8.53 -57.47
N GLN C 355 -6.18 8.63 -58.72
CA GLN C 355 -6.34 7.51 -59.63
C GLN C 355 -5.04 7.16 -60.32
N PHE C 356 -4.63 5.89 -60.27
CA PHE C 356 -3.41 5.44 -60.97
C PHE C 356 -2.27 6.42 -60.71
N GLU C 357 -1.70 7.00 -61.76
CA GLU C 357 -0.41 7.64 -61.61
C GLU C 357 -0.51 9.07 -61.11
N LEU C 358 -1.71 9.64 -61.01
CA LEU C 358 -1.84 11.03 -60.57
C LEU C 358 -3.10 11.30 -59.75
N ASN C 359 -2.94 12.10 -58.70
CA ASN C 359 -4.09 12.68 -58.04
C ASN C 359 -4.40 14.06 -58.63
N VAL C 360 -5.43 14.10 -59.46
CA VAL C 360 -5.81 15.33 -60.13
C VAL C 360 -6.49 16.35 -59.21
N MET C 361 -6.79 15.95 -57.97
CA MET C 361 -7.53 16.79 -57.02
C MET C 361 -6.65 17.66 -56.11
N GLU C 362 -5.35 17.58 -56.31
CA GLU C 362 -4.37 18.37 -55.54
C GLU C 362 -4.63 19.89 -55.50
N PRO C 363 -5.18 20.50 -56.57
CA PRO C 363 -5.39 21.93 -56.40
C PRO C 363 -6.24 22.30 -55.17
N VAL C 364 -7.42 21.71 -55.03
CA VAL C 364 -8.30 21.97 -53.88
C VAL C 364 -7.67 21.56 -52.53
N LEU C 365 -6.94 20.45 -52.54
CA LEU C 365 -6.20 19.92 -51.39
C LEU C 365 -5.18 20.94 -50.93
N PHE C 366 -4.36 21.41 -51.86
CA PHE C 366 -3.27 22.35 -51.58
C PHE C 366 -3.75 23.70 -51.12
N PHE C 367 -4.89 24.15 -51.65
CA PHE C 367 -5.53 25.37 -51.21
C PHE C 367 -6.01 25.27 -49.75
N ASN C 368 -6.51 24.11 -49.35
CA ASN C 368 -7.02 23.96 -47.99
C ASN C 368 -5.92 23.77 -46.94
N LEU C 369 -4.93 22.95 -47.26
CA LEU C 369 -3.76 22.74 -46.40
C LEU C 369 -2.97 24.05 -46.17
N ILE C 370 -2.69 24.79 -47.25
CA ILE C 370 -2.10 26.13 -47.13
C ILE C 370 -3.00 27.04 -46.31
N GLN C 371 -4.31 27.02 -46.57
CA GLN C 371 -5.21 27.90 -45.80
C GLN C 371 -5.16 27.60 -44.30
N SER C 372 -5.14 26.33 -43.95
CA SER C 372 -5.16 25.96 -42.55
C SER C 372 -3.91 26.44 -41.82
N ILE C 373 -2.73 26.21 -42.40
CA ILE C 373 -1.47 26.65 -41.78
C ILE C 373 -1.50 28.17 -41.58
N SER C 374 -1.84 28.89 -42.64
CA SER C 374 -1.89 30.36 -42.60
C SER C 374 -2.85 30.89 -41.53
N ILE C 375 -4.06 30.34 -41.46
CA ILE C 375 -5.07 30.90 -40.56
C ILE C 375 -4.78 30.53 -39.12
N MET C 376 -4.14 29.39 -38.93
CA MET C 376 -3.68 29.00 -37.60
C MET C 376 -2.56 29.90 -37.11
N THR C 377 -1.57 30.12 -37.97
CA THR C 377 -0.49 31.07 -37.71
C THR C 377 -1.09 32.41 -37.33
N ASN C 378 -2.01 32.90 -38.14
CA ASN C 378 -2.62 34.18 -37.91
C ASN C 378 -3.38 34.29 -36.58
N VAL C 379 -4.34 33.40 -36.30
CA VAL C 379 -5.01 33.51 -35.00
C VAL C 379 -4.08 33.27 -33.85
N PHE C 380 -3.08 32.40 -34.04
CA PHE C 380 -2.17 32.11 -32.95
C PHE C 380 -1.52 33.42 -32.52
N LYS C 381 -0.86 34.10 -33.46
CA LYS C 381 -0.21 35.38 -33.19
C LYS C 381 -1.20 36.37 -32.59
N SER C 382 -2.27 36.67 -33.30
CA SER C 382 -3.23 37.64 -32.82
C SER C 382 -3.75 37.31 -31.42
N PHE C 383 -4.15 36.05 -31.19
CA PHE C 383 -4.67 35.63 -29.91
C PHE C 383 -3.68 35.83 -28.75
N THR C 384 -2.40 35.51 -28.95
CA THR C 384 -1.41 35.67 -27.87
C THR C 384 -1.12 37.14 -27.58
N GLU C 385 -1.03 37.97 -28.62
CA GLU C 385 -0.82 39.41 -28.45
C GLU C 385 -2.00 40.11 -27.80
N ASN C 386 -3.21 39.76 -28.20
CA ASN C 386 -4.39 40.50 -27.80
C ASN C 386 -5.23 39.92 -26.64
N CYS C 387 -4.87 38.72 -26.17
CA CYS C 387 -5.62 38.07 -25.10
C CYS C 387 -4.70 37.41 -24.06
N LEU C 388 -3.93 36.41 -24.51
CA LEU C 388 -3.21 35.51 -23.62
C LEU C 388 -2.25 36.23 -22.67
N LYS C 389 -1.50 37.19 -23.19
CA LYS C 389 -0.57 37.95 -22.35
C LYS C 389 -1.27 38.73 -21.23
N GLY C 390 -2.47 39.24 -21.48
CA GLY C 390 -3.16 40.10 -20.52
C GLY C 390 -4.20 39.46 -19.61
N ILE C 391 -4.39 38.14 -19.73
CA ILE C 391 -5.37 37.44 -18.92
C ILE C 391 -5.04 37.64 -17.44
N LYS C 392 -6.03 38.05 -16.66
CA LYS C 392 -5.87 38.26 -15.21
C LYS C 392 -6.88 37.40 -14.45
N ALA C 393 -6.48 36.93 -13.27
CA ALA C 393 -7.30 36.03 -12.46
C ALA C 393 -8.07 36.76 -11.37
N ASN C 394 -9.28 36.33 -11.08
CA ASN C 394 -10.02 36.87 -9.93
C ASN C 394 -9.77 35.99 -8.71
N GLU C 395 -8.62 36.19 -8.06
CA GLU C 395 -8.16 35.31 -6.99
C GLU C 395 -9.13 35.26 -5.83
N GLU C 396 -9.63 36.42 -5.43
CA GLU C 396 -10.54 36.53 -4.28
C GLU C 396 -11.84 35.74 -4.51
N ARG C 397 -12.42 35.86 -5.70
CA ARG C 397 -13.67 35.17 -6.01
C ARG C 397 -13.49 33.65 -6.11
N MET C 398 -12.43 33.20 -6.77
CA MET C 398 -12.13 31.78 -6.84
C MET C 398 -11.85 31.18 -5.46
N LYS C 399 -11.28 31.98 -4.56
CA LYS C 399 -11.06 31.57 -3.18
C LYS C 399 -12.40 31.33 -2.48
N GLU C 400 -13.33 32.27 -2.68
CA GLU C 400 -14.68 32.18 -2.09
C GLU C 400 -15.44 30.93 -2.57
N TYR C 401 -15.23 30.57 -3.83
CA TYR C 401 -15.74 29.30 -4.38
C TYR C 401 -15.22 28.11 -3.60
N VAL C 402 -13.94 28.15 -3.23
CA VAL C 402 -13.31 27.07 -2.48
C VAL C 402 -13.88 26.98 -1.06
N GLU C 403 -13.89 28.10 -0.34
CA GLU C 403 -14.42 28.13 1.02
C GLU C 403 -15.89 27.69 1.13
N LYS C 404 -16.63 27.88 0.03
CA LYS C 404 -18.08 27.61 0.00
C LYS C 404 -18.48 26.28 -0.64
N SER C 405 -17.51 25.57 -1.21
CA SER C 405 -17.79 24.32 -1.90
C SER C 405 -17.99 23.19 -0.91
N ILE C 406 -18.56 22.08 -1.38
CA ILE C 406 -18.68 20.88 -0.58
C ILE C 406 -17.44 20.01 -0.75
N GLY C 407 -16.68 20.29 -1.82
CA GLY C 407 -15.53 19.49 -2.22
C GLY C 407 -14.35 19.45 -1.28
N ILE C 408 -14.15 20.54 -0.53
CA ILE C 408 -13.06 20.58 0.43
C ILE C 408 -13.18 19.49 1.52
N ILE C 409 -14.38 18.95 1.71
CA ILE C 409 -14.54 17.88 2.67
C ILE C 409 -13.66 16.70 2.29
N THR C 410 -13.15 16.68 1.06
CA THR C 410 -12.26 15.60 0.62
C THR C 410 -10.87 15.70 1.27
N ALA C 411 -10.39 16.92 1.45
CA ALA C 411 -9.14 17.16 2.16
C ALA C 411 -9.33 16.95 3.68
N ILE C 412 -10.49 17.36 4.19
CA ILE C 412 -10.84 17.24 5.63
C ILE C 412 -11.05 15.78 6.06
N ASN C 413 -11.75 15.01 5.24
CA ASN C 413 -12.08 13.62 5.57
C ASN C 413 -11.07 12.83 6.42
N PRO C 414 -9.87 12.55 5.89
CA PRO C 414 -8.94 11.64 6.61
C PRO C 414 -8.58 12.10 8.03
N HIS C 415 -8.76 13.39 8.32
CA HIS C 415 -8.50 13.95 9.64
C HIS C 415 -9.68 13.79 10.62
N VAL C 416 -10.83 13.38 10.09
CA VAL C 416 -12.06 13.37 10.86
C VAL C 416 -12.76 12.01 10.79
N GLY C 417 -12.26 11.14 9.91
CA GLY C 417 -12.87 9.82 9.72
C GLY C 417 -14.10 9.94 8.84
N TYR C 418 -14.44 8.87 8.14
CA TYR C 418 -15.50 8.89 7.11
C TYR C 418 -16.91 9.25 7.58
N GLU C 419 -17.37 8.62 8.65
CA GLU C 419 -18.75 8.82 9.14
C GLU C 419 -19.11 10.30 9.36
N THR C 420 -18.35 10.99 10.21
CA THR C 420 -18.63 12.41 10.51
C THR C 420 -18.39 13.35 9.33
N ALA C 421 -17.38 13.06 8.50
CA ALA C 421 -17.05 13.89 7.35
C ALA C 421 -18.24 14.00 6.41
N ALA C 422 -18.94 12.87 6.24
CA ALA C 422 -20.13 12.78 5.39
C ALA C 422 -21.34 13.48 6.00
N LYS C 423 -21.44 13.48 7.32
CA LYS C 423 -22.51 14.23 7.99
C LYS C 423 -22.29 15.74 7.89
N LEU C 424 -21.04 16.17 7.98
CA LEU C 424 -20.70 17.59 7.79
C LEU C 424 -20.99 18.06 6.36
N ALA C 425 -20.63 17.25 5.37
CA ALA C 425 -20.86 17.62 3.98
C ALA C 425 -22.35 17.71 3.69
N ARG C 426 -23.11 16.69 4.11
CA ARG C 426 -24.56 16.64 3.95
C ARG C 426 -25.22 17.84 4.63
N GLU C 427 -24.78 18.19 5.82
CA GLU C 427 -25.35 19.32 6.54
C GLU C 427 -25.07 20.66 5.85
N ALA C 428 -23.84 20.80 5.34
CA ALA C 428 -23.41 22.02 4.65
C ALA C 428 -24.12 22.22 3.31
N TYR C 429 -24.29 21.15 2.55
CA TYR C 429 -25.00 21.22 1.28
C TYR C 429 -26.45 21.69 1.46
N LEU C 430 -27.12 21.17 2.48
CA LEU C 430 -28.53 21.47 2.72
C LEU C 430 -28.80 22.82 3.40
N THR C 431 -27.95 23.25 4.33
CA THR C 431 -28.14 24.53 5.06
C THR C 431 -27.53 25.75 4.39
N GLY C 432 -26.48 25.52 3.60
CA GLY C 432 -25.78 26.62 2.93
C GLY C 432 -24.71 27.27 3.78
N GLU C 433 -24.34 26.61 4.87
CA GLU C 433 -23.21 27.05 5.70
C GLU C 433 -21.93 26.44 5.15
N SER C 434 -20.81 27.14 5.34
CA SER C 434 -19.51 26.62 4.90
C SER C 434 -19.07 25.45 5.79
N ILE C 435 -18.28 24.54 5.22
CA ILE C 435 -17.75 23.41 5.99
C ILE C 435 -16.90 23.86 7.20
N ARG C 436 -16.10 24.92 7.01
CA ARG C 436 -15.32 25.51 8.09
C ARG C 436 -16.22 25.86 9.27
N GLU C 437 -17.26 26.65 9.01
CA GLU C 437 -18.21 27.06 10.04
C GLU C 437 -18.71 25.87 10.85
N LEU C 438 -19.09 24.79 10.17
CA LEU C 438 -19.62 23.61 10.82
C LEU C 438 -18.56 22.85 11.61
N CYS C 439 -17.36 22.75 11.06
CA CYS C 439 -16.24 22.06 11.73
C CYS C 439 -15.92 22.70 13.08
N ILE C 440 -15.99 24.02 13.12
CA ILE C 440 -15.75 24.79 14.33
C ILE C 440 -16.98 24.76 15.24
N LYS C 441 -18.16 24.83 14.63
CA LYS C 441 -19.46 24.78 15.32
C LYS C 441 -19.60 23.53 16.17
N TYR C 442 -19.29 22.37 15.58
CA TYR C 442 -19.42 21.09 16.29
C TYR C 442 -18.14 20.65 17.03
N GLY C 443 -17.14 21.53 17.02
CA GLY C 443 -15.87 21.32 17.74
C GLY C 443 -15.03 20.17 17.21
N VAL C 444 -15.28 19.79 15.96
CA VAL C 444 -14.61 18.68 15.30
C VAL C 444 -13.16 18.99 14.91
N LEU C 445 -12.93 20.25 14.53
CA LEU C 445 -11.57 20.78 14.27
C LEU C 445 -11.48 22.25 14.75
N THR C 446 -10.26 22.80 14.77
CA THR C 446 -10.07 24.21 15.16
C THR C 446 -9.84 25.11 13.94
N GLU C 447 -9.88 26.43 14.17
CA GLU C 447 -9.57 27.42 13.14
C GLU C 447 -8.12 27.26 12.64
N GLU C 448 -7.24 26.78 13.52
CA GLU C 448 -5.80 26.65 13.24
C GLU C 448 -5.52 25.35 12.52
N GLN C 449 -6.22 24.29 12.94
CA GLN C 449 -6.10 22.98 12.32
C GLN C 449 -6.55 22.99 10.87
N LEU C 450 -7.67 23.69 10.61
CA LEU C 450 -8.23 23.82 9.27
C LEU C 450 -7.37 24.69 8.36
N ASN C 451 -6.74 25.71 8.93
CA ASN C 451 -5.85 26.58 8.16
C ASN C 451 -4.66 25.82 7.57
N GLU C 452 -4.16 24.82 8.31
CA GLU C 452 -3.10 23.94 7.82
C GLU C 452 -3.59 22.83 6.89
N ILE C 453 -4.76 22.26 7.19
CA ILE C 453 -5.37 21.21 6.35
C ILE C 453 -5.83 21.74 4.98
N LEU C 454 -6.39 22.95 4.96
CA LEU C 454 -6.81 23.59 3.71
C LEU C 454 -5.70 24.41 3.02
N ASN C 455 -4.45 23.95 3.16
CA ASN C 455 -3.32 24.58 2.48
C ASN C 455 -3.48 24.41 0.95
N PRO C 456 -3.57 25.54 0.21
CA PRO C 456 -3.72 25.51 -1.25
C PRO C 456 -2.85 24.50 -1.97
N TYR C 457 -1.60 24.31 -1.53
CA TYR C 457 -0.68 23.39 -2.20
C TYR C 457 -0.92 21.91 -1.87
N GLU C 458 -1.04 21.59 -0.58
CA GLU C 458 -1.24 20.20 -0.15
C GLU C 458 -2.55 19.60 -0.65
N MET C 459 -3.52 20.48 -0.92
CA MET C 459 -4.85 20.07 -1.35
C MET C 459 -4.84 19.61 -2.81
N ILE C 460 -3.85 20.08 -3.55
CA ILE C 460 -3.82 19.89 -5.00
C ILE C 460 -2.66 19.03 -5.52
N HIS C 461 -1.99 18.32 -4.61
CA HIS C 461 -0.86 17.45 -4.95
C HIS C 461 -0.88 16.20 -4.09
N PRO C 462 -0.43 15.05 -4.63
CA PRO C 462 -0.51 13.79 -3.89
C PRO C 462 0.27 13.81 -2.59
N GLY C 463 -0.09 12.91 -1.66
CA GLY C 463 0.58 12.83 -0.36
C GLY C 463 -0.31 12.22 0.70
N ILE C 464 0.27 11.34 1.54
CA ILE C 464 -0.44 10.72 2.67
C ILE C 464 -0.81 11.82 3.65
N ALA C 465 -2.08 11.83 4.07
CA ALA C 465 -2.65 12.89 4.91
C ALA C 465 -1.92 13.12 6.26
N GLY C 466 -1.52 12.02 6.90
CA GLY C 466 -0.78 12.08 8.17
C GLY C 466 0.66 12.56 8.02
N VAL D 5 -32.20 -15.96 -7.59
CA VAL D 5 -32.65 -14.55 -7.83
C VAL D 5 -32.46 -13.65 -6.57
N ARG D 6 -31.27 -13.09 -6.43
CA ARG D 6 -30.86 -12.13 -5.40
C ARG D 6 -31.62 -10.78 -5.48
N ILE D 7 -31.51 -9.98 -4.43
CA ILE D 7 -32.16 -8.68 -4.34
C ILE D 7 -31.17 -7.61 -3.91
N GLU D 8 -31.13 -6.50 -4.64
CA GLU D 8 -30.23 -5.39 -4.30
C GLU D 8 -30.98 -4.07 -4.33
N LYS D 9 -30.83 -3.26 -3.29
CA LYS D 9 -31.55 -1.99 -3.20
C LYS D 9 -30.70 -0.80 -3.66
N ASP D 10 -31.23 -0.08 -4.64
CA ASP D 10 -30.61 1.07 -5.25
C ASP D 10 -31.23 2.31 -4.63
N PHE D 11 -30.56 3.44 -4.77
CA PHE D 11 -31.16 4.71 -4.38
C PHE D 11 -32.46 4.95 -5.16
N LEU D 12 -32.76 4.04 -6.10
CA LEU D 12 -33.99 4.07 -6.91
C LEU D 12 -34.95 2.90 -6.60
N GLY D 13 -34.54 1.99 -5.72
CA GLY D 13 -35.37 0.86 -5.30
C GLY D 13 -34.74 -0.51 -5.54
N GLU D 14 -35.51 -1.56 -5.24
CA GLU D 14 -35.06 -2.96 -5.34
C GLU D 14 -35.06 -3.53 -6.74
N LYS D 15 -33.94 -4.15 -7.11
CA LYS D 15 -33.82 -4.87 -8.37
C LYS D 15 -33.51 -6.33 -8.11
N GLU D 16 -34.12 -7.20 -8.91
CA GLU D 16 -33.83 -8.62 -8.82
C GLU D 16 -32.70 -8.98 -9.78
N ILE D 17 -31.54 -9.34 -9.22
CA ILE D 17 -30.39 -9.77 -10.00
C ILE D 17 -30.48 -11.28 -10.16
N PRO D 18 -30.23 -11.80 -11.38
CA PRO D 18 -30.27 -13.25 -11.60
C PRO D 18 -29.27 -14.05 -10.76
N LYS D 19 -29.65 -15.28 -10.45
CA LYS D 19 -28.89 -16.23 -9.62
C LYS D 19 -27.39 -16.23 -9.92
N ASP D 20 -27.06 -16.29 -11.21
CA ASP D 20 -25.71 -16.56 -11.67
C ASP D 20 -25.06 -15.34 -12.31
N ALA D 21 -25.64 -14.17 -12.08
CA ALA D 21 -25.09 -12.92 -12.58
C ALA D 21 -24.06 -12.38 -11.60
N TYR D 22 -22.99 -11.80 -12.12
CA TYR D 22 -21.94 -11.22 -11.27
C TYR D 22 -21.97 -9.70 -11.22
N TYR D 23 -22.71 -9.09 -12.14
CA TYR D 23 -22.99 -7.66 -12.06
C TYR D 23 -24.02 -7.37 -10.97
N GLY D 24 -24.27 -6.10 -10.70
CA GLY D 24 -25.26 -5.68 -9.69
C GLY D 24 -26.13 -4.52 -10.13
N VAL D 25 -26.88 -3.94 -9.19
CA VAL D 25 -27.82 -2.85 -9.48
C VAL D 25 -27.20 -1.71 -10.27
N GLN D 26 -25.98 -1.34 -9.94
CA GLN D 26 -25.33 -0.22 -10.62
C GLN D 26 -25.21 -0.49 -12.10
N THR D 27 -24.78 -1.69 -12.45
CA THR D 27 -24.73 -2.11 -13.84
C THR D 27 -26.12 -2.10 -14.50
N ILE D 28 -27.13 -2.58 -13.76
CA ILE D 28 -28.51 -2.61 -14.23
C ILE D 28 -29.03 -1.21 -14.54
N ARG D 29 -28.75 -0.27 -13.64
CA ARG D 29 -29.07 1.13 -13.84
C ARG D 29 -28.50 1.71 -15.14
N ALA D 30 -27.24 1.40 -15.42
CA ALA D 30 -26.63 1.83 -16.67
C ALA D 30 -27.40 1.28 -17.87
N THR D 31 -27.82 0.03 -17.75
CA THR D 31 -28.66 -0.69 -18.73
C THR D 31 -30.00 0.02 -18.98
N GLU D 32 -30.62 0.54 -17.93
CA GLU D 32 -31.86 1.32 -18.08
C GLU D 32 -31.63 2.70 -18.65
N ASN D 33 -30.58 3.36 -18.15
CA ASN D 33 -30.25 4.72 -18.52
C ASN D 33 -29.87 4.82 -19.99
N PHE D 34 -29.10 3.85 -20.48
CA PHE D 34 -28.44 3.97 -21.78
C PHE D 34 -28.62 2.76 -22.71
N PRO D 35 -29.89 2.44 -23.06
CA PRO D 35 -30.07 1.30 -23.94
C PRO D 35 -29.97 1.81 -25.36
N ILE D 36 -28.75 2.12 -25.80
CA ILE D 36 -28.53 2.87 -27.04
C ILE D 36 -28.23 2.02 -28.28
N THR D 37 -27.19 1.21 -28.23
CA THR D 37 -26.77 0.42 -29.39
C THR D 37 -27.07 -1.08 -29.24
N GLY D 38 -27.18 -1.56 -28.00
CA GLY D 38 -27.22 -2.99 -27.76
C GLY D 38 -25.87 -3.69 -27.98
N TYR D 39 -24.81 -2.90 -28.07
CA TYR D 39 -23.47 -3.46 -28.11
C TYR D 39 -22.93 -3.60 -26.71
N ARG D 40 -21.84 -4.34 -26.60
CA ARG D 40 -21.12 -4.53 -25.36
C ARG D 40 -19.70 -3.99 -25.62
N ILE D 41 -18.97 -3.62 -24.58
CA ILE D 41 -17.59 -3.17 -24.78
C ILE D 41 -16.68 -4.29 -25.32
N HIS D 42 -15.60 -3.91 -26.00
CA HIS D 42 -14.66 -4.84 -26.62
C HIS D 42 -13.96 -5.73 -25.56
N PRO D 43 -13.79 -7.03 -25.86
CA PRO D 43 -13.16 -7.94 -24.88
C PRO D 43 -11.74 -7.53 -24.40
N GLU D 44 -10.93 -6.97 -25.29
CA GLU D 44 -9.64 -6.43 -24.90
C GLU D 44 -9.82 -5.34 -23.84
N LEU D 45 -10.91 -4.61 -23.90
CA LEU D 45 -11.15 -3.59 -22.88
C LEU D 45 -11.57 -4.25 -21.56
N ILE D 46 -12.32 -5.35 -21.67
CA ILE D 46 -12.71 -6.14 -20.52
C ILE D 46 -11.44 -6.65 -19.86
N LYS D 47 -10.55 -7.20 -20.67
CA LYS D 47 -9.27 -7.74 -20.21
C LYS D 47 -8.41 -6.65 -19.55
N SER D 48 -8.41 -5.47 -20.15
CA SER D 48 -7.61 -4.36 -19.62
C SER D 48 -8.18 -3.84 -18.31
N LEU D 49 -9.50 -3.86 -18.18
CA LEU D 49 -10.10 -3.45 -16.93
C LEU D 49 -9.58 -4.36 -15.83
N GLY D 50 -9.65 -5.67 -16.08
CA GLY D 50 -9.09 -6.69 -15.17
C GLY D 50 -7.66 -6.45 -14.74
N ILE D 51 -6.82 -6.03 -15.69
CA ILE D 51 -5.44 -5.65 -15.38
C ILE D 51 -5.39 -4.44 -14.45
N VAL D 52 -6.26 -3.47 -14.67
CA VAL D 52 -6.29 -2.28 -13.83
C VAL D 52 -6.61 -2.74 -12.40
N LYS D 53 -7.66 -3.53 -12.26
CA LYS D 53 -8.11 -3.95 -10.95
C LYS D 53 -7.09 -4.83 -10.23
N LYS D 54 -6.41 -5.69 -10.98
CA LYS D 54 -5.39 -6.57 -10.40
C LYS D 54 -4.18 -5.77 -9.90
N SER D 55 -3.71 -4.84 -10.73
CA SER D 55 -2.61 -3.96 -10.36
C SER D 55 -2.93 -3.13 -9.12
N ALA D 56 -4.13 -2.54 -9.12
CA ALA D 56 -4.63 -1.79 -7.96
C ALA D 56 -4.72 -2.62 -6.67
N ALA D 57 -5.27 -3.83 -6.76
CA ALA D 57 -5.36 -4.73 -5.60
C ALA D 57 -3.96 -5.00 -5.04
N LEU D 58 -3.01 -5.27 -5.91
CA LEU D 58 -1.66 -5.62 -5.47
C LEU D 58 -0.96 -4.44 -4.82
N ALA D 59 -1.16 -3.26 -5.38
CA ALA D 59 -0.53 -2.04 -4.85
C ALA D 59 -1.16 -1.67 -3.52
N ASN D 60 -2.49 -1.62 -3.49
CA ASN D 60 -3.22 -1.40 -2.23
C ASN D 60 -2.81 -2.33 -1.08
N MET D 61 -2.55 -3.61 -1.40
CA MET D 61 -2.10 -4.56 -0.37
C MET D 61 -0.70 -4.24 0.12
N GLU D 62 0.23 -4.03 -0.80
CA GLU D 62 1.63 -3.74 -0.45
C GLU D 62 1.78 -2.47 0.36
N VAL D 63 0.97 -1.47 0.02
CA VAL D 63 1.03 -0.16 0.64
C VAL D 63 0.23 -0.12 1.96
N GLY D 64 -0.42 -1.22 2.30
CA GLY D 64 -1.13 -1.34 3.57
C GLY D 64 -2.54 -0.77 3.62
N LEU D 65 -3.12 -0.51 2.45
CA LEU D 65 -4.47 0.09 2.39
C LEU D 65 -5.58 -0.94 2.25
N LEU D 66 -5.25 -2.10 1.69
CA LEU D 66 -6.19 -3.18 1.44
C LEU D 66 -5.85 -4.42 2.26
N ASP D 67 -6.83 -4.93 2.99
CA ASP D 67 -6.68 -6.17 3.76
C ASP D 67 -6.22 -7.30 2.83
N LYS D 68 -5.19 -8.02 3.26
CA LYS D 68 -4.56 -8.99 2.39
C LYS D 68 -5.36 -10.27 2.22
N GLU D 69 -6.19 -10.61 3.19
CA GLU D 69 -7.01 -11.83 3.07
C GLU D 69 -8.09 -11.65 2.00
N VAL D 70 -8.71 -10.47 2.01
CA VAL D 70 -9.75 -10.13 1.04
C VAL D 70 -9.10 -9.88 -0.32
N GLY D 71 -7.98 -9.15 -0.33
CA GLY D 71 -7.31 -8.77 -1.57
C GLY D 71 -6.88 -9.97 -2.39
N GLN D 72 -6.36 -10.97 -1.70
CA GLN D 72 -5.94 -12.22 -2.34
C GLN D 72 -6.97 -12.75 -3.36
N TYR D 73 -8.26 -12.65 -3.00
CA TYR D 73 -9.35 -13.12 -3.86
C TYR D 73 -9.70 -12.11 -4.96
N ILE D 74 -9.64 -10.82 -4.64
CA ILE D 74 -9.84 -9.79 -5.65
C ILE D 74 -8.86 -10.01 -6.81
N VAL D 75 -7.60 -10.27 -6.49
CA VAL D 75 -6.60 -10.60 -7.51
C VAL D 75 -7.03 -11.83 -8.31
N LYS D 76 -7.37 -12.92 -7.61
CA LYS D 76 -7.82 -14.14 -8.29
C LYS D 76 -8.97 -13.86 -9.25
N ALA D 77 -10.00 -13.18 -8.77
CA ALA D 77 -11.16 -12.83 -9.60
C ALA D 77 -10.74 -11.98 -10.80
N ALA D 78 -9.91 -10.97 -10.56
CA ALA D 78 -9.42 -10.10 -11.63
C ALA D 78 -8.68 -10.90 -12.69
N ASP D 79 -7.88 -11.88 -12.26
CA ASP D 79 -7.14 -12.73 -13.19
C ASP D 79 -8.09 -13.46 -14.13
N GLU D 80 -9.21 -13.88 -13.58
CA GLU D 80 -10.24 -14.57 -14.36
C GLU D 80 -10.85 -13.63 -15.39
N VAL D 81 -11.03 -12.38 -15.00
CA VAL D 81 -11.51 -11.37 -15.93
C VAL D 81 -10.48 -11.19 -17.06
N ILE D 82 -9.19 -11.10 -16.69
CA ILE D 82 -8.08 -11.02 -17.66
C ILE D 82 -8.08 -12.21 -18.64
N GLU D 83 -8.22 -13.43 -18.13
CA GLU D 83 -8.25 -14.65 -18.96
C GLU D 83 -9.53 -14.76 -19.80
N GLY D 84 -10.39 -13.76 -19.71
CA GLY D 84 -11.62 -13.65 -20.50
C GLY D 84 -12.78 -14.54 -20.08
N LYS D 85 -12.83 -14.87 -18.79
CA LYS D 85 -13.77 -15.89 -18.31
C LYS D 85 -15.15 -15.32 -18.03
N TRP D 86 -15.27 -13.99 -17.99
CA TRP D 86 -16.53 -13.36 -17.62
C TRP D 86 -16.98 -12.25 -18.60
N ASN D 87 -16.71 -12.42 -19.89
CA ASN D 87 -17.09 -11.40 -20.90
C ASN D 87 -18.59 -11.18 -21.00
N ASP D 88 -19.36 -12.26 -20.86
CA ASP D 88 -20.82 -12.23 -20.74
C ASP D 88 -21.34 -11.24 -19.71
N GLN D 89 -20.65 -11.14 -18.56
CA GLN D 89 -21.08 -10.29 -17.42
C GLN D 89 -20.89 -8.79 -17.62
N PHE D 90 -20.31 -8.38 -18.74
CA PHE D 90 -20.10 -6.96 -19.04
C PHE D 90 -21.15 -6.48 -20.01
N ILE D 91 -22.22 -5.90 -19.44
CA ILE D 91 -23.46 -5.70 -20.16
C ILE D 91 -23.80 -4.24 -20.47
N VAL D 92 -22.97 -3.28 -20.04
CA VAL D 92 -23.28 -1.85 -20.27
C VAL D 92 -22.98 -1.43 -21.70
N ASP D 93 -23.64 -0.38 -22.14
CA ASP D 93 -23.52 0.10 -23.52
C ASP D 93 -22.28 0.97 -23.68
N PRO D 94 -21.45 0.71 -24.72
CA PRO D 94 -20.26 1.56 -24.93
C PRO D 94 -20.60 3.03 -25.24
N ILE D 95 -21.77 3.28 -25.81
CA ILE D 95 -22.30 4.66 -25.85
C ILE D 95 -23.16 4.85 -24.62
N GLN D 96 -22.64 5.63 -23.69
CA GLN D 96 -23.20 5.80 -22.35
C GLN D 96 -22.73 7.13 -21.80
N GLY D 97 -23.58 7.80 -21.02
CA GLY D 97 -23.17 8.98 -20.24
C GLY D 97 -22.47 8.57 -18.95
N GLY D 98 -22.09 9.56 -18.13
CA GLY D 98 -21.41 9.25 -16.86
C GLY D 98 -19.91 9.05 -17.00
N ALA D 99 -19.41 9.34 -18.20
CA ALA D 99 -17.99 9.37 -18.52
C ALA D 99 -17.23 8.05 -18.23
N GLY D 100 -17.90 6.92 -18.43
CA GLY D 100 -17.27 5.62 -18.23
C GLY D 100 -17.45 5.03 -16.85
N THR D 101 -18.23 5.70 -16.00
CA THR D 101 -18.42 5.31 -14.61
C THR D 101 -19.03 3.94 -14.50
N SER D 102 -20.05 3.68 -15.31
CA SER D 102 -20.70 2.38 -15.31
C SER D 102 -19.81 1.26 -15.87
N ILE D 103 -18.92 1.59 -16.82
CA ILE D 103 -17.95 0.60 -17.33
C ILE D 103 -17.02 0.19 -16.19
N ASN D 104 -16.53 1.19 -15.46
CA ASN D 104 -15.72 0.94 -14.29
C ASN D 104 -16.46 0.07 -13.27
N MET D 105 -17.63 0.53 -12.84
CA MET D 105 -18.44 -0.22 -11.86
C MET D 105 -18.84 -1.61 -12.34
N ASN D 106 -19.10 -1.78 -13.63
CA ASN D 106 -19.39 -3.12 -14.16
C ASN D 106 -18.21 -4.03 -13.84
N ALA D 107 -16.98 -3.52 -14.03
CA ALA D 107 -15.79 -4.26 -13.63
C ALA D 107 -15.76 -4.45 -12.12
N ASN D 108 -16.00 -3.37 -11.38
CA ASN D 108 -15.92 -3.42 -9.92
C ASN D 108 -16.88 -4.45 -9.31
N GLU D 109 -18.10 -4.49 -9.83
CA GLU D 109 -19.16 -5.38 -9.34
C GLU D 109 -18.88 -6.83 -9.69
N VAL D 110 -18.53 -7.08 -10.95
CA VAL D 110 -18.16 -8.42 -11.38
C VAL D 110 -17.01 -8.97 -10.52
N ILE D 111 -15.95 -8.19 -10.34
CA ILE D 111 -14.79 -8.67 -9.58
C ILE D 111 -15.09 -8.89 -8.09
N ALA D 112 -15.87 -8.01 -7.49
CA ALA D 112 -16.30 -8.16 -6.09
C ALA D 112 -17.10 -9.45 -5.87
N ASN D 113 -18.17 -9.65 -6.63
CA ASN D 113 -19.04 -10.80 -6.49
C ASN D 113 -18.34 -12.13 -6.78
N ARG D 114 -17.45 -12.14 -7.76
CA ARG D 114 -16.69 -13.36 -8.06
C ARG D 114 -15.64 -13.62 -6.99
N ALA D 115 -15.07 -12.55 -6.43
CA ALA D 115 -14.16 -12.68 -5.30
C ALA D 115 -14.91 -13.26 -4.09
N LEU D 116 -16.10 -12.71 -3.81
CA LEU D 116 -16.94 -13.20 -2.74
C LEU D 116 -17.19 -14.71 -2.84
N GLU D 117 -17.57 -15.17 -4.04
CA GLU D 117 -17.91 -16.56 -4.27
C GLU D 117 -16.69 -17.45 -4.09
N LEU D 118 -15.56 -17.00 -4.62
CA LEU D 118 -14.30 -17.71 -4.39
C LEU D 118 -14.01 -17.93 -2.92
N MET D 119 -14.34 -16.96 -2.07
CA MET D 119 -14.10 -17.10 -0.63
C MET D 119 -15.32 -17.62 0.16
N GLY D 120 -16.36 -18.01 -0.57
CA GLY D 120 -17.49 -18.74 -0.02
C GLY D 120 -18.53 -17.92 0.71
N GLU D 121 -18.64 -16.64 0.37
CA GLU D 121 -19.74 -15.84 0.90
C GLU D 121 -20.79 -15.69 -0.21
N GLU D 122 -21.96 -15.15 0.11
CA GLU D 122 -23.01 -14.93 -0.89
C GLU D 122 -22.67 -13.70 -1.74
N LYS D 123 -22.98 -13.75 -3.03
CA LYS D 123 -22.82 -12.58 -3.88
C LYS D 123 -23.76 -11.47 -3.41
N GLY D 124 -23.25 -10.24 -3.42
CA GLY D 124 -24.05 -9.09 -3.04
C GLY D 124 -23.77 -8.64 -1.62
N ASN D 125 -23.05 -9.46 -0.87
CA ASN D 125 -22.60 -9.12 0.48
C ASN D 125 -21.44 -8.12 0.40
N TYR D 126 -21.77 -6.88 0.07
CA TYR D 126 -20.77 -5.84 -0.11
C TYR D 126 -20.28 -5.23 1.21
N SER D 127 -20.66 -5.84 2.32
CA SER D 127 -20.05 -5.52 3.62
C SER D 127 -18.69 -6.19 3.71
N LYS D 128 -18.58 -7.38 3.10
CA LYS D 128 -17.35 -8.15 3.07
C LYS D 128 -16.41 -7.68 1.98
N ILE D 129 -16.92 -7.57 0.76
CA ILE D 129 -16.13 -7.07 -0.36
C ILE D 129 -16.95 -6.05 -1.12
N SER D 130 -16.52 -4.79 -1.06
CA SER D 130 -17.27 -3.73 -1.71
C SER D 130 -16.70 -3.39 -3.09
N PRO D 131 -17.58 -3.41 -4.10
CA PRO D 131 -17.22 -2.90 -5.43
C PRO D 131 -16.59 -1.52 -5.31
N ASN D 132 -17.14 -0.68 -4.43
CA ASN D 132 -16.61 0.65 -4.22
C ASN D 132 -15.38 0.74 -3.30
N SER D 133 -15.52 0.27 -2.05
CA SER D 133 -14.47 0.42 -1.02
C SER D 133 -13.23 -0.41 -1.30
N HIS D 134 -13.42 -1.61 -1.86
CA HIS D 134 -12.30 -2.52 -2.02
C HIS D 134 -11.77 -2.59 -3.45
N VAL D 135 -12.63 -2.98 -4.38
CA VAL D 135 -12.20 -3.21 -5.76
C VAL D 135 -11.82 -1.91 -6.45
N ASN D 136 -12.42 -0.80 -6.02
CA ASN D 136 -12.15 0.51 -6.62
C ASN D 136 -11.31 1.40 -5.70
N MET D 137 -10.65 0.79 -4.72
CA MET D 137 -9.85 1.53 -3.75
C MET D 137 -8.69 2.33 -4.38
N SER D 138 -8.62 3.62 -4.04
CA SER D 138 -7.54 4.52 -4.45
C SER D 138 -7.67 4.92 -5.92
N GLN D 139 -8.82 4.57 -6.51
CA GLN D 139 -9.10 4.83 -7.91
C GLN D 139 -10.33 5.72 -8.08
N SER D 140 -10.35 6.41 -9.22
CA SER D 140 -11.50 7.16 -9.64
C SER D 140 -11.98 6.51 -10.93
N THR D 141 -13.16 6.89 -11.40
CA THR D 141 -13.57 6.60 -12.78
C THR D 141 -12.55 7.24 -13.74
N ASN D 142 -12.00 8.39 -13.34
CA ASN D 142 -11.24 9.27 -14.21
C ASN D 142 -9.76 8.91 -14.39
N ASP D 143 -9.33 7.80 -13.79
CA ASP D 143 -7.99 7.28 -14.04
C ASP D 143 -7.99 5.80 -14.41
N ALA D 144 -8.86 5.04 -13.75
CA ALA D 144 -9.00 3.62 -14.02
C ALA D 144 -9.51 3.39 -15.44
N PHE D 145 -10.61 4.06 -15.78
CA PHE D 145 -11.20 4.00 -17.11
C PHE D 145 -10.21 4.38 -18.23
N PRO D 146 -9.60 5.59 -18.17
CA PRO D 146 -8.65 5.88 -19.24
C PRO D 146 -7.52 4.85 -19.31
N THR D 147 -6.94 4.50 -18.17
CA THR D 147 -5.79 3.58 -18.14
C THR D 147 -6.17 2.24 -18.78
N ALA D 148 -7.33 1.71 -18.43
CA ALA D 148 -7.85 0.53 -19.12
C ALA D 148 -7.89 0.78 -20.63
N THR D 149 -8.49 1.90 -21.03
CA THR D 149 -8.56 2.22 -22.45
C THR D 149 -7.18 2.34 -23.11
N HIS D 150 -6.21 2.96 -22.42
CA HIS D 150 -4.83 3.09 -22.95
C HIS D 150 -4.24 1.70 -23.21
N ILE D 151 -4.29 0.84 -22.20
CA ILE D 151 -3.81 -0.53 -22.35
C ILE D 151 -4.54 -1.26 -23.49
N ALA D 152 -5.86 -1.11 -23.58
CA ALA D 152 -6.64 -1.84 -24.58
C ALA D 152 -6.33 -1.39 -25.99
N VAL D 153 -6.28 -0.09 -26.19
CA VAL D 153 -5.89 0.48 -27.47
C VAL D 153 -4.49 0.01 -27.90
N LEU D 154 -3.53 0.04 -26.97
CA LEU D 154 -2.16 -0.34 -27.28
C LEU D 154 -2.04 -1.80 -27.73
N SER D 155 -2.73 -2.71 -27.04
CA SER D 155 -2.73 -4.14 -27.44
C SER D 155 -3.32 -4.28 -28.84
N LEU D 156 -4.45 -3.62 -29.08
CA LEU D 156 -5.15 -3.78 -30.34
C LEU D 156 -4.31 -3.22 -31.48
N LEU D 157 -3.72 -2.05 -31.21
CA LEU D 157 -2.80 -1.36 -32.10
C LEU D 157 -1.61 -2.27 -32.52
N ASN D 158 -1.04 -3.01 -31.57
CA ASN D 158 0.08 -3.89 -31.87
C ASN D 158 -0.30 -5.06 -32.78
N GLN D 159 -1.53 -5.57 -32.62
CA GLN D 159 -2.08 -6.53 -33.58
C GLN D 159 -2.17 -5.87 -34.97
N LEU D 160 -2.78 -4.70 -35.04
CA LEU D 160 -2.93 -3.98 -36.30
C LEU D 160 -1.59 -3.77 -37.03
N ILE D 161 -0.57 -3.39 -36.27
CA ILE D 161 0.77 -3.21 -36.83
C ILE D 161 1.29 -4.55 -37.39
N GLU D 162 1.14 -5.61 -36.60
CA GLU D 162 1.57 -6.93 -37.04
C GLU D 162 0.85 -7.29 -38.34
N THR D 163 -0.46 -7.10 -38.39
CA THR D 163 -1.25 -7.42 -39.58
C THR D 163 -0.89 -6.51 -40.76
N THR D 164 -0.67 -5.24 -40.49
CA THR D 164 -0.39 -4.31 -41.57
C THR D 164 0.98 -4.61 -42.20
N LYS D 165 1.96 -4.95 -41.37
CA LYS D 165 3.28 -5.36 -41.84
C LYS D 165 3.19 -6.56 -42.79
N TYR D 166 2.38 -7.55 -42.43
CA TYR D 166 2.15 -8.72 -43.27
C TYR D 166 1.57 -8.36 -44.65
N MET D 167 0.46 -7.63 -44.66
CA MET D 167 -0.13 -7.09 -45.89
C MET D 167 0.91 -6.34 -46.74
N GLN D 168 1.68 -5.46 -46.10
CA GLN D 168 2.73 -4.70 -46.77
C GLN D 168 3.78 -5.60 -47.43
N GLN D 169 4.15 -6.70 -46.75
CA GLN D 169 5.10 -7.65 -47.30
C GLN D 169 4.50 -8.32 -48.52
N GLU D 170 3.19 -8.58 -48.47
CA GLU D 170 2.56 -9.31 -49.58
C GLU D 170 2.41 -8.43 -50.81
N PHE D 171 2.22 -7.12 -50.57
CA PHE D 171 2.28 -6.12 -51.63
C PHE D 171 3.68 -6.14 -52.26
N MET D 172 4.73 -6.02 -51.44
CA MET D 172 6.11 -6.08 -51.95
C MET D 172 6.38 -7.33 -52.77
N LYS D 173 5.85 -8.49 -52.34
CA LYS D 173 5.98 -9.75 -53.09
C LYS D 173 5.33 -9.68 -54.43
N LYS D 174 4.23 -8.93 -54.52
CA LYS D 174 3.53 -8.74 -55.77
C LYS D 174 4.25 -7.78 -56.71
N ALA D 175 4.93 -6.79 -56.15
CA ALA D 175 5.75 -5.90 -56.95
C ALA D 175 6.91 -6.65 -57.63
N ASP D 176 7.62 -7.52 -56.90
CA ASP D 176 8.65 -8.36 -57.50
C ASP D 176 8.06 -9.30 -58.57
N GLU D 177 6.92 -9.91 -58.25
CA GLU D 177 6.23 -10.78 -59.20
C GLU D 177 5.92 -10.06 -60.52
N PHE D 178 5.52 -8.80 -60.43
CA PHE D 178 5.11 -8.04 -61.61
C PHE D 178 6.22 -7.13 -62.16
N ALA D 179 7.40 -7.23 -61.56
CA ALA D 179 8.54 -6.35 -61.87
C ALA D 179 8.81 -6.19 -63.36
N GLY D 180 8.41 -7.18 -64.16
CA GLY D 180 8.62 -7.13 -65.60
C GLY D 180 7.37 -6.96 -66.44
N VAL D 181 6.22 -6.71 -65.80
CA VAL D 181 4.94 -6.62 -66.51
C VAL D 181 4.63 -5.20 -66.98
N ILE D 182 4.95 -4.93 -68.26
CA ILE D 182 4.78 -3.60 -68.85
C ILE D 182 3.30 -3.26 -69.14
N LYS D 183 2.92 -2.02 -68.83
CA LYS D 183 1.58 -1.49 -69.08
C LYS D 183 1.64 0.02 -69.38
N MET D 184 0.47 0.59 -69.68
CA MET D 184 0.36 2.02 -69.93
C MET D 184 -0.03 2.79 -68.67
N GLY D 185 0.85 3.71 -68.25
CA GLY D 185 0.55 4.65 -67.19
C GLY D 185 -0.62 5.51 -67.61
N ARG D 186 -1.42 5.95 -66.65
CA ARG D 186 -2.53 6.88 -66.89
C ARG D 186 -2.48 8.05 -65.93
N THR D 187 -2.62 9.27 -66.44
CA THR D 187 -2.82 10.46 -65.60
C THR D 187 -4.11 11.10 -66.06
N HIS D 188 -4.94 11.55 -65.13
CA HIS D 188 -6.29 12.06 -65.43
C HIS D 188 -7.20 10.97 -66.06
N LEU D 189 -6.85 9.71 -65.88
CA LEU D 189 -7.50 8.60 -66.57
C LEU D 189 -7.29 8.65 -68.09
N GLN D 190 -6.22 9.32 -68.50
CA GLN D 190 -5.88 9.46 -69.91
C GLN D 190 -4.57 8.73 -70.15
N ASP D 191 -4.45 8.03 -71.29
CA ASP D 191 -3.21 7.32 -71.64
C ASP D 191 -1.99 8.22 -71.50
N ALA D 192 -0.97 7.75 -70.79
CA ALA D 192 0.21 8.56 -70.56
C ALA D 192 1.46 7.93 -71.18
N VAL D 193 2.44 7.60 -70.35
CA VAL D 193 3.65 6.95 -70.82
C VAL D 193 3.68 5.55 -70.19
N PRO D 194 4.56 4.64 -70.68
CA PRO D 194 4.54 3.28 -70.14
C PRO D 194 5.00 3.24 -68.69
N ILE D 195 4.51 2.25 -67.96
CA ILE D 195 4.89 2.01 -66.58
C ILE D 195 4.84 0.51 -66.33
N LEU D 196 5.66 0.03 -65.40
CA LEU D 196 5.59 -1.36 -65.01
C LEU D 196 4.44 -1.53 -64.04
N LEU D 197 3.77 -2.68 -64.09
CA LEU D 197 2.77 -3.01 -63.09
C LEU D 197 3.45 -3.13 -61.72
N GLY D 198 4.62 -3.78 -61.71
CA GLY D 198 5.45 -3.87 -60.51
C GLY D 198 5.74 -2.54 -59.83
N GLN D 199 5.90 -1.49 -60.62
CA GLN D 199 6.15 -0.16 -60.06
C GLN D 199 4.95 0.39 -59.31
N GLU D 200 3.76 0.23 -59.89
CA GLU D 200 2.52 0.59 -59.24
C GLU D 200 2.40 -0.15 -57.92
N PHE D 201 2.63 -1.47 -57.93
CA PHE D 201 2.58 -2.23 -56.69
C PHE D 201 3.61 -1.80 -55.65
N GLU D 202 4.83 -1.47 -56.07
CA GLU D 202 5.84 -0.94 -55.14
C GLU D 202 5.33 0.36 -54.53
N ALA D 203 4.54 1.13 -55.27
CA ALA D 203 4.03 2.38 -54.77
C ALA D 203 2.95 2.14 -53.72
N TYR D 204 2.29 0.99 -53.80
CA TYR D 204 1.30 0.59 -52.80
C TYR D 204 2.04 0.14 -51.54
N ALA D 205 3.09 -0.65 -51.73
CA ALA D 205 3.85 -1.15 -50.58
C ALA D 205 4.54 -0.05 -49.80
N ARG D 206 5.01 1.00 -50.48
CA ARG D 206 5.73 2.07 -49.77
C ARG D 206 4.78 2.99 -49.02
N VAL D 207 3.60 3.24 -49.56
CA VAL D 207 2.64 4.08 -48.85
C VAL D 207 2.21 3.38 -47.56
N ILE D 208 1.92 2.09 -47.65
CA ILE D 208 1.61 1.26 -46.47
C ILE D 208 2.80 1.23 -45.48
N ALA D 209 4.03 1.20 -46.00
CA ALA D 209 5.20 1.28 -45.14
C ALA D 209 5.16 2.54 -44.28
N ARG D 210 4.71 3.66 -44.86
CA ARG D 210 4.65 4.95 -44.18
C ARG D 210 3.49 5.02 -43.17
N ASP D 211 2.34 4.47 -43.57
CA ASP D 211 1.21 4.24 -42.68
C ASP D 211 1.60 3.48 -41.42
N ILE D 212 2.35 2.38 -41.56
CA ILE D 212 2.82 1.60 -40.41
C ILE D 212 3.67 2.48 -39.48
N GLU D 213 4.65 3.15 -40.09
CA GLU D 213 5.50 4.11 -39.41
C GLU D 213 4.64 5.11 -38.61
N ARG D 214 3.72 5.81 -39.28
CA ARG D 214 2.82 6.78 -38.64
C ARG D 214 1.99 6.17 -37.51
N ILE D 215 1.36 5.03 -37.79
CA ILE D 215 0.49 4.39 -36.80
C ILE D 215 1.32 4.02 -35.58
N ALA D 216 2.46 3.39 -35.81
CA ALA D 216 3.36 2.96 -34.73
C ALA D 216 3.82 4.09 -33.80
N ASN D 217 4.11 5.26 -34.37
CA ASN D 217 4.57 6.40 -33.56
C ASN D 217 3.48 6.98 -32.65
N THR D 218 2.23 6.58 -32.86
CA THR D 218 1.12 7.14 -32.08
C THR D 218 0.99 6.43 -30.74
N ARG D 219 1.66 5.29 -30.62
CA ARG D 219 1.68 4.52 -29.39
C ARG D 219 2.36 5.28 -28.26
N ASN D 220 3.35 6.11 -28.58
CA ASN D 220 4.17 6.72 -27.53
C ASN D 220 3.39 7.58 -26.51
N ASN D 221 2.50 8.45 -27.02
CA ASN D 221 1.70 9.29 -26.16
C ASN D 221 0.69 8.49 -25.34
N LEU D 222 0.28 7.32 -25.84
CA LEU D 222 -0.58 6.40 -25.09
C LEU D 222 0.13 5.74 -23.92
N TYR D 223 1.46 5.63 -23.97
CA TYR D 223 2.23 5.02 -22.86
C TYR D 223 2.14 5.81 -21.56
N ASP D 224 1.91 7.12 -21.67
CA ASP D 224 1.72 7.98 -20.51
C ASP D 224 0.33 7.86 -19.90
N ILE D 225 0.23 7.18 -18.76
CA ILE D 225 -1.05 6.93 -18.07
C ILE D 225 -1.22 7.82 -16.85
N ASN D 226 -2.46 8.00 -16.41
CA ASN D 226 -2.76 8.94 -15.30
C ASN D 226 -3.19 8.25 -14.00
N MET D 227 -2.83 6.99 -13.85
CA MET D 227 -3.24 6.22 -12.68
C MET D 227 -2.71 6.91 -11.45
N GLY D 228 -3.60 7.22 -10.52
CA GLY D 228 -3.20 7.82 -9.25
C GLY D 228 -3.64 9.25 -9.15
N ALA D 229 -4.20 9.73 -10.26
CA ALA D 229 -4.64 11.12 -10.41
C ALA D 229 -5.86 11.40 -9.55
N THR D 230 -6.62 10.34 -9.27
CA THR D 230 -7.93 10.44 -8.62
C THR D 230 -8.91 11.31 -9.41
N ALA D 231 -9.61 12.23 -8.76
CA ALA D 231 -10.77 12.85 -9.39
C ALA D 231 -10.41 13.73 -10.58
N VAL D 232 -9.42 14.59 -10.38
CA VAL D 232 -9.19 15.73 -11.26
C VAL D 232 -7.75 15.75 -11.75
N GLY D 233 -6.95 14.83 -11.21
CA GLY D 233 -5.51 14.79 -11.46
C GLY D 233 -4.67 15.38 -10.34
N THR D 234 -5.29 15.75 -9.22
CA THR D 234 -4.54 16.33 -8.11
C THR D 234 -3.87 15.24 -7.28
N GLY D 235 -4.48 14.07 -7.25
CA GLY D 235 -3.95 12.96 -6.46
C GLY D 235 -4.13 13.22 -4.98
N LEU D 236 -5.10 14.08 -4.66
CA LEU D 236 -5.54 14.35 -3.28
C LEU D 236 -5.65 13.06 -2.45
N ASN D 237 -4.83 12.97 -1.40
CA ASN D 237 -4.81 11.83 -0.49
C ASN D 237 -4.11 10.59 -1.03
N ALA D 238 -3.81 10.58 -2.34
CA ALA D 238 -3.07 9.46 -2.92
C ALA D 238 -1.68 9.30 -2.32
N ASP D 239 -1.32 8.06 -2.00
CA ASP D 239 0.03 7.70 -1.58
C ASP D 239 0.92 7.66 -2.83
N PRO D 240 2.01 8.46 -2.86
CA PRO D 240 2.94 8.39 -4.00
C PRO D 240 3.50 6.99 -4.22
N GLU D 241 3.59 6.21 -3.15
CA GLU D 241 4.12 4.86 -3.28
C GLU D 241 3.12 3.94 -3.98
N TYR D 242 1.84 4.04 -3.60
CA TYR D 242 0.78 3.43 -4.37
C TYR D 242 0.87 3.77 -5.87
N ILE D 243 1.03 5.06 -6.19
CA ILE D 243 1.05 5.53 -7.59
C ILE D 243 2.22 4.89 -8.31
N SER D 244 3.35 4.88 -7.64
CA SER D 244 4.58 4.38 -8.18
C SER D 244 4.50 2.86 -8.42
N ILE D 245 3.93 2.15 -7.46
CA ILE D 245 3.82 0.70 -7.54
C ILE D 245 2.79 0.30 -8.60
N VAL D 246 1.60 0.90 -8.54
CA VAL D 246 0.52 0.51 -9.43
C VAL D 246 0.92 0.70 -10.90
N THR D 247 1.70 1.74 -11.17
CA THR D 247 2.21 2.00 -12.51
C THR D 247 3.12 0.87 -13.01
N GLU D 248 4.10 0.49 -12.20
CA GLU D 248 5.01 -0.61 -12.51
C GLU D 248 4.26 -1.95 -12.69
N HIS D 249 3.24 -2.21 -11.87
CA HIS D 249 2.40 -3.40 -12.04
C HIS D 249 1.65 -3.41 -13.36
N LEU D 250 1.18 -2.24 -13.77
CA LEU D 250 0.42 -2.11 -15.01
C LEU D 250 1.31 -2.40 -16.22
N ALA D 251 2.54 -1.90 -16.20
CA ALA D 251 3.49 -2.18 -17.29
C ALA D 251 3.74 -3.67 -17.42
N LYS D 252 3.92 -4.32 -16.28
CA LYS D 252 4.27 -5.74 -16.25
C LYS D 252 3.14 -6.62 -16.77
N PHE D 253 1.93 -6.45 -16.25
CA PHE D 253 0.82 -7.34 -16.61
C PHE D 253 0.18 -7.02 -17.95
N SER D 254 0.47 -5.85 -18.51
CA SER D 254 -0.06 -5.46 -19.83
C SER D 254 0.93 -5.68 -20.98
N GLY D 255 2.21 -5.76 -20.66
CA GLY D 255 3.25 -5.96 -21.67
C GLY D 255 3.79 -4.66 -22.28
N HIS D 256 3.20 -3.52 -21.92
CA HIS D 256 3.59 -2.21 -22.49
C HIS D 256 4.54 -1.40 -21.60
N PRO D 257 5.45 -0.62 -22.21
CA PRO D 257 6.34 0.22 -21.39
C PRO D 257 5.62 1.47 -20.87
N LEU D 258 4.62 1.26 -20.01
CA LEU D 258 3.82 2.37 -19.48
C LEU D 258 4.64 3.26 -18.55
N ARG D 259 4.35 4.56 -18.56
CA ARG D 259 5.02 5.51 -17.69
C ARG D 259 3.94 6.37 -17.03
N SER D 260 4.16 6.73 -15.78
CA SER D 260 3.25 7.65 -15.12
C SER D 260 3.45 9.05 -15.72
N ALA D 261 2.38 9.64 -16.24
CA ALA D 261 2.47 10.96 -16.87
C ALA D 261 3.17 11.97 -15.96
N GLN D 262 3.87 12.93 -16.57
CA GLN D 262 4.66 13.91 -15.84
C GLN D 262 3.72 14.88 -15.13
N HIS D 263 2.65 15.31 -15.80
CA HIS D 263 1.65 16.21 -15.23
C HIS D 263 0.27 15.54 -15.27
N LEU D 264 -0.17 15.09 -14.08
CA LEU D 264 -1.35 14.25 -13.95
C LEU D 264 -2.65 14.95 -14.32
N VAL D 265 -2.73 16.24 -14.01
CA VAL D 265 -3.89 17.05 -14.36
C VAL D 265 -4.01 17.06 -15.89
N ASP D 266 -2.91 17.43 -16.55
CA ASP D 266 -2.81 17.37 -18.02
C ASP D 266 -3.28 16.02 -18.56
N ALA D 267 -2.73 14.94 -18.02
CA ALA D 267 -3.13 13.61 -18.47
C ALA D 267 -4.62 13.31 -18.19
N THR D 268 -5.20 13.92 -17.16
CA THR D 268 -6.58 13.65 -16.76
C THR D 268 -7.62 14.33 -17.64
N GLN D 269 -7.28 15.52 -18.17
CA GLN D 269 -8.23 16.35 -18.91
C GLN D 269 -8.01 16.45 -20.43
N ASN D 270 -6.81 16.12 -20.91
CA ASN D 270 -6.55 16.18 -22.36
C ASN D 270 -6.73 14.86 -23.10
N THR D 271 -7.17 14.94 -24.35
CA THR D 271 -7.50 13.74 -25.11
C THR D 271 -6.78 13.66 -26.46
N ASP D 272 -5.73 14.47 -26.61
CA ASP D 272 -4.98 14.56 -27.86
C ASP D 272 -4.38 13.21 -28.29
N CYS D 273 -4.06 12.37 -27.31
CA CYS D 273 -3.48 11.07 -27.61
C CYS D 273 -4.41 10.16 -28.43
N TYR D 274 -5.72 10.33 -28.27
CA TYR D 274 -6.67 9.49 -29.01
C TYR D 274 -6.91 9.95 -30.44
N THR D 275 -7.08 11.25 -30.62
CA THR D 275 -7.23 11.83 -31.95
C THR D 275 -5.94 11.65 -32.76
N GLU D 276 -4.81 11.59 -32.07
CA GLU D 276 -3.53 11.29 -32.72
C GLU D 276 -3.58 9.88 -33.34
N VAL D 277 -4.04 8.89 -32.58
CA VAL D 277 -4.18 7.54 -33.14
C VAL D 277 -5.19 7.52 -34.29
N SER D 278 -6.35 8.16 -34.08
CA SER D 278 -7.43 8.21 -35.10
C SER D 278 -6.95 8.79 -36.43
N SER D 279 -6.25 9.91 -36.33
CA SER D 279 -5.75 10.62 -37.51
C SER D 279 -4.84 9.73 -38.33
N ALA D 280 -3.98 8.99 -37.65
CA ALA D 280 -3.05 8.12 -38.35
C ALA D 280 -3.79 6.95 -39.01
N LEU D 281 -4.81 6.42 -38.32
CA LEU D 281 -5.68 5.38 -38.91
C LEU D 281 -6.42 5.87 -40.16
N LYS D 282 -6.97 7.09 -40.07
CA LYS D 282 -7.71 7.71 -41.18
C LYS D 282 -6.83 7.88 -42.41
N VAL D 283 -5.61 8.37 -42.20
CA VAL D 283 -4.64 8.56 -43.29
C VAL D 283 -4.31 7.24 -43.97
N CYS D 284 -4.21 6.17 -43.18
CA CYS D 284 -3.95 4.85 -43.71
C CYS D 284 -5.10 4.38 -44.59
N MET D 285 -6.32 4.57 -44.13
CA MET D 285 -7.50 4.16 -44.88
C MET D 285 -7.73 4.97 -46.16
N ILE D 286 -7.26 6.21 -46.17
CA ILE D 286 -7.28 7.02 -47.41
C ILE D 286 -6.45 6.33 -48.48
N ASN D 287 -5.27 5.90 -48.09
CA ASN D 287 -4.35 5.24 -49.01
C ASN D 287 -4.89 3.88 -49.43
N MET D 288 -5.46 3.15 -48.48
CA MET D 288 -6.01 1.82 -48.73
C MET D 288 -7.19 1.92 -49.68
N SER D 289 -8.05 2.93 -49.48
CA SER D 289 -9.24 3.12 -50.32
C SER D 289 -8.82 3.47 -51.74
N LYS D 290 -7.87 4.39 -51.85
CA LYS D 290 -7.29 4.76 -53.14
C LYS D 290 -6.77 3.53 -53.88
N ILE D 291 -6.09 2.63 -53.14
CA ILE D 291 -5.47 1.46 -53.75
C ILE D 291 -6.55 0.51 -54.21
N ALA D 292 -7.57 0.35 -53.38
CA ALA D 292 -8.69 -0.52 -53.74
C ALA D 292 -9.45 0.03 -54.95
N ASN D 293 -9.59 1.34 -55.05
CA ASN D 293 -10.22 1.95 -56.22
C ASN D 293 -9.47 1.56 -57.49
N ASP D 294 -8.14 1.57 -57.44
CA ASP D 294 -7.31 1.19 -58.58
C ASP D 294 -7.50 -0.26 -58.93
N LEU D 295 -7.44 -1.13 -57.92
CA LEU D 295 -7.63 -2.56 -58.11
C LEU D 295 -8.98 -2.84 -58.81
N ARG D 296 -10.02 -2.13 -58.40
CA ARG D 296 -11.35 -2.32 -58.98
C ARG D 296 -11.39 -1.87 -60.45
N LEU D 297 -10.58 -0.88 -60.76
CA LEU D 297 -10.49 -0.37 -62.12
C LEU D 297 -9.63 -1.30 -62.96
N MET D 298 -8.54 -1.76 -62.36
CA MET D 298 -7.65 -2.68 -63.03
C MET D 298 -8.35 -3.99 -63.38
N ALA D 299 -9.33 -4.39 -62.55
CA ALA D 299 -10.02 -5.68 -62.74
C ALA D 299 -11.30 -5.58 -63.56
N SER D 300 -11.69 -4.36 -63.92
CA SER D 300 -12.93 -4.12 -64.67
C SER D 300 -12.97 -4.94 -65.95
N GLY D 301 -14.16 -5.20 -66.47
CA GLY D 301 -14.31 -5.95 -67.70
C GLY D 301 -15.34 -7.06 -67.60
N PRO D 302 -15.07 -8.21 -68.25
CA PRO D 302 -13.83 -8.59 -68.92
C PRO D 302 -13.74 -8.19 -70.41
N ARG D 303 -14.75 -7.50 -70.93
CA ARG D 303 -14.75 -7.10 -72.34
C ARG D 303 -14.81 -5.61 -72.58
N ALA D 304 -15.56 -4.87 -71.76
CA ALA D 304 -15.72 -3.43 -71.98
C ALA D 304 -14.99 -2.59 -70.94
N GLY D 305 -13.94 -3.16 -70.36
CA GLY D 305 -13.22 -2.50 -69.27
C GLY D 305 -11.72 -2.48 -69.49
N LEU D 306 -10.98 -2.27 -68.39
CA LEU D 306 -9.52 -2.18 -68.44
C LEU D 306 -8.90 -3.57 -68.43
N SER D 307 -9.46 -4.44 -67.60
CA SER D 307 -9.09 -5.86 -67.56
C SER D 307 -7.57 -6.09 -67.50
N GLU D 308 -6.88 -5.34 -66.65
CA GLU D 308 -5.44 -5.45 -66.51
C GLU D 308 -5.07 -6.61 -65.57
N ILE D 309 -5.89 -6.83 -64.55
CA ILE D 309 -5.62 -7.90 -63.58
C ILE D 309 -6.82 -8.82 -63.31
N VAL D 310 -6.51 -10.00 -62.79
CA VAL D 310 -7.53 -10.96 -62.40
C VAL D 310 -7.44 -11.11 -60.88
N LEU D 311 -8.57 -10.87 -60.19
CA LEU D 311 -8.68 -11.12 -58.76
C LEU D 311 -9.26 -12.50 -58.52
N PRO D 312 -8.86 -13.20 -57.43
CA PRO D 312 -9.50 -14.49 -57.22
C PRO D 312 -10.99 -14.28 -57.05
N ALA D 313 -11.79 -15.11 -57.69
CA ALA D 313 -13.24 -15.07 -57.49
C ALA D 313 -13.54 -15.44 -56.04
N ARG D 314 -14.47 -14.74 -55.42
CA ARG D 314 -14.78 -14.97 -54.00
C ARG D 314 -16.28 -15.03 -53.79
N GLN D 315 -17.01 -14.57 -54.79
CA GLN D 315 -18.44 -14.53 -54.78
C GLN D 315 -18.85 -15.51 -55.86
N PRO D 316 -19.84 -16.37 -55.57
CA PRO D 316 -20.34 -17.20 -56.68
C PRO D 316 -21.02 -16.32 -57.74
N GLY D 317 -20.73 -16.62 -59.01
CA GLY D 317 -21.33 -15.90 -60.14
C GLY D 317 -22.15 -16.88 -60.96
N SER D 318 -23.06 -16.36 -61.78
CA SER D 318 -23.98 -17.22 -62.55
C SER D 318 -23.28 -17.98 -63.69
N SER D 319 -23.82 -19.16 -64.01
CA SER D 319 -23.36 -19.96 -65.15
C SER D 319 -23.64 -19.23 -66.48
N ILE D 320 -24.73 -18.45 -66.49
CA ILE D 320 -25.21 -17.71 -67.65
C ILE D 320 -24.37 -16.46 -67.97
N MET D 321 -23.68 -15.90 -66.97
CA MET D 321 -22.88 -14.68 -67.14
C MET D 321 -21.42 -14.89 -66.71
N PRO D 322 -20.73 -15.81 -67.40
CA PRO D 322 -19.34 -15.97 -66.98
C PRO D 322 -18.50 -14.74 -67.42
N GLY D 323 -17.31 -14.61 -66.84
CA GLY D 323 -16.50 -13.43 -67.05
C GLY D 323 -16.75 -12.36 -66.02
N LYS D 324 -17.98 -12.31 -65.49
CA LYS D 324 -18.35 -11.29 -64.52
C LYS D 324 -17.87 -11.63 -63.11
N VAL D 325 -16.72 -11.10 -62.74
CA VAL D 325 -16.12 -11.39 -61.43
C VAL D 325 -15.98 -10.10 -60.62
N ASN D 326 -16.97 -9.81 -59.78
CA ASN D 326 -17.02 -8.61 -58.97
C ASN D 326 -15.92 -8.53 -57.92
N PRO D 327 -15.25 -7.38 -57.82
CA PRO D 327 -14.11 -7.22 -56.93
C PRO D 327 -14.51 -6.95 -55.49
N VAL D 328 -15.17 -7.91 -54.86
CA VAL D 328 -15.80 -7.71 -53.55
C VAL D 328 -14.81 -7.37 -52.45
N MET D 329 -13.58 -7.85 -52.57
CA MET D 329 -12.60 -7.65 -51.51
C MET D 329 -12.13 -6.20 -51.40
N PRO D 330 -11.62 -5.61 -52.51
CA PRO D 330 -11.40 -4.15 -52.50
C PRO D 330 -12.65 -3.36 -52.14
N GLU D 331 -13.82 -3.83 -52.53
CA GLU D 331 -15.08 -3.17 -52.18
C GLU D 331 -15.27 -3.06 -50.67
N VAL D 332 -15.16 -4.18 -49.95
CA VAL D 332 -15.23 -4.12 -48.49
C VAL D 332 -14.16 -3.18 -47.90
N MET D 333 -12.95 -3.28 -48.44
CA MET D 333 -11.84 -2.36 -48.12
C MET D 333 -12.28 -0.89 -48.19
N ASN D 334 -12.97 -0.55 -49.28
CA ASN D 334 -13.45 0.82 -49.49
C ASN D 334 -14.42 1.27 -48.42
N GLN D 335 -15.26 0.35 -47.95
CA GLN D 335 -16.31 0.67 -47.00
C GLN D 335 -15.79 0.78 -45.57
N VAL D 336 -14.74 0.02 -45.23
CA VAL D 336 -14.08 0.19 -43.93
C VAL D 336 -13.38 1.55 -43.92
N ALA D 337 -12.82 1.92 -45.06
CA ALA D 337 -12.24 3.24 -45.23
C ALA D 337 -13.29 4.28 -44.93
N PHE D 338 -14.50 4.14 -45.48
CA PHE D 338 -15.55 5.13 -45.22
C PHE D 338 -15.97 5.08 -43.76
N GLN D 339 -16.18 3.88 -43.23
CA GLN D 339 -16.39 3.70 -41.78
C GLN D 339 -15.40 4.50 -40.91
N VAL D 340 -14.10 4.34 -41.17
CA VAL D 340 -13.04 5.00 -40.37
C VAL D 340 -13.09 6.53 -40.47
N PHE D 341 -13.41 7.05 -41.66
CA PHE D 341 -13.55 8.49 -41.87
C PHE D 341 -14.56 9.08 -40.89
N GLY D 342 -15.72 8.44 -40.80
CA GLY D 342 -16.81 8.92 -39.93
C GLY D 342 -16.51 8.73 -38.45
N ASN D 343 -15.94 7.58 -38.10
CA ASN D 343 -15.43 7.35 -36.75
C ASN D 343 -14.47 8.45 -36.37
N ASP D 344 -13.66 8.89 -37.33
CA ASP D 344 -12.70 9.95 -37.04
C ASP D 344 -13.34 11.31 -36.77
N LEU D 345 -14.49 11.57 -37.37
CA LEU D 345 -15.21 12.82 -37.12
C LEU D 345 -15.86 12.70 -35.75
N THR D 346 -16.32 11.50 -35.39
CA THR D 346 -16.96 11.30 -34.11
C THR D 346 -15.90 11.52 -33.05
N ILE D 347 -14.72 10.95 -33.27
CA ILE D 347 -13.59 11.12 -32.37
C ILE D 347 -13.19 12.61 -32.18
N THR D 348 -13.25 13.39 -33.26
CA THR D 348 -12.90 14.82 -33.26
C THR D 348 -13.90 15.63 -32.44
N SER D 349 -15.18 15.44 -32.73
CA SER D 349 -16.24 16.11 -31.99
C SER D 349 -16.28 15.71 -30.52
N ALA D 350 -15.99 14.44 -30.21
CA ALA D 350 -15.94 14.05 -28.80
C ALA D 350 -14.80 14.76 -28.07
N SER D 351 -13.62 14.77 -28.68
CA SER D 351 -12.45 15.42 -28.11
C SER D 351 -12.64 16.92 -27.94
N GLU D 352 -13.23 17.59 -28.93
CA GLU D 352 -13.40 19.04 -28.84
C GLU D 352 -14.39 19.42 -27.73
N ALA D 353 -15.17 18.42 -27.30
CA ALA D 353 -16.25 18.62 -26.34
C ALA D 353 -15.80 18.71 -24.88
N GLY D 354 -14.57 18.29 -24.58
CA GLY D 354 -14.02 18.33 -23.24
C GLY D 354 -14.27 19.65 -22.53
N GLN D 355 -14.47 19.61 -21.21
CA GLN D 355 -14.65 20.84 -20.45
C GLN D 355 -13.88 20.73 -19.14
N PHE D 356 -13.09 21.77 -18.83
CA PHE D 356 -12.33 21.81 -17.58
C PHE D 356 -11.60 20.50 -17.34
N GLU D 357 -11.78 19.92 -16.16
CA GLU D 357 -10.91 18.84 -15.70
C GLU D 357 -11.20 17.48 -16.32
N LEU D 358 -12.31 17.31 -17.04
CA LEU D 358 -12.66 16.01 -17.60
C LEU D 358 -13.43 16.12 -18.91
N ASN D 359 -13.08 15.29 -19.89
CA ASN D 359 -13.87 15.15 -21.10
C ASN D 359 -14.86 13.99 -20.87
N VAL D 360 -16.14 14.33 -20.74
CA VAL D 360 -17.15 13.33 -20.40
C VAL D 360 -17.65 12.55 -21.62
N MET D 361 -17.12 12.87 -22.79
CA MET D 361 -17.59 12.30 -24.05
C MET D 361 -16.70 11.16 -24.56
N GLU D 362 -15.80 10.69 -23.70
CA GLU D 362 -14.87 9.62 -24.04
C GLU D 362 -15.49 8.27 -24.44
N PRO D 363 -16.64 7.87 -23.84
CA PRO D 363 -17.11 6.52 -24.22
C PRO D 363 -17.35 6.36 -25.73
N VAL D 364 -17.97 7.37 -26.34
CA VAL D 364 -18.29 7.33 -27.77
C VAL D 364 -17.03 7.42 -28.61
N LEU D 365 -16.05 8.16 -28.10
CA LEU D 365 -14.73 8.31 -28.73
C LEU D 365 -13.96 6.98 -28.69
N PHE D 366 -13.89 6.37 -27.51
CA PHE D 366 -13.24 5.07 -27.32
C PHE D 366 -13.94 3.95 -28.07
N PHE D 367 -15.27 3.99 -28.12
CA PHE D 367 -16.02 3.02 -28.92
C PHE D 367 -15.58 3.14 -30.36
N ASN D 368 -15.49 4.37 -30.85
CA ASN D 368 -15.10 4.63 -32.22
C ASN D 368 -13.63 4.31 -32.53
N LEU D 369 -12.72 4.70 -31.63
CA LEU D 369 -11.31 4.40 -31.80
C LEU D 369 -11.09 2.89 -31.93
N ILE D 370 -11.70 2.12 -31.01
CA ILE D 370 -11.53 0.67 -30.99
C ILE D 370 -12.17 0.03 -32.23
N GLN D 371 -13.32 0.55 -32.67
CA GLN D 371 -13.93 0.04 -33.90
C GLN D 371 -12.93 0.16 -35.05
N SER D 372 -12.45 1.38 -35.30
CA SER D 372 -11.50 1.64 -36.36
C SER D 372 -10.33 0.61 -36.37
N ILE D 373 -9.60 0.49 -35.26
CA ILE D 373 -8.51 -0.48 -35.16
C ILE D 373 -9.03 -1.85 -35.52
N SER D 374 -10.10 -2.25 -34.84
CA SER D 374 -10.65 -3.61 -34.98
C SER D 374 -11.05 -3.97 -36.42
N ILE D 375 -11.77 -3.10 -37.10
CA ILE D 375 -12.23 -3.37 -38.46
C ILE D 375 -11.09 -3.21 -39.48
N MET D 376 -10.09 -2.41 -39.15
CA MET D 376 -8.94 -2.32 -40.04
C MET D 376 -8.19 -3.67 -39.99
N THR D 377 -7.91 -4.13 -38.78
CA THR D 377 -7.24 -5.42 -38.59
C THR D 377 -7.95 -6.51 -39.38
N ASN D 378 -9.27 -6.61 -39.21
CA ASN D 378 -10.01 -7.71 -39.83
C ASN D 378 -10.10 -7.60 -41.35
N VAL D 379 -10.30 -6.39 -41.87
CA VAL D 379 -10.36 -6.21 -43.31
C VAL D 379 -8.99 -6.38 -43.99
N PHE D 380 -7.91 -5.95 -43.32
CA PHE D 380 -6.55 -6.21 -43.85
C PHE D 380 -6.28 -7.70 -43.93
N LYS D 381 -6.67 -8.41 -42.88
CA LYS D 381 -6.41 -9.86 -42.81
C LYS D 381 -7.14 -10.59 -43.93
N SER D 382 -8.44 -10.33 -44.07
CA SER D 382 -9.24 -11.03 -45.06
C SER D 382 -8.88 -10.66 -46.50
N PHE D 383 -8.57 -9.37 -46.71
CA PHE D 383 -8.18 -8.88 -48.02
C PHE D 383 -6.87 -9.50 -48.47
N THR D 384 -5.99 -9.73 -47.50
CA THR D 384 -4.65 -10.21 -47.79
C THR D 384 -4.73 -11.67 -48.22
N GLU D 385 -5.43 -12.48 -47.42
CA GLU D 385 -5.58 -13.91 -47.70
C GLU D 385 -6.55 -14.24 -48.85
N ASN D 386 -7.54 -13.37 -49.09
CA ASN D 386 -8.59 -13.69 -50.06
C ASN D 386 -8.58 -12.88 -51.35
N CYS D 387 -7.60 -12.00 -51.49
CA CYS D 387 -7.47 -11.22 -52.71
C CYS D 387 -5.99 -11.02 -53.09
N LEU D 388 -5.25 -10.32 -52.25
CA LEU D 388 -3.91 -9.86 -52.57
C LEU D 388 -2.96 -10.96 -53.03
N LYS D 389 -2.77 -11.97 -52.20
CA LYS D 389 -1.82 -13.05 -52.47
C LYS D 389 -2.04 -13.75 -53.81
N GLY D 390 -3.30 -13.82 -54.25
CA GLY D 390 -3.68 -14.55 -55.47
C GLY D 390 -3.90 -13.71 -56.71
N ILE D 391 -3.54 -12.43 -56.68
CA ILE D 391 -3.66 -11.56 -57.85
C ILE D 391 -2.79 -12.06 -59.01
N LYS D 392 -3.35 -12.08 -60.21
CA LYS D 392 -2.63 -12.43 -61.44
C LYS D 392 -2.68 -11.26 -62.42
N ALA D 393 -1.75 -11.26 -63.37
CA ALA D 393 -1.69 -10.24 -64.41
C ALA D 393 -2.21 -10.79 -65.72
N ASN D 394 -2.76 -9.89 -66.55
CA ASN D 394 -3.08 -10.20 -67.93
C ASN D 394 -1.96 -9.56 -68.75
N GLU D 395 -0.82 -10.25 -68.80
CA GLU D 395 0.38 -9.72 -69.43
C GLU D 395 0.16 -9.32 -70.90
N GLU D 396 -0.48 -10.21 -71.66
CA GLU D 396 -0.67 -10.00 -73.10
C GLU D 396 -1.49 -8.76 -73.39
N ARG D 397 -2.60 -8.62 -72.66
CA ARG D 397 -3.51 -7.48 -72.78
C ARG D 397 -2.79 -6.14 -72.59
N MET D 398 -2.07 -6.01 -71.47
CA MET D 398 -1.38 -4.77 -71.14
C MET D 398 -0.27 -4.50 -72.12
N LYS D 399 0.45 -5.55 -72.50
CA LYS D 399 1.51 -5.49 -73.48
C LYS D 399 1.03 -4.86 -74.79
N GLU D 400 -0.19 -5.17 -75.23
CA GLU D 400 -0.67 -4.55 -76.46
C GLU D 400 -1.34 -3.18 -76.31
N TYR D 401 -1.66 -2.77 -75.08
CA TYR D 401 -2.03 -1.38 -74.82
C TYR D 401 -0.83 -0.51 -75.14
N VAL D 402 0.33 -0.96 -74.68
CA VAL D 402 1.59 -0.27 -74.91
C VAL D 402 1.88 -0.15 -76.41
N GLU D 403 2.01 -1.28 -77.11
CA GLU D 403 2.22 -1.30 -78.56
C GLU D 403 1.30 -0.36 -79.35
N LYS D 404 0.01 -0.36 -79.00
CA LYS D 404 -0.97 0.37 -79.77
C LYS D 404 -1.15 1.80 -79.32
N SER D 405 -0.37 2.25 -78.35
CA SER D 405 -0.54 3.59 -77.79
C SER D 405 0.26 4.63 -78.53
N ILE D 406 -0.20 5.87 -78.48
CA ILE D 406 0.60 6.98 -78.96
C ILE D 406 1.70 7.28 -77.95
N GLY D 407 1.38 7.11 -76.67
CA GLY D 407 2.28 7.49 -75.56
C GLY D 407 3.72 7.08 -75.75
N ILE D 408 3.92 5.96 -76.42
CA ILE D 408 5.23 5.35 -76.63
C ILE D 408 6.22 6.24 -77.41
N ILE D 409 5.69 7.21 -78.14
CA ILE D 409 6.48 8.17 -78.91
C ILE D 409 7.44 8.99 -78.03
N THR D 410 7.10 9.14 -76.74
CA THR D 410 7.97 9.82 -75.79
C THR D 410 9.31 9.12 -75.65
N ALA D 411 9.30 7.80 -75.75
CA ALA D 411 10.53 7.03 -75.65
C ALA D 411 11.36 7.16 -76.92
N ILE D 412 10.68 7.47 -78.02
CA ILE D 412 11.30 7.54 -79.34
C ILE D 412 11.79 8.96 -79.68
N ASN D 413 11.04 9.96 -79.20
CA ASN D 413 11.35 11.39 -79.33
C ASN D 413 12.83 11.81 -79.48
N PRO D 414 13.64 11.66 -78.40
CA PRO D 414 14.99 12.24 -78.50
C PRO D 414 15.91 11.50 -79.48
N HIS D 415 15.46 10.37 -80.00
CA HIS D 415 16.25 9.57 -80.94
C HIS D 415 16.03 9.98 -82.40
N VAL D 416 14.94 10.69 -82.67
CA VAL D 416 14.54 11.06 -84.03
C VAL D 416 14.22 12.54 -84.16
N GLY D 417 14.63 13.33 -83.17
CA GLY D 417 14.30 14.75 -83.12
C GLY D 417 12.82 15.02 -82.88
N TYR D 418 12.52 16.17 -82.29
CA TYR D 418 11.16 16.52 -81.91
C TYR D 418 10.19 16.60 -83.09
N GLU D 419 10.67 17.09 -84.22
CA GLU D 419 9.81 17.35 -85.38
C GLU D 419 9.26 16.07 -86.02
N THR D 420 10.12 15.08 -86.21
CA THR D 420 9.71 13.79 -86.75
C THR D 420 8.77 13.07 -85.78
N ALA D 421 9.04 13.22 -84.49
CA ALA D 421 8.16 12.66 -83.46
C ALA D 421 6.72 13.13 -83.64
N ALA D 422 6.55 14.44 -83.78
CA ALA D 422 5.22 15.01 -83.94
C ALA D 422 4.54 14.60 -85.27
N LYS D 423 5.34 14.36 -86.30
CA LYS D 423 4.82 13.90 -87.59
C LYS D 423 4.32 12.47 -87.46
N LEU D 424 5.07 11.66 -86.69
CA LEU D 424 4.75 10.25 -86.46
C LEU D 424 3.53 10.08 -85.57
N ALA D 425 3.48 10.86 -84.49
CA ALA D 425 2.34 10.82 -83.58
C ALA D 425 1.06 11.21 -84.30
N ARG D 426 1.16 12.25 -85.11
CA ARG D 426 0.04 12.75 -85.90
C ARG D 426 -0.54 11.68 -86.82
N GLU D 427 0.33 10.94 -87.51
CA GLU D 427 -0.14 9.85 -88.38
C GLU D 427 -0.69 8.70 -87.54
N ALA D 428 -0.02 8.40 -86.43
CA ALA D 428 -0.46 7.37 -85.50
C ALA D 428 -1.90 7.64 -85.06
N TYR D 429 -2.16 8.86 -84.59
CA TYR D 429 -3.49 9.23 -84.13
C TYR D 429 -4.51 9.26 -85.27
N LEU D 430 -4.03 9.52 -86.49
CA LEU D 430 -4.92 9.60 -87.65
C LEU D 430 -5.31 8.23 -88.21
N THR D 431 -4.32 7.35 -88.40
CA THR D 431 -4.54 6.08 -89.10
C THR D 431 -4.74 4.88 -88.19
N GLY D 432 -4.31 4.99 -86.94
CA GLY D 432 -4.33 3.85 -86.02
C GLY D 432 -3.07 3.00 -86.05
N GLU D 433 -2.33 3.06 -87.15
CA GLU D 433 -1.04 2.37 -87.31
C GLU D 433 -0.16 2.57 -86.05
N SER D 434 0.50 1.48 -85.62
CA SER D 434 1.37 1.53 -84.44
C SER D 434 2.59 2.40 -84.70
N ILE D 435 3.08 3.08 -83.67
CA ILE D 435 4.26 3.91 -83.82
C ILE D 435 5.48 3.08 -84.27
N ARG D 436 5.59 1.87 -83.75
CA ARG D 436 6.61 0.92 -84.20
C ARG D 436 6.62 0.73 -85.72
N GLU D 437 5.45 0.53 -86.33
CA GLU D 437 5.39 0.28 -87.77
C GLU D 437 5.70 1.52 -88.58
N LEU D 438 5.31 2.68 -88.06
CA LEU D 438 5.55 3.96 -88.72
C LEU D 438 7.04 4.29 -88.88
N CYS D 439 7.83 3.98 -87.86
CA CYS D 439 9.28 4.20 -87.90
C CYS D 439 9.98 3.37 -88.99
N ILE D 440 9.52 2.13 -89.15
CA ILE D 440 9.99 1.26 -90.23
C ILE D 440 9.46 1.77 -91.58
N LYS D 441 8.20 2.19 -91.60
CA LYS D 441 7.57 2.73 -92.80
C LYS D 441 8.40 3.86 -93.40
N TYR D 442 8.96 4.71 -92.53
CA TYR D 442 9.71 5.88 -92.97
C TYR D 442 11.22 5.73 -92.84
N GLY D 443 11.67 4.54 -92.44
CA GLY D 443 13.10 4.26 -92.24
C GLY D 443 13.84 5.23 -91.32
N VAL D 444 13.17 5.71 -90.27
CA VAL D 444 13.80 6.67 -89.35
C VAL D 444 14.56 5.98 -88.21
N LEU D 445 14.27 4.69 -88.02
CA LEU D 445 14.90 3.83 -87.01
C LEU D 445 14.78 2.38 -87.43
N THR D 446 15.80 1.59 -87.11
CA THR D 446 15.86 0.18 -87.51
C THR D 446 15.17 -0.75 -86.50
N GLU D 447 14.83 -1.96 -86.93
CA GLU D 447 14.23 -2.96 -86.03
C GLU D 447 15.10 -3.19 -84.79
N GLU D 448 16.41 -3.24 -85.00
CA GLU D 448 17.40 -3.27 -83.93
C GLU D 448 17.12 -2.16 -82.91
N GLN D 449 17.09 -0.92 -83.37
CA GLN D 449 16.96 0.25 -82.49
C GLN D 449 15.62 0.33 -81.76
N LEU D 450 14.56 -0.16 -82.40
CA LEU D 450 13.23 -0.21 -81.77
C LEU D 450 13.20 -1.19 -80.60
N ASN D 451 13.95 -2.29 -80.73
CA ASN D 451 14.08 -3.27 -79.67
C ASN D 451 14.86 -2.74 -78.46
N GLU D 452 15.82 -1.86 -78.71
CA GLU D 452 16.60 -1.25 -77.63
C GLU D 452 15.83 -0.08 -76.99
N ILE D 453 15.08 0.65 -77.80
CA ILE D 453 14.39 1.84 -77.32
C ILE D 453 13.08 1.47 -76.62
N LEU D 454 12.31 0.56 -77.22
CA LEU D 454 11.03 0.15 -76.66
C LEU D 454 11.17 -1.04 -75.71
N ASN D 455 12.32 -1.12 -75.03
CA ASN D 455 12.55 -2.11 -73.99
C ASN D 455 11.78 -1.76 -72.70
N PRO D 456 11.04 -2.73 -72.14
CA PRO D 456 10.22 -2.51 -70.95
C PRO D 456 10.97 -1.78 -69.83
N TYR D 457 12.19 -2.18 -69.52
CA TYR D 457 12.96 -1.56 -68.44
C TYR D 457 13.45 -0.19 -68.85
N GLU D 458 13.85 -0.07 -70.11
CA GLU D 458 14.43 1.16 -70.64
C GLU D 458 13.46 2.32 -70.70
N MET D 459 12.17 2.01 -70.83
CA MET D 459 11.14 3.05 -70.93
C MET D 459 10.67 3.52 -69.57
N ILE D 460 10.99 2.77 -68.53
CA ILE D 460 10.42 3.01 -67.21
C ILE D 460 11.48 3.37 -66.16
N HIS D 461 12.71 3.56 -66.63
CA HIS D 461 13.79 4.05 -65.76
C HIS D 461 14.57 5.21 -66.37
N PRO D 462 15.18 6.06 -65.51
CA PRO D 462 15.89 7.27 -65.96
C PRO D 462 16.99 7.00 -66.99
N GLY D 463 17.15 7.95 -67.91
CA GLY D 463 18.03 7.84 -69.07
C GLY D 463 17.34 8.34 -70.35
N VAL E 5 19.68 20.81 9.15
CA VAL E 5 19.03 19.46 9.05
C VAL E 5 18.92 18.94 7.60
N ARG E 6 19.02 17.61 7.44
CA ARG E 6 18.83 16.92 6.16
C ARG E 6 17.62 15.98 6.27
N ILE E 7 17.04 15.59 5.13
CA ILE E 7 15.84 14.75 5.15
C ILE E 7 16.16 13.33 4.74
N GLU E 8 15.95 12.40 5.66
CA GLU E 8 15.98 10.97 5.34
C GLU E 8 14.57 10.41 5.36
N LYS E 9 14.30 9.50 4.42
CA LYS E 9 12.94 8.99 4.19
C LYS E 9 12.81 7.52 4.58
N ASP E 10 11.77 7.23 5.36
CA ASP E 10 11.54 5.91 5.93
C ASP E 10 10.18 5.40 5.50
N PHE E 11 9.95 4.11 5.69
CA PHE E 11 8.65 3.51 5.42
C PHE E 11 7.57 4.12 6.33
N LEU E 12 8.01 4.79 7.41
CA LEU E 12 7.09 5.51 8.31
C LEU E 12 6.98 7.01 7.97
N GLY E 13 7.83 7.49 7.07
CA GLY E 13 7.82 8.91 6.67
C GLY E 13 9.19 9.58 6.66
N GLU E 14 9.25 10.79 7.20
CA GLU E 14 10.46 11.64 7.13
C GLU E 14 10.96 12.05 8.49
N LYS E 15 12.28 11.96 8.69
CA LYS E 15 12.88 12.56 9.86
C LYS E 15 13.95 13.55 9.45
N GLU E 16 13.87 14.76 10.01
CA GLU E 16 14.96 15.72 9.90
C GLU E 16 16.10 15.25 10.82
N ILE E 17 17.21 14.87 10.18
CA ILE E 17 18.40 14.41 10.87
C ILE E 17 19.35 15.60 11.01
N PRO E 18 19.83 15.88 12.24
CA PRO E 18 20.78 16.99 12.43
C PRO E 18 21.99 16.84 11.51
N LYS E 19 22.36 17.93 10.83
CA LYS E 19 23.44 17.89 9.84
C LYS E 19 24.77 17.45 10.43
N ASP E 20 24.91 17.60 11.75
CA ASP E 20 26.09 17.13 12.49
C ASP E 20 26.07 15.65 12.88
N ALA E 21 24.97 14.97 12.57
CA ALA E 21 24.77 13.59 13.01
C ALA E 21 25.19 12.59 11.95
N TYR E 22 25.73 11.47 12.40
CA TYR E 22 26.22 10.45 11.49
C TYR E 22 25.31 9.23 11.44
N TYR E 23 24.43 9.11 12.43
CA TYR E 23 23.33 8.14 12.38
C TYR E 23 22.31 8.55 11.33
N GLY E 24 21.42 7.61 10.97
CA GLY E 24 20.37 7.88 10.01
C GLY E 24 18.96 7.66 10.56
N VAL E 25 18.02 7.45 9.65
CA VAL E 25 16.64 7.35 10.06
C VAL E 25 16.39 6.07 10.83
N GLN E 26 16.99 4.96 10.40
CA GLN E 26 16.82 3.67 11.09
C GLN E 26 17.13 3.80 12.57
N THR E 27 18.17 4.56 12.90
CA THR E 27 18.63 4.73 14.28
C THR E 27 17.62 5.57 15.08
N ILE E 28 17.02 6.56 14.40
CA ILE E 28 16.00 7.41 15.00
C ILE E 28 14.75 6.60 15.34
N ARG E 29 14.27 5.81 14.39
CA ARG E 29 13.12 4.95 14.63
C ARG E 29 13.35 4.05 15.84
N ALA E 30 14.57 3.58 15.98
CA ALA E 30 14.96 2.82 17.17
C ALA E 30 14.72 3.60 18.47
N THR E 31 15.10 4.88 18.53
CA THR E 31 14.92 5.67 19.75
C THR E 31 13.44 5.88 20.07
N GLU E 32 12.64 6.11 19.03
CA GLU E 32 11.18 6.23 19.16
C GLU E 32 10.57 4.95 19.63
N ASN E 33 11.01 3.83 19.03
CA ASN E 33 10.52 2.50 19.41
C ASN E 33 10.88 2.11 20.84
N PHE E 34 12.12 2.34 21.25
CA PHE E 34 12.59 1.87 22.57
C PHE E 34 13.19 2.97 23.47
N PRO E 35 12.34 3.90 23.96
CA PRO E 35 12.82 4.91 24.90
C PRO E 35 12.79 4.37 26.35
N ILE E 36 13.57 3.32 26.60
CA ILE E 36 13.38 2.54 27.82
C ILE E 36 14.18 3.03 29.03
N THR E 37 15.50 2.99 28.92
CA THR E 37 16.37 3.25 30.07
C THR E 37 17.05 4.61 29.98
N GLY E 38 17.15 5.13 28.76
CA GLY E 38 17.93 6.33 28.50
C GLY E 38 19.44 6.11 28.55
N TYR E 39 19.88 4.86 28.63
CA TYR E 39 21.32 4.57 28.60
C TYR E 39 21.77 4.40 27.15
N ARG E 40 23.08 4.20 26.97
CA ARG E 40 23.65 3.90 25.65
C ARG E 40 24.63 2.74 25.77
N ILE E 41 25.02 2.14 24.65
CA ILE E 41 25.87 0.93 24.69
C ILE E 41 27.29 1.24 25.15
N HIS E 42 27.91 0.27 25.82
CA HIS E 42 29.27 0.42 26.38
C HIS E 42 30.30 0.76 25.27
N PRO E 43 31.17 1.77 25.49
CA PRO E 43 32.21 2.17 24.51
C PRO E 43 33.05 1.00 23.97
N GLU E 44 33.18 -0.06 24.76
CA GLU E 44 33.85 -1.28 24.31
C GLU E 44 33.00 -2.05 23.29
N LEU E 45 31.69 -1.95 23.37
CA LEU E 45 30.85 -2.62 22.38
C LEU E 45 30.89 -1.81 21.10
N ILE E 46 30.96 -0.49 21.25
CA ILE E 46 31.10 0.40 20.12
C ILE E 46 32.39 0.08 19.35
N LYS E 47 33.51 0.02 20.06
CA LYS E 47 34.82 -0.29 19.47
C LYS E 47 34.76 -1.65 18.78
N SER E 48 34.16 -2.62 19.46
CA SER E 48 34.01 -3.97 18.90
C SER E 48 33.15 -4.01 17.64
N LEU E 49 32.13 -3.16 17.56
CA LEU E 49 31.34 -3.08 16.36
C LEU E 49 32.21 -2.59 15.22
N GLY E 50 33.05 -1.60 15.51
CA GLY E 50 33.97 -1.04 14.55
C GLY E 50 34.90 -2.10 13.99
N ILE E 51 35.35 -2.98 14.88
CA ILE E 51 36.29 -4.06 14.53
C ILE E 51 35.62 -5.04 13.57
N VAL E 52 34.38 -5.39 13.86
CA VAL E 52 33.58 -6.29 13.03
C VAL E 52 33.36 -5.71 11.63
N LYS E 53 33.02 -4.43 11.59
CA LYS E 53 32.77 -3.76 10.33
C LYS E 53 34.03 -3.60 9.52
N LYS E 54 35.17 -3.40 10.18
CA LYS E 54 36.44 -3.28 9.46
C LYS E 54 36.89 -4.61 8.90
N SER E 55 36.80 -5.65 9.72
CA SER E 55 37.17 -7.00 9.31
C SER E 55 36.35 -7.42 8.12
N ALA E 56 35.05 -7.10 8.18
CA ALA E 56 34.11 -7.50 7.13
C ALA E 56 34.40 -6.82 5.80
N ALA E 57 34.67 -5.51 5.86
CA ALA E 57 35.04 -4.74 4.69
C ALA E 57 36.29 -5.28 3.99
N LEU E 58 37.35 -5.56 4.77
CA LEU E 58 38.59 -6.10 4.22
C LEU E 58 38.39 -7.46 3.55
N ALA E 59 37.50 -8.25 4.15
CA ALA E 59 37.18 -9.58 3.63
C ALA E 59 36.40 -9.47 2.32
N ASN E 60 35.41 -8.60 2.29
CA ASN E 60 34.63 -8.38 1.08
C ASN E 60 35.44 -7.80 -0.06
N MET E 61 36.48 -7.04 0.27
CA MET E 61 37.36 -6.48 -0.74
C MET E 61 38.27 -7.55 -1.33
N GLU E 62 38.78 -8.43 -0.47
CA GLU E 62 39.68 -9.48 -0.93
C GLU E 62 38.99 -10.49 -1.86
N VAL E 63 37.74 -10.84 -1.58
CA VAL E 63 37.03 -11.82 -2.39
C VAL E 63 36.19 -11.19 -3.52
N GLY E 64 36.42 -9.89 -3.76
CA GLY E 64 35.82 -9.16 -4.87
C GLY E 64 34.33 -8.85 -4.74
N LEU E 65 33.81 -8.93 -3.51
CA LEU E 65 32.39 -8.65 -3.27
C LEU E 65 32.11 -7.18 -3.06
N LEU E 66 33.08 -6.47 -2.48
CA LEU E 66 32.96 -5.03 -2.22
C LEU E 66 33.93 -4.27 -3.10
N ASP E 67 33.43 -3.23 -3.77
CA ASP E 67 34.25 -2.36 -4.61
C ASP E 67 35.45 -1.82 -3.82
N LYS E 68 36.64 -1.97 -4.40
CA LYS E 68 37.90 -1.61 -3.73
C LYS E 68 38.04 -0.13 -3.42
N GLU E 69 37.40 0.71 -4.25
CA GLU E 69 37.48 2.16 -4.08
C GLU E 69 36.66 2.60 -2.88
N VAL E 70 35.36 2.27 -2.89
CA VAL E 70 34.46 2.60 -1.79
C VAL E 70 34.87 1.96 -0.45
N GLY E 71 35.38 0.73 -0.51
CA GLY E 71 35.80 -0.02 0.67
C GLY E 71 36.93 0.62 1.46
N GLN E 72 37.78 1.39 0.79
CA GLN E 72 38.89 2.07 1.44
C GLN E 72 38.41 3.07 2.48
N TYR E 73 37.34 3.75 2.12
CA TYR E 73 36.77 4.77 2.97
C TYR E 73 35.97 4.13 4.11
N ILE E 74 35.26 3.06 3.81
CA ILE E 74 34.59 2.31 4.87
C ILE E 74 35.59 1.86 5.95
N VAL E 75 36.77 1.40 5.54
CA VAL E 75 37.78 0.96 6.49
C VAL E 75 38.31 2.13 7.33
N LYS E 76 38.69 3.22 6.66
CA LYS E 76 39.15 4.43 7.34
C LYS E 76 38.12 4.91 8.35
N ALA E 77 36.86 4.98 7.94
CA ALA E 77 35.75 5.35 8.82
C ALA E 77 35.61 4.39 10.03
N ALA E 78 35.67 3.09 9.76
CA ALA E 78 35.50 2.10 10.82
C ALA E 78 36.63 2.17 11.85
N ASP E 79 37.83 2.55 11.40
CA ASP E 79 38.98 2.71 12.28
C ASP E 79 38.78 3.83 13.29
N GLU E 80 38.05 4.86 12.87
CA GLU E 80 37.71 5.97 13.75
C GLU E 80 36.72 5.50 14.83
N VAL E 81 35.84 4.58 14.45
CA VAL E 81 34.90 3.98 15.39
C VAL E 81 35.68 3.20 16.45
N ILE E 82 36.58 2.31 16.02
CA ILE E 82 37.51 1.56 16.89
C ILE E 82 38.28 2.47 17.86
N GLU E 83 38.54 3.70 17.46
CA GLU E 83 39.32 4.64 18.26
C GLU E 83 38.50 5.49 19.23
N GLY E 84 37.19 5.26 19.26
CA GLY E 84 36.27 6.02 20.13
C GLY E 84 36.02 7.46 19.70
N LYS E 85 36.24 7.75 18.42
CA LYS E 85 35.99 9.07 17.87
C LYS E 85 34.50 9.36 17.79
N TRP E 86 33.69 8.33 17.64
CA TRP E 86 32.28 8.53 17.34
C TRP E 86 31.33 7.95 18.38
N ASN E 87 31.81 7.80 19.62
CA ASN E 87 30.97 7.25 20.68
C ASN E 87 29.60 7.91 20.80
N ASP E 88 29.56 9.23 20.77
CA ASP E 88 28.31 9.99 21.00
C ASP E 88 27.28 9.84 19.88
N GLN E 89 27.64 9.11 18.84
CA GLN E 89 26.75 8.90 17.68
C GLN E 89 25.90 7.66 17.86
N PHE E 90 26.22 6.88 18.88
CA PHE E 90 25.50 5.63 19.17
C PHE E 90 24.43 5.82 20.25
N ILE E 91 23.23 6.14 19.79
CA ILE E 91 22.16 6.68 20.64
C ILE E 91 21.07 5.66 21.02
N VAL E 92 21.14 4.45 20.47
CA VAL E 92 20.10 3.45 20.74
C VAL E 92 20.19 2.88 22.15
N ASP E 93 19.04 2.46 22.66
CA ASP E 93 18.90 1.93 24.01
C ASP E 93 19.39 0.48 24.09
N PRO E 94 20.22 0.14 25.09
CA PRO E 94 20.70 -1.24 25.29
C PRO E 94 19.59 -2.24 25.57
N ILE E 95 18.49 -1.79 26.20
CA ILE E 95 17.30 -2.62 26.27
C ILE E 95 16.44 -2.26 25.04
N GLN E 96 16.43 -3.15 24.06
CA GLN E 96 15.77 -2.89 22.77
C GLN E 96 15.23 -4.19 22.17
N GLY E 97 14.10 -4.08 21.48
CA GLY E 97 13.59 -5.19 20.69
C GLY E 97 14.37 -5.27 19.40
N GLY E 98 14.12 -6.32 18.63
CA GLY E 98 14.75 -6.45 17.32
C GLY E 98 16.12 -7.10 17.38
N ALA E 99 16.40 -7.78 18.49
CA ALA E 99 17.55 -8.69 18.64
C ALA E 99 18.91 -8.07 18.34
N GLY E 100 19.02 -6.75 18.50
CA GLY E 100 20.28 -6.05 18.24
C GLY E 100 20.36 -5.38 16.88
N THR E 101 19.27 -5.44 16.12
CA THR E 101 19.24 -4.89 14.78
C THR E 101 19.60 -3.41 14.73
N SER E 102 18.94 -2.61 15.56
CA SER E 102 19.21 -1.19 15.59
C SER E 102 20.62 -0.90 16.07
N ILE E 103 21.20 -1.84 16.83
CA ILE E 103 22.60 -1.73 17.22
C ILE E 103 23.49 -1.91 15.99
N ASN E 104 23.28 -2.98 15.24
CA ASN E 104 23.99 -3.23 14.00
C ASN E 104 23.86 -2.03 13.07
N MET E 105 22.62 -1.57 12.92
CA MET E 105 22.30 -0.48 11.99
C MET E 105 22.87 0.85 12.42
N ASN E 106 22.92 1.09 13.73
CA ASN E 106 23.60 2.30 14.25
C ASN E 106 25.08 2.30 13.83
N ALA E 107 25.72 1.13 13.92
CA ALA E 107 27.08 0.97 13.42
C ALA E 107 27.15 1.21 11.91
N ASN E 108 26.24 0.58 11.17
CA ASN E 108 26.23 0.66 9.71
C ASN E 108 26.07 2.09 9.19
N GLU E 109 25.11 2.82 9.76
CA GLU E 109 24.77 4.18 9.32
C GLU E 109 25.90 5.16 9.63
N VAL E 110 26.44 5.06 10.84
CA VAL E 110 27.50 5.94 11.29
C VAL E 110 28.71 5.74 10.39
N ILE E 111 29.10 4.49 10.14
CA ILE E 111 30.25 4.17 9.30
C ILE E 111 30.03 4.52 7.82
N ALA E 112 28.80 4.41 7.34
CA ALA E 112 28.51 4.76 5.94
C ALA E 112 28.67 6.27 5.74
N ASN E 113 28.02 7.04 6.60
CA ASN E 113 28.03 8.50 6.52
C ASN E 113 29.42 9.08 6.73
N ARG E 114 30.20 8.50 7.63
CA ARG E 114 31.57 8.95 7.83
C ARG E 114 32.45 8.63 6.61
N ALA E 115 32.25 7.46 6.01
CA ALA E 115 32.96 7.12 4.77
C ALA E 115 32.61 8.09 3.64
N LEU E 116 31.33 8.43 3.53
CA LEU E 116 30.86 9.34 2.47
C LEU E 116 31.45 10.72 2.66
N GLU E 117 31.56 11.13 3.92
CA GLU E 117 32.20 12.40 4.20
C GLU E 117 33.66 12.36 3.77
N LEU E 118 34.32 11.24 4.05
CA LEU E 118 35.74 11.09 3.72
C LEU E 118 36.04 11.09 2.21
N MET E 119 35.11 10.60 1.39
CA MET E 119 35.28 10.66 -0.07
C MET E 119 34.52 11.84 -0.72
N GLY E 120 34.33 12.90 0.08
CA GLY E 120 33.79 14.17 -0.40
C GLY E 120 32.37 14.12 -0.93
N GLU E 121 31.60 13.13 -0.49
CA GLU E 121 30.20 12.99 -0.87
C GLU E 121 29.30 13.61 0.20
N GLU E 122 28.01 13.68 -0.06
CA GLU E 122 27.04 14.27 0.87
C GLU E 122 26.55 13.17 1.81
N LYS E 123 26.48 13.47 3.10
CA LYS E 123 25.97 12.50 4.06
C LYS E 123 24.53 12.12 3.70
N GLY E 124 24.22 10.84 3.83
CA GLY E 124 22.86 10.35 3.59
C GLY E 124 22.65 9.91 2.17
N ASN E 125 23.73 9.93 1.38
CA ASN E 125 23.66 9.46 0.00
C ASN E 125 24.00 7.98 -0.09
N TYR E 126 22.99 7.16 0.14
CA TYR E 126 23.17 5.72 0.24
C TYR E 126 23.18 4.99 -1.10
N SER E 127 23.06 5.75 -2.19
CA SER E 127 23.32 5.23 -3.53
C SER E 127 24.80 4.91 -3.62
N LYS E 128 25.61 5.82 -3.09
CA LYS E 128 27.06 5.74 -3.18
C LYS E 128 27.63 4.75 -2.17
N ILE E 129 27.19 4.89 -0.92
CA ILE E 129 27.59 3.98 0.15
C ILE E 129 26.36 3.65 0.99
N SER E 130 25.89 2.41 0.87
CA SER E 130 24.73 1.95 1.58
C SER E 130 25.11 1.30 2.91
N PRO E 131 24.44 1.71 4.01
CA PRO E 131 24.60 1.05 5.32
C PRO E 131 24.27 -0.44 5.26
N ASN E 132 23.31 -0.82 4.42
CA ASN E 132 22.92 -2.23 4.30
C ASN E 132 23.72 -2.98 3.24
N SER E 133 23.79 -2.40 2.04
CA SER E 133 24.39 -3.05 0.88
C SER E 133 25.91 -3.11 0.96
N HIS E 134 26.51 -2.13 1.64
CA HIS E 134 27.97 -2.07 1.73
C HIS E 134 28.51 -2.34 3.14
N VAL E 135 28.13 -1.52 4.11
CA VAL E 135 28.69 -1.66 5.44
C VAL E 135 28.31 -3.00 6.07
N ASN E 136 27.09 -3.46 5.74
CA ASN E 136 26.53 -4.72 6.25
C ASN E 136 26.57 -5.87 5.24
N MET E 137 27.37 -5.69 4.17
CA MET E 137 27.53 -6.72 3.13
C MET E 137 28.04 -8.03 3.71
N SER E 138 27.43 -9.14 3.31
CA SER E 138 27.79 -10.49 3.77
C SER E 138 27.45 -10.75 5.25
N GLN E 139 26.73 -9.83 5.88
CA GLN E 139 26.43 -9.95 7.31
C GLN E 139 24.93 -9.92 7.62
N SER E 140 24.57 -10.51 8.75
CA SER E 140 23.24 -10.39 9.32
C SER E 140 23.38 -9.65 10.65
N THR E 141 22.26 -9.22 11.23
CA THR E 141 22.28 -8.80 12.61
C THR E 141 22.84 -9.98 13.43
N ASN E 142 22.44 -11.19 13.05
CA ASN E 142 22.66 -12.40 13.85
C ASN E 142 24.08 -12.98 13.85
N ASP E 143 24.99 -12.41 13.05
CA ASP E 143 26.42 -12.66 13.27
C ASP E 143 27.19 -11.40 13.70
N ALA E 144 26.96 -10.30 13.02
CA ALA E 144 27.67 -9.05 13.33
C ALA E 144 27.51 -8.66 14.80
N PHE E 145 26.27 -8.76 15.30
CA PHE E 145 25.94 -8.37 16.68
C PHE E 145 26.54 -9.30 17.76
N PRO E 146 26.23 -10.62 17.73
CA PRO E 146 26.88 -11.48 18.72
C PRO E 146 28.39 -11.46 18.61
N THR E 147 28.94 -11.42 17.39
CA THR E 147 30.38 -11.47 17.20
C THR E 147 31.03 -10.30 17.94
N ALA E 148 30.55 -9.10 17.66
CA ALA E 148 31.03 -7.90 18.35
C ALA E 148 30.87 -8.01 19.87
N THR E 149 29.77 -8.62 20.32
CA THR E 149 29.56 -8.83 21.73
C THR E 149 30.60 -9.79 22.31
N HIS E 150 30.86 -10.91 21.62
CA HIS E 150 31.89 -11.86 22.06
C HIS E 150 33.20 -11.11 22.26
N ILE E 151 33.59 -10.32 21.24
CA ILE E 151 34.81 -9.51 21.34
C ILE E 151 34.79 -8.56 22.55
N ALA E 152 33.70 -7.80 22.71
CA ALA E 152 33.68 -6.79 23.79
C ALA E 152 33.70 -7.40 25.19
N VAL E 153 32.91 -8.47 25.38
CA VAL E 153 32.92 -9.20 26.63
C VAL E 153 34.32 -9.72 26.94
N LEU E 154 35.00 -10.26 25.93
CA LEU E 154 36.34 -10.80 26.10
C LEU E 154 37.32 -9.73 26.58
N SER E 155 37.36 -8.60 25.88
CA SER E 155 38.21 -7.48 26.27
C SER E 155 37.91 -7.04 27.71
N LEU E 156 36.63 -6.88 28.03
CA LEU E 156 36.22 -6.47 29.38
C LEU E 156 36.60 -7.51 30.43
N LEU E 157 36.50 -8.80 30.09
CA LEU E 157 36.89 -9.84 31.04
C LEU E 157 38.38 -9.76 31.38
N ASN E 158 39.22 -9.56 30.36
CA ASN E 158 40.66 -9.45 30.57
C ASN E 158 41.06 -8.33 31.51
N GLN E 159 40.40 -7.17 31.37
CA GLN E 159 40.53 -6.07 32.32
C GLN E 159 40.13 -6.52 33.74
N LEU E 160 38.98 -7.18 33.86
CA LEU E 160 38.52 -7.66 35.17
C LEU E 160 39.53 -8.62 35.81
N ILE E 161 40.12 -9.47 34.99
CA ILE E 161 41.08 -10.48 35.47
C ILE E 161 42.34 -9.78 36.04
N GLU E 162 42.91 -8.87 35.25
CA GLU E 162 44.05 -8.10 35.70
CA GLU E 162 44.04 -8.03 35.67
C GLU E 162 43.72 -7.34 36.99
N THR E 163 42.52 -6.80 37.10
CA THR E 163 42.10 -6.08 38.32
C THR E 163 41.85 -7.02 39.53
N THR E 164 41.31 -8.21 39.30
CA THR E 164 41.11 -9.15 40.40
C THR E 164 42.45 -9.72 40.90
N LYS E 165 43.34 -10.05 39.97
CA LYS E 165 44.69 -10.50 40.28
C LYS E 165 45.43 -9.50 41.19
N TYR E 166 45.39 -8.22 40.83
CA TYR E 166 45.92 -7.16 41.67
C TYR E 166 45.31 -7.24 43.08
N MET E 167 43.98 -7.17 43.17
CA MET E 167 43.27 -7.29 44.43
C MET E 167 43.66 -8.55 45.22
N GLN E 168 43.67 -9.70 44.55
CA GLN E 168 44.02 -10.96 45.20
C GLN E 168 45.42 -10.86 45.82
N GLN E 169 46.36 -10.27 45.09
CA GLN E 169 47.73 -10.12 45.58
C GLN E 169 47.77 -9.27 46.86
N GLU E 170 47.06 -8.14 46.86
CA GLU E 170 47.02 -7.24 48.03
C GLU E 170 46.40 -7.92 49.26
N PHE E 171 45.50 -8.88 49.01
CA PHE E 171 44.92 -9.71 50.06
C PHE E 171 45.95 -10.65 50.66
N MET E 172 46.78 -11.22 49.79
CA MET E 172 47.83 -12.13 50.23
C MET E 172 48.91 -11.36 50.97
N LYS E 173 49.11 -10.08 50.65
CA LYS E 173 50.01 -9.21 51.41
C LYS E 173 49.52 -9.00 52.83
N LYS E 174 48.21 -8.87 52.99
CA LYS E 174 47.66 -8.66 54.32
C LYS E 174 47.80 -9.94 55.14
N ALA E 175 47.62 -11.08 54.47
CA ALA E 175 47.78 -12.37 55.11
C ALA E 175 49.18 -12.55 55.71
N ASP E 176 50.20 -12.14 54.97
CA ASP E 176 51.57 -12.11 55.47
C ASP E 176 51.69 -11.13 56.62
N GLU E 177 51.20 -9.92 56.43
CA GLU E 177 51.27 -8.86 57.44
C GLU E 177 50.63 -9.25 58.77
N PHE E 178 49.59 -10.07 58.73
CA PHE E 178 48.92 -10.48 59.95
C PHE E 178 49.26 -11.92 60.37
N ALA E 179 50.24 -12.52 59.70
CA ALA E 179 50.65 -13.90 59.94
C ALA E 179 50.81 -14.25 61.42
N GLY E 180 51.21 -13.28 62.23
CA GLY E 180 51.42 -13.53 63.65
C GLY E 180 50.35 -12.95 64.56
N VAL E 181 49.25 -12.46 63.97
CA VAL E 181 48.20 -11.83 64.76
C VAL E 181 47.17 -12.87 65.25
N ILE E 182 47.21 -13.20 66.54
CA ILE E 182 46.29 -14.18 67.13
C ILE E 182 44.97 -13.53 67.54
N LYS E 183 43.89 -14.27 67.33
CA LYS E 183 42.54 -13.83 67.66
C LYS E 183 41.70 -15.07 67.94
N MET E 184 40.41 -14.83 68.19
CA MET E 184 39.50 -15.87 68.56
C MET E 184 38.66 -16.21 67.34
N GLY E 185 38.66 -17.48 66.96
CA GLY E 185 37.77 -17.96 65.90
C GLY E 185 36.33 -18.03 66.37
N ARG E 186 35.40 -17.93 65.42
CA ARG E 186 33.97 -17.94 65.72
C ARG E 186 33.24 -18.84 64.73
N THR E 187 32.46 -19.78 65.25
CA THR E 187 31.55 -20.56 64.41
C THR E 187 30.19 -20.30 64.99
N HIS E 188 29.18 -20.09 64.16
CA HIS E 188 27.83 -19.74 64.63
C HIS E 188 27.80 -18.39 65.35
N LEU E 189 28.81 -17.55 65.07
CA LEU E 189 29.05 -16.30 65.81
C LEU E 189 29.45 -16.55 67.27
N GLN E 190 29.66 -17.82 67.61
CA GLN E 190 29.97 -18.22 68.98
C GLN E 190 31.47 -18.51 69.13
N ASP E 191 32.05 -18.07 70.25
CA ASP E 191 33.50 -18.24 70.55
C ASP E 191 33.92 -19.69 70.35
N ALA E 192 34.96 -19.89 69.54
CA ALA E 192 35.38 -21.24 69.19
C ALA E 192 36.76 -21.55 69.75
N VAL E 193 37.75 -21.60 68.86
CA VAL E 193 39.14 -21.81 69.25
C VAL E 193 40.00 -20.71 68.59
N PRO E 194 41.24 -20.51 69.09
CA PRO E 194 42.13 -19.50 68.50
C PRO E 194 42.46 -19.72 67.01
N ILE E 195 42.71 -18.62 66.33
CA ILE E 195 43.02 -18.61 64.90
C ILE E 195 43.89 -17.37 64.60
N LEU E 196 44.66 -17.40 63.52
CA LEU E 196 45.44 -16.22 63.11
C LEU E 196 44.65 -15.33 62.18
N LEU E 197 44.76 -14.01 62.35
CA LEU E 197 44.05 -13.09 61.48
C LEU E 197 44.53 -13.30 60.04
N GLY E 198 45.80 -13.69 59.91
CA GLY E 198 46.41 -13.90 58.59
C GLY E 198 45.90 -15.17 57.92
N GLN E 199 45.37 -16.08 58.73
CA GLN E 199 44.76 -17.27 58.19
C GLN E 199 43.45 -16.93 57.51
N GLU E 200 42.68 -16.03 58.11
CA GLU E 200 41.40 -15.57 57.54
C GLU E 200 41.68 -14.84 56.23
N PHE E 201 42.65 -13.95 56.27
CA PHE E 201 43.01 -13.23 55.09
C PHE E 201 43.59 -14.11 53.99
N GLU E 202 44.28 -15.20 54.36
CA GLU E 202 44.69 -16.17 53.34
C GLU E 202 43.45 -16.88 52.79
N ALA E 203 42.47 -17.14 53.65
CA ALA E 203 41.24 -17.82 53.21
C ALA E 203 40.56 -16.98 52.14
N TYR E 204 40.66 -15.66 52.30
CA TYR E 204 40.11 -14.69 51.38
C TYR E 204 40.92 -14.73 50.10
N ALA E 205 42.24 -14.78 50.23
CA ALA E 205 43.08 -14.68 49.04
C ALA E 205 42.83 -15.88 48.13
N ARG E 206 42.73 -17.07 48.73
CA ARG E 206 42.60 -18.32 48.00
C ARG E 206 41.27 -18.44 47.28
N VAL E 207 40.20 -17.97 47.92
CA VAL E 207 38.89 -18.07 47.31
C VAL E 207 38.86 -17.18 46.07
N ILE E 208 39.38 -15.97 46.20
CA ILE E 208 39.52 -15.07 45.07
C ILE E 208 40.37 -15.70 43.95
N ALA E 209 41.37 -16.47 44.33
CA ALA E 209 42.21 -17.12 43.32
C ALA E 209 41.39 -18.09 42.46
N ARG E 210 40.45 -18.81 43.08
CA ARG E 210 39.60 -19.78 42.39
C ARG E 210 38.54 -19.08 41.53
N ASP E 211 38.16 -17.88 41.94
CA ASP E 211 37.30 -17.00 41.15
C ASP E 211 37.97 -16.56 39.86
N ILE E 212 39.21 -16.09 39.98
CA ILE E 212 40.06 -15.77 38.83
C ILE E 212 40.11 -16.96 37.87
N GLU E 213 40.41 -18.14 38.40
CA GLU E 213 40.47 -19.35 37.60
C GLU E 213 39.15 -19.63 36.89
N ARG E 214 38.04 -19.58 37.64
CA ARG E 214 36.71 -19.76 37.05
C ARG E 214 36.42 -18.70 35.97
N ILE E 215 36.55 -17.42 36.31
CA ILE E 215 36.21 -16.35 35.38
C ILE E 215 37.01 -16.46 34.09
N ALA E 216 38.30 -16.72 34.22
CA ALA E 216 39.19 -16.88 33.07
C ALA E 216 38.82 -18.09 32.20
N ASN E 217 38.42 -19.18 32.83
CA ASN E 217 38.02 -20.38 32.08
C ASN E 217 36.74 -20.20 31.25
N THR E 218 36.00 -19.13 31.49
CA THR E 218 34.79 -18.89 30.72
C THR E 218 35.06 -18.18 29.40
N ARG E 219 36.28 -17.69 29.22
CA ARG E 219 36.69 -17.10 27.95
C ARG E 219 36.67 -18.11 26.82
N ASN E 220 37.06 -19.36 27.07
CA ASN E 220 37.27 -20.26 25.95
C ASN E 220 36.07 -20.39 25.02
N ASN E 221 34.87 -20.53 25.60
CA ASN E 221 33.66 -20.70 24.80
C ASN E 221 33.30 -19.44 24.01
N LEU E 222 33.76 -18.29 24.47
CA LEU E 222 33.51 -17.03 23.76
C LEU E 222 34.36 -16.90 22.51
N TYR E 223 35.55 -17.49 22.53
CA TYR E 223 36.45 -17.47 21.36
C TYR E 223 35.79 -18.00 20.09
N ASP E 224 34.80 -18.89 20.24
CA ASP E 224 34.03 -19.39 19.11
C ASP E 224 32.99 -18.36 18.62
N ILE E 225 33.23 -17.84 17.43
CA ILE E 225 32.34 -16.86 16.84
C ILE E 225 31.54 -17.47 15.69
N ASN E 226 30.53 -16.74 15.24
CA ASN E 226 29.60 -17.27 14.24
C ASN E 226 29.64 -16.49 12.95
N MET E 227 30.60 -15.57 12.86
CA MET E 227 30.74 -14.71 11.68
C MET E 227 30.69 -15.57 10.42
N GLY E 228 29.76 -15.23 9.51
CA GLY E 228 29.51 -16.02 8.31
C GLY E 228 28.25 -16.88 8.37
N ALA E 229 27.58 -16.86 9.52
CA ALA E 229 26.36 -17.63 9.76
C ALA E 229 25.19 -17.11 8.94
N THR E 230 25.25 -15.83 8.59
CA THR E 230 24.12 -15.09 8.03
C THR E 230 22.86 -15.20 8.94
N ALA E 231 21.69 -15.46 8.37
CA ALA E 231 20.45 -15.29 9.15
C ALA E 231 20.29 -16.30 10.28
N VAL E 232 20.49 -17.59 9.97
CA VAL E 232 20.16 -18.67 10.93
C VAL E 232 21.32 -19.62 11.15
N GLY E 233 22.46 -19.33 10.53
CA GLY E 233 23.66 -20.14 10.65
C GLY E 233 23.93 -21.10 9.52
N THR E 234 23.16 -21.01 8.44
CA THR E 234 23.36 -21.90 7.31
C THR E 234 24.37 -21.31 6.34
N GLY E 235 24.69 -20.02 6.54
CA GLY E 235 25.64 -19.31 5.69
C GLY E 235 25.26 -19.27 4.22
N LEU E 236 23.96 -19.20 3.95
CA LEU E 236 23.43 -19.28 2.58
C LEU E 236 24.02 -18.22 1.69
N ASN E 237 24.78 -18.66 0.69
CA ASN E 237 25.37 -17.77 -0.30
C ASN E 237 26.69 -17.16 0.11
N ALA E 238 27.04 -17.28 1.40
CA ALA E 238 28.33 -16.80 1.90
C ALA E 238 29.47 -17.45 1.12
N ASP E 239 30.52 -16.69 0.85
CA ASP E 239 31.74 -17.27 0.29
C ASP E 239 32.51 -17.89 1.47
N PRO E 240 32.91 -19.18 1.36
CA PRO E 240 33.75 -19.81 2.39
C PRO E 240 35.10 -19.10 2.61
N GLU E 241 35.67 -18.50 1.55
CA GLU E 241 36.89 -17.69 1.68
C GLU E 241 36.57 -16.44 2.49
N TYR E 242 35.43 -15.82 2.22
CA TYR E 242 35.00 -14.70 3.04
C TYR E 242 35.03 -15.05 4.54
N ILE E 243 34.48 -16.21 4.88
CA ILE E 243 34.36 -16.64 6.26
C ILE E 243 35.73 -16.80 6.90
N SER E 244 36.61 -17.61 6.31
CA SER E 244 37.91 -17.84 6.94
C SER E 244 38.74 -16.55 7.01
N ILE E 245 38.63 -15.71 5.98
CA ILE E 245 39.32 -14.43 5.97
C ILE E 245 38.79 -13.49 7.05
N VAL E 246 37.48 -13.41 7.23
CA VAL E 246 36.96 -12.47 8.21
C VAL E 246 37.28 -12.88 9.64
N THR E 247 37.34 -14.20 9.86
CA THR E 247 37.72 -14.76 11.16
C THR E 247 39.16 -14.37 11.56
N GLU E 248 40.09 -14.46 10.61
CA GLU E 248 41.47 -14.03 10.86
C GLU E 248 41.54 -12.53 11.16
N HIS E 249 40.93 -11.71 10.30
CA HIS E 249 40.87 -10.29 10.57
C HIS E 249 40.35 -9.96 11.97
N LEU E 250 39.31 -10.69 12.40
CA LEU E 250 38.67 -10.47 13.71
C LEU E 250 39.61 -10.79 14.86
N ALA E 251 40.42 -11.84 14.69
CA ALA E 251 41.40 -12.24 15.69
C ALA E 251 42.50 -11.20 15.76
N LYS E 252 43.03 -10.87 14.59
CA LYS E 252 44.11 -9.94 14.45
C LYS E 252 43.77 -8.59 15.10
N PHE E 253 42.61 -8.03 14.78
CA PHE E 253 42.28 -6.68 15.22
C PHE E 253 41.74 -6.57 16.65
N SER E 254 41.14 -7.65 17.16
CA SER E 254 40.61 -7.67 18.54
C SER E 254 41.66 -8.16 19.54
N GLY E 255 42.72 -8.76 19.01
CA GLY E 255 43.78 -9.34 19.84
C GLY E 255 43.37 -10.59 20.60
N HIS E 256 42.29 -11.24 20.18
CA HIS E 256 41.84 -12.48 20.82
C HIS E 256 42.04 -13.69 19.90
N PRO E 257 42.39 -14.84 20.48
CA PRO E 257 42.55 -16.04 19.65
C PRO E 257 41.20 -16.57 19.16
N LEU E 258 40.52 -15.83 18.28
CA LEU E 258 39.17 -16.19 17.87
C LEU E 258 39.13 -17.40 16.93
N ARG E 259 38.07 -18.19 17.01
CA ARG E 259 37.91 -19.39 16.18
C ARG E 259 36.56 -19.34 15.47
N SER E 260 36.46 -19.91 14.26
CA SER E 260 35.16 -20.01 13.63
C SER E 260 34.46 -21.23 14.19
N ALA E 261 33.32 -21.04 14.85
CA ALA E 261 32.63 -22.12 15.55
C ALA E 261 32.51 -23.33 14.65
N GLN E 262 32.62 -24.54 15.20
CA GLN E 262 32.65 -25.72 14.35
C GLN E 262 31.29 -26.00 13.69
N HIS E 263 30.23 -25.50 14.29
CA HIS E 263 28.86 -25.69 13.81
C HIS E 263 28.17 -24.36 13.97
N LEU E 264 27.90 -23.72 12.84
CA LEU E 264 27.40 -22.34 12.81
C LEU E 264 25.94 -22.20 13.29
N VAL E 265 25.14 -23.23 13.13
CA VAL E 265 23.75 -23.15 13.58
C VAL E 265 23.76 -23.10 15.10
N ASP E 266 24.52 -24.00 15.72
CA ASP E 266 24.75 -24.02 17.16
C ASP E 266 25.15 -22.65 17.70
N ALA E 267 26.14 -22.02 17.07
CA ALA E 267 26.65 -20.76 17.61
C ALA E 267 25.64 -19.64 17.44
N THR E 268 24.75 -19.79 16.46
CA THR E 268 23.75 -18.77 16.16
C THR E 268 22.55 -18.78 17.14
N GLN E 269 22.18 -19.95 17.65
CA GLN E 269 20.98 -20.07 18.49
C GLN E 269 21.23 -20.30 19.98
N ASN E 270 22.33 -20.95 20.30
CA ASN E 270 22.66 -21.19 21.69
C ASN E 270 23.35 -20.00 22.35
N THR E 271 23.07 -19.83 23.64
CA THR E 271 23.57 -18.68 24.37
C THR E 271 24.29 -19.09 25.64
N ASP E 272 24.65 -20.37 25.74
CA ASP E 272 25.29 -20.89 26.97
C ASP E 272 26.60 -20.19 27.36
N CYS E 273 27.39 -19.79 26.37
CA CYS E 273 28.62 -19.03 26.62
C CYS E 273 28.39 -17.82 27.55
N TYR E 274 27.23 -17.17 27.43
CA TYR E 274 27.00 -15.98 28.26
C TYR E 274 26.55 -16.33 29.68
N THR E 275 25.66 -17.30 29.81
CA THR E 275 25.24 -17.75 31.13
C THR E 275 26.40 -18.34 31.92
N GLU E 276 27.28 -19.09 31.22
CA GLU E 276 28.54 -19.55 31.77
C GLU E 276 29.38 -18.43 32.41
N VAL E 277 29.50 -17.30 31.72
CA VAL E 277 30.26 -16.16 32.21
C VAL E 277 29.54 -15.51 33.38
N SER E 278 28.23 -15.30 33.24
CA SER E 278 27.45 -14.65 34.28
C SER E 278 27.56 -15.41 35.59
N SER E 279 27.48 -16.74 35.50
CA SER E 279 27.52 -17.63 36.63
C SER E 279 28.82 -17.48 37.41
N ALA E 280 29.93 -17.38 36.67
CA ALA E 280 31.23 -17.30 37.30
C ALA E 280 31.38 -15.97 38.01
N LEU E 281 30.79 -14.92 37.44
CA LEU E 281 30.76 -13.62 38.09
C LEU E 281 29.90 -13.67 39.34
N LYS E 282 28.72 -14.30 39.26
CA LYS E 282 27.86 -14.45 40.42
C LYS E 282 28.62 -15.11 41.56
N VAL E 283 29.29 -16.22 41.25
CA VAL E 283 29.98 -17.01 42.28
C VAL E 283 31.03 -16.16 42.95
N CYS E 284 31.82 -15.48 42.13
CA CYS E 284 32.81 -14.53 42.61
C CYS E 284 32.20 -13.54 43.58
N MET E 285 31.16 -12.82 43.18
CA MET E 285 30.55 -11.84 44.09
C MET E 285 30.00 -12.44 45.39
N ILE E 286 29.57 -13.71 45.37
CA ILE E 286 29.09 -14.35 46.60
C ILE E 286 30.20 -14.33 47.65
N ASN E 287 31.40 -14.74 47.23
CA ASN E 287 32.58 -14.77 48.07
C ASN E 287 32.96 -13.37 48.52
N MET E 288 33.01 -12.42 47.57
CA MET E 288 33.32 -11.03 47.91
C MET E 288 32.35 -10.49 48.97
N SER E 289 31.06 -10.75 48.79
CA SER E 289 30.06 -10.26 49.73
C SER E 289 30.26 -10.82 51.16
N LYS E 290 30.64 -12.10 51.24
CA LYS E 290 30.90 -12.80 52.50
C LYS E 290 32.10 -12.18 53.16
N ILE E 291 33.15 -11.95 52.36
CA ILE E 291 34.35 -11.29 52.86
C ILE E 291 34.01 -9.88 53.34
N ALA E 292 33.20 -9.16 52.57
CA ALA E 292 32.79 -7.81 52.98
C ALA E 292 32.02 -7.85 54.30
N ASN E 293 31.10 -8.82 54.43
CA ASN E 293 30.35 -9.01 55.67
C ASN E 293 31.29 -9.28 56.85
N ASP E 294 32.29 -10.14 56.66
CA ASP E 294 33.33 -10.31 57.68
C ASP E 294 34.03 -9.00 58.00
N LEU E 295 34.49 -8.28 56.98
CA LEU E 295 35.27 -7.07 57.22
C LEU E 295 34.47 -6.08 58.05
N ARG E 296 33.20 -5.90 57.69
CA ARG E 296 32.34 -4.99 58.44
C ARG E 296 32.06 -5.41 59.90
N LEU E 297 32.03 -6.71 60.17
CA LEU E 297 31.88 -7.22 61.52
C LEU E 297 33.14 -7.02 62.34
N MET E 298 34.28 -7.22 61.69
CA MET E 298 35.58 -7.02 62.33
C MET E 298 35.81 -5.57 62.69
N ALA E 299 35.35 -4.65 61.83
CA ALA E 299 35.51 -3.22 62.08
C ALA E 299 34.46 -2.63 63.02
N SER E 300 33.43 -3.40 63.36
CA SER E 300 32.35 -2.89 64.23
C SER E 300 32.84 -2.36 65.60
N GLY E 301 32.19 -1.30 66.09
CA GLY E 301 32.53 -0.69 67.37
C GLY E 301 32.37 0.82 67.41
N PRO E 302 33.29 1.52 68.09
CA PRO E 302 34.53 0.97 68.64
C PRO E 302 34.44 0.50 70.11
N ARG E 303 33.25 0.57 70.72
CA ARG E 303 33.07 0.17 72.11
C ARG E 303 32.04 -0.95 72.29
N ALA E 304 31.07 -1.04 71.38
CA ALA E 304 30.02 -2.05 71.51
C ALA E 304 30.01 -3.06 70.35
N GLY E 305 31.19 -3.34 69.81
CA GLY E 305 31.35 -4.25 68.69
C GLY E 305 32.60 -5.11 68.85
N LEU E 306 33.01 -5.75 67.77
CA LEU E 306 34.13 -6.69 67.81
C LEU E 306 35.47 -5.95 67.78
N SER E 307 35.48 -4.82 67.08
CA SER E 307 36.62 -3.92 66.99
C SER E 307 38.00 -4.58 66.82
N GLU E 308 38.08 -5.53 65.90
CA GLU E 308 39.31 -6.29 65.63
C GLU E 308 40.23 -5.57 64.64
N ILE E 309 39.67 -5.06 63.54
CA ILE E 309 40.46 -4.32 62.54
C ILE E 309 40.03 -2.85 62.42
N VAL E 310 40.93 -2.02 61.91
CA VAL E 310 40.58 -0.65 61.51
C VAL E 310 40.64 -0.57 59.97
N LEU E 311 39.55 -0.10 59.36
CA LEU E 311 39.53 0.25 57.93
C LEU E 311 39.79 1.75 57.76
N PRO E 312 40.51 2.15 56.67
CA PRO E 312 40.70 3.59 56.46
C PRO E 312 39.40 4.39 56.48
N ALA E 313 39.48 5.61 56.99
CA ALA E 313 38.32 6.50 57.03
C ALA E 313 38.07 7.00 55.62
N ARG E 314 36.84 6.89 55.14
CA ARG E 314 36.53 7.41 53.81
C ARG E 314 35.38 8.41 53.82
N GLN E 315 34.62 8.45 54.91
CA GLN E 315 33.64 9.51 55.17
C GLN E 315 34.25 10.59 56.06
N PRO E 316 33.78 11.85 55.91
CA PRO E 316 34.04 12.78 57.02
C PRO E 316 33.19 12.37 58.23
N GLY E 317 33.83 12.12 59.37
CA GLY E 317 33.13 11.61 60.56
C GLY E 317 32.31 12.68 61.26
N SER E 318 31.55 12.28 62.28
CA SER E 318 30.89 13.27 63.12
C SER E 318 31.90 13.85 64.10
N SER E 319 31.88 15.18 64.24
CA SER E 319 32.79 15.91 65.14
C SER E 319 32.38 15.78 66.63
N ILE E 320 31.11 15.47 66.88
CA ILE E 320 30.67 15.03 68.21
C ILE E 320 30.57 13.49 68.35
N MET E 321 30.80 12.75 67.25
CA MET E 321 30.90 11.29 67.33
C MET E 321 32.23 10.77 66.78
N PRO E 322 33.33 11.04 67.51
CA PRO E 322 34.59 10.41 67.16
C PRO E 322 34.51 8.91 67.40
N GLY E 323 35.35 8.15 66.70
CA GLY E 323 35.35 6.71 66.83
C GLY E 323 34.28 6.02 65.99
N LYS E 324 33.36 6.79 65.42
CA LYS E 324 32.38 6.22 64.51
C LYS E 324 32.95 6.22 63.09
N VAL E 325 33.33 5.05 62.60
CA VAL E 325 33.93 4.93 61.26
C VAL E 325 33.18 3.90 60.40
N ASN E 326 32.25 4.37 59.59
CA ASN E 326 31.39 3.49 58.82
C ASN E 326 32.17 2.80 57.72
N PRO E 327 32.03 1.46 57.61
CA PRO E 327 32.82 0.66 56.67
C PRO E 327 32.26 0.78 55.26
N VAL E 328 32.31 2.00 54.73
CA VAL E 328 31.64 2.31 53.48
C VAL E 328 32.15 1.53 52.28
N MET E 329 33.43 1.20 52.25
CA MET E 329 33.98 0.51 51.09
C MET E 329 33.47 -0.92 50.97
N PRO E 330 33.61 -1.74 52.03
CA PRO E 330 32.94 -3.05 52.07
C PRO E 330 31.45 -2.97 51.72
N GLU E 331 30.78 -1.89 52.12
CA GLU E 331 29.35 -1.74 51.88
C GLU E 331 29.00 -1.68 50.39
N VAL E 332 29.80 -0.98 49.62
CA VAL E 332 29.50 -0.86 48.20
C VAL E 332 29.82 -2.19 47.52
N MET E 333 30.87 -2.87 48.00
CA MET E 333 31.14 -4.25 47.60
C MET E 333 29.87 -5.10 47.78
N ASN E 334 29.25 -5.01 48.96
CA ASN E 334 28.03 -5.77 49.22
C ASN E 334 26.93 -5.49 48.20
N GLN E 335 26.71 -4.20 47.91
CA GLN E 335 25.64 -3.79 47.01
C GLN E 335 25.90 -4.16 45.55
N VAL E 336 27.16 -4.16 45.12
CA VAL E 336 27.51 -4.67 43.79
C VAL E 336 27.23 -6.17 43.71
N ALA E 337 27.61 -6.92 44.74
CA ALA E 337 27.26 -8.34 44.78
C ALA E 337 25.77 -8.53 44.52
N PHE E 338 24.92 -7.84 45.29
CA PHE E 338 23.49 -7.93 45.13
C PHE E 338 23.03 -7.54 43.72
N GLN E 339 23.66 -6.49 43.19
CA GLN E 339 23.40 -6.09 41.81
C GLN E 339 23.76 -7.21 40.84
N VAL E 340 24.92 -7.83 41.03
CA VAL E 340 25.34 -8.91 40.12
C VAL E 340 24.39 -10.11 40.18
N PHE E 341 23.91 -10.47 41.38
CA PHE E 341 22.96 -11.57 41.56
C PHE E 341 21.72 -11.37 40.71
N GLY E 342 21.19 -10.14 40.74
CA GLY E 342 20.00 -9.80 39.98
C GLY E 342 20.28 -9.83 38.49
N ASN E 343 21.41 -9.24 38.10
CA ASN E 343 21.86 -9.34 36.73
C ASN E 343 21.87 -10.80 36.29
N ASP E 344 22.36 -11.69 37.16
CA ASP E 344 22.41 -13.09 36.79
C ASP E 344 21.02 -13.69 36.54
N LEU E 345 20.01 -13.26 37.30
CA LEU E 345 18.65 -13.73 37.10
C LEU E 345 18.11 -13.26 35.74
N THR E 346 18.33 -11.99 35.42
CA THR E 346 17.99 -11.44 34.12
C THR E 346 18.66 -12.21 32.99
N ILE E 347 19.96 -12.43 33.14
CA ILE E 347 20.75 -13.15 32.14
C ILE E 347 20.16 -14.56 31.95
N THR E 348 19.79 -15.20 33.04
CA THR E 348 19.16 -16.53 33.02
C THR E 348 17.84 -16.56 32.28
N SER E 349 16.94 -15.64 32.63
CA SER E 349 15.60 -15.59 32.07
C SER E 349 15.64 -15.27 30.58
N ALA E 350 16.53 -14.36 30.18
CA ALA E 350 16.70 -14.03 28.78
C ALA E 350 17.30 -15.19 27.99
N SER E 351 18.26 -15.89 28.59
CA SER E 351 18.83 -17.04 27.91
C SER E 351 17.78 -18.11 27.68
N GLU E 352 17.02 -18.49 28.71
CA GLU E 352 16.02 -19.57 28.56
C GLU E 352 14.93 -19.18 27.56
N ALA E 353 14.90 -17.90 27.19
CA ALA E 353 13.86 -17.39 26.33
C ALA E 353 14.14 -17.52 24.84
N GLY E 354 15.24 -18.19 24.47
CA GLY E 354 15.55 -18.46 23.06
C GLY E 354 14.46 -19.26 22.34
N GLN E 355 14.38 -19.12 21.01
CA GLN E 355 13.37 -19.82 20.19
C GLN E 355 13.90 -20.20 18.81
N PHE E 356 13.96 -21.51 18.55
CA PHE E 356 14.46 -22.02 17.29
C PHE E 356 15.80 -21.32 17.04
N GLU E 357 15.92 -20.63 15.92
CA GLU E 357 17.21 -20.26 15.36
C GLU E 357 17.80 -18.99 15.97
N LEU E 358 17.03 -18.23 16.75
CA LEU E 358 17.57 -16.99 17.32
C LEU E 358 17.00 -16.66 18.68
N ASN E 359 17.88 -16.36 19.63
CA ASN E 359 17.43 -15.84 20.92
C ASN E 359 17.32 -14.35 20.81
N VAL E 360 16.08 -13.86 20.76
CA VAL E 360 15.84 -12.43 20.50
C VAL E 360 15.96 -11.54 21.73
N MET E 361 16.23 -12.16 22.89
CA MET E 361 16.30 -11.41 24.16
C MET E 361 17.73 -11.03 24.54
N GLU E 362 18.67 -11.29 23.62
CA GLU E 362 20.07 -10.92 23.75
C GLU E 362 20.41 -9.48 24.16
N PRO E 363 19.69 -8.45 23.67
CA PRO E 363 20.05 -7.08 24.10
C PRO E 363 20.02 -6.87 25.61
N VAL E 364 19.01 -7.42 26.30
CA VAL E 364 18.95 -7.29 27.75
C VAL E 364 19.96 -8.22 28.43
N LEU E 365 20.30 -9.32 27.76
CA LEU E 365 21.30 -10.25 28.28
C LEU E 365 22.65 -9.56 28.36
N PHE E 366 23.09 -9.04 27.22
CA PHE E 366 24.40 -8.40 27.10
C PHE E 366 24.55 -7.13 27.95
N PHE E 367 23.53 -6.28 27.93
CA PHE E 367 23.55 -5.08 28.77
C PHE E 367 23.82 -5.49 30.23
N ASN E 368 23.19 -6.57 30.68
CA ASN E 368 23.40 -7.05 32.03
C ASN E 368 24.76 -7.69 32.22
N LEU E 369 25.19 -8.50 31.24
CA LEU E 369 26.47 -9.17 31.31
C LEU E 369 27.57 -8.14 31.44
N ILE E 370 27.54 -7.17 30.53
CA ILE E 370 28.52 -6.09 30.48
C ILE E 370 28.51 -5.25 31.75
N GLN E 371 27.32 -4.91 32.25
CA GLN E 371 27.24 -4.18 33.50
C GLN E 371 27.94 -4.95 34.63
N SER E 372 27.64 -6.24 34.75
CA SER E 372 28.25 -7.08 35.78
C SER E 372 29.78 -7.03 35.80
N ILE E 373 30.41 -7.27 34.64
CA ILE E 373 31.86 -7.17 34.48
C ILE E 373 32.35 -5.77 34.82
N SER E 374 31.65 -4.78 34.31
CA SER E 374 32.04 -3.39 34.46
C SER E 374 31.97 -2.93 35.92
N ILE E 375 30.88 -3.25 36.61
CA ILE E 375 30.75 -2.82 37.99
C ILE E 375 31.69 -3.58 38.93
N MET E 376 31.99 -4.83 38.61
CA MET E 376 32.93 -5.57 39.43
C MET E 376 34.33 -4.98 39.29
N THR E 377 34.76 -4.76 38.05
CA THR E 377 36.03 -4.09 37.79
C THR E 377 36.16 -2.79 38.59
N ASN E 378 35.08 -2.00 38.64
CA ASN E 378 35.17 -0.70 39.30
C ASN E 378 35.17 -0.74 40.83
N VAL E 379 34.40 -1.62 41.47
CA VAL E 379 34.52 -1.80 42.94
C VAL E 379 35.82 -2.49 43.34
N PHE E 380 36.27 -3.45 42.56
CA PHE E 380 37.52 -4.12 42.85
C PHE E 380 38.63 -3.03 42.94
N LYS E 381 38.75 -2.21 41.90
CA LYS E 381 39.71 -1.09 41.88
C LYS E 381 39.60 -0.15 43.09
N SER E 382 38.41 0.38 43.35
CA SER E 382 38.20 1.35 44.42
C SER E 382 38.32 0.77 45.82
N PHE E 383 37.87 -0.49 45.99
CA PHE E 383 37.96 -1.17 47.27
C PHE E 383 39.41 -1.47 47.61
N THR E 384 40.15 -1.95 46.62
CA THR E 384 41.57 -2.26 46.80
C THR E 384 42.33 -1.01 47.23
N GLU E 385 42.13 0.07 46.48
CA GLU E 385 42.85 1.32 46.69
C GLU E 385 42.42 2.12 47.90
N ASN E 386 41.13 2.08 48.26
CA ASN E 386 40.61 2.92 49.33
C ASN E 386 40.24 2.19 50.63
N CYS E 387 40.57 0.90 50.69
CA CYS E 387 40.26 0.10 51.88
C CYS E 387 41.31 -0.97 52.15
N LEU E 388 41.41 -1.95 51.24
CA LEU E 388 42.22 -3.13 51.46
C LEU E 388 43.64 -2.83 51.91
N LYS E 389 44.39 -2.09 51.11
CA LYS E 389 45.79 -1.77 51.41
C LYS E 389 45.99 -1.14 52.80
N GLY E 390 45.03 -0.33 53.24
CA GLY E 390 45.17 0.48 54.45
C GLY E 390 44.74 -0.19 55.76
N ILE E 391 44.14 -1.37 55.64
CA ILE E 391 43.65 -2.14 56.80
C ILE E 391 44.74 -2.35 57.85
N LYS E 392 44.41 -2.07 59.10
CA LYS E 392 45.32 -2.25 60.24
C LYS E 392 44.68 -3.17 61.28
N ALA E 393 45.49 -3.79 62.10
CA ALA E 393 44.97 -4.67 63.14
C ALA E 393 44.96 -3.98 64.52
N ASN E 394 43.99 -4.36 65.34
CA ASN E 394 44.01 -4.01 66.75
C ASN E 394 44.50 -5.26 67.50
N GLU E 395 45.82 -5.42 67.55
CA GLU E 395 46.47 -6.60 68.13
C GLU E 395 46.08 -6.84 69.59
N GLU E 396 46.04 -5.79 70.39
CA GLU E 396 45.86 -5.95 71.84
C GLU E 396 44.47 -6.44 72.21
N ARG E 397 43.46 -5.84 71.59
CA ARG E 397 42.07 -6.28 71.70
C ARG E 397 41.91 -7.77 71.34
N MET E 398 42.46 -8.15 70.20
CA MET E 398 42.40 -9.52 69.76
C MET E 398 43.16 -10.44 70.71
N LYS E 399 44.35 -10.05 71.12
CA LYS E 399 45.15 -10.86 72.04
C LYS E 399 44.40 -11.08 73.36
N GLU E 400 43.74 -10.04 73.86
CA GLU E 400 42.98 -10.16 75.10
C GLU E 400 41.74 -11.06 74.97
N TYR E 401 41.18 -11.18 73.75
CA TYR E 401 40.08 -12.13 73.52
C TYR E 401 40.56 -13.56 73.76
N VAL E 402 41.77 -13.88 73.29
CA VAL E 402 42.37 -15.17 73.56
C VAL E 402 42.58 -15.34 75.07
N GLU E 403 43.41 -14.49 75.67
CA GLU E 403 43.71 -14.56 77.10
C GLU E 403 42.49 -14.77 77.99
N LYS E 404 41.37 -14.17 77.62
CA LYS E 404 40.16 -14.16 78.45
C LYS E 404 39.06 -15.09 77.95
N SER E 405 39.42 -16.14 77.22
CA SER E 405 38.41 -17.04 76.64
C SER E 405 38.46 -18.43 77.26
N ILE E 406 37.33 -19.15 77.14
CA ILE E 406 37.26 -20.56 77.53
C ILE E 406 37.96 -21.45 76.49
N GLY E 407 37.76 -21.12 75.20
CA GLY E 407 38.28 -21.93 74.07
C GLY E 407 39.76 -22.33 74.16
N ILE E 408 40.52 -21.48 74.83
CA ILE E 408 41.92 -21.72 75.17
C ILE E 408 42.13 -23.05 75.92
N ILE E 409 41.03 -23.67 76.35
CA ILE E 409 41.07 -24.92 77.12
C ILE E 409 41.34 -26.16 76.26
N THR E 410 40.92 -26.15 74.99
CA THR E 410 41.15 -27.28 74.09
C THR E 410 42.62 -27.35 73.62
N ALA E 411 43.37 -26.25 73.78
CA ALA E 411 44.79 -26.18 73.40
C ALA E 411 45.71 -26.67 74.53
N ILE E 412 45.22 -26.56 75.75
CA ILE E 412 45.90 -27.03 76.95
C ILE E 412 45.47 -28.47 77.29
N ASN E 413 44.23 -28.82 76.91
CA ASN E 413 43.56 -30.11 77.20
C ASN E 413 44.39 -31.40 77.41
N PRO E 414 45.36 -31.71 76.51
CA PRO E 414 46.18 -32.88 76.81
C PRO E 414 47.60 -32.55 77.35
N HIS E 415 47.71 -31.55 78.21
CA HIS E 415 48.95 -31.25 78.94
C HIS E 415 48.76 -31.38 80.45
N VAL E 416 47.55 -31.04 80.91
CA VAL E 416 47.12 -31.21 82.30
C VAL E 416 46.47 -32.60 82.51
N GLY E 417 46.12 -33.24 81.40
CA GLY E 417 45.34 -34.48 81.42
C GLY E 417 43.86 -34.15 81.37
N TYR E 418 43.05 -35.12 80.96
CA TYR E 418 41.60 -34.94 80.90
C TYR E 418 40.95 -34.71 82.28
N GLU E 419 41.67 -35.05 83.35
CA GLU E 419 41.16 -34.96 84.73
C GLU E 419 40.78 -33.52 85.16
N THR E 420 41.72 -32.77 85.72
CA THR E 420 41.45 -31.36 86.06
C THR E 420 41.57 -30.45 84.83
N ALA E 421 40.80 -30.80 83.80
CA ALA E 421 40.63 -29.97 82.60
C ALA E 421 39.17 -29.51 82.51
N ALA E 422 38.27 -30.37 83.00
CA ALA E 422 36.84 -30.05 83.12
C ALA E 422 36.54 -29.22 84.38
N LYS E 423 37.46 -29.28 85.35
CA LYS E 423 37.43 -28.41 86.55
C LYS E 423 37.93 -27.01 86.19
N LEU E 424 38.94 -26.96 85.32
CA LEU E 424 39.52 -25.71 84.83
C LEU E 424 38.59 -24.95 83.89
N ALA E 425 37.66 -25.68 83.25
CA ALA E 425 36.71 -25.08 82.30
C ALA E 425 35.37 -24.68 82.93
N ARG E 426 34.80 -25.56 83.77
CA ARG E 426 33.53 -25.27 84.46
C ARG E 426 33.68 -24.30 85.62
N GLU E 427 34.93 -24.07 86.06
CA GLU E 427 35.25 -23.07 87.08
C GLU E 427 35.55 -21.70 86.47
N ALA E 428 36.27 -21.70 85.34
CA ALA E 428 36.56 -20.45 84.62
C ALA E 428 35.30 -19.77 84.09
N TYR E 429 34.24 -20.57 83.86
CA TYR E 429 32.93 -20.04 83.50
C TYR E 429 32.18 -19.50 84.72
N LEU E 430 32.30 -20.21 85.85
CA LEU E 430 31.65 -19.82 87.11
C LEU E 430 32.26 -18.56 87.75
N THR E 431 33.58 -18.53 87.90
CA THR E 431 34.27 -17.41 88.54
C THR E 431 34.36 -16.17 87.64
N GLY E 432 34.95 -16.34 86.47
CA GLY E 432 35.17 -15.22 85.54
C GLY E 432 36.64 -14.87 85.43
N GLU E 433 37.51 -15.85 85.70
CA GLU E 433 38.95 -15.68 85.63
C GLU E 433 39.52 -16.31 84.36
N SER E 434 40.71 -15.88 83.95
CA SER E 434 41.40 -16.45 82.81
C SER E 434 41.97 -17.83 83.17
N ILE E 435 42.12 -18.68 82.15
CA ILE E 435 42.67 -20.02 82.34
C ILE E 435 44.21 -19.98 82.41
N ARG E 436 44.78 -18.79 82.17
CA ARG E 436 46.21 -18.55 82.33
C ARG E 436 46.60 -18.37 83.80
N GLU E 437 45.71 -17.74 84.58
CA GLU E 437 45.90 -17.55 86.02
C GLU E 437 45.37 -18.71 86.88
N LEU E 438 44.77 -19.71 86.23
CA LEU E 438 44.32 -20.93 86.90
C LEU E 438 45.23 -22.14 86.62
N CYS E 439 46.31 -21.91 85.87
CA CYS E 439 47.35 -22.93 85.66
C CYS E 439 48.57 -22.64 86.54
N ILE E 440 48.87 -21.35 86.71
CA ILE E 440 49.94 -20.88 87.60
C ILE E 440 49.54 -21.00 89.08
N LYS E 441 48.24 -21.22 89.33
CA LYS E 441 47.68 -21.37 90.68
C LYS E 441 47.51 -22.84 91.08
N TYR E 442 46.91 -23.63 90.19
CA TYR E 442 46.60 -25.05 90.45
C TYR E 442 47.85 -25.94 90.59
N GLY E 443 48.55 -26.22 89.49
CA GLY E 443 49.76 -27.04 89.58
C GLY E 443 50.46 -27.54 88.32
N VAL E 444 49.80 -28.42 87.57
CA VAL E 444 50.45 -29.25 86.52
C VAL E 444 51.02 -28.53 85.27
N LEU E 445 50.79 -27.22 85.17
CA LEU E 445 51.45 -26.38 84.15
C LEU E 445 51.92 -25.04 84.73
N THR E 446 53.24 -24.91 84.94
CA THR E 446 53.82 -23.68 85.50
C THR E 446 54.03 -22.61 84.42
N GLU E 447 54.85 -21.60 84.73
CA GLU E 447 55.14 -20.50 83.80
C GLU E 447 55.81 -20.98 82.50
N GLU E 448 56.86 -21.77 82.64
CA GLU E 448 57.64 -22.29 81.50
C GLU E 448 56.83 -23.21 80.57
N GLN E 449 55.97 -24.02 81.17
CA GLN E 449 55.19 -25.03 80.43
C GLN E 449 53.88 -24.45 79.87
N LEU E 450 53.69 -23.13 80.02
CA LEU E 450 52.48 -22.45 79.55
C LEU E 450 52.80 -21.46 78.42
N ASN E 451 54.05 -20.99 78.38
CA ASN E 451 54.55 -20.10 77.32
C ASN E 451 54.66 -20.80 75.96
N GLU E 452 54.78 -22.13 76.01
CA GLU E 452 54.85 -22.98 74.83
C GLU E 452 53.47 -23.23 74.24
N ILE E 453 52.54 -23.68 75.09
CA ILE E 453 51.21 -24.14 74.68
C ILE E 453 50.31 -23.03 74.15
N LEU E 454 50.49 -21.82 74.68
CA LEU E 454 49.72 -20.66 74.23
C LEU E 454 50.49 -19.81 73.23
N ASN E 455 51.16 -20.48 72.29
CA ASN E 455 51.92 -19.83 71.23
C ASN E 455 51.03 -19.52 70.02
N PRO E 456 51.08 -18.26 69.51
CA PRO E 456 50.40 -17.88 68.26
C PRO E 456 50.85 -18.69 67.03
N TYR E 457 51.36 -19.90 67.28
CA TYR E 457 51.70 -20.84 66.21
C TYR E 457 51.43 -22.29 66.63
N GLU E 458 51.45 -22.55 67.94
CA GLU E 458 51.20 -23.89 68.49
C GLU E 458 49.70 -24.22 68.59
N MET E 459 48.87 -23.18 68.58
CA MET E 459 47.44 -23.35 68.77
C MET E 459 46.67 -23.41 67.46
N ILE E 460 47.33 -23.02 66.37
CA ILE E 460 46.64 -22.86 65.09
C ILE E 460 47.20 -23.72 63.95
N HIS E 461 48.06 -24.66 64.32
CA HIS E 461 48.59 -25.65 63.37
C HIS E 461 48.66 -27.05 63.99
N PRO E 462 48.34 -28.10 63.19
CA PRO E 462 48.17 -29.48 63.67
C PRO E 462 49.28 -29.97 64.60
N GLY E 463 48.96 -30.14 65.89
CA GLY E 463 49.92 -30.56 66.91
C GLY E 463 49.63 -29.98 68.29
N VAL F 5 11.29 -48.55 74.54
CA VAL F 5 11.26 -47.45 75.55
C VAL F 5 12.53 -47.48 76.42
N ARG F 6 13.46 -46.55 76.16
CA ARG F 6 14.81 -46.57 76.75
C ARG F 6 15.24 -45.15 77.17
N ILE F 7 16.19 -45.03 78.09
CA ILE F 7 16.56 -43.72 78.60
C ILE F 7 18.00 -43.34 78.27
N GLU F 8 18.18 -42.14 77.71
CA GLU F 8 19.51 -41.61 77.35
C GLU F 8 19.71 -40.18 77.86
N LYS F 9 20.96 -39.70 77.81
CA LYS F 9 21.28 -38.32 78.19
C LYS F 9 22.46 -37.65 77.45
N ASP F 10 22.48 -36.32 77.49
CA ASP F 10 23.54 -35.48 76.91
C ASP F 10 23.70 -34.25 77.81
N PHE F 11 24.43 -33.23 77.34
CA PHE F 11 24.73 -32.03 78.14
C PHE F 11 23.53 -31.08 78.39
N LEU F 12 22.30 -31.58 78.21
CA LEU F 12 21.09 -30.77 78.42
C LEU F 12 20.02 -31.53 79.21
N GLY F 13 20.15 -32.85 79.30
CA GLY F 13 19.23 -33.67 80.09
C GLY F 13 18.85 -34.99 79.44
N GLU F 14 17.65 -35.46 79.77
CA GLU F 14 17.18 -36.79 79.39
C GLU F 14 16.18 -36.74 78.24
N LYS F 15 16.03 -37.90 77.57
CA LYS F 15 14.96 -38.15 76.58
C LYS F 15 14.63 -39.65 76.51
N GLU F 16 13.37 -39.99 76.28
CA GLU F 16 12.96 -41.39 76.06
C GLU F 16 13.13 -41.73 74.57
N ILE F 17 13.53 -42.98 74.28
CA ILE F 17 13.87 -43.47 72.93
C ILE F 17 13.40 -44.93 72.74
N PRO F 18 12.81 -45.26 71.57
CA PRO F 18 12.32 -46.63 71.32
C PRO F 18 13.40 -47.74 71.34
N LYS F 19 13.07 -48.90 71.91
CA LYS F 19 14.01 -50.03 72.08
C LYS F 19 14.66 -50.48 70.78
N ASP F 20 13.87 -50.45 69.69
CA ASP F 20 14.30 -50.95 68.37
C ASP F 20 15.07 -49.93 67.54
N ALA F 21 15.14 -48.70 68.03
CA ALA F 21 15.76 -47.59 67.32
C ALA F 21 17.27 -47.55 67.57
N TYR F 22 18.02 -47.22 66.52
CA TYR F 22 19.48 -47.13 66.58
C TYR F 22 19.98 -45.69 66.73
N TYR F 23 19.09 -44.71 66.52
CA TYR F 23 19.40 -43.31 66.81
C TYR F 23 19.35 -43.03 68.32
N GLY F 24 19.66 -41.80 68.73
CA GLY F 24 19.72 -41.47 70.15
C GLY F 24 19.11 -40.14 70.56
N VAL F 25 19.56 -39.63 71.72
CA VAL F 25 19.09 -38.37 72.31
C VAL F 25 19.26 -37.19 71.37
N GLN F 26 20.47 -37.06 70.81
CA GLN F 26 20.80 -35.91 70.01
C GLN F 26 20.06 -35.88 68.68
N THR F 27 19.73 -37.05 68.15
CA THR F 27 18.88 -37.16 66.98
C THR F 27 17.45 -36.79 67.36
N ILE F 28 16.95 -37.40 68.42
CA ILE F 28 15.58 -37.14 68.84
C ILE F 28 15.33 -35.65 69.13
N ARG F 29 16.31 -34.95 69.69
CA ARG F 29 16.19 -33.50 69.93
C ARG F 29 16.07 -32.72 68.63
N ALA F 30 16.89 -33.10 67.64
CA ALA F 30 16.88 -32.48 66.32
C ALA F 30 15.48 -32.56 65.69
N THR F 31 14.82 -33.71 65.87
CA THR F 31 13.51 -33.94 65.29
C THR F 31 12.43 -33.14 66.01
N GLU F 32 12.78 -32.59 67.16
CA GLU F 32 11.85 -31.73 67.90
C GLU F 32 12.08 -30.29 67.51
N ASN F 33 13.34 -29.93 67.34
CA ASN F 33 13.74 -28.57 66.96
C ASN F 33 13.43 -28.26 65.50
N PHE F 34 13.63 -29.22 64.61
CA PHE F 34 13.46 -28.96 63.18
C PHE F 34 12.46 -29.90 62.49
N PRO F 35 11.16 -29.79 62.82
CA PRO F 35 10.17 -30.58 62.08
C PRO F 35 9.70 -29.74 60.90
N ILE F 36 10.58 -29.53 59.91
CA ILE F 36 10.33 -28.52 58.89
C ILE F 36 9.69 -29.02 57.58
N THR F 37 10.38 -29.95 56.92
CA THR F 37 9.96 -30.42 55.60
C THR F 37 9.31 -31.77 55.72
N GLY F 38 9.74 -32.56 56.70
CA GLY F 38 9.32 -33.95 56.78
C GLY F 38 10.15 -34.87 55.90
N TYR F 39 11.14 -34.31 55.20
CA TYR F 39 12.01 -35.10 54.32
C TYR F 39 13.13 -35.76 55.12
N ARG F 40 13.94 -36.55 54.43
CA ARG F 40 15.09 -37.17 55.07
C ARG F 40 16.25 -37.06 54.12
N ILE F 41 17.46 -36.97 54.68
CA ILE F 41 18.67 -36.84 53.89
C ILE F 41 18.77 -37.96 52.84
N HIS F 42 19.45 -37.65 51.73
CA HIS F 42 19.61 -38.57 50.61
C HIS F 42 20.40 -39.83 50.98
N PRO F 43 19.94 -41.01 50.53
CA PRO F 43 20.66 -42.24 50.82
C PRO F 43 22.17 -42.15 50.50
N GLU F 44 22.53 -41.39 49.48
CA GLU F 44 23.94 -41.24 49.11
C GLU F 44 24.72 -40.44 50.14
N LEU F 45 24.07 -39.50 50.83
CA LEU F 45 24.73 -38.80 51.91
C LEU F 45 24.92 -39.74 53.10
N ILE F 46 23.92 -40.59 53.34
CA ILE F 46 24.03 -41.65 54.34
C ILE F 46 25.25 -42.54 54.01
N LYS F 47 25.28 -43.09 52.80
CA LYS F 47 26.39 -43.94 52.36
C LYS F 47 27.74 -43.27 52.65
N SER F 48 27.84 -41.99 52.30
CA SER F 48 29.07 -41.23 52.44
C SER F 48 29.45 -40.96 53.88
N LEU F 49 28.45 -40.66 54.71
CA LEU F 49 28.68 -40.52 56.15
C LEU F 49 29.33 -41.80 56.69
N GLY F 50 28.77 -42.95 56.27
CA GLY F 50 29.33 -44.27 56.59
C GLY F 50 30.79 -44.40 56.18
N ILE F 51 31.12 -43.96 54.97
CA ILE F 51 32.51 -43.99 54.47
C ILE F 51 33.41 -43.15 55.37
N VAL F 52 32.92 -41.98 55.79
CA VAL F 52 33.68 -41.08 56.66
C VAL F 52 34.02 -41.76 57.98
N LYS F 53 32.99 -42.30 58.64
CA LYS F 53 33.14 -42.96 59.93
C LYS F 53 34.03 -44.20 59.85
N LYS F 54 33.88 -44.97 58.78
CA LYS F 54 34.77 -46.13 58.57
C LYS F 54 36.22 -45.71 58.40
N SER F 55 36.42 -44.59 57.71
CA SER F 55 37.76 -44.12 57.41
C SER F 55 38.43 -43.56 58.65
N ALA F 56 37.71 -42.70 59.37
CA ALA F 56 38.22 -42.15 60.63
C ALA F 56 38.53 -43.23 61.69
N ALA F 57 37.61 -44.17 61.87
CA ALA F 57 37.84 -45.27 62.79
C ALA F 57 39.15 -45.98 62.45
N LEU F 58 39.31 -46.34 61.17
CA LEU F 58 40.49 -47.04 60.70
C LEU F 58 41.72 -46.20 60.95
N ALA F 59 41.67 -44.94 60.53
CA ALA F 59 42.77 -44.00 60.75
C ALA F 59 43.15 -43.88 62.22
N ASN F 60 42.14 -43.83 63.10
CA ASN F 60 42.35 -43.74 64.54
C ASN F 60 43.02 -44.98 65.16
N MET F 61 42.49 -46.17 64.86
CA MET F 61 43.12 -47.42 65.30
C MET F 61 44.59 -47.48 64.90
N GLU F 62 44.89 -47.14 63.64
CA GLU F 62 46.26 -47.23 63.12
C GLU F 62 47.26 -46.27 63.78
N VAL F 63 46.78 -45.12 64.24
CA VAL F 63 47.66 -44.16 64.90
C VAL F 63 47.78 -44.50 66.38
N GLY F 64 47.02 -45.50 66.81
CA GLY F 64 46.92 -45.89 68.21
C GLY F 64 46.20 -44.87 69.07
N LEU F 65 44.98 -44.51 68.69
CA LEU F 65 44.15 -43.57 69.45
C LEU F 65 42.79 -44.16 69.83
N LEU F 66 42.30 -45.06 68.99
CA LEU F 66 41.05 -45.75 69.23
C LEU F 66 41.37 -47.19 69.58
N ASP F 67 40.77 -47.67 70.67
CA ASP F 67 40.89 -49.05 71.08
C ASP F 67 40.53 -49.97 69.92
N LYS F 68 41.41 -50.92 69.62
CA LYS F 68 41.27 -51.78 68.42
C LYS F 68 40.07 -52.72 68.47
N GLU F 69 39.63 -53.07 69.68
CA GLU F 69 38.48 -53.96 69.86
C GLU F 69 37.15 -53.25 69.63
N VAL F 70 37.02 -52.04 70.18
CA VAL F 70 35.83 -51.20 69.98
C VAL F 70 35.80 -50.66 68.55
N GLY F 71 36.99 -50.37 68.03
CA GLY F 71 37.16 -49.85 66.68
C GLY F 71 36.65 -50.80 65.60
N GLN F 72 36.92 -52.08 65.76
CA GLN F 72 36.58 -53.05 64.70
C GLN F 72 35.06 -53.20 64.53
N TYR F 73 34.34 -53.06 65.63
CA TYR F 73 32.87 -53.16 65.60
C TYR F 73 32.24 -51.91 65.00
N ILE F 74 32.85 -50.75 65.25
CA ILE F 74 32.43 -49.51 64.58
C ILE F 74 32.54 -49.64 63.06
N VAL F 75 33.70 -50.09 62.58
CA VAL F 75 33.91 -50.35 61.16
C VAL F 75 32.85 -51.29 60.61
N LYS F 76 32.65 -52.44 61.24
CA LYS F 76 31.60 -53.36 60.82
C LYS F 76 30.21 -52.73 60.79
N ALA F 77 29.91 -51.90 61.81
CA ALA F 77 28.69 -51.08 61.84
C ALA F 77 28.68 -50.07 60.69
N ALA F 78 29.78 -49.33 60.55
CA ALA F 78 29.93 -48.34 59.47
C ALA F 78 29.71 -48.98 58.11
N ASP F 79 30.21 -50.20 57.93
CA ASP F 79 30.09 -50.94 56.68
C ASP F 79 28.65 -51.30 56.35
N GLU F 80 27.81 -51.42 57.36
CA GLU F 80 26.41 -51.72 57.13
C GLU F 80 25.69 -50.47 56.68
N VAL F 81 26.10 -49.33 57.27
CA VAL F 81 25.56 -48.04 56.87
C VAL F 81 25.91 -47.77 55.41
N ILE F 82 27.11 -48.20 55.00
CA ILE F 82 27.56 -47.99 53.62
C ILE F 82 26.67 -48.78 52.67
N GLU F 83 26.30 -49.98 53.08
CA GLU F 83 25.58 -50.90 52.20
C GLU F 83 24.06 -50.68 52.22
N GLY F 84 23.61 -49.66 52.94
CA GLY F 84 22.20 -49.27 52.95
C GLY F 84 21.27 -49.94 53.95
N LYS F 85 21.83 -50.70 54.90
CA LYS F 85 21.04 -51.45 55.87
C LYS F 85 20.27 -50.60 56.88
N TRP F 86 20.75 -49.39 57.17
CA TRP F 86 20.16 -48.58 58.26
C TRP F 86 19.65 -47.20 57.83
N ASN F 87 19.19 -47.08 56.59
CA ASN F 87 18.64 -45.82 56.05
C ASN F 87 17.46 -45.23 56.83
N ASP F 88 16.46 -46.07 57.14
CA ASP F 88 15.31 -45.67 57.94
C ASP F 88 15.72 -45.02 59.27
N GLN F 89 16.95 -45.25 59.71
CA GLN F 89 17.44 -44.72 60.98
C GLN F 89 17.87 -43.23 60.95
N PHE F 90 18.02 -42.67 59.76
CA PHE F 90 18.39 -41.27 59.65
C PHE F 90 17.11 -40.47 59.44
N ILE F 91 16.72 -39.76 60.49
CA ILE F 91 15.40 -39.16 60.57
C ILE F 91 15.43 -37.63 60.72
N VAL F 92 16.63 -37.05 60.69
CA VAL F 92 16.79 -35.59 60.80
C VAL F 92 16.41 -34.84 59.51
N ASP F 93 15.71 -33.72 59.68
CA ASP F 93 15.31 -32.87 58.56
C ASP F 93 16.56 -32.32 57.84
N PRO F 94 16.60 -32.40 56.48
CA PRO F 94 17.74 -31.82 55.77
C PRO F 94 17.77 -30.30 55.91
N ILE F 95 16.65 -29.70 56.32
CA ILE F 95 16.64 -28.29 56.68
C ILE F 95 16.64 -28.15 58.20
N GLN F 96 17.81 -27.81 58.73
CA GLN F 96 18.08 -27.86 60.17
C GLN F 96 19.15 -26.88 60.62
N GLY F 97 18.97 -26.34 61.82
CA GLY F 97 20.00 -25.51 62.44
C GLY F 97 21.12 -26.36 63.02
N GLY F 98 22.18 -25.70 63.48
CA GLY F 98 23.31 -26.40 64.05
C GLY F 98 24.33 -26.82 63.00
N ALA F 99 24.14 -26.34 61.76
CA ALA F 99 25.13 -26.48 60.69
C ALA F 99 25.52 -27.93 60.33
N GLY F 100 24.56 -28.83 60.44
CA GLY F 100 24.79 -30.23 60.15
C GLY F 100 25.22 -31.05 61.35
N THR F 101 25.26 -30.46 62.56
CA THR F 101 25.64 -31.22 63.76
C THR F 101 24.71 -32.42 63.98
N SER F 102 23.42 -32.19 63.81
CA SER F 102 22.44 -33.27 63.91
C SER F 102 22.70 -34.42 62.94
N ILE F 103 23.11 -34.10 61.71
CA ILE F 103 23.34 -35.12 60.69
C ILE F 103 24.57 -35.92 61.10
N ASN F 104 25.59 -35.20 61.59
CA ASN F 104 26.79 -35.84 62.11
C ASN F 104 26.44 -36.76 63.29
N MET F 105 25.69 -36.22 64.25
CA MET F 105 25.30 -36.97 65.45
C MET F 105 24.33 -38.12 65.18
N ASN F 106 23.45 -37.95 64.21
CA ASN F 106 22.57 -39.03 63.77
C ASN F 106 23.38 -40.24 63.31
N ALA F 107 24.43 -39.98 62.53
CA ALA F 107 25.33 -41.02 62.07
C ALA F 107 26.17 -41.58 63.22
N ASN F 108 26.66 -40.71 64.10
CA ASN F 108 27.43 -41.12 65.27
C ASN F 108 26.69 -42.08 66.21
N GLU F 109 25.40 -41.83 66.42
CA GLU F 109 24.62 -42.64 67.36
C GLU F 109 24.24 -43.97 66.73
N VAL F 110 23.72 -43.92 65.50
CA VAL F 110 23.35 -45.13 64.76
C VAL F 110 24.51 -46.11 64.68
N ILE F 111 25.73 -45.60 64.52
CA ILE F 111 26.88 -46.46 64.40
C ILE F 111 27.30 -47.00 65.76
N ALA F 112 27.37 -46.10 66.76
CA ALA F 112 27.69 -46.51 68.13
C ALA F 112 26.73 -47.58 68.63
N ASN F 113 25.42 -47.34 68.51
CA ASN F 113 24.44 -48.30 68.97
C ASN F 113 24.53 -49.68 68.30
N ARG F 114 24.56 -49.69 66.97
CA ARG F 114 24.76 -50.92 66.21
C ARG F 114 26.07 -51.62 66.55
N ALA F 115 27.13 -50.85 66.80
CA ALA F 115 28.41 -51.40 67.21
C ALA F 115 28.34 -52.05 68.58
N LEU F 116 27.59 -51.42 69.49
CA LEU F 116 27.32 -52.01 70.81
C LEU F 116 26.54 -53.31 70.67
N GLU F 117 25.52 -53.29 69.81
CA GLU F 117 24.74 -54.48 69.59
C GLU F 117 25.65 -55.62 69.12
N LEU F 118 26.56 -55.29 68.19
CA LEU F 118 27.48 -56.27 67.61
C LEU F 118 28.46 -56.88 68.61
N MET F 119 28.88 -56.13 69.64
CA MET F 119 29.65 -56.76 70.70
C MET F 119 28.84 -57.25 71.92
N GLY F 120 27.55 -57.48 71.73
CA GLY F 120 26.70 -58.04 72.80
C GLY F 120 26.43 -57.11 73.97
N GLU F 121 26.56 -55.80 73.74
CA GLU F 121 26.20 -54.82 74.74
C GLU F 121 24.80 -54.26 74.50
N GLU F 122 24.30 -53.47 75.45
CA GLU F 122 23.01 -52.83 75.29
C GLU F 122 23.13 -51.51 74.52
N LYS F 123 22.08 -51.16 73.77
CA LYS F 123 22.02 -49.87 73.11
C LYS F 123 21.86 -48.76 74.16
N GLY F 124 22.44 -47.60 73.89
CA GLY F 124 22.40 -46.49 74.83
C GLY F 124 23.55 -46.51 75.82
N ASN F 125 24.24 -47.64 75.87
CA ASN F 125 25.38 -47.83 76.77
C ASN F 125 26.63 -47.08 76.28
N TYR F 126 26.61 -45.76 76.39
CA TYR F 126 27.67 -44.91 75.83
C TYR F 126 28.97 -44.95 76.64
N SER F 127 28.89 -45.45 77.88
CA SER F 127 30.09 -45.68 78.68
C SER F 127 31.02 -46.70 78.00
N LYS F 128 30.44 -47.58 77.18
CA LYS F 128 31.21 -48.57 76.43
C LYS F 128 31.59 -48.14 74.99
N ILE F 129 30.62 -47.65 74.21
CA ILE F 129 30.91 -47.05 72.88
C ILE F 129 30.24 -45.69 72.70
N SER F 130 31.04 -44.64 72.81
CA SER F 130 30.56 -43.27 72.76
C SER F 130 30.42 -42.72 71.33
N PRO F 131 29.24 -42.18 70.99
CA PRO F 131 29.05 -41.44 69.76
C PRO F 131 30.03 -40.26 69.62
N ASN F 132 30.26 -39.53 70.72
CA ASN F 132 31.18 -38.38 70.72
C ASN F 132 32.65 -38.76 70.88
N SER F 133 32.94 -39.64 71.84
CA SER F 133 34.32 -40.00 72.20
C SER F 133 34.98 -40.98 71.23
N HIS F 134 34.26 -42.01 70.82
CA HIS F 134 34.83 -43.05 69.99
C HIS F 134 34.50 -42.86 68.50
N VAL F 135 33.21 -42.86 68.16
CA VAL F 135 32.77 -42.79 66.76
C VAL F 135 33.11 -41.47 66.07
N ASN F 136 33.14 -40.40 66.85
CA ASN F 136 33.42 -39.05 66.35
C ASN F 136 34.82 -38.60 66.76
N MET F 137 35.66 -39.54 67.17
CA MET F 137 37.04 -39.25 67.59
C MET F 137 37.87 -38.55 66.51
N SER F 138 38.57 -37.50 66.90
CA SER F 138 39.54 -36.81 66.04
C SER F 138 38.92 -36.03 64.88
N GLN F 139 37.61 -35.82 64.94
CA GLN F 139 36.88 -35.13 63.88
C GLN F 139 35.81 -34.22 64.47
N SER F 140 35.38 -33.23 63.68
CA SER F 140 34.28 -32.34 64.06
C SER F 140 33.13 -32.46 63.07
N THR F 141 32.02 -31.77 63.38
CA THR F 141 30.98 -31.62 62.39
C THR F 141 31.60 -30.92 61.19
N ASN F 142 32.39 -29.89 61.46
CA ASN F 142 32.89 -29.01 60.42
C ASN F 142 33.90 -29.62 59.46
N ASP F 143 34.31 -30.86 59.69
CA ASP F 143 35.02 -31.61 58.66
C ASP F 143 34.29 -32.86 58.18
N ALA F 144 33.75 -33.64 59.12
CA ALA F 144 33.01 -34.86 58.80
C ALA F 144 31.81 -34.57 57.91
N PHE F 145 31.07 -33.52 58.25
CA PHE F 145 29.84 -33.17 57.51
C PHE F 145 30.11 -32.67 56.08
N PRO F 146 30.93 -31.59 55.92
CA PRO F 146 31.24 -31.20 54.56
C PRO F 146 31.99 -32.26 53.75
N THR F 147 32.83 -33.08 54.40
CA THR F 147 33.58 -34.12 53.67
C THR F 147 32.65 -35.19 53.10
N ALA F 148 31.70 -35.66 53.91
CA ALA F 148 30.70 -36.62 53.47
C ALA F 148 29.86 -36.04 52.31
N THR F 149 29.56 -34.75 52.40
CA THR F 149 28.86 -34.05 51.33
C THR F 149 29.64 -34.08 50.01
N HIS F 150 30.94 -33.73 50.06
CA HIS F 150 31.79 -33.72 48.86
C HIS F 150 31.68 -35.10 48.18
N ILE F 151 31.95 -36.15 48.97
CA ILE F 151 31.87 -37.53 48.51
C ILE F 151 30.52 -37.83 47.85
N ALA F 152 29.43 -37.53 48.56
CA ALA F 152 28.08 -37.77 48.03
C ALA F 152 27.82 -36.96 46.76
N VAL F 153 28.09 -35.66 46.81
CA VAL F 153 27.92 -34.78 45.65
C VAL F 153 28.67 -35.32 44.45
N LEU F 154 29.93 -35.69 44.65
CA LEU F 154 30.76 -36.20 43.56
C LEU F 154 30.21 -37.47 42.96
N SER F 155 29.70 -38.35 43.80
CA SER F 155 29.13 -39.63 43.35
C SER F 155 27.87 -39.40 42.57
N LEU F 156 27.05 -38.46 43.02
CA LEU F 156 25.81 -38.11 42.35
C LEU F 156 26.08 -37.38 41.02
N LEU F 157 27.14 -36.57 41.00
CA LEU F 157 27.56 -35.91 39.77
C LEU F 157 28.02 -36.89 38.71
N ASN F 158 28.87 -37.84 39.10
CA ASN F 158 29.33 -38.90 38.19
C ASN F 158 28.17 -39.65 37.53
N GLN F 159 27.13 -39.97 38.32
CA GLN F 159 25.94 -40.61 37.77
C GLN F 159 25.23 -39.69 36.77
N LEU F 160 25.03 -38.43 37.15
CA LEU F 160 24.40 -37.44 36.27
C LEU F 160 25.14 -37.31 34.93
N ILE F 161 26.45 -37.06 34.98
CA ILE F 161 27.27 -36.93 33.79
C ILE F 161 27.01 -38.11 32.85
N GLU F 162 27.04 -39.31 33.42
CA GLU F 162 26.86 -40.52 32.63
C GLU F 162 25.50 -40.60 31.96
N THR F 163 24.45 -40.19 32.66
CA THR F 163 23.09 -40.17 32.09
C THR F 163 22.89 -39.05 31.08
N THR F 164 23.61 -37.95 31.28
CA THR F 164 23.60 -36.82 30.37
C THR F 164 24.33 -37.20 29.07
N LYS F 165 25.48 -37.89 29.20
CA LYS F 165 26.21 -38.41 28.04
C LYS F 165 25.32 -39.28 27.16
N TYR F 166 24.53 -40.15 27.79
CA TYR F 166 23.62 -41.04 27.08
C TYR F 166 22.50 -40.27 26.36
N MET F 167 21.93 -39.28 27.04
CA MET F 167 20.99 -38.34 26.43
C MET F 167 21.62 -37.57 25.28
N GLN F 168 22.85 -37.10 25.47
CA GLN F 168 23.56 -36.36 24.44
C GLN F 168 23.72 -37.20 23.16
N GLN F 169 24.08 -38.48 23.35
CA GLN F 169 24.29 -39.42 22.25
C GLN F 169 23.00 -39.75 21.51
N GLU F 170 21.87 -39.75 22.22
CA GLU F 170 20.56 -39.94 21.60
C GLU F 170 20.12 -38.70 20.80
N PHE F 171 20.50 -37.51 21.25
CA PHE F 171 20.31 -36.32 20.44
C PHE F 171 21.11 -36.41 19.13
N MET F 172 22.38 -36.84 19.23
CA MET F 172 23.25 -36.97 18.07
C MET F 172 22.70 -37.94 17.03
N LYS F 173 22.13 -39.06 17.50
CA LYS F 173 21.49 -40.03 16.61
C LYS F 173 20.31 -39.43 15.85
N LYS F 174 19.47 -38.67 16.56
CA LYS F 174 18.35 -37.99 15.93
C LYS F 174 18.82 -36.98 14.88
N ALA F 175 19.92 -36.29 15.13
CA ALA F 175 20.49 -35.42 14.12
C ALA F 175 20.75 -36.22 12.85
N ASP F 176 21.52 -37.31 12.97
CA ASP F 176 21.75 -38.25 11.86
C ASP F 176 20.44 -38.63 11.18
N GLU F 177 19.43 -39.02 11.97
CA GLU F 177 18.13 -39.45 11.42
C GLU F 177 17.40 -38.32 10.65
N PHE F 178 17.67 -37.08 11.02
CA PHE F 178 17.01 -35.95 10.38
C PHE F 178 17.96 -35.13 9.48
N ALA F 179 19.13 -35.69 9.18
CA ALA F 179 20.17 -34.94 8.49
C ALA F 179 19.67 -34.29 7.20
N GLY F 180 18.78 -34.97 6.48
CA GLY F 180 18.29 -34.50 5.18
C GLY F 180 16.86 -34.02 5.16
N VAL F 181 16.28 -33.79 6.34
CA VAL F 181 14.91 -33.32 6.46
C VAL F 181 14.85 -31.78 6.40
N ILE F 182 14.41 -31.27 5.26
CA ILE F 182 14.34 -29.84 5.05
C ILE F 182 13.10 -29.26 5.74
N LYS F 183 13.28 -28.08 6.34
CA LYS F 183 12.21 -27.32 6.99
C LYS F 183 12.52 -25.83 6.91
N MET F 184 11.62 -25.00 7.45
CA MET F 184 11.78 -23.54 7.49
C MET F 184 12.33 -23.07 8.81
N GLY F 185 13.44 -22.32 8.77
CA GLY F 185 13.99 -21.73 9.98
C GLY F 185 13.19 -20.51 10.41
N ARG F 186 13.22 -20.20 11.70
CA ARG F 186 12.47 -19.06 12.18
C ARG F 186 13.33 -18.16 13.06
N THR F 187 13.26 -16.86 12.81
CA THR F 187 13.86 -15.88 13.72
C THR F 187 12.77 -14.89 14.16
N HIS F 188 12.70 -14.56 15.45
CA HIS F 188 11.61 -13.74 16.02
C HIS F 188 10.23 -14.44 15.94
N LEU F 189 10.27 -15.77 15.76
CA LEU F 189 9.13 -16.61 15.33
C LEU F 189 8.58 -16.31 13.90
N GLN F 190 9.28 -15.46 13.15
CA GLN F 190 8.93 -15.20 11.75
C GLN F 190 9.65 -16.17 10.82
N ASP F 191 8.98 -16.60 9.74
CA ASP F 191 9.64 -17.36 8.68
C ASP F 191 10.93 -16.68 8.30
N ALA F 192 11.97 -17.47 8.02
CA ALA F 192 13.26 -16.94 7.63
C ALA F 192 13.73 -17.66 6.37
N VAL F 193 14.79 -18.46 6.52
CA VAL F 193 15.32 -19.26 5.40
C VAL F 193 15.39 -20.74 5.79
N PRO F 194 15.52 -21.64 4.78
CA PRO F 194 15.48 -23.07 5.10
C PRO F 194 16.52 -23.50 6.10
N ILE F 195 16.21 -24.55 6.85
CA ILE F 195 17.18 -25.18 7.72
C ILE F 195 16.89 -26.67 7.78
N LEU F 196 17.88 -27.49 8.14
CA LEU F 196 17.68 -28.93 8.26
C LEU F 196 17.27 -29.27 9.67
N LEU F 197 16.18 -30.02 9.83
CA LEU F 197 15.75 -30.42 11.17
C LEU F 197 16.92 -30.95 11.99
N GLY F 198 17.81 -31.70 11.33
CA GLY F 198 18.96 -32.30 11.99
C GLY F 198 20.02 -31.31 12.42
N GLN F 199 20.12 -30.17 11.73
CA GLN F 199 21.05 -29.12 12.12
C GLN F 199 20.62 -28.55 13.45
N GLU F 200 19.30 -28.42 13.63
CA GLU F 200 18.73 -27.99 14.90
C GLU F 200 19.00 -29.04 15.97
N PHE F 201 18.74 -30.31 15.65
CA PHE F 201 19.02 -31.37 16.62
C PHE F 201 20.51 -31.48 16.98
N GLU F 202 21.38 -31.29 15.98
CA GLU F 202 22.81 -31.24 16.28
C GLU F 202 23.14 -30.03 17.15
N ALA F 203 22.48 -28.89 16.90
CA ALA F 203 22.63 -27.74 17.80
C ALA F 203 22.28 -28.12 19.24
N TYR F 204 21.30 -29.00 19.42
CA TYR F 204 20.95 -29.46 20.75
C TYR F 204 22.06 -30.37 21.30
N ALA F 205 22.57 -31.26 20.47
CA ALA F 205 23.65 -32.17 20.88
C ALA F 205 24.88 -31.43 21.39
N ARG F 206 25.22 -30.30 20.76
CA ARG F 206 26.48 -29.60 21.02
C ARG F 206 26.46 -28.75 22.29
N VAL F 207 25.33 -28.09 22.55
CA VAL F 207 25.17 -27.33 23.78
C VAL F 207 25.21 -28.28 25.01
N ILE F 208 24.46 -29.38 24.95
CA ILE F 208 24.53 -30.41 25.98
C ILE F 208 26.00 -30.88 26.16
N ALA F 209 26.71 -31.08 25.05
CA ALA F 209 28.10 -31.52 25.16
C ALA F 209 28.91 -30.53 26.00
N ARG F 210 28.68 -29.24 25.75
CA ARG F 210 29.32 -28.18 26.53
C ARG F 210 28.87 -28.20 28.00
N ASP F 211 27.60 -28.58 28.21
CA ASP F 211 27.05 -28.69 29.55
C ASP F 211 27.73 -29.82 30.29
N ILE F 212 27.99 -30.90 29.56
CA ILE F 212 28.69 -32.04 30.13
C ILE F 212 30.09 -31.63 30.60
N GLU F 213 30.86 -31.01 29.72
CA GLU F 213 32.21 -30.56 30.09
C GLU F 213 32.16 -29.60 31.28
N ARG F 214 31.19 -28.68 31.31
CA ARG F 214 31.10 -27.74 32.44
C ARG F 214 30.88 -28.47 33.75
N ILE F 215 29.83 -29.30 33.79
CA ILE F 215 29.48 -30.05 35.00
C ILE F 215 30.64 -30.96 35.45
N ALA F 216 31.24 -31.63 34.47
CA ALA F 216 32.42 -32.45 34.72
C ALA F 216 33.55 -31.65 35.36
N ASN F 217 33.78 -30.42 34.90
CA ASN F 217 34.88 -29.61 35.44
C ASN F 217 34.64 -29.13 36.87
N THR F 218 33.39 -29.13 37.33
CA THR F 218 33.10 -28.64 38.69
C THR F 218 33.53 -29.65 39.74
N ARG F 219 33.90 -30.84 39.30
CA ARG F 219 34.32 -31.91 40.21
C ARG F 219 35.65 -31.62 40.88
N ASN F 220 36.52 -30.91 40.17
CA ASN F 220 37.88 -30.69 40.65
C ASN F 220 37.98 -30.03 42.03
N ASN F 221 37.36 -28.86 42.17
CA ASN F 221 37.31 -28.16 43.46
C ASN F 221 36.66 -28.98 44.59
N LEU F 222 35.73 -29.86 44.24
CA LEU F 222 35.16 -30.81 45.20
C LEU F 222 36.13 -31.88 45.69
N TYR F 223 37.18 -32.21 44.93
CA TYR F 223 38.13 -33.26 45.36
C TYR F 223 38.94 -32.88 46.62
N ASP F 224 39.15 -31.58 46.81
CA ASP F 224 39.88 -31.04 47.98
C ASP F 224 38.99 -31.08 49.21
N ILE F 225 39.32 -31.96 50.15
CA ILE F 225 38.50 -32.14 51.35
C ILE F 225 39.20 -31.52 52.55
N ASN F 226 38.48 -31.34 53.64
CA ASN F 226 39.05 -30.67 54.79
C ASN F 226 39.22 -31.56 56.03
N MET F 227 39.07 -32.87 55.83
CA MET F 227 39.20 -33.83 56.93
C MET F 227 40.50 -33.64 57.68
N GLY F 228 40.40 -33.48 59.00
CA GLY F 228 41.56 -33.18 59.84
C GLY F 228 41.59 -31.74 60.33
N ALA F 229 40.59 -30.96 59.95
CA ALA F 229 40.53 -29.53 60.23
C ALA F 229 40.10 -29.20 61.65
N THR F 230 39.57 -30.19 62.38
CA THR F 230 38.79 -29.93 63.59
C THR F 230 37.75 -28.80 63.35
N ALA F 231 37.56 -27.92 64.34
CA ALA F 231 36.44 -26.98 64.33
C ALA F 231 36.53 -25.80 63.36
N VAL F 232 37.74 -25.45 62.94
CA VAL F 232 37.99 -24.14 62.34
C VAL F 232 39.02 -24.21 61.22
N GLY F 233 39.63 -25.38 61.04
CA GLY F 233 40.68 -25.56 60.04
C GLY F 233 42.10 -25.46 60.58
N THR F 234 42.24 -25.16 61.86
CA THR F 234 43.57 -25.11 62.46
C THR F 234 44.11 -26.52 62.71
N GLY F 235 43.21 -27.51 62.77
CA GLY F 235 43.60 -28.87 63.06
C GLY F 235 44.18 -29.01 64.45
N LEU F 236 43.56 -28.34 65.42
CA LEU F 236 44.07 -28.27 66.80
C LEU F 236 43.99 -29.61 67.55
N ASN F 237 45.17 -30.10 67.95
CA ASN F 237 45.39 -31.44 68.57
C ASN F 237 45.21 -32.62 67.61
N ALA F 238 44.66 -32.33 66.42
CA ALA F 238 44.63 -33.30 65.31
C ALA F 238 46.06 -33.72 65.00
N ASP F 239 46.19 -34.93 64.47
CA ASP F 239 47.49 -35.54 64.25
C ASP F 239 47.79 -35.67 62.74
N PRO F 240 48.97 -35.17 62.29
CA PRO F 240 49.38 -35.25 60.87
C PRO F 240 49.31 -36.67 60.32
N GLU F 241 49.78 -37.65 61.09
CA GLU F 241 49.63 -39.05 60.71
C GLU F 241 48.18 -39.45 60.45
N TYR F 242 47.25 -38.98 61.28
CA TYR F 242 45.81 -39.26 61.12
C TYR F 242 45.20 -38.65 59.85
N ILE F 243 45.50 -37.37 59.59
CA ILE F 243 45.00 -36.66 58.40
C ILE F 243 45.41 -37.37 57.12
N SER F 244 46.67 -37.77 57.06
CA SER F 244 47.22 -38.43 55.89
C SER F 244 46.54 -39.78 55.63
N ILE F 245 46.39 -40.59 56.67
CA ILE F 245 45.78 -41.92 56.53
C ILE F 245 44.30 -41.80 56.18
N VAL F 246 43.54 -41.03 56.96
CA VAL F 246 42.11 -40.91 56.74
C VAL F 246 41.80 -40.37 55.34
N THR F 247 42.62 -39.43 54.87
CA THR F 247 42.47 -38.90 53.51
C THR F 247 42.64 -40.01 52.49
N GLU F 248 43.67 -40.81 52.65
CA GLU F 248 43.90 -41.96 51.78
C GLU F 248 42.76 -42.98 51.85
N HIS F 249 42.25 -43.24 53.06
CA HIS F 249 41.11 -44.17 53.22
C HIS F 249 39.87 -43.66 52.49
N LEU F 250 39.57 -42.37 52.65
CA LEU F 250 38.40 -41.76 52.03
C LEU F 250 38.42 -41.88 50.49
N ALA F 251 39.57 -41.61 49.87
CA ALA F 251 39.70 -41.78 48.41
C ALA F 251 39.47 -43.22 47.93
N LYS F 252 40.16 -44.18 48.57
CA LYS F 252 40.06 -45.62 48.24
C LYS F 252 38.62 -46.09 48.33
N PHE F 253 37.97 -45.84 49.46
CA PHE F 253 36.58 -46.27 49.64
C PHE F 253 35.54 -45.46 48.89
N SER F 254 35.82 -44.18 48.62
CA SER F 254 34.86 -43.37 47.85
C SER F 254 34.95 -43.62 46.34
N GLY F 255 36.17 -43.80 45.84
CA GLY F 255 36.40 -44.05 44.42
C GLY F 255 36.83 -42.79 43.74
N HIS F 256 36.93 -41.71 44.51
CA HIS F 256 37.26 -40.38 43.98
C HIS F 256 38.69 -39.98 44.32
N PRO F 257 39.37 -39.33 43.36
CA PRO F 257 40.74 -38.83 43.57
C PRO F 257 40.84 -37.66 44.56
N LEU F 258 40.46 -37.90 45.81
CA LEU F 258 40.45 -36.87 46.85
C LEU F 258 41.84 -36.44 47.29
N ARG F 259 41.95 -35.19 47.75
CA ARG F 259 43.21 -34.59 48.21
C ARG F 259 42.94 -33.75 49.46
N SER F 260 43.88 -33.74 50.39
CA SER F 260 43.79 -32.85 51.54
C SER F 260 43.95 -31.41 51.04
N ALA F 261 43.04 -30.52 51.43
CA ALA F 261 43.14 -29.11 51.02
C ALA F 261 44.43 -28.47 51.54
N GLN F 262 45.05 -27.64 50.72
CA GLN F 262 46.34 -27.04 51.08
C GLN F 262 46.24 -26.10 52.29
N HIS F 263 45.11 -25.37 52.36
CA HIS F 263 44.87 -24.44 53.45
C HIS F 263 43.54 -24.81 54.09
N LEU F 264 43.60 -25.42 55.26
CA LEU F 264 42.43 -26.02 55.87
C LEU F 264 41.41 -25.00 56.37
N VAL F 265 41.89 -23.88 56.90
CA VAL F 265 41.00 -22.79 57.28
C VAL F 265 40.12 -22.37 56.09
N ASP F 266 40.75 -22.07 54.96
CA ASP F 266 40.05 -21.74 53.71
C ASP F 266 38.98 -22.77 53.40
N ALA F 267 39.38 -24.04 53.37
CA ALA F 267 38.48 -25.15 53.01
C ALA F 267 37.33 -25.31 53.98
N THR F 268 37.53 -24.90 55.22
CA THR F 268 36.55 -25.06 56.28
C THR F 268 35.45 -24.00 56.21
N GLN F 269 35.81 -22.80 55.76
CA GLN F 269 34.90 -21.65 55.83
C GLN F 269 34.35 -21.14 54.49
N ASN F 270 35.03 -21.45 53.38
CA ASN F 270 34.55 -21.05 52.06
C ASN F 270 33.61 -22.11 51.44
N THR F 271 32.63 -21.66 50.65
CA THR F 271 31.63 -22.57 50.09
C THR F 271 31.48 -22.45 48.57
N ASP F 272 32.53 -21.94 47.92
CA ASP F 272 32.49 -21.66 46.47
C ASP F 272 32.50 -22.89 45.57
N CYS F 273 32.96 -24.02 46.10
CA CYS F 273 32.96 -25.25 45.33
C CYS F 273 31.53 -25.69 45.08
N TYR F 274 30.64 -25.44 46.04
CA TYR F 274 29.23 -25.85 45.90
C TYR F 274 28.43 -24.92 44.96
N THR F 275 28.73 -23.63 44.99
CA THR F 275 28.01 -22.70 44.12
C THR F 275 28.47 -22.87 42.69
N GLU F 276 29.70 -23.33 42.53
CA GLU F 276 30.25 -23.66 41.22
C GLU F 276 29.41 -24.75 40.58
N VAL F 277 29.09 -25.78 41.35
CA VAL F 277 28.33 -26.91 40.85
C VAL F 277 26.93 -26.46 40.46
N SER F 278 26.25 -25.80 41.41
CA SER F 278 24.89 -25.31 41.16
C SER F 278 24.86 -24.50 39.86
N SER F 279 25.76 -23.52 39.75
CA SER F 279 25.91 -22.69 38.56
C SER F 279 25.93 -23.49 37.25
N ALA F 280 26.76 -24.54 37.21
CA ALA F 280 26.82 -25.36 36.00
C ALA F 280 25.54 -26.16 35.81
N LEU F 281 24.89 -26.54 36.90
CA LEU F 281 23.61 -27.22 36.78
C LEU F 281 22.54 -26.26 36.28
N LYS F 282 22.66 -24.99 36.67
CA LYS F 282 21.69 -23.97 36.30
C LYS F 282 21.75 -23.78 34.80
N VAL F 283 22.99 -23.61 34.30
CA VAL F 283 23.24 -23.27 32.90
C VAL F 283 22.71 -24.39 32.02
N CYS F 284 23.05 -25.62 32.40
CA CYS F 284 22.53 -26.79 31.72
C CYS F 284 21.01 -26.72 31.57
N MET F 285 20.30 -26.56 32.69
CA MET F 285 18.85 -26.52 32.64
C MET F 285 18.32 -25.36 31.85
N ILE F 286 19.05 -24.25 31.80
CA ILE F 286 18.68 -23.17 30.87
C ILE F 286 18.59 -23.70 29.43
N ASN F 287 19.63 -24.41 29.01
CA ASN F 287 19.67 -24.98 27.67
C ASN F 287 18.59 -26.03 27.44
N MET F 288 18.41 -26.94 28.40
CA MET F 288 17.39 -28.00 28.28
C MET F 288 15.97 -27.45 28.22
N SER F 289 15.68 -26.41 29.00
CA SER F 289 14.38 -25.76 28.95
C SER F 289 14.07 -25.17 27.57
N LYS F 290 15.05 -24.45 27.00
CA LYS F 290 14.95 -23.92 25.64
C LYS F 290 14.62 -25.03 24.66
N ILE F 291 15.35 -26.13 24.76
CA ILE F 291 15.16 -27.22 23.81
C ILE F 291 13.75 -27.78 24.00
N ALA F 292 13.38 -27.99 25.26
CA ALA F 292 12.06 -28.44 25.64
C ALA F 292 10.99 -27.51 25.07
N ASN F 293 11.18 -26.20 25.19
CA ASN F 293 10.25 -25.22 24.62
C ASN F 293 10.12 -25.36 23.11
N ASP F 294 11.26 -25.54 22.45
CA ASP F 294 11.29 -25.74 21.01
C ASP F 294 10.52 -26.98 20.60
N LEU F 295 10.77 -28.07 21.33
CA LEU F 295 10.08 -29.34 21.07
C LEU F 295 8.58 -29.21 21.13
N ARG F 296 8.10 -28.45 22.12
CA ARG F 296 6.67 -28.32 22.35
C ARG F 296 5.97 -27.50 21.24
N LEU F 297 6.70 -26.52 20.70
CA LEU F 297 6.23 -25.75 19.54
C LEU F 297 6.19 -26.63 18.29
N MET F 298 7.28 -27.35 18.04
CA MET F 298 7.40 -28.28 16.91
C MET F 298 6.32 -29.35 16.93
N ALA F 299 5.93 -29.77 18.12
CA ALA F 299 4.84 -30.75 18.31
C ALA F 299 3.45 -30.12 18.29
N SER F 300 3.35 -28.79 18.26
CA SER F 300 2.05 -28.12 18.26
C SER F 300 1.17 -28.55 17.09
N GLY F 301 -0.13 -28.51 17.30
CA GLY F 301 -1.06 -29.01 16.30
C GLY F 301 -2.16 -29.79 16.97
N PRO F 302 -2.76 -30.75 16.25
CA PRO F 302 -2.28 -31.29 14.98
C PRO F 302 -2.62 -30.46 13.73
N ARG F 303 -3.50 -29.47 13.85
CA ARG F 303 -3.96 -28.76 12.65
C ARG F 303 -3.85 -27.23 12.67
N ALA F 304 -3.68 -26.65 13.86
CA ALA F 304 -3.55 -25.19 14.01
C ALA F 304 -2.27 -24.84 14.76
N GLY F 305 -1.22 -25.63 14.55
CA GLY F 305 0.07 -25.43 15.18
C GLY F 305 1.13 -25.58 14.11
N LEU F 306 2.34 -25.96 14.52
CA LEU F 306 3.45 -26.05 13.58
C LEU F 306 3.62 -27.46 12.97
N SER F 307 3.27 -28.50 13.73
CA SER F 307 3.26 -29.87 13.22
C SER F 307 4.54 -30.32 12.52
N GLU F 308 5.70 -30.08 13.12
CA GLU F 308 6.95 -30.50 12.49
C GLU F 308 7.43 -31.87 12.97
N ILE F 309 7.15 -32.21 14.23
CA ILE F 309 7.54 -33.50 14.82
C ILE F 309 6.39 -34.15 15.60
N VAL F 310 6.51 -35.46 15.78
CA VAL F 310 5.53 -36.24 16.54
C VAL F 310 6.26 -36.82 17.73
N LEU F 311 5.72 -36.61 18.92
CA LEU F 311 6.28 -37.22 20.13
C LEU F 311 5.55 -38.50 20.51
N PRO F 312 6.25 -39.46 21.15
CA PRO F 312 5.51 -40.62 21.58
C PRO F 312 4.43 -40.21 22.57
N ALA F 313 3.23 -40.75 22.40
CA ALA F 313 2.12 -40.48 23.29
C ALA F 313 2.43 -41.10 24.63
N ARG F 314 2.31 -40.31 25.70
CA ARG F 314 2.63 -40.81 27.04
C ARG F 314 1.51 -40.57 28.07
N GLN F 315 0.31 -40.35 27.57
CA GLN F 315 -0.84 -40.13 28.41
C GLN F 315 -2.04 -40.40 27.56
N PRO F 316 -3.00 -41.20 28.06
CA PRO F 316 -4.07 -41.63 27.16
C PRO F 316 -4.93 -40.43 26.79
N GLY F 317 -5.16 -40.25 25.49
CA GLY F 317 -6.10 -39.23 25.03
C GLY F 317 -7.51 -39.82 24.96
N SER F 318 -8.51 -38.94 24.98
CA SER F 318 -9.88 -39.38 24.72
C SER F 318 -10.09 -39.61 23.22
N SER F 319 -11.00 -40.52 22.88
CA SER F 319 -11.34 -40.85 21.49
C SER F 319 -12.18 -39.73 20.85
N ILE F 320 -12.70 -38.85 21.69
CA ILE F 320 -13.44 -37.66 21.26
C ILE F 320 -12.47 -36.57 20.78
N MET F 321 -11.20 -36.66 21.18
CA MET F 321 -10.15 -35.73 20.73
C MET F 321 -8.92 -36.48 20.24
N PRO F 322 -9.06 -37.26 19.15
CA PRO F 322 -7.87 -37.94 18.66
C PRO F 322 -6.95 -36.91 18.03
N GLY F 323 -5.66 -37.22 17.95
CA GLY F 323 -4.69 -36.27 17.40
C GLY F 323 -4.23 -35.17 18.35
N LYS F 324 -4.97 -34.96 19.44
CA LYS F 324 -4.50 -34.13 20.55
C LYS F 324 -3.57 -34.99 21.42
N VAL F 325 -2.28 -34.64 21.37
CA VAL F 325 -1.21 -35.40 22.01
C VAL F 325 -0.30 -34.44 22.78
N ASN F 326 -0.57 -34.29 24.07
CA ASN F 326 0.15 -33.32 24.89
C ASN F 326 1.59 -33.73 25.20
N PRO F 327 2.56 -32.80 25.00
CA PRO F 327 3.99 -33.07 25.14
C PRO F 327 4.46 -33.08 26.59
N VAL F 328 3.96 -34.05 27.34
CA VAL F 328 4.14 -34.11 28.78
C VAL F 328 5.58 -34.36 29.20
N MET F 329 6.38 -34.94 28.31
CA MET F 329 7.79 -35.18 28.62
C MET F 329 8.66 -33.91 28.55
N PRO F 330 8.58 -33.14 27.44
CA PRO F 330 9.29 -31.86 27.48
C PRO F 330 8.72 -30.93 28.56
N GLU F 331 7.43 -31.04 28.85
CA GLU F 331 6.81 -30.20 29.87
C GLU F 331 7.47 -30.42 31.24
N VAL F 332 7.72 -31.69 31.58
CA VAL F 332 8.33 -31.99 32.88
C VAL F 332 9.82 -31.55 32.88
N MET F 333 10.44 -31.55 31.71
CA MET F 333 11.80 -31.04 31.60
C MET F 333 11.83 -29.58 32.01
N ASN F 334 10.88 -28.80 31.51
CA ASN F 334 10.77 -27.37 31.81
C ASN F 334 10.58 -27.13 33.29
N GLN F 335 9.76 -27.96 33.93
CA GLN F 335 9.42 -27.72 35.33
C GLN F 335 10.61 -28.03 36.23
N VAL F 336 11.35 -29.08 35.87
CA VAL F 336 12.57 -29.39 36.59
C VAL F 336 13.59 -28.24 36.43
N ALA F 337 13.70 -27.71 35.21
CA ALA F 337 14.46 -26.48 34.98
C ALA F 337 14.07 -25.38 35.96
N PHE F 338 12.78 -25.08 36.08
CA PHE F 338 12.41 -24.01 37.02
C PHE F 338 12.78 -24.34 38.48
N GLN F 339 12.70 -25.61 38.86
CA GLN F 339 13.14 -26.05 40.18
C GLN F 339 14.61 -25.75 40.39
N VAL F 340 15.42 -26.18 39.41
CA VAL F 340 16.87 -25.98 39.46
C VAL F 340 17.22 -24.49 39.56
N PHE F 341 16.45 -23.64 38.90
CA PHE F 341 16.66 -22.18 39.01
C PHE F 341 16.45 -21.71 40.45
N GLY F 342 15.33 -22.12 41.03
CA GLY F 342 14.97 -21.75 42.40
C GLY F 342 16.00 -22.26 43.40
N ASN F 343 16.40 -23.53 43.20
CA ASN F 343 17.46 -24.15 43.95
C ASN F 343 18.76 -23.36 43.91
N ASP F 344 19.10 -22.80 42.75
CA ASP F 344 20.32 -21.99 42.64
C ASP F 344 20.22 -20.65 43.43
N LEU F 345 19.03 -20.06 43.50
CA LEU F 345 18.87 -18.90 44.37
C LEU F 345 19.04 -19.30 45.84
N THR F 346 18.34 -20.34 46.29
CA THR F 346 18.49 -20.79 47.68
C THR F 346 19.96 -20.98 48.02
N ILE F 347 20.68 -21.59 47.08
CA ILE F 347 22.09 -21.86 47.21
C ILE F 347 22.93 -20.57 47.20
N THR F 348 22.69 -19.67 46.26
CA THR F 348 23.39 -18.38 46.29
C THR F 348 23.23 -17.69 47.65
N SER F 349 22.01 -17.64 48.16
CA SER F 349 21.74 -16.97 49.43
C SER F 349 22.41 -17.70 50.60
N ALA F 350 22.33 -19.03 50.60
CA ALA F 350 22.92 -19.80 51.69
C ALA F 350 24.42 -19.57 51.73
N SER F 351 25.06 -19.60 50.55
CA SER F 351 26.50 -19.42 50.45
C SER F 351 26.96 -18.06 50.92
N GLU F 352 26.23 -16.99 50.63
CA GLU F 352 26.75 -15.70 51.06
C GLU F 352 26.52 -15.39 52.55
N ALA F 353 25.60 -16.10 53.19
CA ALA F 353 25.31 -15.87 54.60
C ALA F 353 26.39 -16.42 55.56
N GLY F 354 27.52 -16.85 55.01
CA GLY F 354 28.62 -17.39 55.79
C GLY F 354 29.25 -16.35 56.70
N GLN F 355 29.81 -16.78 57.83
CA GLN F 355 30.35 -15.81 58.78
C GLN F 355 31.60 -16.29 59.46
N PHE F 356 32.70 -15.55 59.26
CA PHE F 356 33.96 -15.97 59.86
C PHE F 356 34.27 -17.43 59.48
N GLU F 357 34.45 -18.29 60.47
CA GLU F 357 35.11 -19.58 60.27
C GLU F 357 34.17 -20.70 59.81
N LEU F 358 32.87 -20.50 59.91
CA LEU F 358 31.90 -21.51 59.48
C LEU F 358 30.68 -20.87 58.81
N ASN F 359 30.21 -21.48 57.71
CA ASN F 359 28.90 -21.15 57.15
C ASN F 359 27.85 -22.11 57.71
N VAL F 360 26.96 -21.62 58.55
CA VAL F 360 25.96 -22.48 59.17
C VAL F 360 24.75 -22.78 58.30
N MET F 361 24.67 -22.21 57.11
CA MET F 361 23.47 -22.42 56.27
C MET F 361 23.66 -23.56 55.28
N GLU F 362 24.73 -24.33 55.46
CA GLU F 362 25.04 -25.49 54.63
C GLU F 362 23.93 -26.55 54.53
N PRO F 363 23.16 -26.79 55.61
CA PRO F 363 22.12 -27.81 55.42
C PRO F 363 21.14 -27.51 54.29
N VAL F 364 20.54 -26.32 54.27
CA VAL F 364 19.60 -26.01 53.17
C VAL F 364 20.34 -25.99 51.82
N LEU F 365 21.57 -25.50 51.84
CA LEU F 365 22.43 -25.47 50.67
C LEU F 365 22.59 -26.88 50.10
N PHE F 366 23.11 -27.79 50.94
CA PHE F 366 23.37 -29.16 50.52
C PHE F 366 22.12 -29.87 50.04
N PHE F 367 21.02 -29.70 50.78
CA PHE F 367 19.72 -30.24 50.38
C PHE F 367 19.32 -29.84 48.97
N ASN F 368 19.57 -28.59 48.60
CA ASN F 368 19.22 -28.08 47.27
C ASN F 368 20.19 -28.51 46.19
N LEU F 369 21.45 -28.68 46.55
CA LEU F 369 22.46 -29.11 45.58
C LEU F 369 22.18 -30.55 45.20
N ILE F 370 22.00 -31.42 46.20
CA ILE F 370 21.65 -32.81 45.96
C ILE F 370 20.36 -32.92 45.13
N GLN F 371 19.30 -32.21 45.54
CA GLN F 371 18.01 -32.26 44.84
C GLN F 371 18.12 -31.92 43.35
N SER F 372 18.91 -30.89 43.03
CA SER F 372 19.18 -30.53 41.65
C SER F 372 19.82 -31.69 40.89
N ILE F 373 20.97 -32.16 41.36
CA ILE F 373 21.69 -33.23 40.66
C ILE F 373 20.74 -34.38 40.41
N SER F 374 20.13 -34.84 41.49
CA SER F 374 19.19 -35.95 41.49
C SER F 374 18.03 -35.82 40.49
N ILE F 375 17.26 -34.74 40.59
CA ILE F 375 16.09 -34.55 39.69
C ILE F 375 16.48 -34.32 38.23
N MET F 376 17.67 -33.80 37.99
CA MET F 376 18.16 -33.69 36.63
C MET F 376 18.40 -35.08 36.06
N THR F 377 19.08 -35.93 36.84
CA THR F 377 19.32 -37.33 36.46
C THR F 377 18.02 -38.03 36.08
N ASN F 378 17.01 -37.86 36.92
CA ASN F 378 15.76 -38.56 36.74
C ASN F 378 14.98 -38.13 35.51
N VAL F 379 14.84 -36.82 35.26
CA VAL F 379 14.18 -36.42 34.01
C VAL F 379 15.01 -36.80 32.81
N PHE F 380 16.32 -36.66 32.91
CA PHE F 380 17.18 -37.00 31.79
C PHE F 380 16.88 -38.43 31.38
N LYS F 381 16.96 -39.36 32.34
CA LYS F 381 16.71 -40.78 32.04
C LYS F 381 15.29 -40.97 31.47
N SER F 382 14.31 -40.36 32.12
CA SER F 382 12.92 -40.57 31.74
C SER F 382 12.59 -39.94 30.39
N PHE F 383 13.08 -38.72 30.18
CA PHE F 383 12.83 -38.01 28.94
C PHE F 383 13.46 -38.72 27.76
N THR F 384 14.71 -39.16 27.91
CA THR F 384 15.40 -39.96 26.89
C THR F 384 14.58 -41.22 26.53
N GLU F 385 14.24 -42.00 27.55
CA GLU F 385 13.53 -43.26 27.35
C GLU F 385 12.08 -43.08 26.89
N ASN F 386 11.42 -42.03 27.36
CA ASN F 386 10.00 -41.90 27.13
C ASN F 386 9.60 -40.85 26.08
N CYS F 387 10.60 -40.24 25.45
CA CYS F 387 10.32 -39.21 24.46
C CYS F 387 11.34 -39.14 23.32
N LEU F 388 12.60 -38.87 23.67
CA LEU F 388 13.66 -38.57 22.71
C LEU F 388 13.90 -39.67 21.67
N LYS F 389 14.03 -40.92 22.13
CA LYS F 389 14.30 -42.04 21.24
C LYS F 389 13.23 -42.24 20.17
N GLY F 390 11.98 -41.91 20.52
CA GLY F 390 10.83 -42.16 19.67
C GLY F 390 10.35 -41.04 18.77
N ILE F 391 11.00 -39.87 18.84
CA ILE F 391 10.58 -38.69 18.07
C ILE F 391 10.63 -39.00 16.59
N LYS F 392 9.64 -38.51 15.86
CA LYS F 392 9.54 -38.71 14.41
C LYS F 392 9.32 -37.37 13.70
N ALA F 393 9.68 -37.32 12.41
CA ALA F 393 9.57 -36.07 11.63
C ALA F 393 8.45 -36.08 10.58
N ASN F 394 7.53 -35.13 10.68
CA ASN F 394 6.59 -34.88 9.58
C ASN F 394 7.32 -34.29 8.40
N GLU F 395 7.96 -35.16 7.62
CA GLU F 395 8.87 -34.73 6.54
C GLU F 395 8.18 -33.96 5.43
N GLU F 396 7.04 -34.47 4.97
CA GLU F 396 6.34 -33.86 3.84
C GLU F 396 5.60 -32.58 4.23
N ARG F 397 5.04 -32.56 5.44
CA ARG F 397 4.44 -31.34 5.97
C ARG F 397 5.49 -30.20 6.05
N MET F 398 6.73 -30.56 6.37
CA MET F 398 7.83 -29.60 6.45
C MET F 398 8.33 -29.16 5.07
N LYS F 399 8.39 -30.09 4.12
CA LYS F 399 8.77 -29.74 2.75
C LYS F 399 7.72 -28.80 2.14
N GLU F 400 6.45 -29.04 2.45
CA GLU F 400 5.37 -28.17 2.00
C GLU F 400 5.57 -26.77 2.55
N TYR F 401 5.99 -26.67 3.81
CA TYR F 401 6.32 -25.39 4.46
C TYR F 401 7.41 -24.64 3.72
N VAL F 402 8.46 -25.35 3.31
CA VAL F 402 9.55 -24.77 2.54
C VAL F 402 9.04 -24.29 1.18
N GLU F 403 8.31 -25.16 0.47
CA GLU F 403 7.80 -24.86 -0.87
C GLU F 403 6.93 -23.61 -0.95
N LYS F 404 6.15 -23.37 0.10
CA LYS F 404 5.20 -22.25 0.14
C LYS F 404 5.73 -21.02 0.87
N SER F 405 7.03 -21.02 1.16
CA SER F 405 7.68 -19.92 1.89
C SER F 405 8.18 -18.83 0.96
N ILE F 406 8.48 -17.68 1.54
CA ILE F 406 9.05 -16.57 0.80
C ILE F 406 10.57 -16.70 0.82
N GLY F 407 11.08 -17.25 1.93
CA GLY F 407 12.50 -17.33 2.20
C GLY F 407 13.36 -18.06 1.19
N ILE F 408 12.78 -19.05 0.50
CA ILE F 408 13.55 -19.71 -0.56
C ILE F 408 14.00 -18.75 -1.67
N ILE F 409 13.43 -17.54 -1.72
CA ILE F 409 13.87 -16.55 -2.71
C ILE F 409 15.32 -16.10 -2.45
N THR F 410 15.79 -16.29 -1.22
CA THR F 410 17.19 -16.01 -0.90
C THR F 410 18.13 -16.95 -1.68
N ALA F 411 17.74 -18.21 -1.84
CA ALA F 411 18.50 -19.16 -2.66
C ALA F 411 18.43 -18.79 -4.14
N ILE F 412 17.25 -18.41 -4.61
CA ILE F 412 16.99 -18.11 -6.03
C ILE F 412 17.64 -16.80 -6.47
N ASN F 413 17.78 -15.85 -5.54
CA ASN F 413 18.24 -14.49 -5.86
C ASN F 413 19.42 -14.42 -6.85
N PRO F 414 20.61 -14.94 -6.46
CA PRO F 414 21.79 -14.88 -7.33
C PRO F 414 21.57 -15.37 -8.78
N HIS F 415 20.65 -16.30 -9.00
CA HIS F 415 20.39 -16.81 -10.35
C HIS F 415 19.48 -15.91 -11.20
N VAL F 416 18.90 -14.87 -10.61
CA VAL F 416 17.95 -14.03 -11.31
C VAL F 416 18.18 -12.53 -11.11
N GLY F 417 19.04 -12.17 -10.16
CA GLY F 417 19.34 -10.77 -9.87
C GLY F 417 18.35 -10.16 -8.91
N TYR F 418 18.77 -9.12 -8.20
CA TYR F 418 17.98 -8.55 -7.12
C TYR F 418 16.58 -8.12 -7.54
N GLU F 419 16.51 -7.35 -8.64
CA GLU F 419 15.26 -6.78 -9.14
C GLU F 419 14.15 -7.81 -9.29
N THR F 420 14.36 -8.79 -10.15
CA THR F 420 13.35 -9.81 -10.41
C THR F 420 13.00 -10.60 -9.14
N ALA F 421 14.01 -10.90 -8.32
CA ALA F 421 13.84 -11.65 -7.09
C ALA F 421 12.84 -10.97 -6.15
N ALA F 422 13.00 -9.65 -5.96
CA ALA F 422 12.14 -8.88 -5.08
C ALA F 422 10.69 -8.89 -5.55
N LYS F 423 10.48 -8.65 -6.83
CA LYS F 423 9.15 -8.55 -7.41
C LYS F 423 8.38 -9.86 -7.30
N LEU F 424 9.05 -10.96 -7.62
CA LEU F 424 8.52 -12.31 -7.44
C LEU F 424 8.15 -12.55 -5.98
N ALA F 425 9.02 -12.15 -5.05
CA ALA F 425 8.78 -12.35 -3.63
C ALA F 425 7.58 -11.54 -3.12
N ARG F 426 7.54 -10.25 -3.46
CA ARG F 426 6.38 -9.40 -3.15
C ARG F 426 5.09 -10.01 -3.73
N GLU F 427 5.12 -10.46 -4.98
CA GLU F 427 3.94 -11.04 -5.62
C GLU F 427 3.47 -12.34 -4.95
N ALA F 428 4.40 -13.21 -4.62
CA ALA F 428 4.09 -14.48 -3.95
C ALA F 428 3.45 -14.23 -2.57
N TYR F 429 3.96 -13.24 -1.85
CA TYR F 429 3.44 -12.92 -0.53
C TYR F 429 2.03 -12.35 -0.65
N LEU F 430 1.84 -11.45 -1.61
CA LEU F 430 0.55 -10.82 -1.84
C LEU F 430 -0.50 -11.77 -2.44
N THR F 431 -0.13 -12.52 -3.48
CA THR F 431 -1.12 -13.39 -4.15
C THR F 431 -1.39 -14.71 -3.44
N GLY F 432 -0.49 -15.12 -2.54
CA GLY F 432 -0.57 -16.43 -1.91
C GLY F 432 -0.10 -17.57 -2.79
N GLU F 433 0.55 -17.24 -3.92
CA GLU F 433 1.09 -18.26 -4.82
C GLU F 433 2.51 -18.67 -4.43
N SER F 434 2.89 -19.89 -4.79
CA SER F 434 4.24 -20.39 -4.53
C SER F 434 5.25 -19.70 -5.44
N ILE F 435 6.46 -19.50 -4.94
CA ILE F 435 7.54 -18.87 -5.71
C ILE F 435 7.91 -19.70 -6.94
N ARG F 436 7.92 -21.02 -6.76
CA ARG F 436 8.14 -21.98 -7.84
C ARG F 436 7.13 -21.77 -8.99
N GLU F 437 5.85 -21.66 -8.66
CA GLU F 437 4.79 -21.41 -9.66
C GLU F 437 5.01 -20.13 -10.47
N LEU F 438 5.48 -19.08 -9.80
CA LEU F 438 5.70 -17.78 -10.43
C LEU F 438 6.94 -17.77 -11.32
N CYS F 439 8.04 -18.36 -10.83
CA CYS F 439 9.25 -18.53 -11.62
C CYS F 439 8.97 -19.14 -13.00
N ILE F 440 8.10 -20.15 -13.04
CA ILE F 440 7.72 -20.81 -14.28
C ILE F 440 6.79 -19.91 -15.11
N LYS F 441 5.73 -19.44 -14.46
CA LYS F 441 4.70 -18.63 -15.10
C LYS F 441 5.32 -17.48 -15.91
N TYR F 442 6.40 -16.91 -15.39
CA TYR F 442 7.06 -15.77 -16.04
C TYR F 442 8.32 -16.18 -16.81
N GLY F 443 8.57 -17.48 -16.86
CA GLY F 443 9.73 -18.04 -17.58
C GLY F 443 11.10 -17.50 -17.18
N VAL F 444 11.28 -17.16 -15.90
CA VAL F 444 12.57 -16.61 -15.42
C VAL F 444 13.56 -17.72 -14.97
N LEU F 445 13.00 -18.90 -14.66
CA LEU F 445 13.77 -20.13 -14.43
C LEU F 445 12.91 -21.33 -14.77
N THR F 446 13.52 -22.41 -15.25
CA THR F 446 12.76 -23.61 -15.60
C THR F 446 12.38 -24.41 -14.36
N GLU F 447 11.65 -25.51 -14.53
CA GLU F 447 11.40 -26.42 -13.43
C GLU F 447 12.73 -27.09 -13.04
N GLU F 448 13.47 -27.55 -14.06
CA GLU F 448 14.72 -28.31 -13.87
C GLU F 448 15.83 -27.43 -13.28
N GLN F 449 15.83 -26.15 -13.64
CA GLN F 449 16.75 -25.20 -13.03
C GLN F 449 16.41 -24.98 -11.56
N LEU F 450 15.12 -25.02 -11.24
CA LEU F 450 14.63 -24.79 -9.88
C LEU F 450 14.99 -25.92 -8.91
N ASN F 451 14.85 -27.16 -9.35
CA ASN F 451 15.28 -28.30 -8.54
C ASN F 451 16.79 -28.31 -8.28
N GLU F 452 17.55 -27.80 -9.25
CA GLU F 452 19.00 -27.63 -9.09
C GLU F 452 19.28 -26.68 -7.93
N ILE F 453 18.62 -25.53 -7.96
CA ILE F 453 18.82 -24.46 -6.98
C ILE F 453 18.23 -24.79 -5.61
N LEU F 454 17.00 -25.31 -5.58
CA LEU F 454 16.32 -25.61 -4.30
C LEU F 454 16.76 -26.95 -3.68
N ASN F 455 18.02 -27.30 -3.92
CA ASN F 455 18.61 -28.50 -3.37
C ASN F 455 18.78 -28.37 -1.85
N PRO F 456 18.10 -29.24 -1.08
CA PRO F 456 18.12 -29.20 0.39
C PRO F 456 19.50 -28.98 0.98
N TYR F 457 20.53 -29.60 0.40
CA TYR F 457 21.90 -29.44 0.90
C TYR F 457 22.55 -28.08 0.64
N GLU F 458 22.54 -27.62 -0.61
CA GLU F 458 23.25 -26.37 -0.98
C GLU F 458 22.56 -25.11 -0.45
N MET F 459 21.36 -25.31 0.11
CA MET F 459 20.54 -24.26 0.72
C MET F 459 20.82 -24.08 2.21
N ILE F 460 21.41 -25.08 2.84
CA ILE F 460 21.61 -25.04 4.28
C ILE F 460 23.09 -25.02 4.67
N HIS F 461 23.95 -24.77 3.69
CA HIS F 461 25.40 -24.75 3.88
C HIS F 461 26.09 -23.65 3.06
N PRO F 462 27.21 -23.11 3.57
CA PRO F 462 27.95 -22.07 2.86
C PRO F 462 28.38 -22.49 1.45
N GLY F 463 28.68 -21.52 0.59
CA GLY F 463 29.19 -21.79 -0.75
C GLY F 463 28.72 -20.79 -1.78
N ILE F 464 29.62 -20.29 -2.62
CA ILE F 464 29.28 -19.36 -3.72
C ILE F 464 28.22 -20.02 -4.60
N ALA F 465 27.14 -19.28 -4.89
CA ALA F 465 26.03 -19.81 -5.69
C ALA F 465 26.49 -20.28 -7.08
N ASP G 4 -3.48 -62.78 44.11
CA ASP G 4 -2.42 -61.82 44.55
C ASP G 4 -2.49 -60.50 43.79
N VAL G 5 -2.81 -60.56 42.50
CA VAL G 5 -2.75 -59.38 41.62
C VAL G 5 -4.03 -59.16 40.81
N ARG G 6 -4.18 -57.94 40.29
CA ARG G 6 -5.30 -57.53 39.42
C ARG G 6 -4.76 -57.10 38.05
N ILE G 7 -5.64 -57.04 37.04
CA ILE G 7 -5.21 -56.75 35.66
C ILE G 7 -5.99 -55.60 35.00
N GLU G 8 -5.25 -54.61 34.49
CA GLU G 8 -5.84 -53.51 33.73
C GLU G 8 -5.03 -53.21 32.46
N LYS G 9 -5.76 -52.95 31.37
CA LYS G 9 -5.15 -52.72 30.06
C LYS G 9 -5.10 -51.24 29.72
N ASP G 10 -3.95 -50.81 29.23
CA ASP G 10 -3.72 -49.43 28.79
C ASP G 10 -3.37 -49.45 27.32
N PHE G 11 -3.45 -48.30 26.65
CA PHE G 11 -3.01 -48.16 25.26
C PHE G 11 -1.50 -48.49 25.08
N LEU G 12 -0.79 -48.63 26.21
CA LEU G 12 0.65 -48.93 26.23
C LEU G 12 0.98 -50.37 26.62
N GLY G 13 -0.06 -51.19 26.74
CA GLY G 13 0.07 -52.57 27.22
C GLY G 13 -0.65 -52.77 28.54
N GLU G 14 -0.78 -54.03 28.95
CA GLU G 14 -1.40 -54.35 30.24
C GLU G 14 -0.42 -54.17 31.39
N LYS G 15 -0.96 -53.85 32.57
CA LYS G 15 -0.15 -53.59 33.75
C LYS G 15 -0.77 -54.28 34.96
N GLU G 16 0.02 -55.09 35.67
CA GLU G 16 -0.39 -55.71 36.93
C GLU G 16 -0.51 -54.67 38.05
N ILE G 17 -1.55 -54.82 38.89
CA ILE G 17 -1.82 -53.91 39.99
C ILE G 17 -2.15 -54.74 41.24
N PRO G 18 -1.53 -54.40 42.39
CA PRO G 18 -1.90 -55.06 43.66
C PRO G 18 -3.41 -55.04 43.92
N LYS G 19 -3.92 -56.12 44.52
CA LYS G 19 -5.35 -56.21 44.83
C LYS G 19 -5.74 -55.13 45.85
N ASP G 20 -4.80 -54.77 46.72
CA ASP G 20 -4.99 -53.76 47.78
C ASP G 20 -5.08 -52.30 47.26
N ALA G 21 -4.54 -52.07 46.07
CA ALA G 21 -4.45 -50.73 45.48
C ALA G 21 -5.80 -50.20 44.99
N TYR G 22 -5.97 -48.89 45.11
CA TYR G 22 -7.18 -48.20 44.65
C TYR G 22 -6.92 -47.35 43.41
N TYR G 23 -5.65 -47.08 43.12
CA TYR G 23 -5.27 -46.40 41.88
C TYR G 23 -5.34 -47.38 40.72
N GLY G 24 -5.39 -46.87 39.50
CA GLY G 24 -5.42 -47.71 38.31
C GLY G 24 -4.21 -47.50 37.45
N VAL G 25 -4.31 -47.89 36.18
CA VAL G 25 -3.20 -47.86 35.23
C VAL G 25 -2.66 -46.47 34.87
N GLN G 26 -3.55 -45.48 34.83
CA GLN G 26 -3.16 -44.11 34.53
C GLN G 26 -2.22 -43.60 35.62
N THR G 27 -2.55 -43.90 36.86
CA THR G 27 -1.72 -43.49 37.98
C THR G 27 -0.37 -44.17 37.91
N ILE G 28 -0.36 -45.48 37.62
CA ILE G 28 0.89 -46.21 37.41
C ILE G 28 1.72 -45.56 36.30
N ARG G 29 1.11 -45.37 35.14
CA ARG G 29 1.78 -44.73 34.00
C ARG G 29 2.44 -43.39 34.33
N ALA G 30 1.74 -42.57 35.12
CA ALA G 30 2.29 -41.31 35.62
C ALA G 30 3.57 -41.49 36.45
N THR G 31 3.61 -42.50 37.30
CA THR G 31 4.81 -42.79 38.09
C THR G 31 5.96 -43.33 37.23
N GLU G 32 5.66 -43.82 36.03
CA GLU G 32 6.68 -44.32 35.10
C GLU G 32 7.25 -43.18 34.29
N ASN G 33 6.40 -42.21 33.97
CA ASN G 33 6.76 -41.00 33.24
C ASN G 33 7.53 -40.01 34.10
N PHE G 34 7.04 -39.78 35.32
CA PHE G 34 7.59 -38.76 36.18
C PHE G 34 8.10 -39.33 37.50
N PRO G 35 9.20 -40.11 37.46
CA PRO G 35 9.80 -40.53 38.72
C PRO G 35 10.82 -39.49 39.16
N ILE G 36 10.35 -38.29 39.50
CA ILE G 36 11.25 -37.13 39.56
C ILE G 36 11.89 -36.89 40.91
N THR G 37 11.06 -36.68 41.92
CA THR G 37 11.54 -36.29 43.26
C THR G 37 11.36 -37.41 44.28
N GLY G 38 10.46 -38.35 43.98
CA GLY G 38 10.09 -39.39 44.94
C GLY G 38 9.19 -38.89 46.05
N TYR G 39 8.51 -37.75 45.83
CA TYR G 39 7.62 -37.15 46.81
C TYR G 39 6.14 -37.36 46.44
N ARG G 40 5.27 -37.17 47.42
CA ARG G 40 3.83 -37.36 47.23
C ARG G 40 3.18 -36.02 47.47
N ILE G 41 2.02 -35.77 46.85
CA ILE G 41 1.32 -34.50 47.04
C ILE G 41 0.90 -34.30 48.51
N HIS G 42 0.97 -33.06 48.96
CA HIS G 42 0.63 -32.68 50.34
C HIS G 42 -0.78 -33.13 50.72
N PRO G 43 -0.93 -33.73 51.94
CA PRO G 43 -2.21 -34.23 52.46
C PRO G 43 -3.37 -33.25 52.26
N GLU G 44 -3.09 -31.95 52.39
CA GLU G 44 -4.14 -30.93 52.27
C GLU G 44 -4.67 -30.83 50.84
N LEU G 45 -3.83 -31.18 49.87
CA LEU G 45 -4.25 -31.20 48.47
C LEU G 45 -5.09 -32.44 48.22
N ILE G 46 -4.69 -33.55 48.86
CA ILE G 46 -5.47 -34.79 48.78
C ILE G 46 -6.87 -34.54 49.31
N LYS G 47 -6.95 -33.95 50.51
CA LYS G 47 -8.23 -33.63 51.13
C LYS G 47 -9.07 -32.71 50.24
N SER G 48 -8.45 -31.67 49.71
CA SER G 48 -9.15 -30.71 48.83
C SER G 48 -9.72 -31.38 47.57
N LEU G 49 -8.96 -32.31 47.00
CA LEU G 49 -9.40 -33.08 45.85
C LEU G 49 -10.66 -33.88 46.17
N GLY G 50 -10.67 -34.49 47.35
CA GLY G 50 -11.86 -35.16 47.87
C GLY G 50 -13.08 -34.24 47.90
N ILE G 51 -12.89 -33.04 48.45
CA ILE G 51 -13.93 -32.02 48.49
C ILE G 51 -14.50 -31.75 47.11
N VAL G 52 -13.62 -31.50 46.15
CA VAL G 52 -13.99 -31.18 44.78
C VAL G 52 -14.82 -32.32 44.17
N LYS G 53 -14.35 -33.55 44.31
CA LYS G 53 -15.06 -34.68 43.73
C LYS G 53 -16.39 -34.96 44.44
N LYS G 54 -16.43 -34.75 45.74
CA LYS G 54 -17.66 -34.85 46.50
C LYS G 54 -18.67 -33.82 45.99
N SER G 55 -18.22 -32.58 45.85
CA SER G 55 -19.10 -31.47 45.45
C SER G 55 -19.68 -31.67 44.06
N ALA G 56 -18.84 -32.16 43.16
CA ALA G 56 -19.22 -32.34 41.77
C ALA G 56 -20.21 -33.50 41.59
N ALA G 57 -19.90 -34.63 42.22
CA ALA G 57 -20.81 -35.77 42.28
C ALA G 57 -22.19 -35.35 42.81
N LEU G 58 -22.19 -34.63 43.93
CA LEU G 58 -23.43 -34.09 44.51
C LEU G 58 -24.18 -33.17 43.56
N ALA G 59 -23.48 -32.22 42.95
CA ALA G 59 -24.11 -31.30 42.00
C ALA G 59 -24.65 -32.01 40.76
N ASN G 60 -23.92 -33.02 40.30
CA ASN G 60 -24.33 -33.83 39.15
C ASN G 60 -25.60 -34.64 39.44
N MET G 61 -25.66 -35.28 40.61
CA MET G 61 -26.88 -35.96 41.06
C MET G 61 -28.05 -34.96 41.12
N GLU G 62 -27.82 -33.79 41.70
CA GLU G 62 -28.88 -32.79 41.82
C GLU G 62 -29.49 -32.36 40.47
N VAL G 63 -28.72 -32.36 39.39
CA VAL G 63 -29.29 -32.00 38.08
C VAL G 63 -29.52 -33.19 37.14
N GLY G 64 -29.56 -34.40 37.70
CA GLY G 64 -29.88 -35.61 36.96
C GLY G 64 -28.98 -35.92 35.77
N LEU G 65 -27.67 -35.81 35.97
CA LEU G 65 -26.69 -36.28 34.98
C LEU G 65 -25.97 -37.51 35.51
N LEU G 66 -25.75 -37.53 36.82
CA LEU G 66 -25.15 -38.67 37.48
C LEU G 66 -26.19 -39.48 38.23
N ASP G 67 -26.17 -40.79 38.00
CA ASP G 67 -27.08 -41.74 38.62
C ASP G 67 -26.96 -41.73 40.13
N LYS G 68 -28.09 -41.51 40.81
CA LYS G 68 -28.12 -41.34 42.27
C LYS G 68 -27.69 -42.59 43.01
N GLU G 69 -27.87 -43.75 42.37
CA GLU G 69 -27.40 -45.04 42.91
C GLU G 69 -25.87 -45.08 43.00
N VAL G 70 -25.20 -44.52 42.00
CA VAL G 70 -23.73 -44.52 41.93
C VAL G 70 -23.15 -43.34 42.71
N GLY G 71 -23.77 -42.17 42.55
CA GLY G 71 -23.35 -40.96 43.23
C GLY G 71 -23.15 -41.08 44.74
N GLN G 72 -24.14 -41.68 45.41
CA GLN G 72 -24.12 -41.87 46.87
C GLN G 72 -22.83 -42.54 47.36
N TYR G 73 -22.38 -43.52 46.61
CA TYR G 73 -21.16 -44.27 46.94
C TYR G 73 -19.90 -43.49 46.59
N ILE G 74 -19.96 -42.74 45.49
CA ILE G 74 -18.89 -41.81 45.14
C ILE G 74 -18.71 -40.77 46.26
N VAL G 75 -19.82 -40.18 46.71
CA VAL G 75 -19.80 -39.26 47.84
C VAL G 75 -19.19 -39.90 49.10
N LYS G 76 -19.69 -41.07 49.49
CA LYS G 76 -19.18 -41.81 50.65
C LYS G 76 -17.68 -42.05 50.55
N ALA G 77 -17.23 -42.48 49.37
CA ALA G 77 -15.81 -42.74 49.11
C ALA G 77 -15.01 -41.44 49.17
N ALA G 78 -15.55 -40.40 48.52
CA ALA G 78 -14.94 -39.07 48.54
C ALA G 78 -14.78 -38.55 49.98
N ASP G 79 -15.80 -38.79 50.81
CA ASP G 79 -15.73 -38.44 52.21
C ASP G 79 -14.55 -39.11 52.91
N GLU G 80 -14.24 -40.34 52.50
CA GLU G 80 -13.13 -41.07 53.08
C GLU G 80 -11.79 -40.47 52.70
N VAL G 81 -11.72 -39.95 51.48
CA VAL G 81 -10.54 -39.22 51.03
C VAL G 81 -10.40 -37.93 51.86
N ILE G 82 -11.51 -37.21 52.04
CA ILE G 82 -11.52 -35.94 52.76
C ILE G 82 -11.00 -36.10 54.18
N GLU G 83 -11.32 -37.24 54.79
CA GLU G 83 -10.93 -37.52 56.16
C GLU G 83 -9.52 -38.09 56.23
N GLY G 84 -8.85 -38.15 55.08
CA GLY G 84 -7.46 -38.56 55.00
C GLY G 84 -7.25 -40.03 55.25
N LYS G 85 -8.20 -40.86 54.79
CA LYS G 85 -8.09 -42.30 54.97
C LYS G 85 -7.38 -42.99 53.82
N TRP G 86 -7.04 -42.24 52.78
CA TRP G 86 -6.45 -42.83 51.58
C TRP G 86 -5.25 -42.04 51.00
N ASN G 87 -4.40 -41.54 51.88
CA ASN G 87 -3.24 -40.75 51.45
C ASN G 87 -2.13 -41.59 50.81
N ASP G 88 -1.96 -42.82 51.29
CA ASP G 88 -0.99 -43.75 50.74
C ASP G 88 -1.25 -44.12 49.29
N GLN G 89 -2.43 -43.78 48.79
CA GLN G 89 -2.83 -44.17 47.44
C GLN G 89 -2.55 -43.06 46.42
N PHE G 90 -2.12 -41.90 46.90
CA PHE G 90 -1.79 -40.79 46.02
C PHE G 90 -0.29 -40.76 45.81
N ILE G 91 0.13 -41.37 44.71
CA ILE G 91 1.52 -41.74 44.51
C ILE G 91 2.22 -40.98 43.39
N VAL G 92 1.53 -40.02 42.78
CA VAL G 92 2.11 -39.29 41.67
C VAL G 92 2.99 -38.14 42.14
N ASP G 93 4.03 -37.86 41.35
CA ASP G 93 5.03 -36.83 41.62
C ASP G 93 4.42 -35.44 41.51
N PRO G 94 4.61 -34.60 42.53
CA PRO G 94 4.14 -33.23 42.46
C PRO G 94 4.75 -32.48 41.28
N ILE G 95 5.99 -32.83 40.92
CA ILE G 95 6.59 -32.33 39.69
C ILE G 95 6.35 -33.34 38.56
N GLN G 96 5.45 -32.98 37.66
CA GLN G 96 4.95 -33.87 36.63
C GLN G 96 4.45 -33.05 35.43
N GLY G 97 4.67 -33.57 34.23
CA GLY G 97 3.98 -33.07 33.04
C GLY G 97 2.49 -33.43 33.07
N GLY G 98 1.78 -33.00 32.03
CA GLY G 98 0.34 -33.23 31.93
C GLY G 98 -0.52 -32.15 32.57
N ALA G 99 0.11 -31.09 33.06
CA ALA G 99 -0.59 -29.95 33.70
C ALA G 99 -1.52 -30.39 34.83
N GLY G 100 -1.08 -31.40 35.58
CA GLY G 100 -1.83 -31.93 36.72
C GLY G 100 -2.89 -32.96 36.40
N THR G 101 -2.92 -33.44 35.17
CA THR G 101 -3.92 -34.43 34.76
C THR G 101 -3.84 -35.66 35.65
N SER G 102 -2.62 -36.12 35.90
CA SER G 102 -2.40 -37.32 36.68
C SER G 102 -2.83 -37.16 38.11
N ILE G 103 -2.73 -35.93 38.64
CA ILE G 103 -3.17 -35.65 40.00
C ILE G 103 -4.68 -35.85 40.06
N ASN G 104 -5.38 -35.21 39.13
CA ASN G 104 -6.80 -35.35 38.93
C ASN G 104 -7.23 -36.79 38.75
N MET G 105 -6.51 -37.48 37.87
CA MET G 105 -6.81 -38.86 37.55
C MET G 105 -6.51 -39.81 38.70
N ASN G 106 -5.58 -39.45 39.57
CA ASN G 106 -5.25 -40.27 40.75
C ASN G 106 -6.44 -40.22 41.71
N ALA G 107 -7.00 -39.02 41.89
CA ALA G 107 -8.22 -38.84 42.66
C ALA G 107 -9.35 -39.64 42.05
N ASN G 108 -9.59 -39.42 40.75
CA ASN G 108 -10.66 -40.11 40.02
C ASN G 108 -10.60 -41.63 40.17
N GLU G 109 -9.40 -42.20 40.02
CA GLU G 109 -9.23 -43.63 40.11
C GLU G 109 -9.49 -44.11 41.53
N VAL G 110 -8.77 -43.55 42.49
CA VAL G 110 -8.94 -43.94 43.90
C VAL G 110 -10.39 -43.81 44.36
N ILE G 111 -11.03 -42.68 44.04
CA ILE G 111 -12.42 -42.45 44.44
C ILE G 111 -13.39 -43.46 43.81
N ALA G 112 -13.21 -43.76 42.53
CA ALA G 112 -14.06 -44.74 41.84
C ALA G 112 -13.88 -46.13 42.44
N ASN G 113 -12.63 -46.56 42.56
CA ASN G 113 -12.32 -47.89 43.10
C ASN G 113 -12.83 -48.18 44.52
N ARG G 114 -12.88 -47.16 45.38
CA ARG G 114 -13.44 -47.35 46.72
C ARG G 114 -14.96 -47.41 46.66
N ALA G 115 -15.56 -46.51 45.89
CA ALA G 115 -17.00 -46.49 45.70
C ALA G 115 -17.52 -47.83 45.16
N LEU G 116 -16.75 -48.44 44.26
CA LEU G 116 -17.01 -49.79 43.78
C LEU G 116 -16.96 -50.80 44.93
N GLU G 117 -15.91 -50.72 45.75
CA GLU G 117 -15.77 -51.62 46.88
C GLU G 117 -16.95 -51.50 47.83
N LEU G 118 -17.40 -50.26 48.05
CA LEU G 118 -18.43 -49.96 49.05
C LEU G 118 -19.80 -50.57 48.71
N MET G 119 -20.11 -50.64 47.41
CA MET G 119 -21.33 -51.29 46.93
C MET G 119 -21.05 -52.72 46.43
N GLY G 120 -20.00 -53.33 46.96
CA GLY G 120 -19.65 -54.73 46.69
C GLY G 120 -19.33 -55.09 45.24
N GLU G 121 -18.55 -54.25 44.57
CA GLU G 121 -18.13 -54.51 43.20
C GLU G 121 -16.62 -54.68 43.10
N GLU G 122 -16.17 -55.20 41.97
CA GLU G 122 -14.75 -55.45 41.73
C GLU G 122 -14.04 -54.16 41.32
N LYS G 123 -12.99 -53.80 42.05
CA LYS G 123 -12.11 -52.71 41.62
C LYS G 123 -11.66 -53.05 40.21
N GLY G 124 -11.72 -52.07 39.32
CA GLY G 124 -11.37 -52.29 37.91
C GLY G 124 -12.61 -52.31 37.04
N ASN G 125 -13.76 -52.49 37.69
CA ASN G 125 -15.04 -52.55 37.00
C ASN G 125 -15.53 -51.14 36.61
N TYR G 126 -14.76 -50.48 35.75
CA TYR G 126 -15.05 -49.11 35.32
C TYR G 126 -16.28 -49.00 34.41
N SER G 127 -16.75 -50.14 33.91
CA SER G 127 -18.02 -50.19 33.21
C SER G 127 -19.16 -49.76 34.15
N LYS G 128 -19.04 -50.13 35.43
CA LYS G 128 -20.07 -49.81 36.43
C LYS G 128 -19.86 -48.45 37.13
N ILE G 129 -18.66 -48.22 37.66
CA ILE G 129 -18.25 -46.88 38.15
C ILE G 129 -16.98 -46.45 37.45
N SER G 130 -17.03 -45.29 36.78
CA SER G 130 -15.93 -44.83 35.94
C SER G 130 -15.17 -43.65 36.54
N PRO G 131 -13.83 -43.74 36.59
CA PRO G 131 -13.03 -42.59 37.02
C PRO G 131 -13.23 -41.44 36.04
N ASN G 132 -13.24 -41.75 34.76
CA ASN G 132 -13.43 -40.74 33.74
C ASN G 132 -14.87 -40.26 33.55
N SER G 133 -15.82 -41.18 33.69
CA SER G 133 -17.16 -40.91 33.22
C SER G 133 -18.13 -40.49 34.32
N HIS G 134 -17.94 -40.99 35.53
CA HIS G 134 -18.83 -40.61 36.63
C HIS G 134 -18.14 -39.67 37.62
N VAL G 135 -16.97 -40.06 38.11
CA VAL G 135 -16.20 -39.27 39.07
C VAL G 135 -15.67 -37.97 38.46
N ASN G 136 -15.36 -38.00 37.17
CA ASN G 136 -14.85 -36.80 36.47
C ASN G 136 -15.85 -36.18 35.51
N MET G 137 -17.13 -36.49 35.72
CA MET G 137 -18.22 -35.98 34.90
C MET G 137 -18.44 -34.50 35.18
N SER G 138 -18.69 -33.73 34.12
CA SER G 138 -18.91 -32.27 34.19
C SER G 138 -17.66 -31.45 34.47
N GLN G 139 -16.51 -32.13 34.51
CA GLN G 139 -15.29 -31.45 34.86
C GLN G 139 -14.07 -31.87 34.04
N SER G 140 -13.19 -30.90 33.84
CA SER G 140 -11.94 -31.10 33.15
C SER G 140 -10.80 -31.06 34.17
N THR G 141 -9.60 -31.39 33.70
CA THR G 141 -8.39 -31.22 34.49
C THR G 141 -8.23 -29.74 34.85
N ASN G 142 -8.55 -28.87 33.90
CA ASN G 142 -8.27 -27.45 34.06
C ASN G 142 -9.25 -26.69 34.96
N ASP G 143 -10.26 -27.37 35.49
CA ASP G 143 -11.08 -26.76 36.54
C ASP G 143 -10.92 -27.46 37.90
N ALA G 144 -10.84 -28.78 37.88
CA ALA G 144 -10.78 -29.59 39.10
C ALA G 144 -9.46 -29.44 39.83
N PHE G 145 -8.36 -29.51 39.08
CA PHE G 145 -6.99 -29.36 39.62
C PHE G 145 -6.74 -28.02 40.32
N PRO G 146 -6.94 -26.89 39.59
CA PRO G 146 -6.69 -25.59 40.22
C PRO G 146 -7.68 -25.28 41.33
N THR G 147 -8.96 -25.61 41.14
CA THR G 147 -9.97 -25.40 42.17
C THR G 147 -9.55 -26.09 43.47
N ALA G 148 -9.09 -27.34 43.37
CA ALA G 148 -8.56 -28.05 44.54
C ALA G 148 -7.36 -27.29 45.14
N THR G 149 -6.46 -26.83 44.28
CA THR G 149 -5.29 -26.08 44.72
C THR G 149 -5.68 -24.80 45.47
N HIS G 150 -6.58 -23.99 44.89
CA HIS G 150 -7.11 -22.79 45.56
C HIS G 150 -7.58 -23.13 46.98
N ILE G 151 -8.37 -24.20 47.08
CA ILE G 151 -8.90 -24.65 48.36
C ILE G 151 -7.76 -25.03 49.32
N ALA G 152 -6.86 -25.92 48.88
CA ALA G 152 -5.72 -26.37 49.70
C ALA G 152 -4.86 -25.20 50.19
N VAL G 153 -4.43 -24.35 49.25
CA VAL G 153 -3.64 -23.17 49.53
C VAL G 153 -4.38 -22.22 50.49
N LEU G 154 -5.67 -22.00 50.25
CA LEU G 154 -6.46 -21.19 51.16
C LEU G 154 -6.45 -21.71 52.61
N SER G 155 -6.61 -23.02 52.78
CA SER G 155 -6.67 -23.60 54.12
C SER G 155 -5.33 -23.50 54.82
N LEU G 156 -4.25 -23.64 54.03
CA LEU G 156 -2.90 -23.65 54.57
C LEU G 156 -2.51 -22.25 54.98
N LEU G 157 -3.00 -21.28 54.22
CA LEU G 157 -2.70 -19.88 54.47
C LEU G 157 -3.32 -19.43 55.77
N ASN G 158 -4.57 -19.82 56.00
CA ASN G 158 -5.29 -19.51 57.24
C ASN G 158 -4.55 -20.04 58.46
N GLN G 159 -4.03 -21.26 58.35
CA GLN G 159 -3.22 -21.87 59.41
C GLN G 159 -2.00 -21.00 59.68
N LEU G 160 -1.28 -20.68 58.61
CA LEU G 160 -0.08 -19.87 58.71
C LEU G 160 -0.39 -18.54 59.38
N ILE G 161 -1.43 -17.88 58.92
CA ILE G 161 -1.90 -16.64 59.55
C ILE G 161 -2.07 -16.79 61.07
N GLU G 162 -2.75 -17.83 61.50
CA GLU G 162 -2.94 -18.05 62.95
C GLU G 162 -1.62 -18.32 63.68
N THR G 163 -0.71 -19.02 63.02
CA THR G 163 0.60 -19.27 63.59
C THR G 163 1.46 -18.01 63.58
N THR G 164 1.40 -17.25 62.48
CA THR G 164 2.17 -16.03 62.40
C THR G 164 1.62 -15.00 63.40
N LYS G 165 0.30 -14.99 63.59
CA LYS G 165 -0.37 -14.13 64.57
C LYS G 165 0.10 -14.42 65.99
N TYR G 166 0.15 -15.70 66.33
CA TYR G 166 0.64 -16.12 67.63
C TYR G 166 2.10 -15.69 67.83
N MET G 167 2.96 -16.00 66.86
CA MET G 167 4.38 -15.61 66.94
C MET G 167 4.55 -14.09 67.10
N GLN G 168 3.79 -13.33 66.31
CA GLN G 168 3.73 -11.87 66.41
C GLN G 168 3.38 -11.40 67.82
N GLN G 169 2.35 -12.00 68.43
CA GLN G 169 1.93 -11.60 69.77
C GLN G 169 3.01 -11.92 70.81
N GLU G 170 3.79 -12.96 70.55
CA GLU G 170 4.85 -13.36 71.46
C GLU G 170 6.08 -12.47 71.35
N PHE G 171 6.27 -11.83 70.18
CA PHE G 171 7.29 -10.78 70.00
C PHE G 171 6.89 -9.53 70.78
N MET G 172 5.60 -9.18 70.68
CA MET G 172 5.01 -8.04 71.39
C MET G 172 5.18 -8.15 72.91
N LYS G 173 5.11 -9.39 73.42
CA LYS G 173 5.32 -9.66 74.85
C LYS G 173 6.75 -9.35 75.28
N LYS G 174 7.70 -9.69 74.42
CA LYS G 174 9.11 -9.42 74.66
C LYS G 174 9.44 -7.94 74.59
N ALA G 175 8.77 -7.20 73.71
CA ALA G 175 8.94 -5.75 73.66
C ALA G 175 8.60 -5.09 75.01
N ASP G 176 7.46 -5.45 75.60
CA ASP G 176 7.09 -5.01 76.95
C ASP G 176 8.08 -5.51 77.99
N GLU G 177 8.44 -6.80 77.91
CA GLU G 177 9.38 -7.38 78.86
C GLU G 177 10.72 -6.64 78.86
N PHE G 178 11.18 -6.22 77.68
CA PHE G 178 12.43 -5.48 77.57
C PHE G 178 12.25 -3.96 77.47
N ALA G 179 11.06 -3.46 77.81
CA ALA G 179 10.70 -2.05 77.65
C ALA G 179 11.67 -1.05 78.28
N GLY G 180 12.27 -1.41 79.42
CA GLY G 180 13.22 -0.53 80.12
C GLY G 180 14.67 -0.97 80.10
N VAL G 181 15.01 -1.89 79.19
CA VAL G 181 16.36 -2.39 79.01
C VAL G 181 17.12 -1.53 78.02
N ILE G 182 17.99 -0.67 78.53
CA ILE G 182 18.75 0.26 77.70
C ILE G 182 19.97 -0.41 77.07
N LYS G 183 20.23 -0.09 75.80
CA LYS G 183 21.39 -0.63 75.08
C LYS G 183 21.93 0.37 74.06
N MET G 184 22.94 -0.06 73.31
CA MET G 184 23.49 0.77 72.25
C MET G 184 22.89 0.51 70.87
N GLY G 185 22.32 1.55 70.27
CA GLY G 185 21.92 1.46 68.89
C GLY G 185 23.17 1.32 68.05
N ARG G 186 23.07 0.57 66.96
CA ARG G 186 24.18 0.42 66.03
C ARG G 186 23.70 0.73 64.61
N THR G 187 24.47 1.54 63.89
CA THR G 187 24.22 1.76 62.45
C THR G 187 25.52 1.51 61.69
N HIS G 188 25.45 0.85 60.54
CA HIS G 188 26.64 0.38 59.82
C HIS G 188 27.47 -0.63 60.68
N LEU G 189 26.87 -1.10 61.78
CA LEU G 189 27.52 -1.94 62.80
C LEU G 189 28.43 -1.12 63.73
N GLN G 190 28.38 0.20 63.59
CA GLN G 190 29.14 1.09 64.45
C GLN G 190 28.21 1.62 65.55
N ASP G 191 28.73 1.70 66.78
CA ASP G 191 28.01 2.34 67.91
C ASP G 191 27.37 3.64 67.46
N ALA G 192 26.12 3.86 67.88
CA ALA G 192 25.38 5.04 67.50
C ALA G 192 24.93 5.80 68.74
N VAL G 193 23.67 5.65 69.11
CA VAL G 193 23.10 6.30 70.29
C VAL G 193 22.20 5.32 71.01
N PRO G 194 21.89 5.60 72.29
CA PRO G 194 21.01 4.75 73.06
C PRO G 194 19.75 4.33 72.33
N ILE G 195 19.42 3.05 72.48
CA ILE G 195 18.12 2.53 72.12
C ILE G 195 17.68 1.57 73.21
N LEU G 196 16.39 1.25 73.25
CA LEU G 196 15.89 0.23 74.17
C LEU G 196 15.75 -1.09 73.44
N LEU G 197 16.17 -2.17 74.08
CA LEU G 197 15.97 -3.49 73.51
C LEU G 197 14.50 -3.69 73.10
N GLY G 198 13.57 -3.22 73.94
CA GLY G 198 12.12 -3.31 73.67
C GLY G 198 11.66 -2.57 72.44
N GLN G 199 12.30 -1.43 72.15
CA GLN G 199 12.06 -0.77 70.88
C GLN G 199 12.46 -1.62 69.68
N GLU G 200 13.57 -2.36 69.82
CA GLU G 200 13.97 -3.28 68.76
C GLU G 200 12.95 -4.39 68.59
N PHE G 201 12.42 -4.93 69.68
CA PHE G 201 11.45 -6.00 69.57
C PHE G 201 10.07 -5.51 69.12
N GLU G 202 9.71 -4.27 69.45
CA GLU G 202 8.47 -3.74 68.91
C GLU G 202 8.63 -3.56 67.41
N ALA G 203 9.82 -3.13 67.00
CA ALA G 203 10.15 -3.07 65.57
C ALA G 203 9.94 -4.42 64.89
N TYR G 204 10.37 -5.51 65.54
CA TYR G 204 10.18 -6.84 64.97
C TYR G 204 8.69 -7.17 64.93
N ALA G 205 8.01 -6.93 66.04
CA ALA G 205 6.59 -7.23 66.15
C ALA G 205 5.77 -6.51 65.09
N ARG G 206 6.09 -5.26 64.83
CA ARG G 206 5.32 -4.46 63.86
C ARG G 206 5.52 -4.91 62.40
N VAL G 207 6.75 -5.25 62.02
CA VAL G 207 6.98 -5.66 60.64
C VAL G 207 6.19 -6.94 60.40
N ILE G 208 6.20 -7.82 61.40
CA ILE G 208 5.44 -9.07 61.32
C ILE G 208 3.91 -8.87 61.19
N ALA G 209 3.33 -7.97 61.99
CA ALA G 209 1.91 -7.60 61.83
C ALA G 209 1.65 -7.06 60.40
N ARG G 210 2.63 -6.35 59.85
CA ARG G 210 2.55 -5.84 58.48
C ARG G 210 2.56 -7.01 57.45
N ASP G 211 3.41 -8.01 57.68
CA ASP G 211 3.37 -9.26 56.91
C ASP G 211 2.04 -10.01 57.05
N ILE G 212 1.53 -10.11 58.28
CA ILE G 212 0.25 -10.77 58.51
C ILE G 212 -0.80 -10.17 57.57
N GLU G 213 -0.80 -8.84 57.48
CA GLU G 213 -1.75 -8.10 56.65
C GLU G 213 -1.55 -8.47 55.16
N ARG G 214 -0.34 -8.29 54.65
CA ARG G 214 -0.05 -8.60 53.24
C ARG G 214 -0.46 -10.01 52.81
N ILE G 215 -0.08 -11.01 53.61
CA ILE G 215 -0.45 -12.42 53.36
C ILE G 215 -1.98 -12.63 53.32
N ALA G 216 -2.66 -12.15 54.37
CA ALA G 216 -4.11 -12.19 54.46
C ALA G 216 -4.80 -11.63 53.20
N ASN G 217 -4.35 -10.47 52.71
CA ASN G 217 -4.93 -9.86 51.51
C ASN G 217 -4.83 -10.72 50.23
N THR G 218 -3.87 -11.64 50.18
CA THR G 218 -3.70 -12.47 48.97
C THR G 218 -4.78 -13.55 48.83
N ARG G 219 -5.56 -13.75 49.88
CA ARG G 219 -6.61 -14.74 49.85
C ARG G 219 -7.75 -14.35 48.92
N ASN G 220 -8.01 -13.05 48.78
CA ASN G 220 -9.18 -12.61 48.01
C ASN G 220 -9.22 -13.17 46.61
N ASN G 221 -8.13 -12.97 45.87
CA ASN G 221 -8.01 -13.48 44.50
C ASN G 221 -8.03 -15.00 44.37
N LEU G 222 -7.70 -15.69 45.45
CA LEU G 222 -7.86 -17.14 45.48
C LEU G 222 -9.33 -17.56 45.67
N TYR G 223 -10.17 -16.67 46.20
CA TYR G 223 -11.58 -17.01 46.42
C TYR G 223 -12.33 -17.22 45.11
N ASP G 224 -11.84 -16.63 44.01
CA ASP G 224 -12.45 -16.82 42.70
C ASP G 224 -12.03 -18.16 42.09
N ILE G 225 -13.00 -18.96 41.65
CA ILE G 225 -12.69 -20.29 41.10
C ILE G 225 -13.31 -20.50 39.73
N ASN G 226 -12.71 -21.38 38.93
CA ASN G 226 -13.15 -21.57 37.55
C ASN G 226 -14.00 -22.82 37.31
N MET G 227 -14.52 -23.39 38.38
CA MET G 227 -15.33 -24.60 38.29
C MET G 227 -16.43 -24.44 37.23
N GLY G 228 -16.44 -25.34 36.25
CA GLY G 228 -17.40 -25.27 35.14
C GLY G 228 -16.83 -24.67 33.85
N ALA G 229 -15.53 -24.39 33.85
CA ALA G 229 -14.87 -23.76 32.70
C ALA G 229 -14.76 -24.67 31.47
N THR G 230 -14.85 -25.98 31.69
CA THR G 230 -14.44 -27.00 30.72
C THR G 230 -13.01 -26.72 30.27
N ALA G 231 -12.61 -27.23 29.11
CA ALA G 231 -11.18 -27.29 28.76
C ALA G 231 -10.43 -25.94 28.75
N VAL G 232 -11.15 -24.86 28.52
CA VAL G 232 -10.52 -23.63 28.06
C VAL G 232 -11.11 -22.36 28.68
N GLY G 233 -12.12 -22.52 29.54
CA GLY G 233 -12.79 -21.38 30.17
C GLY G 233 -14.06 -20.96 29.46
N THR G 234 -14.33 -21.63 28.34
CA THR G 234 -15.43 -21.32 27.45
C THR G 234 -16.81 -21.81 27.96
N GLY G 235 -16.80 -22.82 28.84
CA GLY G 235 -18.03 -23.38 29.41
C GLY G 235 -18.90 -24.19 28.46
N LEU G 236 -18.29 -24.72 27.40
CA LEU G 236 -19.03 -25.42 26.34
C LEU G 236 -19.66 -26.73 26.84
N ASN G 237 -20.99 -26.78 26.76
CA ASN G 237 -21.80 -27.93 27.23
C ASN G 237 -21.83 -28.07 28.73
N ALA G 238 -21.51 -27.01 29.45
CA ALA G 238 -21.70 -26.98 30.88
C ALA G 238 -23.10 -26.47 31.21
N ASP G 239 -23.71 -27.05 32.25
CA ASP G 239 -25.00 -26.61 32.77
C ASP G 239 -24.75 -25.45 33.74
N PRO G 240 -25.33 -24.26 33.47
CA PRO G 240 -25.09 -23.13 34.41
C PRO G 240 -25.60 -23.42 35.82
N GLU G 241 -26.58 -24.31 35.93
CA GLU G 241 -27.13 -24.70 37.22
C GLU G 241 -26.09 -25.51 38.00
N TYR G 242 -25.50 -26.50 37.33
CA TYR G 242 -24.38 -27.30 37.87
C TYR G 242 -23.30 -26.41 38.49
N ILE G 243 -22.94 -25.36 37.75
CA ILE G 243 -21.93 -24.42 38.17
C ILE G 243 -22.30 -23.83 39.51
N SER G 244 -23.46 -23.18 39.58
CA SER G 244 -23.84 -22.48 40.81
C SER G 244 -24.00 -23.44 42.01
N ILE G 245 -24.40 -24.68 41.73
CA ILE G 245 -24.59 -25.67 42.80
C ILE G 245 -23.23 -26.22 43.28
N VAL G 246 -22.32 -26.51 42.36
CA VAL G 246 -21.01 -27.02 42.74
C VAL G 246 -20.18 -25.96 43.48
N THR G 247 -20.32 -24.70 43.08
CA THR G 247 -19.66 -23.58 43.77
C THR G 247 -20.15 -23.43 45.22
N GLU G 248 -21.47 -23.50 45.40
CA GLU G 248 -22.11 -23.41 46.71
C GLU G 248 -21.66 -24.56 47.65
N HIS G 249 -21.63 -25.79 47.12
CA HIS G 249 -21.12 -26.94 47.87
C HIS G 249 -19.64 -26.75 48.23
N LEU G 250 -18.81 -26.52 47.22
CA LEU G 250 -17.38 -26.26 47.42
C LEU G 250 -17.15 -25.24 48.52
N ALA G 251 -17.91 -24.14 48.48
CA ALA G 251 -17.83 -23.10 49.51
C ALA G 251 -18.15 -23.59 50.92
N LYS G 252 -19.31 -24.25 51.07
CA LYS G 252 -19.78 -24.74 52.37
C LYS G 252 -18.83 -25.77 52.97
N PHE G 253 -18.43 -26.75 52.18
CA PHE G 253 -17.53 -27.79 52.63
C PHE G 253 -16.13 -27.28 53.00
N SER G 254 -15.54 -26.46 52.13
CA SER G 254 -14.18 -25.97 52.32
C SER G 254 -14.02 -24.98 53.47
N GLY G 255 -15.08 -24.22 53.74
CA GLY G 255 -15.06 -23.24 54.81
C GLY G 255 -14.69 -21.86 54.30
N HIS G 256 -14.41 -21.76 53.00
CA HIS G 256 -13.99 -20.52 52.36
C HIS G 256 -15.11 -19.90 51.53
N PRO G 257 -15.19 -18.56 51.53
CA PRO G 257 -16.20 -17.86 50.74
C PRO G 257 -15.81 -17.79 49.26
N LEU G 258 -15.74 -18.97 48.65
CA LEU G 258 -15.43 -19.10 47.23
C LEU G 258 -16.46 -18.37 46.39
N ARG G 259 -16.05 -17.90 45.21
CA ARG G 259 -16.93 -17.22 44.28
C ARG G 259 -16.64 -17.84 42.94
N SER G 260 -17.63 -17.86 42.06
CA SER G 260 -17.41 -18.32 40.70
C SER G 260 -16.91 -17.13 39.89
N ALA G 261 -15.66 -17.22 39.42
CA ALA G 261 -15.01 -16.12 38.71
C ALA G 261 -15.90 -15.54 37.60
N GLN G 262 -15.86 -14.21 37.45
CA GLN G 262 -16.70 -13.47 36.52
C GLN G 262 -16.45 -13.81 35.04
N HIS G 263 -15.23 -14.27 34.75
CA HIS G 263 -14.78 -14.54 33.38
C HIS G 263 -13.87 -15.75 33.49
N LEU G 264 -14.35 -16.91 33.05
CA LEU G 264 -13.63 -18.16 33.27
C LEU G 264 -12.48 -18.42 32.30
N VAL G 265 -12.44 -17.70 31.18
CA VAL G 265 -11.28 -17.81 30.29
C VAL G 265 -10.09 -17.21 31.05
N ASP G 266 -10.33 -16.08 31.69
CA ASP G 266 -9.35 -15.43 32.57
C ASP G 266 -8.89 -16.36 33.69
N ALA G 267 -9.84 -16.94 34.42
CA ALA G 267 -9.53 -17.78 35.57
C ALA G 267 -8.88 -19.10 35.14
N THR G 268 -9.12 -19.52 33.90
CA THR G 268 -8.50 -20.72 33.36
C THR G 268 -7.04 -20.52 32.87
N GLN G 269 -6.69 -19.32 32.41
CA GLN G 269 -5.36 -19.11 31.81
C GLN G 269 -4.33 -18.27 32.59
N ASN G 270 -4.79 -17.41 33.49
CA ASN G 270 -3.88 -16.63 34.32
C ASN G 270 -3.49 -17.27 35.65
N THR G 271 -2.26 -17.01 36.08
CA THR G 271 -1.75 -17.60 37.29
C THR G 271 -1.25 -16.56 38.29
N ASP G 272 -1.74 -15.32 38.14
CA ASP G 272 -1.26 -14.19 38.94
C ASP G 272 -1.62 -14.29 40.43
N CYS G 273 -2.74 -14.94 40.75
CA CYS G 273 -3.15 -15.11 42.13
C CYS G 273 -2.13 -15.91 42.91
N TYR G 274 -1.45 -16.82 42.23
CA TYR G 274 -0.45 -17.66 42.89
C TYR G 274 0.84 -16.90 43.19
N THR G 275 1.22 -16.01 42.29
CA THR G 275 2.44 -15.23 42.45
C THR G 275 2.23 -14.07 43.42
N GLU G 276 0.97 -13.64 43.55
CA GLU G 276 0.61 -12.67 44.57
C GLU G 276 0.90 -13.26 45.95
N VAL G 277 0.40 -14.48 46.21
CA VAL G 277 0.70 -15.21 47.43
C VAL G 277 2.20 -15.38 47.65
N SER G 278 2.89 -15.91 46.64
CA SER G 278 4.32 -16.19 46.81
C SER G 278 5.13 -14.93 47.15
N SER G 279 4.80 -13.83 46.47
CA SER G 279 5.42 -12.52 46.71
C SER G 279 5.31 -12.10 48.17
N ALA G 280 4.10 -12.23 48.74
CA ALA G 280 3.85 -11.87 50.13
C ALA G 280 4.57 -12.81 51.11
N LEU G 281 4.71 -14.09 50.75
CA LEU G 281 5.50 -14.99 51.58
C LEU G 281 7.01 -14.66 51.52
N LYS G 282 7.50 -14.21 50.36
CA LYS G 282 8.90 -13.78 50.19
C LYS G 282 9.19 -12.57 51.09
N VAL G 283 8.32 -11.56 51.02
CA VAL G 283 8.54 -10.32 51.78
C VAL G 283 8.63 -10.63 53.27
N CYS G 284 7.68 -11.45 53.74
CA CYS G 284 7.69 -11.96 55.09
C CYS G 284 9.02 -12.64 55.44
N MET G 285 9.50 -13.59 54.64
CA MET G 285 10.76 -14.26 54.97
C MET G 285 11.99 -13.38 54.93
N ILE G 286 12.02 -12.42 54.00
CA ILE G 286 13.03 -11.35 54.02
C ILE G 286 13.08 -10.71 55.41
N ASN G 287 11.92 -10.36 55.97
CA ASN G 287 11.89 -9.71 57.29
C ASN G 287 12.35 -10.64 58.40
N MET G 288 11.81 -11.86 58.37
CA MET G 288 12.16 -12.89 59.34
C MET G 288 13.66 -13.16 59.36
N SER G 289 14.27 -13.27 58.17
CA SER G 289 15.69 -13.59 58.06
C SER G 289 16.53 -12.50 58.70
N LYS G 290 16.17 -11.24 58.43
CA LYS G 290 16.85 -10.07 59.01
C LYS G 290 16.77 -10.13 60.53
N ILE G 291 15.56 -10.35 61.04
CA ILE G 291 15.34 -10.48 62.46
C ILE G 291 16.23 -11.59 63.02
N ALA G 292 16.21 -12.76 62.37
CA ALA G 292 17.07 -13.85 62.78
C ALA G 292 18.56 -13.47 62.77
N ASN G 293 19.01 -12.73 61.75
CA ASN G 293 20.40 -12.27 61.70
C ASN G 293 20.75 -11.36 62.89
N ASP G 294 19.79 -10.52 63.27
CA ASP G 294 19.93 -9.69 64.47
C ASP G 294 20.13 -10.55 65.72
N LEU G 295 19.28 -11.55 65.92
CA LEU G 295 19.31 -12.41 67.09
C LEU G 295 20.63 -13.16 67.26
N ARG G 296 21.14 -13.70 66.16
CA ARG G 296 22.42 -14.41 66.15
C ARG G 296 23.60 -13.49 66.50
N LEU G 297 23.57 -12.26 66.02
CA LEU G 297 24.51 -11.24 66.51
C LEU G 297 24.34 -10.94 68.00
N MET G 298 23.11 -10.68 68.44
CA MET G 298 22.82 -10.32 69.82
C MET G 298 23.22 -11.42 70.82
N ALA G 299 23.19 -12.67 70.35
CA ALA G 299 23.53 -13.82 71.18
C ALA G 299 24.98 -14.24 71.04
N SER G 300 25.71 -13.61 70.11
CA SER G 300 27.12 -13.94 69.90
C SER G 300 27.94 -13.80 71.19
N GLY G 301 29.01 -14.58 71.28
CA GLY G 301 29.82 -14.65 72.49
C GLY G 301 30.23 -16.08 72.78
N PRO G 302 30.36 -16.44 74.07
CA PRO G 302 29.99 -15.67 75.26
C PRO G 302 30.93 -14.54 75.68
N ARG G 303 32.10 -14.42 75.05
CA ARG G 303 33.09 -13.43 75.48
C ARG G 303 33.69 -12.55 74.38
N ALA G 304 33.83 -13.09 73.17
CA ALA G 304 34.30 -12.30 72.02
C ALA G 304 33.15 -11.94 71.07
N GLY G 305 31.97 -11.71 71.65
CA GLY G 305 30.79 -11.35 70.87
C GLY G 305 30.12 -10.12 71.42
N LEU G 306 28.82 -10.03 71.15
CA LEU G 306 28.02 -8.90 71.62
C LEU G 306 27.39 -9.23 72.96
N SER G 307 27.03 -10.51 73.14
CA SER G 307 26.44 -11.02 74.39
C SER G 307 25.31 -10.16 74.93
N GLU G 308 24.41 -9.72 74.05
CA GLU G 308 23.28 -8.90 74.47
C GLU G 308 22.10 -9.72 75.01
N ILE G 309 21.90 -10.92 74.48
CA ILE G 309 20.74 -11.74 74.85
C ILE G 309 21.16 -13.20 75.00
N VAL G 310 20.35 -13.96 75.72
CA VAL G 310 20.57 -15.39 75.89
C VAL G 310 19.39 -16.12 75.26
N LEU G 311 19.70 -17.11 74.42
CA LEU G 311 18.70 -17.97 73.81
C LEU G 311 18.62 -19.31 74.54
N PRO G 312 17.42 -19.93 74.59
CA PRO G 312 17.33 -21.24 75.24
C PRO G 312 18.19 -22.25 74.48
N ALA G 313 19.11 -22.87 75.21
CA ALA G 313 19.92 -23.97 74.69
C ALA G 313 18.98 -25.07 74.21
N ARG G 314 19.08 -25.40 72.92
CA ARG G 314 18.16 -26.36 72.31
C ARG G 314 18.79 -27.68 71.90
N GLN G 315 20.12 -27.74 71.90
CA GLN G 315 20.85 -28.97 71.71
C GLN G 315 22.33 -28.68 71.89
N PRO G 316 23.13 -29.70 72.25
CA PRO G 316 24.57 -29.42 72.24
C PRO G 316 24.99 -28.95 70.84
N GLY G 317 25.61 -27.78 70.76
CA GLY G 317 25.98 -27.18 69.49
C GLY G 317 27.25 -27.76 68.88
N SER G 318 28.16 -28.22 69.74
CA SER G 318 29.44 -28.79 69.31
C SER G 318 29.66 -30.22 69.80
N SER G 319 30.25 -31.03 68.92
CA SER G 319 30.56 -32.42 69.22
C SER G 319 32.01 -32.62 69.71
N ILE G 320 32.83 -31.57 69.59
CA ILE G 320 34.19 -31.56 70.18
C ILE G 320 34.46 -30.51 71.28
N MET G 321 33.53 -29.56 71.47
CA MET G 321 33.53 -28.67 72.64
C MET G 321 32.17 -28.79 73.39
N PRO G 322 32.14 -29.60 74.47
CA PRO G 322 30.97 -29.95 75.29
C PRO G 322 29.96 -28.84 75.68
N GLY G 323 30.42 -27.61 75.89
CA GLY G 323 29.55 -26.56 76.43
C GLY G 323 28.96 -25.49 75.52
N LYS G 324 29.36 -25.49 74.24
CA LYS G 324 29.08 -24.37 73.30
C LYS G 324 27.60 -24.20 72.88
N VAL G 325 27.08 -22.96 72.97
CA VAL G 325 25.63 -22.74 72.69
C VAL G 325 25.33 -21.97 71.39
N ASN G 326 25.03 -22.71 70.34
CA ASN G 326 24.75 -22.10 69.06
C ASN G 326 23.29 -21.75 68.89
N PRO G 327 22.98 -20.69 68.12
CA PRO G 327 21.63 -20.19 67.91
C PRO G 327 20.88 -20.93 66.78
N VAL G 328 20.63 -22.21 67.02
CA VAL G 328 20.16 -23.12 66.00
C VAL G 328 18.75 -22.79 65.51
N MET G 329 17.90 -22.26 66.41
CA MET G 329 16.55 -21.84 66.04
C MET G 329 16.52 -20.64 65.09
N PRO G 330 17.23 -19.56 65.43
CA PRO G 330 17.32 -18.51 64.42
C PRO G 330 17.98 -18.99 63.13
N GLU G 331 18.93 -19.91 63.27
CA GLU G 331 19.64 -20.43 62.10
C GLU G 331 18.68 -21.04 61.09
N VAL G 332 17.84 -21.97 61.55
CA VAL G 332 16.89 -22.63 60.67
C VAL G 332 15.84 -21.67 60.08
N MET G 333 15.59 -20.57 60.78
CA MET G 333 14.71 -19.53 60.23
C MET G 333 15.34 -18.94 58.97
N ASN G 334 16.62 -18.62 59.04
CA ASN G 334 17.34 -18.09 57.89
C ASN G 334 17.23 -19.08 56.73
N GLN G 335 17.41 -20.37 57.02
CA GLN G 335 17.48 -21.36 55.96
C GLN G 335 16.12 -21.51 55.26
N VAL G 336 15.04 -21.45 56.05
CA VAL G 336 13.69 -21.53 55.50
C VAL G 336 13.47 -20.32 54.61
N ALA G 337 13.94 -19.16 55.08
CA ALA G 337 13.91 -17.93 54.31
C ALA G 337 14.53 -18.14 52.95
N PHE G 338 15.75 -18.70 52.92
CA PHE G 338 16.45 -18.96 51.67
C PHE G 338 15.70 -19.95 50.78
N GLN G 339 15.06 -20.94 51.40
CA GLN G 339 14.17 -21.84 50.66
C GLN G 339 13.08 -21.04 49.96
N VAL G 340 12.37 -20.23 50.74
CA VAL G 340 11.23 -19.47 50.22
C VAL G 340 11.66 -18.53 49.10
N PHE G 341 12.82 -17.89 49.25
CA PHE G 341 13.36 -17.10 48.16
C PHE G 341 13.47 -17.94 46.88
N GLY G 342 14.13 -19.09 46.99
CA GLY G 342 14.35 -19.94 45.83
C GLY G 342 13.03 -20.39 45.25
N ASN G 343 12.13 -20.85 46.13
CA ASN G 343 10.81 -21.25 45.72
C ASN G 343 10.09 -20.18 44.88
N ASP G 344 10.19 -18.93 45.33
CA ASP G 344 9.58 -17.82 44.66
C ASP G 344 10.08 -17.68 43.23
N LEU G 345 11.37 -17.98 43.01
CA LEU G 345 11.90 -17.90 41.66
C LEU G 345 11.27 -18.97 40.77
N THR G 346 11.20 -20.20 41.29
CA THR G 346 10.59 -21.31 40.57
C THR G 346 9.15 -20.93 40.20
N ILE G 347 8.44 -20.35 41.16
CA ILE G 347 7.06 -19.91 40.98
C ILE G 347 6.96 -18.82 39.90
N THR G 348 7.82 -17.80 40.00
CA THR G 348 7.91 -16.74 38.97
C THR G 348 8.13 -17.31 37.57
N SER G 349 9.12 -18.19 37.42
CA SER G 349 9.45 -18.78 36.12
C SER G 349 8.31 -19.60 35.55
N ALA G 350 7.71 -20.45 36.39
CA ALA G 350 6.58 -21.28 35.99
C ALA G 350 5.38 -20.43 35.56
N SER G 351 5.08 -19.39 36.34
CA SER G 351 3.96 -18.52 35.99
C SER G 351 4.16 -17.91 34.61
N GLU G 352 5.37 -17.39 34.37
CA GLU G 352 5.72 -16.69 33.14
C GLU G 352 5.57 -17.57 31.89
N ALA G 353 5.73 -18.88 32.07
CA ALA G 353 5.73 -19.86 30.97
C ALA G 353 4.36 -20.30 30.43
N GLY G 354 3.28 -19.69 30.93
CA GLY G 354 1.94 -19.99 30.43
C GLY G 354 1.79 -19.68 28.95
N GLN G 355 1.01 -20.48 28.24
CA GLN G 355 0.78 -20.23 26.83
C GLN G 355 -0.69 -20.31 26.48
N PHE G 356 -1.24 -19.26 25.88
CA PHE G 356 -2.65 -19.26 25.48
C PHE G 356 -3.54 -19.73 26.63
N GLU G 357 -4.30 -20.80 26.42
CA GLU G 357 -5.45 -21.06 27.28
C GLU G 357 -5.06 -21.79 28.56
N LEU G 358 -3.85 -22.34 28.61
CA LEU G 358 -3.42 -23.06 29.83
C LEU G 358 -1.96 -22.80 30.22
N ASN G 359 -1.71 -22.67 31.52
CA ASN G 359 -0.36 -22.78 32.04
C ASN G 359 -0.08 -24.21 32.46
N VAL G 360 0.71 -24.91 31.65
CA VAL G 360 1.00 -26.33 31.93
C VAL G 360 2.01 -26.52 33.08
N MET G 361 2.66 -25.44 33.47
CA MET G 361 3.72 -25.46 34.50
C MET G 361 3.21 -25.43 35.96
N GLU G 362 1.89 -25.40 36.12
CA GLU G 362 1.25 -25.32 37.43
C GLU G 362 1.66 -26.36 38.49
N PRO G 363 2.01 -27.61 38.08
CA PRO G 363 2.41 -28.54 39.14
C PRO G 363 3.63 -28.15 39.98
N VAL G 364 4.76 -27.79 39.33
CA VAL G 364 5.97 -27.39 40.05
C VAL G 364 5.73 -26.10 40.83
N LEU G 365 4.88 -25.25 40.26
CA LEU G 365 4.42 -24.02 40.88
C LEU G 365 3.71 -24.34 42.18
N PHE G 366 2.65 -25.15 42.09
CA PHE G 366 1.80 -25.51 43.24
C PHE G 366 2.55 -26.28 44.30
N PHE G 367 3.48 -27.12 43.88
CA PHE G 367 4.34 -27.81 44.79
C PHE G 367 5.21 -26.84 45.61
N ASN G 368 5.81 -25.87 44.94
CA ASN G 368 6.63 -24.86 45.61
C ASN G 368 5.85 -23.94 46.53
N LEU G 369 4.70 -23.47 46.03
CA LEU G 369 3.79 -22.63 46.81
C LEU G 369 3.25 -23.33 48.07
N ILE G 370 2.78 -24.57 47.95
CA ILE G 370 2.38 -25.34 49.13
C ILE G 370 3.59 -25.55 50.05
N GLN G 371 4.75 -25.84 49.48
CA GLN G 371 5.94 -26.04 50.31
C GLN G 371 6.23 -24.81 51.18
N SER G 372 6.23 -23.63 50.56
CA SER G 372 6.61 -22.41 51.24
C SER G 372 5.71 -22.11 52.43
N ILE G 373 4.40 -22.23 52.24
CA ILE G 373 3.43 -21.99 53.31
C ILE G 373 3.64 -23.00 54.42
N SER G 374 3.76 -24.27 54.05
CA SER G 374 3.95 -25.35 55.02
C SER G 374 5.24 -25.18 55.84
N ILE G 375 6.36 -24.90 55.17
CA ILE G 375 7.64 -24.80 55.88
C ILE G 375 7.69 -23.57 56.78
N MET G 376 7.06 -22.48 56.33
CA MET G 376 6.94 -21.28 57.15
C MET G 376 6.04 -21.48 58.37
N THR G 377 4.93 -22.19 58.18
CA THR G 377 4.07 -22.52 59.31
C THR G 377 4.88 -23.32 60.34
N ASN G 378 5.72 -24.22 59.83
CA ASN G 378 6.47 -25.10 60.71
C ASN G 378 7.58 -24.39 61.50
N VAL G 379 8.41 -23.57 60.83
CA VAL G 379 9.45 -22.86 61.58
C VAL G 379 8.86 -21.86 62.51
N PHE G 380 7.75 -21.27 62.11
CA PHE G 380 7.13 -20.26 62.97
C PHE G 380 6.78 -20.91 64.28
N LYS G 381 6.06 -22.03 64.22
CA LYS G 381 5.65 -22.74 65.44
C LYS G 381 6.85 -23.16 66.28
N SER G 382 7.83 -23.81 65.65
CA SER G 382 8.98 -24.36 66.36
C SER G 382 9.84 -23.27 66.99
N PHE G 383 10.20 -22.27 66.19
CA PHE G 383 10.90 -21.08 66.68
C PHE G 383 10.17 -20.35 67.82
N THR G 384 8.84 -20.22 67.74
CA THR G 384 8.06 -19.58 68.80
C THR G 384 8.17 -20.36 70.10
N GLU G 385 8.01 -21.67 70.04
CA GLU G 385 7.98 -22.52 71.22
C GLU G 385 9.37 -22.77 71.82
N ASN G 386 10.35 -22.97 70.95
CA ASN G 386 11.70 -23.39 71.36
C ASN G 386 12.73 -22.27 71.51
N CYS G 387 12.37 -21.04 71.14
CA CYS G 387 13.31 -19.92 71.19
C CYS G 387 12.67 -18.62 71.71
N LEU G 388 11.79 -18.02 70.91
CA LEU G 388 11.26 -16.68 71.19
C LEU G 388 10.74 -16.49 72.61
N LYS G 389 10.03 -17.47 73.15
CA LYS G 389 9.50 -17.36 74.50
C LYS G 389 10.57 -17.27 75.59
N GLY G 390 11.66 -18.03 75.43
CA GLY G 390 12.66 -18.17 76.47
C GLY G 390 13.80 -17.16 76.43
N ILE G 391 13.77 -16.27 75.46
CA ILE G 391 14.84 -15.28 75.29
C ILE G 391 14.96 -14.41 76.55
N LYS G 392 16.15 -14.40 77.14
CA LYS G 392 16.46 -13.56 78.30
C LYS G 392 17.48 -12.49 77.92
N ALA G 393 17.32 -11.29 78.47
CA ALA G 393 18.24 -10.17 78.24
C ALA G 393 19.38 -10.11 79.26
N ASN G 394 20.56 -9.69 78.81
CA ASN G 394 21.68 -9.37 79.68
C ASN G 394 21.71 -7.89 80.02
N GLU G 395 20.84 -7.45 80.91
CA GLU G 395 20.71 -6.01 81.20
C GLU G 395 22.02 -5.41 81.72
N GLU G 396 22.59 -6.05 82.74
CA GLU G 396 23.81 -5.57 83.39
C GLU G 396 24.83 -5.18 82.32
N ARG G 397 25.20 -6.16 81.50
CA ARG G 397 26.17 -5.96 80.43
C ARG G 397 25.76 -4.92 79.40
N MET G 398 24.50 -4.93 78.97
CA MET G 398 24.01 -3.94 78.02
C MET G 398 24.08 -2.52 78.55
N LYS G 399 23.79 -2.35 79.83
CA LYS G 399 23.94 -1.06 80.51
C LYS G 399 25.40 -0.61 80.54
N GLU G 400 26.32 -1.57 80.66
CA GLU G 400 27.76 -1.30 80.62
C GLU G 400 28.22 -0.73 79.29
N TYR G 401 27.73 -1.32 78.20
CA TYR G 401 27.95 -0.82 76.84
C TYR G 401 27.59 0.66 76.71
N VAL G 402 26.48 1.02 77.34
CA VAL G 402 25.96 2.38 77.34
C VAL G 402 26.86 3.32 78.15
N GLU G 403 27.19 2.93 79.38
CA GLU G 403 28.08 3.71 80.23
C GLU G 403 29.44 3.96 79.57
N LYS G 404 29.93 2.96 78.82
CA LYS G 404 31.25 3.02 78.17
C LYS G 404 31.26 3.50 76.72
N SER G 405 30.09 3.91 76.22
CA SER G 405 29.95 4.35 74.83
C SER G 405 30.34 5.82 74.66
N ILE G 406 30.52 6.23 73.41
CA ILE G 406 30.72 7.63 73.09
C ILE G 406 29.37 8.27 72.81
N GLY G 407 28.42 7.46 72.34
CA GLY G 407 27.08 7.92 71.95
C GLY G 407 26.29 8.75 72.94
N ILE G 408 26.36 8.40 74.22
CA ILE G 408 25.67 9.15 75.25
C ILE G 408 25.96 10.66 75.21
N ILE G 409 27.08 11.05 74.59
CA ILE G 409 27.42 12.45 74.49
C ILE G 409 26.38 13.22 73.68
N THR G 410 25.53 12.50 72.94
CA THR G 410 24.44 13.16 72.18
C THR G 410 23.34 13.68 73.11
N ALA G 411 23.08 12.94 74.19
CA ALA G 411 22.17 13.40 75.22
C ALA G 411 22.78 14.61 75.96
N ILE G 412 24.06 14.49 76.33
CA ILE G 412 24.79 15.51 77.12
C ILE G 412 25.00 16.85 76.38
N ASN G 413 25.29 16.77 75.08
CA ASN G 413 25.62 17.94 74.26
C ASN G 413 24.81 19.24 74.50
N PRO G 414 23.47 19.18 74.40
CA PRO G 414 22.70 20.43 74.60
C PRO G 414 22.74 21.02 76.02
N HIS G 415 23.21 20.23 77.00
CA HIS G 415 23.37 20.68 78.39
C HIS G 415 24.73 21.31 78.66
N VAL G 416 25.63 21.23 77.69
CA VAL G 416 27.04 21.59 77.89
C VAL G 416 27.54 22.49 76.75
N GLY G 417 26.80 22.53 75.66
CA GLY G 417 27.19 23.33 74.51
C GLY G 417 28.08 22.48 73.64
N TYR G 418 28.09 22.79 72.34
CA TYR G 418 28.76 21.96 71.33
C TYR G 418 30.28 21.83 71.49
N GLU G 419 30.98 22.95 71.62
CA GLU G 419 32.44 22.96 71.71
C GLU G 419 32.97 22.02 72.81
N THR G 420 32.42 22.16 74.02
CA THR G 420 32.84 21.37 75.18
C THR G 420 32.55 19.88 75.03
N ALA G 421 31.37 19.57 74.49
CA ALA G 421 30.94 18.19 74.38
C ALA G 421 31.79 17.43 73.36
N ALA G 422 32.26 18.14 72.35
CA ALA G 422 33.13 17.58 71.33
C ALA G 422 34.52 17.27 71.88
N LYS G 423 34.97 18.06 72.84
CA LYS G 423 36.26 17.80 73.47
C LYS G 423 36.18 16.64 74.47
N LEU G 424 35.12 16.59 75.25
CA LEU G 424 34.86 15.46 76.15
C LEU G 424 34.67 14.14 75.40
N ALA G 425 34.09 14.21 74.19
CA ALA G 425 33.88 13.03 73.36
C ALA G 425 35.22 12.52 72.83
N ARG G 426 35.95 13.41 72.17
CA ARG G 426 37.27 13.10 71.61
C ARG G 426 38.20 12.58 72.70
N GLU G 427 38.16 13.20 73.89
CA GLU G 427 39.03 12.78 74.97
C GLU G 427 38.68 11.39 75.50
N ALA G 428 37.38 11.10 75.59
CA ALA G 428 36.93 9.79 76.07
C ALA G 428 37.27 8.67 75.10
N TYR G 429 37.15 8.96 73.80
CA TYR G 429 37.48 7.97 72.77
C TYR G 429 38.97 7.58 72.79
N LEU G 430 39.83 8.58 73.00
CA LEU G 430 41.27 8.38 72.91
C LEU G 430 41.91 7.81 74.17
N THR G 431 41.45 8.24 75.34
CA THR G 431 41.98 7.76 76.63
C THR G 431 41.36 6.47 77.15
N GLY G 432 40.13 6.18 76.70
CA GLY G 432 39.39 5.00 77.16
C GLY G 432 38.66 5.18 78.49
N GLU G 433 38.47 6.42 78.92
CA GLU G 433 37.69 6.73 80.12
C GLU G 433 36.22 6.92 79.78
N SER G 434 35.33 6.82 80.76
CA SER G 434 33.91 7.04 80.53
C SER G 434 33.62 8.54 80.42
N ILE G 435 32.61 8.87 79.62
CA ILE G 435 32.13 10.25 79.53
C ILE G 435 31.75 10.80 80.92
N ARG G 436 31.12 9.96 81.73
CA ARG G 436 30.74 10.32 83.09
C ARG G 436 31.95 10.79 83.88
N GLU G 437 32.97 9.93 83.99
CA GLU G 437 34.23 10.24 84.68
C GLU G 437 34.82 11.59 84.28
N LEU G 438 34.85 11.87 82.97
CA LEU G 438 35.38 13.13 82.45
C LEU G 438 34.56 14.36 82.81
N CYS G 439 33.23 14.18 82.84
CA CYS G 439 32.28 15.27 83.14
C CYS G 439 32.40 15.76 84.57
N ILE G 440 32.78 14.87 85.48
CA ILE G 440 33.01 15.24 86.87
C ILE G 440 34.44 15.76 87.04
N LYS G 441 35.40 15.05 86.43
CA LYS G 441 36.81 15.42 86.45
C LYS G 441 37.02 16.91 86.18
N TYR G 442 36.37 17.43 85.14
CA TYR G 442 36.50 18.85 84.74
C TYR G 442 35.38 19.73 85.28
N GLY G 443 34.54 19.15 86.14
CA GLY G 443 33.47 19.88 86.84
C GLY G 443 32.39 20.47 85.95
N VAL G 444 32.22 19.87 84.77
CA VAL G 444 31.26 20.31 83.78
C VAL G 444 29.80 19.98 84.16
N LEU G 445 29.62 18.78 84.74
CA LEU G 445 28.33 18.34 85.24
C LEU G 445 28.50 17.59 86.55
N THR G 446 27.45 17.63 87.37
CA THR G 446 27.44 16.92 88.65
C THR G 446 26.80 15.53 88.49
N GLU G 447 27.06 14.62 89.42
CA GLU G 447 26.49 13.26 89.38
C GLU G 447 24.98 13.24 89.18
N GLU G 448 24.26 14.08 89.95
CA GLU G 448 22.81 14.17 89.83
C GLU G 448 22.44 14.52 88.41
N GLN G 449 22.93 15.67 87.95
CA GLN G 449 22.63 16.16 86.61
C GLN G 449 22.80 15.09 85.55
N LEU G 450 23.87 14.29 85.69
CA LEU G 450 24.14 13.19 84.77
C LEU G 450 23.13 12.05 84.91
N ASN G 451 22.79 11.68 86.15
CA ASN G 451 21.79 10.63 86.40
C ASN G 451 20.43 11.01 85.80
N GLU G 452 20.15 12.32 85.79
CA GLU G 452 18.93 12.91 85.22
C GLU G 452 18.89 12.96 83.68
N ILE G 453 19.99 13.41 83.08
CA ILE G 453 20.10 13.48 81.63
C ILE G 453 20.23 12.08 81.03
N LEU G 454 21.01 11.22 81.68
CA LEU G 454 21.16 9.83 81.23
C LEU G 454 20.05 8.90 81.74
N ASN G 455 18.84 9.44 81.85
CA ASN G 455 17.66 8.66 82.14
C ASN G 455 17.30 7.83 80.88
N PRO G 456 17.26 6.48 81.00
CA PRO G 456 16.95 5.59 79.88
C PRO G 456 15.79 6.03 78.98
N TYR G 457 14.69 6.52 79.55
CA TYR G 457 13.50 6.84 78.76
C TYR G 457 13.61 8.08 77.86
N GLU G 458 13.97 9.23 78.44
CA GLU G 458 13.97 10.48 77.68
C GLU G 458 15.26 10.63 76.88
N MET G 459 16.07 9.58 76.92
CA MET G 459 17.30 9.49 76.15
C MET G 459 17.01 8.78 74.82
N ILE G 460 15.82 8.21 74.71
CA ILE G 460 15.45 7.39 73.55
C ILE G 460 14.05 7.72 73.00
N HIS G 461 13.57 8.92 73.31
CA HIS G 461 12.27 9.41 72.87
C HIS G 461 12.33 10.92 72.62
N PRO G 462 11.55 11.44 71.66
CA PRO G 462 11.58 12.86 71.34
C PRO G 462 11.30 13.77 72.53
N GLY G 463 11.84 14.98 72.48
CA GLY G 463 11.60 15.97 73.51
C GLY G 463 12.73 16.98 73.60
N ILE G 464 12.37 18.28 73.63
CA ILE G 464 13.32 19.38 73.78
C ILE G 464 14.12 19.19 75.07
N ALA G 465 15.44 19.30 74.96
CA ALA G 465 16.40 18.96 76.04
C ALA G 465 16.13 19.61 77.40
N GLY G 466 15.82 20.91 77.40
CA GLY G 466 15.63 21.73 78.60
C GLY G 466 14.95 21.05 79.81
N VAL H 5 38.04 28.42 39.33
CA VAL H 5 38.38 27.39 40.36
C VAL H 5 38.34 27.94 41.81
N ARG H 6 37.76 27.15 42.72
CA ARG H 6 37.61 27.45 44.14
C ARG H 6 38.32 26.36 44.95
N ILE H 7 38.76 26.68 46.17
CA ILE H 7 39.43 25.71 47.01
C ILE H 7 38.62 25.34 48.26
N GLU H 8 38.59 24.06 48.58
CA GLU H 8 37.91 23.57 49.78
C GLU H 8 38.73 22.47 50.45
N LYS H 9 38.84 22.53 51.77
CA LYS H 9 39.66 21.58 52.53
C LYS H 9 38.80 20.50 53.19
N ASP H 10 39.39 19.32 53.30
CA ASP H 10 38.73 18.11 53.75
C ASP H 10 39.70 17.32 54.62
N PHE H 11 39.20 16.44 55.46
CA PHE H 11 40.06 15.60 56.30
C PHE H 11 41.07 14.80 55.44
N LEU H 12 40.79 14.69 54.14
CA LEU H 12 41.70 14.05 53.18
C LEU H 12 42.56 15.04 52.37
N GLY H 13 42.23 16.33 52.45
CA GLY H 13 43.04 17.37 51.82
C GLY H 13 42.26 18.38 50.99
N GLU H 14 43.00 19.17 50.22
CA GLU H 14 42.47 20.26 49.40
C GLU H 14 41.93 19.77 48.05
N LYS H 15 40.76 20.28 47.68
CA LYS H 15 40.16 19.99 46.39
C LYS H 15 39.69 21.23 45.66
N GLU H 16 40.04 21.31 44.38
CA GLU H 16 39.58 22.40 43.53
C GLU H 16 38.16 22.12 43.03
N ILE H 17 37.27 23.08 43.24
CA ILE H 17 35.89 22.97 42.78
C ILE H 17 35.70 23.98 41.64
N PRO H 18 35.14 23.54 40.50
CA PRO H 18 34.91 24.51 39.42
C PRO H 18 34.09 25.72 39.88
N LYS H 19 34.36 26.88 39.27
CA LYS H 19 33.69 28.15 39.62
C LYS H 19 32.17 27.98 39.68
N ASP H 20 31.62 27.37 38.64
CA ASP H 20 30.17 27.31 38.41
C ASP H 20 29.52 26.02 38.97
N ALA H 21 30.26 25.31 39.81
CA ALA H 21 29.74 24.13 40.50
C ALA H 21 29.07 24.51 41.83
N TYR H 22 28.10 23.70 42.26
CA TYR H 22 27.35 23.94 43.48
C TYR H 22 27.50 22.83 44.49
N TYR H 23 28.04 21.69 44.06
CA TYR H 23 28.49 20.64 44.98
C TYR H 23 29.79 21.10 45.65
N GLY H 24 30.26 20.32 46.62
CA GLY H 24 31.48 20.64 47.35
C GLY H 24 32.34 19.40 47.51
N VAL H 25 33.28 19.45 48.46
CA VAL H 25 34.25 18.37 48.63
C VAL H 25 33.65 17.05 49.05
N GLN H 26 32.57 17.11 49.82
CA GLN H 26 31.94 15.88 50.30
C GLN H 26 31.45 15.09 49.10
N THR H 27 30.76 15.79 48.21
CA THR H 27 30.28 15.22 46.97
C THR H 27 31.44 14.68 46.13
N ILE H 28 32.50 15.48 45.94
CA ILE H 28 33.63 15.03 45.12
C ILE H 28 34.23 13.77 45.71
N ARG H 29 34.39 13.76 47.03
CA ARG H 29 34.87 12.61 47.78
C ARG H 29 34.05 11.34 47.52
N ALA H 30 32.72 11.50 47.42
CA ALA H 30 31.85 10.38 47.09
C ALA H 30 32.12 9.86 45.69
N THR H 31 32.44 10.75 44.75
CA THR H 31 32.72 10.32 43.37
C THR H 31 34.03 9.55 43.26
N GLU H 32 34.96 9.79 44.18
CA GLU H 32 36.22 9.04 44.24
C GLU H 32 36.02 7.67 44.87
N ASN H 33 35.27 7.62 45.97
CA ASN H 33 34.96 6.39 46.67
C ASN H 33 34.17 5.43 45.81
N PHE H 34 33.14 5.94 45.13
CA PHE H 34 32.15 5.09 44.47
C PHE H 34 31.93 5.35 42.97
N PRO H 35 32.99 5.20 42.16
CA PRO H 35 32.78 5.35 40.73
C PRO H 35 32.33 4.00 40.15
N ILE H 36 31.11 3.59 40.46
CA ILE H 36 30.67 2.23 40.14
C ILE H 36 29.97 2.09 38.79
N THR H 37 28.90 2.85 38.56
CA THR H 37 28.03 2.69 37.39
C THR H 37 28.18 3.81 36.34
N GLY H 38 28.68 4.98 36.74
CA GLY H 38 28.65 6.16 35.88
C GLY H 38 27.25 6.77 35.75
N TYR H 39 26.30 6.30 36.54
CA TYR H 39 24.95 6.85 36.48
C TYR H 39 24.79 7.94 37.52
N ARG H 40 23.66 8.62 37.42
CA ARG H 40 23.27 9.67 38.35
C ARG H 40 21.90 9.27 38.89
N ILE H 41 21.53 9.78 40.06
CA ILE H 41 20.20 9.49 40.63
C ILE H 41 19.03 10.08 39.81
N HIS H 42 17.87 9.43 39.88
CA HIS H 42 16.68 9.84 39.14
C HIS H 42 16.21 11.25 39.49
N PRO H 43 15.90 12.08 38.47
CA PRO H 43 15.48 13.47 38.71
C PRO H 43 14.27 13.68 39.65
N GLU H 44 13.48 12.63 39.88
CA GLU H 44 12.33 12.72 40.77
C GLU H 44 12.82 12.54 42.19
N LEU H 45 13.95 11.87 42.34
CA LEU H 45 14.54 11.72 43.66
C LEU H 45 15.17 13.05 44.04
N ILE H 46 15.83 13.68 43.05
CA ILE H 46 16.41 15.02 43.20
C ILE H 46 15.33 15.98 43.63
N LYS H 47 14.23 15.99 42.90
CA LYS H 47 13.08 16.83 43.25
C LYS H 47 12.60 16.55 44.68
N SER H 48 12.52 15.27 45.04
CA SER H 48 12.13 14.88 46.40
C SER H 48 13.08 15.35 47.50
N LEU H 49 14.38 15.32 47.22
CA LEU H 49 15.35 15.81 48.17
C LEU H 49 15.11 17.29 48.44
N GLY H 50 14.88 18.05 47.38
CA GLY H 50 14.51 19.47 47.49
C GLY H 50 13.30 19.68 48.38
N ILE H 51 12.28 18.86 48.18
CA ILE H 51 11.07 18.94 48.97
C ILE H 51 11.35 18.63 50.43
N VAL H 52 12.26 17.70 50.68
CA VAL H 52 12.62 17.40 52.05
C VAL H 52 13.32 18.62 52.64
N LYS H 53 14.29 19.15 51.92
CA LYS H 53 15.10 20.25 52.44
C LYS H 53 14.30 21.52 52.65
N LYS H 54 13.35 21.80 51.75
CA LYS H 54 12.48 22.97 51.85
C LYS H 54 11.55 22.86 53.06
N SER H 55 10.95 21.69 53.24
CA SER H 55 10.06 21.45 54.37
C SER H 55 10.78 21.56 55.70
N ALA H 56 12.02 21.07 55.75
CA ALA H 56 12.82 21.17 56.95
C ALA H 56 13.24 22.62 57.30
N ALA H 57 13.57 23.40 56.28
CA ALA H 57 13.88 24.81 56.49
C ALA H 57 12.70 25.56 57.10
N LEU H 58 11.50 25.33 56.58
CA LEU H 58 10.32 26.06 57.03
C LEU H 58 9.91 25.66 58.43
N ALA H 59 10.14 24.39 58.77
CA ALA H 59 9.85 23.90 60.12
C ALA H 59 10.87 24.44 61.12
N ASN H 60 12.15 24.32 60.80
CA ASN H 60 13.19 24.88 61.65
C ASN H 60 13.03 26.39 61.88
N MET H 61 12.60 27.13 60.86
CA MET H 61 12.32 28.55 61.03
C MET H 61 11.15 28.77 62.00
N GLU H 62 10.05 28.04 61.81
CA GLU H 62 8.90 28.17 62.69
C GLU H 62 9.24 27.87 64.16
N VAL H 63 9.95 26.78 64.43
CA VAL H 63 10.25 26.42 65.82
C VAL H 63 11.43 27.23 66.44
N GLY H 64 11.95 28.19 65.69
CA GLY H 64 13.00 29.07 66.19
C GLY H 64 14.39 28.48 66.20
N LEU H 65 14.55 27.29 65.62
CA LEU H 65 15.85 26.61 65.55
C LEU H 65 16.74 27.13 64.42
N LEU H 66 16.13 27.68 63.37
CA LEU H 66 16.87 28.18 62.22
C LEU H 66 16.60 29.67 61.99
N ASP H 67 17.69 30.43 61.82
CA ASP H 67 17.61 31.87 61.57
C ASP H 67 16.75 32.24 60.34
N LYS H 68 15.77 33.12 60.57
CA LYS H 68 14.78 33.45 59.56
C LYS H 68 15.35 34.15 58.35
N GLU H 69 16.48 34.84 58.50
CA GLU H 69 17.08 35.56 57.35
C GLU H 69 17.83 34.65 56.40
N VAL H 70 18.61 33.71 56.94
CA VAL H 70 19.33 32.74 56.16
C VAL H 70 18.34 31.71 55.61
N GLY H 71 17.30 31.43 56.40
CA GLY H 71 16.32 30.40 56.04
C GLY H 71 15.58 30.73 54.77
N GLN H 72 15.20 31.99 54.65
CA GLN H 72 14.54 32.51 53.46
C GLN H 72 15.24 32.08 52.16
N TYR H 73 16.57 32.09 52.19
CA TYR H 73 17.37 31.78 51.00
C TYR H 73 17.50 30.30 50.73
N ILE H 74 17.68 29.52 51.81
CA ILE H 74 17.73 28.08 51.73
C ILE H 74 16.46 27.55 51.07
N VAL H 75 15.32 28.06 51.52
CA VAL H 75 14.02 27.74 50.94
C VAL H 75 14.00 28.06 49.44
N LYS H 76 14.43 29.27 49.09
CA LYS H 76 14.37 29.73 47.70
C LYS H 76 15.20 28.82 46.83
N ALA H 77 16.39 28.48 47.35
CA ALA H 77 17.33 27.59 46.69
C ALA H 77 16.72 26.22 46.50
N ALA H 78 16.10 25.71 47.58
CA ALA H 78 15.45 24.40 47.55
C ALA H 78 14.35 24.33 46.49
N ASP H 79 13.59 25.41 46.35
CA ASP H 79 12.53 25.49 45.34
C ASP H 79 13.09 25.27 43.95
N GLU H 80 14.28 25.83 43.72
CA GLU H 80 14.95 25.68 42.43
C GLU H 80 15.34 24.23 42.20
N VAL H 81 15.81 23.57 43.25
CA VAL H 81 16.07 22.15 43.18
C VAL H 81 14.80 21.38 42.75
N ILE H 82 13.67 21.66 43.41
CA ILE H 82 12.35 21.11 43.10
C ILE H 82 11.89 21.34 41.65
N GLU H 83 12.19 22.53 41.12
CA GLU H 83 11.77 22.92 39.78
C GLU H 83 12.67 22.30 38.71
N GLY H 84 13.71 21.57 39.13
CA GLY H 84 14.62 20.85 38.23
C GLY H 84 15.80 21.65 37.71
N LYS H 85 16.03 22.80 38.33
CA LYS H 85 17.02 23.76 37.89
C LYS H 85 18.46 23.26 38.04
N TRP H 86 18.68 22.28 38.92
CA TRP H 86 20.04 21.93 39.30
C TRP H 86 20.34 20.43 39.21
N ASN H 87 19.78 19.75 38.22
CA ASN H 87 19.97 18.31 38.08
C ASN H 87 21.41 17.89 37.79
N ASP H 88 22.10 18.68 36.99
CA ASP H 88 23.50 18.42 36.65
C ASP H 88 24.44 18.51 37.84
N GLN H 89 23.98 19.14 38.92
CA GLN H 89 24.78 19.26 40.14
C GLN H 89 24.77 18.00 41.02
N PHE H 90 23.92 17.04 40.67
CA PHE H 90 23.84 15.79 41.43
C PHE H 90 24.62 14.65 40.75
N ILE H 91 25.84 14.44 41.22
CA ILE H 91 26.84 13.64 40.53
C ILE H 91 27.22 12.33 41.24
N VAL H 92 26.68 12.10 42.43
CA VAL H 92 27.04 10.87 43.16
C VAL H 92 26.40 9.68 42.48
N ASP H 93 27.03 8.52 42.63
CA ASP H 93 26.58 7.27 42.03
C ASP H 93 25.42 6.70 42.84
N PRO H 94 24.35 6.22 42.17
CA PRO H 94 23.23 5.60 42.90
C PRO H 94 23.63 4.32 43.63
N ILE H 95 24.63 3.62 43.11
CA ILE H 95 25.24 2.52 43.85
C ILE H 95 26.42 3.10 44.62
N GLN H 96 26.19 3.36 45.90
CA GLN H 96 27.18 3.99 46.76
C GLN H 96 27.12 3.38 48.15
N GLY H 97 28.27 3.36 48.84
CA GLY H 97 28.33 2.99 50.25
C GLY H 97 27.85 4.15 51.12
N GLY H 98 27.93 4.00 52.44
CA GLY H 98 27.56 5.09 53.36
C GLY H 98 26.07 5.34 53.51
N ALA H 99 25.27 4.38 53.03
CA ALA H 99 23.84 4.30 53.30
C ALA H 99 23.04 5.52 52.86
N GLY H 100 23.53 6.22 51.83
CA GLY H 100 22.82 7.37 51.26
C GLY H 100 23.31 8.71 51.75
N THR H 101 24.30 8.69 52.64
CA THR H 101 24.86 9.91 53.20
C THR H 101 25.34 10.89 52.14
N SER H 102 26.07 10.40 51.15
CA SER H 102 26.58 11.28 50.13
C SER H 102 25.47 11.84 49.25
N ILE H 103 24.40 11.06 49.05
CA ILE H 103 23.23 11.54 48.32
C ILE H 103 22.64 12.75 49.06
N ASN H 104 22.44 12.57 50.36
CA ASN H 104 21.90 13.60 51.22
C ASN H 104 22.78 14.84 51.19
N MET H 105 24.08 14.66 51.40
CA MET H 105 25.05 15.76 51.43
C MET H 105 25.16 16.44 50.06
N ASN H 106 25.03 15.68 48.98
CA ASN H 106 24.95 16.31 47.66
C ASN H 106 23.78 17.32 47.62
N ALA H 107 22.63 16.92 48.15
CA ALA H 107 21.51 17.85 48.31
C ALA H 107 21.90 19.04 49.20
N ASN H 108 22.46 18.74 50.37
CA ASN H 108 22.84 19.78 51.32
C ASN H 108 23.84 20.83 50.80
N GLU H 109 24.84 20.38 50.04
CA GLU H 109 25.90 21.23 49.52
C GLU H 109 25.37 22.06 48.37
N VAL H 110 24.64 21.41 47.46
CA VAL H 110 24.03 22.13 46.35
C VAL H 110 23.12 23.25 46.85
N ILE H 111 22.31 22.97 47.87
CA ILE H 111 21.41 23.98 48.41
C ILE H 111 22.09 25.12 49.20
N ALA H 112 23.12 24.78 49.97
CA ALA H 112 23.91 25.78 50.70
C ALA H 112 24.58 26.78 49.75
N ASN H 113 25.41 26.29 48.83
CA ASN H 113 26.10 27.12 47.85
C ASN H 113 25.20 28.02 47.01
N ARG H 114 24.04 27.52 46.59
CA ARG H 114 23.10 28.35 45.84
C ARG H 114 22.36 29.36 46.72
N ALA H 115 22.18 29.02 47.99
CA ALA H 115 21.59 29.98 48.92
C ALA H 115 22.57 31.11 49.18
N LEU H 116 23.85 30.76 49.38
CA LEU H 116 24.90 31.75 49.54
C LEU H 116 24.92 32.75 48.36
N GLU H 117 24.94 32.23 47.14
CA GLU H 117 24.97 33.05 45.94
C GLU H 117 23.76 33.97 45.86
N LEU H 118 22.57 33.41 46.11
CA LEU H 118 21.31 34.16 46.12
C LEU H 118 21.34 35.34 47.08
N MET H 119 22.07 35.23 48.19
CA MET H 119 22.15 36.33 49.16
C MET H 119 23.45 37.17 49.02
N GLY H 120 24.28 36.83 48.03
CA GLY H 120 25.41 37.65 47.66
C GLY H 120 26.76 37.30 48.25
N GLU H 121 26.85 36.21 49.01
CA GLU H 121 28.15 35.76 49.51
C GLU H 121 28.81 34.79 48.55
N GLU H 122 30.10 34.50 48.77
CA GLU H 122 30.86 33.52 47.99
C GLU H 122 30.39 32.09 48.25
N LYS H 123 30.42 31.24 47.22
CA LYS H 123 30.17 29.81 47.42
C LYS H 123 31.29 29.21 48.28
N GLY H 124 30.94 28.30 49.17
CA GLY H 124 31.94 27.62 49.97
C GLY H 124 32.17 28.27 51.31
N ASN H 125 31.63 29.48 51.46
CA ASN H 125 31.63 30.20 52.73
C ASN H 125 30.62 29.58 53.70
N TYR H 126 30.93 28.37 54.16
CA TYR H 126 30.04 27.61 55.04
C TYR H 126 30.01 28.15 56.49
N SER H 127 30.74 29.24 56.73
CA SER H 127 30.63 29.98 57.98
C SER H 127 29.24 30.64 58.09
N LYS H 128 28.76 31.17 56.95
CA LYS H 128 27.45 31.80 56.86
C LYS H 128 26.31 30.79 56.71
N ILE H 129 26.45 29.87 55.75
CA ILE H 129 25.44 28.83 55.52
C ILE H 129 26.10 27.46 55.40
N SER H 130 25.85 26.62 56.39
CA SER H 130 26.46 25.30 56.46
C SER H 130 25.57 24.22 55.85
N PRO H 131 26.13 23.42 54.93
CA PRO H 131 25.49 22.20 54.49
C PRO H 131 25.05 21.37 55.70
N ASN H 132 25.90 21.28 56.70
CA ASN H 132 25.59 20.46 57.84
C ASN H 132 24.71 21.11 58.89
N SER H 133 25.11 22.28 59.37
CA SER H 133 24.43 22.98 60.46
C SER H 133 23.10 23.61 60.04
N HIS H 134 22.98 24.00 58.77
CA HIS H 134 21.80 24.75 58.33
C HIS H 134 20.88 23.96 57.42
N VAL H 135 21.41 23.53 56.28
CA VAL H 135 20.60 22.85 55.29
C VAL H 135 20.12 21.50 55.84
N ASN H 136 20.97 20.86 56.64
CA ASN H 136 20.68 19.53 57.19
C ASN H 136 20.23 19.57 58.67
N MET H 137 19.85 20.76 59.14
CA MET H 137 19.45 20.94 60.54
C MET H 137 18.25 20.10 60.95
N SER H 138 18.39 19.47 62.13
CA SER H 138 17.34 18.63 62.72
C SER H 138 17.15 17.31 61.97
N GLN H 139 18.03 17.03 61.02
CA GLN H 139 17.91 15.85 60.15
C GLN H 139 19.11 14.92 60.23
N SER H 140 18.89 13.67 59.82
CA SER H 140 19.93 12.69 59.68
C SER H 140 19.89 12.18 58.24
N THR H 141 20.89 11.40 57.84
CA THR H 141 20.85 10.68 56.56
C THR H 141 19.69 9.68 56.62
N ASN H 142 19.54 9.05 57.78
CA ASN H 142 18.63 7.92 57.99
C ASN H 142 17.15 8.28 58.06
N ASP H 143 16.85 9.58 57.99
CA ASP H 143 15.45 9.99 57.88
C ASP H 143 15.19 10.84 56.63
N ALA H 144 16.10 11.76 56.31
CA ALA H 144 15.97 12.60 55.14
C ALA H 144 16.06 11.78 53.85
N PHE H 145 17.05 10.89 53.79
CA PHE H 145 17.21 9.99 52.64
C PHE H 145 16.00 9.04 52.40
N PRO H 146 15.55 8.27 53.41
CA PRO H 146 14.39 7.47 53.06
C PRO H 146 13.15 8.30 52.75
N THR H 147 13.01 9.46 53.40
CA THR H 147 11.77 10.25 53.22
C THR H 147 11.66 10.74 51.79
N ALA H 148 12.77 11.26 51.28
CA ALA H 148 12.87 11.64 49.88
C ALA H 148 12.56 10.46 48.97
N THR H 149 13.13 9.29 49.27
CA THR H 149 12.85 8.11 48.47
C THR H 149 11.36 7.77 48.50
N HIS H 150 10.76 7.72 49.70
CA HIS H 150 9.31 7.47 49.80
C HIS H 150 8.53 8.41 48.90
N ILE H 151 8.83 9.71 48.96
CA ILE H 151 8.16 10.68 48.09
C ILE H 151 8.36 10.36 46.59
N ALA H 152 9.62 10.15 46.19
CA ALA H 152 9.96 9.89 44.78
C ALA H 152 9.25 8.66 44.25
N VAL H 153 9.29 7.59 45.02
CA VAL H 153 8.68 6.34 44.61
C VAL H 153 7.15 6.49 44.48
N LEU H 154 6.53 7.14 45.47
CA LEU H 154 5.11 7.40 45.38
C LEU H 154 4.77 8.17 44.10
N SER H 155 5.52 9.23 43.81
CA SER H 155 5.27 9.99 42.58
C SER H 155 5.44 9.14 41.32
N LEU H 156 6.56 8.41 41.25
CA LEU H 156 6.77 7.55 40.10
C LEU H 156 5.71 6.46 39.99
N LEU H 157 5.26 5.94 41.13
CA LEU H 157 4.17 4.94 41.16
C LEU H 157 2.84 5.48 40.61
N ASN H 158 2.47 6.72 40.96
CA ASN H 158 1.24 7.33 40.44
C ASN H 158 1.22 7.52 38.92
N GLN H 159 2.39 7.82 38.36
CA GLN H 159 2.61 7.92 36.92
C GLN H 159 2.49 6.54 36.24
N LEU H 160 3.02 5.51 36.88
CA LEU H 160 2.90 4.13 36.37
C LEU H 160 1.44 3.68 36.38
N ILE H 161 0.75 3.90 37.49
CA ILE H 161 -0.66 3.57 37.59
C ILE H 161 -1.49 4.25 36.45
N GLU H 162 -1.27 5.56 36.28
CA GLU H 162 -1.86 6.30 35.16
C GLU H 162 -1.63 5.56 33.83
N THR H 163 -0.36 5.33 33.50
CA THR H 163 0.02 4.68 32.26
C THR H 163 -0.54 3.25 32.16
N THR H 164 -0.43 2.47 33.23
CA THR H 164 -0.90 1.10 33.21
C THR H 164 -2.43 1.06 33.02
N LYS H 165 -3.13 2.03 33.62
CA LYS H 165 -4.58 2.13 33.44
C LYS H 165 -4.92 2.41 31.98
N TYR H 166 -4.15 3.31 31.37
CA TYR H 166 -4.35 3.67 29.96
C TYR H 166 -4.16 2.43 29.05
N MET H 167 -3.12 1.66 29.33
CA MET H 167 -2.82 0.44 28.60
C MET H 167 -3.93 -0.60 28.79
N GLN H 168 -4.44 -0.73 30.01
CA GLN H 168 -5.53 -1.65 30.28
C GLN H 168 -6.78 -1.31 29.46
N GLN H 169 -7.15 -0.02 29.39
CA GLN H 169 -8.29 0.42 28.61
C GLN H 169 -8.16 0.07 27.13
N GLU H 170 -6.94 0.17 26.60
CA GLU H 170 -6.72 -0.12 25.18
C GLU H 170 -6.73 -1.63 24.92
N PHE H 171 -6.29 -2.41 25.92
CA PHE H 171 -6.52 -3.87 25.92
C PHE H 171 -8.02 -4.18 25.89
N MET H 172 -8.79 -3.55 26.79
CA MET H 172 -10.25 -3.73 26.82
C MET H 172 -10.94 -3.36 25.51
N LYS H 173 -10.46 -2.31 24.82
CA LYS H 173 -11.02 -1.88 23.53
C LYS H 173 -10.73 -2.87 22.43
N LYS H 174 -9.61 -3.60 22.56
CA LYS H 174 -9.26 -4.62 21.57
C LYS H 174 -10.10 -5.89 21.77
N ALA H 175 -10.40 -6.21 23.02
CA ALA H 175 -11.28 -7.32 23.31
C ALA H 175 -12.65 -7.10 22.66
N ASP H 176 -13.13 -5.85 22.69
CA ASP H 176 -14.42 -5.49 22.12
C ASP H 176 -14.39 -5.54 20.58
N GLU H 177 -13.29 -5.05 20.01
CA GLU H 177 -13.06 -5.11 18.58
C GLU H 177 -13.07 -6.57 18.08
N PHE H 178 -12.44 -7.45 18.83
CA PHE H 178 -12.33 -8.87 18.45
C PHE H 178 -13.37 -9.75 19.14
N ALA H 179 -14.42 -9.14 19.70
CA ALA H 179 -15.50 -9.87 20.38
C ALA H 179 -16.12 -10.98 19.53
N GLY H 180 -16.07 -10.82 18.21
CA GLY H 180 -16.75 -11.76 17.32
C GLY H 180 -15.77 -12.57 16.49
N VAL H 181 -14.49 -12.44 16.77
CA VAL H 181 -13.48 -13.10 15.98
C VAL H 181 -13.17 -14.50 16.54
N ILE H 182 -13.81 -15.50 15.94
CA ILE H 182 -13.67 -16.89 16.33
C ILE H 182 -12.30 -17.50 15.92
N LYS H 183 -11.69 -18.23 16.86
CA LYS H 183 -10.43 -18.96 16.59
C LYS H 183 -10.40 -20.30 17.35
N MET H 184 -9.30 -21.05 17.20
CA MET H 184 -9.11 -22.27 17.98
C MET H 184 -8.31 -22.00 19.26
N GLY H 185 -8.86 -22.46 20.38
CA GLY H 185 -8.13 -22.43 21.65
C GLY H 185 -7.04 -23.48 21.64
N ARG H 186 -6.01 -23.28 22.46
CA ARG H 186 -4.92 -24.24 22.59
C ARG H 186 -4.55 -24.47 24.06
N THR H 187 -4.35 -25.72 24.44
CA THR H 187 -3.81 -26.07 25.77
C THR H 187 -2.70 -27.08 25.54
N HIS H 188 -1.56 -26.88 26.21
CA HIS H 188 -0.30 -27.63 25.94
C HIS H 188 0.24 -27.34 24.51
N LEU H 189 -0.11 -26.18 23.97
CA LEU H 189 0.12 -25.83 22.56
C LEU H 189 -0.56 -26.78 21.56
N GLN H 190 -1.60 -27.46 22.04
CA GLN H 190 -2.30 -28.48 21.26
C GLN H 190 -3.73 -27.99 20.96
N ASP H 191 -4.20 -28.18 19.73
CA ASP H 191 -5.56 -27.77 19.31
C ASP H 191 -6.63 -28.23 20.31
N ALA H 192 -7.41 -27.31 20.84
CA ALA H 192 -8.39 -27.70 21.85
C ALA H 192 -9.82 -27.49 21.39
N VAL H 193 -10.49 -26.47 21.93
CA VAL H 193 -11.88 -26.16 21.60
C VAL H 193 -11.97 -24.67 21.24
N PRO H 194 -13.00 -24.26 20.46
CA PRO H 194 -13.05 -22.87 19.96
C PRO H 194 -13.09 -21.82 21.07
N ILE H 195 -12.55 -20.64 20.78
CA ILE H 195 -12.55 -19.52 21.72
C ILE H 195 -12.60 -18.26 20.87
N LEU H 196 -13.19 -17.19 21.38
CA LEU H 196 -13.12 -15.92 20.67
C LEU H 196 -11.73 -15.32 20.90
N LEU H 197 -11.26 -14.54 19.93
CA LEU H 197 -10.04 -13.75 20.10
C LEU H 197 -10.25 -12.73 21.20
N GLY H 198 -11.44 -12.13 21.22
CA GLY H 198 -11.81 -11.13 22.23
C GLY H 198 -11.76 -11.65 23.66
N GLN H 199 -12.04 -12.94 23.84
CA GLN H 199 -12.02 -13.55 25.16
C GLN H 199 -10.60 -13.60 25.69
N GLU H 200 -9.68 -14.03 24.82
CA GLU H 200 -8.25 -13.95 25.11
C GLU H 200 -7.82 -12.52 25.51
N PHE H 201 -8.20 -11.53 24.72
CA PHE H 201 -7.86 -10.15 25.07
C PHE H 201 -8.52 -9.67 26.35
N GLU H 202 -9.73 -10.14 26.64
CA GLU H 202 -10.38 -9.76 27.90
C GLU H 202 -9.65 -10.37 29.09
N ALA H 203 -9.07 -11.55 28.89
CA ALA H 203 -8.31 -12.22 29.93
C ALA H 203 -7.03 -11.45 30.22
N TYR H 204 -6.52 -10.75 29.21
CA TYR H 204 -5.34 -9.89 29.37
C TYR H 204 -5.74 -8.61 30.11
N ALA H 205 -6.83 -7.98 29.69
CA ALA H 205 -7.29 -6.77 30.35
C ALA H 205 -7.57 -7.00 31.85
N ARG H 206 -8.18 -8.13 32.19
CA ARG H 206 -8.51 -8.40 33.60
C ARG H 206 -7.29 -8.65 34.46
N VAL H 207 -6.28 -9.33 33.93
CA VAL H 207 -5.08 -9.58 34.73
C VAL H 207 -4.30 -8.29 34.98
N ILE H 208 -4.30 -7.40 33.99
CA ILE H 208 -3.68 -6.09 34.12
C ILE H 208 -4.51 -5.28 35.11
N ALA H 209 -5.82 -5.47 35.08
CA ALA H 209 -6.71 -4.82 36.05
C ALA H 209 -6.31 -5.21 37.47
N ARG H 210 -6.05 -6.49 37.70
CA ARG H 210 -5.62 -6.97 39.02
C ARG H 210 -4.21 -6.44 39.44
N ASP H 211 -3.31 -6.29 38.45
CA ASP H 211 -1.99 -5.68 38.68
C ASP H 211 -2.04 -4.23 39.15
N ILE H 212 -2.83 -3.41 38.46
CA ILE H 212 -3.12 -2.04 38.88
C ILE H 212 -3.61 -2.00 40.32
N GLU H 213 -4.52 -2.90 40.65
CA GLU H 213 -5.04 -3.03 42.01
C GLU H 213 -3.88 -3.30 43.00
N ARG H 214 -3.10 -4.36 42.75
CA ARG H 214 -1.96 -4.72 43.60
C ARG H 214 -0.91 -3.62 43.74
N ILE H 215 -0.59 -2.96 42.63
CA ILE H 215 0.46 -1.97 42.58
C ILE H 215 0.00 -0.76 43.36
N ALA H 216 -1.25 -0.39 43.18
CA ALA H 216 -1.81 0.75 43.90
C ALA H 216 -1.83 0.53 45.42
N ASN H 217 -2.20 -0.67 45.86
CA ASN H 217 -2.26 -0.96 47.30
C ASN H 217 -0.90 -0.94 48.02
N THR H 218 0.19 -0.81 47.25
CA THR H 218 1.51 -0.76 47.83
C THR H 218 1.89 0.65 48.23
N ARG H 219 1.15 1.64 47.75
CA ARG H 219 1.39 3.02 48.08
C ARG H 219 1.17 3.29 49.56
N ASN H 220 0.29 2.53 50.20
CA ASN H 220 -0.13 2.91 51.54
C ASN H 220 0.99 2.82 52.59
N ASN H 221 1.78 1.75 52.55
CA ASN H 221 2.84 1.56 53.53
C ASN H 221 3.95 2.55 53.35
N LEU H 222 4.05 3.11 52.13
CA LEU H 222 5.02 4.15 51.82
C LEU H 222 4.58 5.51 52.34
N TYR H 223 3.28 5.68 52.60
CA TYR H 223 2.78 6.94 53.18
C TYR H 223 3.33 7.20 54.58
N ASP H 224 3.61 6.13 55.33
CA ASP H 224 4.28 6.23 56.63
C ASP H 224 5.76 6.57 56.50
N ILE H 225 6.14 7.75 56.99
CA ILE H 225 7.53 8.24 56.92
C ILE H 225 8.14 8.45 58.32
N ASN H 226 9.46 8.46 58.38
CA ASN H 226 10.17 8.54 59.66
C ASN H 226 10.89 9.86 59.89
N MET H 227 10.43 10.90 59.22
CA MET H 227 11.04 12.21 59.40
C MET H 227 10.91 12.64 60.85
N GLY H 228 12.04 12.79 61.52
CA GLY H 228 12.06 13.22 62.90
C GLY H 228 12.74 12.19 63.76
N ALA H 229 13.03 11.05 63.13
CA ALA H 229 13.60 9.89 63.81
C ALA H 229 15.03 10.16 64.27
N THR H 230 15.73 11.02 63.53
CA THR H 230 17.19 11.19 63.66
C THR H 230 17.97 9.90 63.34
N ALA H 231 18.96 9.55 64.17
CA ALA H 231 19.97 8.57 63.78
C ALA H 231 19.49 7.11 63.79
N VAL H 232 18.55 6.82 64.66
CA VAL H 232 18.23 5.44 65.00
C VAL H 232 16.72 5.28 65.10
N GLY H 233 16.02 6.41 65.16
CA GLY H 233 14.58 6.44 65.35
C GLY H 233 14.14 6.77 66.76
N THR H 234 15.07 7.19 67.61
CA THR H 234 14.73 7.56 68.97
C THR H 234 14.24 8.99 69.03
N GLY H 235 14.79 9.85 68.18
CA GLY H 235 14.38 11.24 68.13
C GLY H 235 15.00 12.03 69.27
N LEU H 236 16.20 11.63 69.68
CA LEU H 236 17.00 12.35 70.66
C LEU H 236 17.11 13.84 70.32
N ASN H 237 16.67 14.68 71.25
CA ASN H 237 16.73 16.14 71.12
C ASN H 237 15.83 16.74 70.05
N ALA H 238 15.11 15.91 69.31
CA ALA H 238 14.16 16.42 68.32
C ALA H 238 12.94 17.06 69.00
N ASP H 239 12.52 18.21 68.48
CA ASP H 239 11.33 18.92 68.95
C ASP H 239 10.10 18.26 68.33
N PRO H 240 9.18 17.70 69.16
CA PRO H 240 7.94 17.10 68.67
C PRO H 240 7.17 17.99 67.70
N GLU H 241 7.28 19.31 67.90
CA GLU H 241 6.69 20.30 66.99
C GLU H 241 7.38 20.30 65.63
N TYR H 242 8.71 20.35 65.63
CA TYR H 242 9.46 20.17 64.40
C TYR H 242 8.93 18.96 63.61
N ILE H 243 8.80 17.82 64.29
CA ILE H 243 8.35 16.57 63.68
C ILE H 243 6.96 16.73 63.09
N SER H 244 6.07 17.28 63.90
CA SER H 244 4.69 17.51 63.52
C SER H 244 4.56 18.48 62.32
N ILE H 245 5.40 19.52 62.28
CA ILE H 245 5.32 20.54 61.24
C ILE H 245 5.98 20.06 59.94
N VAL H 246 7.17 19.48 60.04
CA VAL H 246 7.87 19.01 58.86
C VAL H 246 7.09 17.92 58.11
N THR H 247 6.36 17.08 58.85
CA THR H 247 5.51 16.06 58.24
C THR H 247 4.41 16.69 57.39
N GLU H 248 3.67 17.61 57.99
CA GLU H 248 2.57 18.31 57.33
C GLU H 248 3.08 19.08 56.10
N HIS H 249 4.20 19.80 56.25
CA HIS H 249 4.84 20.45 55.09
C HIS H 249 5.12 19.43 53.97
N LEU H 250 5.76 18.32 54.33
CA LEU H 250 6.13 17.26 53.40
C LEU H 250 4.95 16.66 52.62
N ALA H 251 3.77 16.63 53.22
CA ALA H 251 2.59 16.14 52.53
C ALA H 251 2.11 17.20 51.54
N LYS H 252 2.05 18.44 52.01
CA LYS H 252 1.54 19.55 51.22
C LYS H 252 2.36 19.75 49.95
N PHE H 253 3.68 19.88 50.10
CA PHE H 253 4.53 20.19 48.95
C PHE H 253 4.80 19.01 48.05
N SER H 254 4.48 17.80 48.51
CA SER H 254 4.72 16.60 47.71
C SER H 254 3.46 16.09 47.03
N GLY H 255 2.30 16.43 47.59
CA GLY H 255 1.01 16.04 47.02
C GLY H 255 0.51 14.68 47.48
N HIS H 256 1.23 14.06 48.42
CA HIS H 256 0.88 12.75 48.96
C HIS H 256 0.31 12.85 50.38
N PRO H 257 -0.62 11.96 50.75
CA PRO H 257 -1.14 12.02 52.11
C PRO H 257 -0.22 11.35 53.12
N LEU H 258 0.94 11.98 53.39
CA LEU H 258 1.96 11.39 54.26
C LEU H 258 1.59 11.37 55.76
N ARG H 259 2.09 10.38 56.48
CA ARG H 259 1.78 10.18 57.88
C ARG H 259 3.07 9.88 58.62
N SER H 260 3.23 10.44 59.81
CA SER H 260 4.41 10.14 60.61
C SER H 260 4.22 8.73 61.17
N ALA H 261 5.18 7.86 60.91
CA ALA H 261 5.10 6.46 61.35
C ALA H 261 4.82 6.40 62.84
N GLN H 262 4.03 5.41 63.28
CA GLN H 262 3.63 5.33 64.68
C GLN H 262 4.79 4.90 65.57
N HIS H 263 5.76 4.20 64.98
CA HIS H 263 6.95 3.77 65.67
C HIS H 263 8.13 4.09 64.76
N LEU H 264 8.85 5.15 65.11
CA LEU H 264 9.94 5.66 64.27
C LEU H 264 11.13 4.72 64.16
N VAL H 265 11.40 3.99 65.24
CA VAL H 265 12.45 2.97 65.25
C VAL H 265 12.14 1.95 64.16
N ASP H 266 10.98 1.29 64.29
CA ASP H 266 10.43 0.45 63.24
C ASP H 266 10.60 1.06 61.82
N ALA H 267 10.21 2.32 61.66
CA ALA H 267 10.30 2.98 60.36
C ALA H 267 11.74 3.23 59.90
N THR H 268 12.68 3.34 60.85
CA THR H 268 14.05 3.65 60.51
C THR H 268 14.82 2.40 60.06
N GLN H 269 14.43 1.25 60.59
CA GLN H 269 15.21 0.02 60.40
C GLN H 269 14.56 -1.04 59.50
N ASN H 270 13.23 -1.04 59.41
CA ASN H 270 12.55 -1.98 58.49
C ASN H 270 12.42 -1.45 57.05
N THR H 271 12.48 -2.36 56.08
CA THR H 271 12.44 -1.97 54.69
C THR H 271 11.37 -2.72 53.89
N ASP H 272 10.45 -3.36 54.61
CA ASP H 272 9.42 -4.18 54.00
C ASP H 272 8.52 -3.45 52.98
N CYS H 273 8.38 -2.13 53.11
CA CYS H 273 7.55 -1.37 52.17
C CYS H 273 8.13 -1.40 50.76
N TYR H 274 9.45 -1.40 50.64
CA TYR H 274 10.10 -1.35 49.33
C TYR H 274 9.96 -2.67 48.58
N THR H 275 10.23 -3.78 49.26
CA THR H 275 10.11 -5.10 48.66
C THR H 275 8.67 -5.41 48.27
N GLU H 276 7.71 -4.95 49.08
CA GLU H 276 6.31 -4.95 48.74
C GLU H 276 6.05 -4.36 47.35
N VAL H 277 6.53 -3.15 47.11
CA VAL H 277 6.37 -2.51 45.82
C VAL H 277 6.98 -3.38 44.74
N SER H 278 8.21 -3.83 44.98
CA SER H 278 8.96 -4.63 44.00
C SER H 278 8.19 -5.89 43.61
N SER H 279 7.73 -6.62 44.64
CA SER H 279 6.94 -7.82 44.44
C SER H 279 5.75 -7.58 43.52
N ALA H 280 5.00 -6.51 43.77
CA ALA H 280 3.82 -6.21 42.98
C ALA H 280 4.16 -5.90 41.52
N LEU H 281 5.28 -5.22 41.30
CA LEU H 281 5.77 -4.92 39.95
C LEU H 281 6.23 -6.17 39.21
N LYS H 282 6.95 -7.03 39.93
CA LYS H 282 7.43 -8.30 39.40
C LYS H 282 6.26 -9.13 38.90
N VAL H 283 5.24 -9.28 39.75
CA VAL H 283 4.04 -10.04 39.38
C VAL H 283 3.42 -9.49 38.09
N CYS H 284 3.28 -8.17 38.03
CA CYS H 284 2.76 -7.51 36.86
C CYS H 284 3.56 -7.84 35.62
N MET H 285 4.88 -7.79 35.70
CA MET H 285 5.70 -8.10 34.53
C MET H 285 5.63 -9.58 34.16
N ILE H 286 5.42 -10.44 35.16
CA ILE H 286 5.17 -11.85 34.89
C ILE H 286 4.01 -11.96 33.92
N ASN H 287 2.94 -11.23 34.21
CA ASN H 287 1.74 -11.26 33.39
C ASN H 287 1.96 -10.64 32.05
N MET H 288 2.74 -9.57 32.01
CA MET H 288 2.97 -8.85 30.76
C MET H 288 3.82 -9.68 29.82
N SER H 289 4.80 -10.39 30.40
CA SER H 289 5.72 -11.19 29.61
C SER H 289 4.96 -12.33 28.95
N LYS H 290 4.11 -12.97 29.76
CA LYS H 290 3.25 -14.04 29.29
C LYS H 290 2.38 -13.54 28.16
N ILE H 291 1.82 -12.32 28.31
CA ILE H 291 0.94 -11.76 27.27
C ILE H 291 1.73 -11.53 26.00
N ALA H 292 2.93 -10.98 26.14
CA ALA H 292 3.82 -10.72 24.99
C ALA H 292 4.24 -12.00 24.27
N ASN H 293 4.53 -13.06 25.04
CA ASN H 293 4.83 -14.37 24.43
C ASN H 293 3.70 -14.82 23.52
N ASP H 294 2.45 -14.70 23.96
CA ASP H 294 1.30 -15.05 23.13
C ASP H 294 1.31 -14.19 21.89
N LEU H 295 1.30 -12.87 22.07
CA LEU H 295 1.25 -11.97 20.94
C LEU H 295 2.29 -12.37 19.89
N ARG H 296 3.51 -12.65 20.34
CA ARG H 296 4.59 -13.08 19.44
C ARG H 296 4.24 -14.39 18.71
N LEU H 297 3.62 -15.32 19.43
CA LEU H 297 3.21 -16.56 18.79
C LEU H 297 2.08 -16.30 17.79
N MET H 298 1.11 -15.50 18.22
CA MET H 298 -0.02 -15.20 17.38
C MET H 298 0.40 -14.44 16.13
N ALA H 299 1.51 -13.71 16.22
CA ALA H 299 2.00 -12.95 15.08
C ALA H 299 2.96 -13.73 14.17
N SER H 300 3.40 -14.90 14.63
CA SER H 300 4.34 -15.74 13.85
C SER H 300 3.82 -16.03 12.45
N GLY H 301 4.72 -16.38 11.55
CA GLY H 301 4.41 -16.63 10.16
C GLY H 301 5.40 -15.86 9.31
N PRO H 302 4.97 -15.37 8.14
CA PRO H 302 3.58 -15.33 7.64
C PRO H 302 3.06 -16.62 7.00
N ARG H 303 3.96 -17.57 6.69
CA ARG H 303 3.54 -18.82 6.05
C ARG H 303 3.76 -20.11 6.87
N ALA H 304 4.78 -20.15 7.74
CA ALA H 304 5.02 -21.37 8.52
C ALA H 304 4.74 -21.20 10.02
N GLY H 305 3.91 -20.21 10.34
CA GLY H 305 3.54 -19.92 11.72
C GLY H 305 2.04 -19.84 11.90
N LEU H 306 1.61 -19.30 13.05
CA LEU H 306 0.19 -19.24 13.40
C LEU H 306 -0.55 -18.14 12.64
N SER H 307 0.11 -17.01 12.43
CA SER H 307 -0.48 -15.86 11.71
C SER H 307 -1.92 -15.56 12.11
N GLU H 308 -2.18 -15.50 13.41
CA GLU H 308 -3.53 -15.17 13.86
C GLU H 308 -3.74 -13.65 13.86
N ILE H 309 -2.70 -12.90 14.23
CA ILE H 309 -2.80 -11.42 14.28
C ILE H 309 -1.72 -10.70 13.48
N VAL H 310 -1.97 -9.44 13.13
CA VAL H 310 -0.95 -8.62 12.48
C VAL H 310 -0.63 -7.45 13.42
N LEU H 311 0.66 -7.33 13.76
CA LEU H 311 1.16 -6.20 14.56
C LEU H 311 1.68 -5.12 13.62
N PRO H 312 1.51 -3.83 13.98
CA PRO H 312 2.06 -2.80 13.10
C PRO H 312 3.54 -3.03 12.90
N ALA H 313 4.01 -2.80 11.68
CA ALA H 313 5.43 -2.89 11.40
C ALA H 313 6.14 -1.71 12.09
N ARG H 314 7.21 -2.00 12.83
CA ARG H 314 7.93 -0.98 13.60
C ARG H 314 9.43 -0.99 13.30
N GLN H 315 9.82 -1.85 12.38
CA GLN H 315 11.19 -2.07 12.03
C GLN H 315 11.23 -2.08 10.53
N PRO H 316 12.15 -1.32 9.93
CA PRO H 316 12.34 -1.43 8.47
C PRO H 316 12.60 -2.88 8.07
N GLY H 317 11.83 -3.38 7.11
CA GLY H 317 12.07 -4.73 6.57
C GLY H 317 12.96 -4.66 5.34
N SER H 318 13.16 -5.82 4.69
CA SER H 318 13.87 -5.85 3.41
C SER H 318 12.87 -6.06 2.28
N SER H 319 13.19 -5.52 1.10
CA SER H 319 12.36 -5.75 -0.08
C SER H 319 12.40 -7.20 -0.56
N ILE H 320 13.50 -7.89 -0.24
CA ILE H 320 13.77 -9.28 -0.69
C ILE H 320 13.11 -10.36 0.19
N MET H 321 12.55 -9.94 1.33
CA MET H 321 11.88 -10.82 2.27
C MET H 321 10.64 -10.13 2.79
N PRO H 322 9.71 -9.78 1.88
CA PRO H 322 8.50 -9.13 2.37
C PRO H 322 7.71 -10.13 3.22
N GLY H 323 6.78 -9.65 4.01
CA GLY H 323 5.99 -10.52 4.88
C GLY H 323 6.65 -10.87 6.21
N LYS H 324 7.97 -10.75 6.29
CA LYS H 324 8.68 -11.01 7.55
C LYS H 324 8.56 -9.79 8.46
N VAL H 325 7.74 -9.91 9.50
CA VAL H 325 7.54 -8.76 10.41
C VAL H 325 7.81 -9.13 11.87
N ASN H 326 9.00 -8.81 12.34
CA ASN H 326 9.41 -9.14 13.68
C ASN H 326 8.64 -8.36 14.73
N PRO H 327 8.12 -9.06 15.75
CA PRO H 327 7.29 -8.47 16.80
C PRO H 327 8.13 -7.74 17.85
N VAL H 328 8.79 -6.66 17.45
CA VAL H 328 9.81 -6.03 18.28
C VAL H 328 9.26 -5.41 19.57
N MET H 329 8.03 -4.93 19.52
CA MET H 329 7.43 -4.30 20.69
C MET H 329 7.17 -5.29 21.82
N PRO H 330 6.45 -6.41 21.54
CA PRO H 330 6.39 -7.46 22.56
C PRO H 330 7.76 -7.98 23.01
N GLU H 331 8.75 -7.96 22.13
CA GLU H 331 10.09 -8.41 22.50
C GLU H 331 10.69 -7.54 23.60
N VAL H 332 10.61 -6.21 23.42
CA VAL H 332 11.18 -5.30 24.39
C VAL H 332 10.36 -5.38 25.68
N MET H 333 9.07 -5.67 25.54
CA MET H 333 8.23 -5.98 26.68
C MET H 333 8.79 -7.14 27.51
N ASN H 334 9.16 -8.25 26.84
CA ASN H 334 9.72 -9.42 27.51
C ASN H 334 11.01 -9.10 28.26
N GLN H 335 11.85 -8.27 27.64
CA GLN H 335 13.18 -8.01 28.17
C GLN H 335 13.10 -7.14 29.41
N VAL H 336 12.17 -6.19 29.42
CA VAL H 336 11.94 -5.37 30.62
C VAL H 336 11.38 -6.26 31.73
N ALA H 337 10.52 -7.20 31.35
CA ALA H 337 10.06 -8.19 32.29
C ALA H 337 11.27 -8.89 32.92
N PHE H 338 12.22 -9.33 32.09
CA PHE H 338 13.40 -10.02 32.60
C PHE H 338 14.21 -9.09 33.48
N GLN H 339 14.40 -7.86 33.01
CA GLN H 339 15.01 -6.80 33.81
C GLN H 339 14.39 -6.69 35.23
N VAL H 340 13.07 -6.61 35.30
CA VAL H 340 12.40 -6.38 36.58
C VAL H 340 12.57 -7.57 37.55
N PHE H 341 12.62 -8.79 37.01
CA PHE H 341 12.81 -10.00 37.81
C PHE H 341 14.12 -9.92 38.59
N GLY H 342 15.18 -9.50 37.90
CA GLY H 342 16.52 -9.40 38.48
C GLY H 342 16.66 -8.28 39.48
N ASN H 343 16.17 -7.09 39.10
CA ASN H 343 16.05 -5.99 40.03
C ASN H 343 15.38 -6.48 41.32
N ASP H 344 14.38 -7.35 41.18
CA ASP H 344 13.65 -7.81 42.35
C ASP H 344 14.47 -8.74 43.27
N LEU H 345 15.33 -9.56 42.69
CA LEU H 345 16.25 -10.36 43.50
C LEU H 345 17.21 -9.40 44.21
N THR H 346 17.71 -8.42 43.48
CA THR H 346 18.62 -7.42 44.07
C THR H 346 17.94 -6.74 45.23
N ILE H 347 16.69 -6.33 45.02
CA ILE H 347 15.89 -5.71 46.07
C ILE H 347 15.71 -6.62 47.30
N THR H 348 15.39 -7.91 47.09
CA THR H 348 15.28 -8.92 48.13
C THR H 348 16.55 -9.02 48.97
N SER H 349 17.70 -9.17 48.29
CA SER H 349 19.01 -9.32 48.94
C SER H 349 19.42 -8.06 49.69
N ALA H 350 19.10 -6.89 49.17
CA ALA H 350 19.42 -5.65 49.87
C ALA H 350 18.58 -5.56 51.16
N SER H 351 17.30 -5.89 51.03
CA SER H 351 16.40 -5.88 52.15
C SER H 351 16.85 -6.86 53.23
N GLU H 352 17.16 -8.11 52.88
CA GLU H 352 17.54 -9.07 53.92
C GLU H 352 18.87 -8.68 54.59
N ALA H 353 19.62 -7.81 53.92
CA ALA H 353 20.95 -7.37 54.40
C ALA H 353 20.95 -6.45 55.63
N GLY H 354 19.81 -5.82 55.93
CA GLY H 354 19.67 -4.93 57.09
C GLY H 354 20.25 -5.46 58.39
N GLN H 355 20.86 -4.58 59.18
CA GLN H 355 21.42 -4.98 60.48
C GLN H 355 21.07 -3.97 61.58
N PHE H 356 20.45 -4.45 62.66
CA PHE H 356 20.08 -3.59 63.78
C PHE H 356 19.34 -2.36 63.26
N GLU H 357 19.78 -1.16 63.63
CA GLU H 357 18.97 0.04 63.46
C GLU H 357 18.96 0.66 62.06
N LEU H 358 19.75 0.13 61.12
CA LEU H 358 19.79 0.71 59.76
C LEU H 358 20.14 -0.29 58.69
N ASN H 359 19.39 -0.28 57.59
CA ASN H 359 19.78 -1.07 56.43
C ASN H 359 20.66 -0.22 55.51
N VAL H 360 21.98 -0.43 55.61
CA VAL H 360 22.96 0.35 54.86
C VAL H 360 22.92 0.08 53.35
N MET H 361 22.26 -1.02 52.97
CA MET H 361 22.22 -1.47 51.57
C MET H 361 21.13 -0.83 50.69
N GLU H 362 20.45 0.18 51.23
CA GLU H 362 19.33 0.85 50.55
C GLU H 362 19.64 1.50 49.18
N PRO H 363 20.86 2.04 48.99
CA PRO H 363 21.06 2.74 47.71
C PRO H 363 20.80 1.86 46.49
N VAL H 364 21.31 0.62 46.53
CA VAL H 364 21.12 -0.32 45.43
C VAL H 364 19.67 -0.80 45.35
N LEU H 365 19.03 -0.93 46.51
CA LEU H 365 17.61 -1.23 46.56
C LEU H 365 16.77 -0.14 45.84
N PHE H 366 16.96 1.12 46.26
CA PHE H 366 16.27 2.26 45.66
C PHE H 366 16.59 2.48 44.18
N PHE H 367 17.87 2.33 43.81
CA PHE H 367 18.25 2.37 42.39
C PHE H 367 17.44 1.35 41.60
N ASN H 368 17.38 0.12 42.12
CA ASN H 368 16.64 -0.91 41.44
C ASN H 368 15.13 -0.68 41.44
N LEU H 369 14.59 -0.21 42.56
CA LEU H 369 13.16 0.02 42.67
C LEU H 369 12.73 1.12 41.73
N ILE H 370 13.53 2.18 41.67
CA ILE H 370 13.25 3.28 40.75
C ILE H 370 13.36 2.84 39.29
N GLN H 371 14.41 2.07 38.97
CA GLN H 371 14.60 1.59 37.60
C GLN H 371 13.36 0.83 37.14
N SER H 372 12.97 -0.18 37.93
CA SER H 372 11.78 -0.98 37.67
C SER H 372 10.57 -0.12 37.29
N ILE H 373 10.16 0.77 38.21
CA ILE H 373 8.97 1.59 37.99
C ILE H 373 9.14 2.40 36.73
N SER H 374 10.32 2.99 36.57
CA SER H 374 10.61 3.83 35.40
C SER H 374 10.56 3.08 34.07
N ILE H 375 11.17 1.91 34.00
CA ILE H 375 11.23 1.17 32.74
C ILE H 375 9.88 0.52 32.39
N MET H 376 9.11 0.17 33.42
CA MET H 376 7.77 -0.35 33.17
C MET H 376 6.90 0.76 32.56
N THR H 377 6.95 1.94 33.16
CA THR H 377 6.24 3.10 32.64
C THR H 377 6.61 3.33 31.16
N ASN H 378 7.91 3.45 30.88
CA ASN H 378 8.35 3.74 29.52
C ASN H 378 7.98 2.69 28.47
N VAL H 379 8.13 1.42 28.82
CA VAL H 379 7.79 0.34 27.90
C VAL H 379 6.27 0.23 27.72
N PHE H 380 5.49 0.31 28.81
CA PHE H 380 4.02 0.29 28.70
C PHE H 380 3.52 1.35 27.74
N LYS H 381 4.12 2.53 27.85
CA LYS H 381 3.74 3.67 27.03
C LYS H 381 4.01 3.41 25.56
N SER H 382 5.24 2.98 25.27
CA SER H 382 5.67 2.79 23.90
C SER H 382 4.97 1.60 23.27
N PHE H 383 4.79 0.53 24.04
CA PHE H 383 4.07 -0.64 23.59
C PHE H 383 2.64 -0.30 23.19
N THR H 384 1.97 0.52 24.00
CA THR H 384 0.59 0.88 23.76
C THR H 384 0.45 1.68 22.46
N GLU H 385 1.23 2.76 22.32
CA GLU H 385 1.18 3.60 21.12
C GLU H 385 1.69 2.94 19.83
N ASN H 386 2.67 2.04 19.94
CA ASN H 386 3.31 1.45 18.74
C ASN H 386 3.00 -0.02 18.46
N CYS H 387 2.05 -0.58 19.20
CA CYS H 387 1.65 -1.95 18.95
C CYS H 387 0.18 -2.17 19.30
N LEU H 388 -0.17 -2.08 20.59
CA LEU H 388 -1.48 -2.45 21.05
C LEU H 388 -2.60 -1.78 20.25
N LYS H 389 -2.59 -0.47 20.15
CA LYS H 389 -3.68 0.28 19.51
C LYS H 389 -4.00 -0.14 18.06
N GLY H 390 -2.99 -0.62 17.33
CA GLY H 390 -3.14 -0.97 15.91
C GLY H 390 -3.12 -2.44 15.54
N ILE H 391 -3.17 -3.33 16.54
CA ILE H 391 -3.28 -4.77 16.27
C ILE H 391 -4.52 -5.08 15.42
N LYS H 392 -4.34 -5.95 14.44
CA LYS H 392 -5.42 -6.43 13.59
C LYS H 392 -5.46 -7.95 13.57
N ALA H 393 -6.60 -8.49 13.16
CA ALA H 393 -6.85 -9.93 13.13
C ALA H 393 -6.95 -10.46 11.71
N ASN H 394 -6.41 -11.65 11.50
CA ASN H 394 -6.63 -12.38 10.27
C ASN H 394 -7.84 -13.30 10.49
N GLU H 395 -9.03 -12.71 10.46
CA GLU H 395 -10.29 -13.41 10.73
C GLU H 395 -10.48 -14.68 9.88
N GLU H 396 -10.17 -14.58 8.59
CA GLU H 396 -10.35 -15.71 7.68
C GLU H 396 -9.49 -16.91 8.08
N ARG H 397 -8.20 -16.65 8.29
CA ARG H 397 -7.24 -17.65 8.77
C ARG H 397 -7.75 -18.40 10.00
N MET H 398 -8.26 -17.67 10.97
CA MET H 398 -8.68 -18.27 12.22
C MET H 398 -9.99 -19.00 12.04
N LYS H 399 -10.83 -18.48 11.17
CA LYS H 399 -12.10 -19.10 10.84
C LYS H 399 -11.87 -20.50 10.30
N GLU H 400 -10.88 -20.68 9.43
CA GLU H 400 -10.65 -22.01 8.87
C GLU H 400 -9.87 -22.98 9.78
N TYR H 401 -9.14 -22.47 10.77
CA TYR H 401 -8.62 -23.34 11.84
C TYR H 401 -9.79 -24.02 12.55
N VAL H 402 -10.82 -23.25 12.86
CA VAL H 402 -12.06 -23.79 13.43
C VAL H 402 -12.71 -24.86 12.53
N GLU H 403 -13.13 -24.46 11.32
CA GLU H 403 -13.70 -25.38 10.34
C GLU H 403 -12.94 -26.71 10.26
N LYS H 404 -11.62 -26.64 10.12
CA LYS H 404 -10.82 -27.80 9.81
C LYS H 404 -10.37 -28.57 11.04
N SER H 405 -10.78 -28.13 12.22
CA SER H 405 -10.37 -28.78 13.46
C SER H 405 -11.22 -29.99 13.81
N ILE H 406 -10.64 -30.89 14.60
CA ILE H 406 -11.42 -31.96 15.22
C ILE H 406 -12.10 -31.39 16.45
N GLY H 407 -11.43 -30.46 17.13
CA GLY H 407 -11.94 -29.91 18.40
C GLY H 407 -13.42 -29.56 18.38
N ILE H 408 -13.86 -29.07 17.24
CA ILE H 408 -15.25 -28.65 17.00
C ILE H 408 -16.29 -29.75 17.29
N ILE H 409 -15.85 -31.01 17.32
CA ILE H 409 -16.71 -32.15 17.64
C ILE H 409 -17.35 -32.05 19.04
N THR H 410 -16.71 -31.27 19.92
CA THR H 410 -17.24 -31.03 21.27
C THR H 410 -18.57 -30.28 21.20
N ALA H 411 -18.70 -29.39 20.21
CA ALA H 411 -19.93 -28.62 20.01
C ALA H 411 -21.09 -29.52 19.56
N ILE H 412 -20.73 -30.65 18.96
CA ILE H 412 -21.69 -31.56 18.33
C ILE H 412 -22.02 -32.76 19.22
N ASN H 413 -21.05 -33.16 20.04
CA ASN H 413 -21.19 -34.27 20.99
C ASN H 413 -22.60 -34.47 21.57
N PRO H 414 -23.12 -33.52 22.38
CA PRO H 414 -24.37 -33.86 23.04
C PRO H 414 -25.61 -33.78 22.13
N HIS H 415 -25.41 -33.54 20.84
CA HIS H 415 -26.54 -33.50 19.89
C HIS H 415 -26.71 -34.80 19.12
N VAL H 416 -25.68 -35.66 19.19
CA VAL H 416 -25.65 -36.92 18.45
C VAL H 416 -25.16 -38.07 19.32
N GLY H 417 -25.03 -37.84 20.62
CA GLY H 417 -24.52 -38.85 21.55
C GLY H 417 -23.03 -39.14 21.37
N TYR H 418 -22.44 -39.85 22.32
CA TYR H 418 -21.00 -40.12 22.34
C TYR H 418 -20.55 -41.03 21.21
N GLU H 419 -21.20 -42.19 21.09
CA GLU H 419 -20.91 -43.20 20.08
C GLU H 419 -20.63 -42.58 18.70
N THR H 420 -21.58 -41.80 18.19
CA THR H 420 -21.48 -41.21 16.86
C THR H 420 -20.35 -40.17 16.75
N ALA H 421 -20.24 -39.33 17.77
CA ALA H 421 -19.20 -38.31 17.82
C ALA H 421 -17.80 -38.92 17.63
N ALA H 422 -17.53 -40.00 18.34
CA ALA H 422 -16.22 -40.64 18.29
C ALA H 422 -15.93 -41.29 16.92
N LYS H 423 -16.96 -41.87 16.30
CA LYS H 423 -16.86 -42.43 14.95
C LYS H 423 -16.65 -41.31 13.92
N LEU H 424 -17.32 -40.18 14.12
CA LEU H 424 -17.12 -38.97 13.31
C LEU H 424 -15.72 -38.41 13.45
N ALA H 425 -15.28 -38.24 14.69
CA ALA H 425 -13.94 -37.75 14.97
C ALA H 425 -12.88 -38.70 14.40
N ARG H 426 -13.07 -40.01 14.60
CA ARG H 426 -12.14 -41.00 14.05
C ARG H 426 -11.96 -40.84 12.55
N GLU H 427 -13.06 -40.60 11.83
CA GLU H 427 -12.97 -40.41 10.37
C GLU H 427 -12.37 -39.07 10.01
N ALA H 428 -12.76 -38.03 10.75
CA ALA H 428 -12.18 -36.69 10.58
C ALA H 428 -10.67 -36.79 10.68
N TYR H 429 -10.16 -37.37 11.76
CA TYR H 429 -8.72 -37.52 11.95
C TYR H 429 -8.07 -38.42 10.90
N LEU H 430 -8.84 -39.34 10.30
CA LEU H 430 -8.30 -40.26 9.30
C LEU H 430 -8.27 -39.69 7.88
N THR H 431 -9.37 -39.09 7.42
CA THR H 431 -9.51 -38.64 6.03
C THR H 431 -9.30 -37.14 5.84
N GLY H 432 -9.22 -36.40 6.95
CA GLY H 432 -9.08 -34.95 6.88
C GLY H 432 -10.38 -34.22 6.65
N GLU H 433 -11.42 -34.93 6.22
CA GLU H 433 -12.75 -34.35 5.97
C GLU H 433 -13.26 -33.59 7.20
N SER H 434 -13.85 -32.42 6.96
CA SER H 434 -14.33 -31.55 8.05
C SER H 434 -15.53 -32.13 8.79
N ILE H 435 -15.61 -31.92 10.10
CA ILE H 435 -16.70 -32.45 10.90
C ILE H 435 -18.08 -32.07 10.33
N ARG H 436 -18.18 -30.86 9.80
CA ARG H 436 -19.41 -30.37 9.21
C ARG H 436 -19.82 -31.21 8.00
N GLU H 437 -18.86 -31.54 7.14
CA GLU H 437 -19.17 -32.33 5.94
C GLU H 437 -19.59 -33.75 6.30
N LEU H 438 -18.91 -34.34 7.28
CA LEU H 438 -19.20 -35.69 7.78
C LEU H 438 -20.63 -35.82 8.30
N CYS H 439 -21.06 -34.86 9.13
CA CYS H 439 -22.41 -34.83 9.69
C CYS H 439 -23.50 -34.88 8.62
N ILE H 440 -23.22 -34.24 7.50
CA ILE H 440 -24.10 -34.27 6.33
C ILE H 440 -23.97 -35.62 5.60
N LYS H 441 -22.73 -36.08 5.39
CA LYS H 441 -22.46 -37.36 4.74
C LYS H 441 -23.25 -38.52 5.38
N TYR H 442 -23.34 -38.51 6.71
CA TYR H 442 -24.04 -39.55 7.45
C TYR H 442 -25.45 -39.14 7.89
N GLY H 443 -25.89 -37.97 7.40
CA GLY H 443 -27.23 -37.43 7.67
C GLY H 443 -27.58 -37.37 9.15
N VAL H 444 -26.58 -37.04 9.97
CA VAL H 444 -26.72 -37.11 11.42
C VAL H 444 -27.26 -35.80 12.02
N LEU H 445 -27.15 -34.72 11.25
CA LEU H 445 -27.67 -33.40 11.60
C LEU H 445 -27.95 -32.60 10.33
N THR H 446 -29.03 -31.82 10.36
CA THR H 446 -29.40 -30.97 9.22
C THR H 446 -28.49 -29.74 9.08
N GLU H 447 -28.38 -29.23 7.85
CA GLU H 447 -27.55 -28.04 7.58
C GLU H 447 -27.86 -26.85 8.48
N GLU H 448 -29.15 -26.57 8.67
CA GLU H 448 -29.62 -25.55 9.61
C GLU H 448 -29.08 -25.81 11.01
N GLN H 449 -29.20 -27.05 11.50
CA GLN H 449 -28.79 -27.41 12.86
C GLN H 449 -27.30 -27.18 13.11
N LEU H 450 -26.48 -27.42 12.10
CA LEU H 450 -25.04 -27.14 12.21
C LEU H 450 -24.77 -25.63 12.34
N ASN H 451 -25.58 -24.82 11.68
CA ASN H 451 -25.44 -23.36 11.75
C ASN H 451 -25.77 -22.79 13.13
N GLU H 452 -26.68 -23.47 13.84
CA GLU H 452 -27.06 -23.08 15.18
C GLU H 452 -26.10 -23.67 16.21
N ILE H 453 -25.62 -24.88 15.95
CA ILE H 453 -24.68 -25.53 16.86
C ILE H 453 -23.25 -24.96 16.73
N LEU H 454 -22.78 -24.73 15.51
CA LEU H 454 -21.43 -24.22 15.29
C LEU H 454 -21.41 -22.69 15.12
N ASN H 455 -22.34 -22.03 15.81
CA ASN H 455 -22.36 -20.57 15.89
C ASN H 455 -21.26 -20.10 16.86
N PRO H 456 -20.48 -19.08 16.46
CA PRO H 456 -19.35 -18.58 17.24
C PRO H 456 -19.65 -18.32 18.72
N TYR H 457 -20.72 -17.59 19.02
CA TYR H 457 -21.07 -17.21 20.38
C TYR H 457 -21.55 -18.44 21.17
N GLU H 458 -22.28 -19.31 20.48
CA GLU H 458 -22.84 -20.51 21.09
C GLU H 458 -21.75 -21.47 21.59
N MET H 459 -20.70 -21.60 20.79
CA MET H 459 -19.57 -22.48 21.08
C MET H 459 -18.68 -21.95 22.19
N ILE H 460 -18.79 -20.67 22.49
CA ILE H 460 -17.84 -20.05 23.40
C ILE H 460 -18.49 -19.58 24.69
N HIS H 461 -19.75 -19.97 24.87
CA HIS H 461 -20.50 -19.67 26.10
C HIS H 461 -21.29 -20.86 26.64
N PRO H 462 -21.44 -20.92 27.97
CA PRO H 462 -22.19 -22.00 28.60
C PRO H 462 -23.65 -22.07 28.15
N GLY H 463 -24.15 -23.30 27.98
CA GLY H 463 -25.52 -23.58 27.51
C GLY H 463 -25.80 -25.07 27.32
#